data_8SZM
#
_entry.id   8SZM
#
_cell.length_a   93.968
_cell.length_b   187.589
_cell.length_c   169.408
_cell.angle_alpha   90.000
_cell.angle_beta   93.720
_cell.angle_gamma   90.000
#
_symmetry.space_group_name_H-M   'P 1 21 1'
#
loop_
_entity.id
_entity.type
_entity.pdbx_description
1 polymer 'ATP-dependent Clp protease proteolytic subunit'
2 non-polymer 2-{bis[5-(trifluoromethyl)pyridin-2-yl]phosphoryl}-2-methyl-N-(2-{[2-(trifluoromethyl)phenyl]sulfanyl}ethyl)propanamide
3 water water
#
_entity_poly.entity_id   1
_entity_poly.type   'polypeptide(L)'
_entity_poly.pdbx_seq_one_letter_code
;MSYSGERDNFAPHMALVPMVIEQTSRGERSFDIYSRLLKERVIFLTGQVEDHMANLIVAQMLFLEAENPEKDIYLYINSP
GGVITAGMSIYDTMQFIKPDVSTICMGQAASMGAFLLTAGAKGKRFCLPNSRVMIHQPLGGYQGQATDIEIHAREILKVK
GRMNELMALHTGQSLEQIERDTERDRFLSAPEAVEYGLVDSILTHRN
;
_entity_poly.pdbx_strand_id   H,I,J,K,L,M,N,A,B,C,D,E,F,G,O,P,Q,R,S,T,U,V,W,X,Y,Z,a,b
#
# COMPACT_ATOMS: atom_id res chain seq x y z
N VAL A 17 -12.62 -8.32 -15.31
CA VAL A 17 -11.41 -8.87 -15.92
C VAL A 17 -10.99 -8.01 -17.13
N PRO A 18 -9.75 -7.47 -17.10
CA PRO A 18 -9.38 -6.43 -18.08
C PRO A 18 -8.76 -6.98 -19.36
N MET A 19 -9.54 -7.12 -20.43
CA MET A 19 -9.16 -7.80 -21.66
C MET A 19 -8.88 -6.81 -22.79
N VAL A 20 -8.20 -7.31 -23.84
CA VAL A 20 -8.09 -6.65 -25.14
C VAL A 20 -8.36 -7.72 -26.21
N ILE A 21 -8.86 -7.27 -27.36
CA ILE A 21 -9.27 -8.19 -28.44
C ILE A 21 -8.13 -9.06 -28.97
N PHE A 31 -6.19 -11.60 -24.66
CA PHE A 31 -5.60 -11.74 -23.34
C PHE A 31 -6.35 -10.88 -22.31
N ASP A 32 -6.63 -11.48 -21.14
CA ASP A 32 -6.95 -10.74 -19.93
C ASP A 32 -5.69 -10.60 -19.09
N ILE A 33 -5.81 -10.03 -17.89
CA ILE A 33 -4.63 -9.82 -17.06
C ILE A 33 -3.98 -11.16 -16.72
N TYR A 34 -4.78 -12.21 -16.53
CA TYR A 34 -4.23 -13.52 -16.20
C TYR A 34 -3.54 -14.15 -17.40
N SER A 35 -4.11 -14.01 -18.60
CA SER A 35 -3.49 -14.55 -19.80
C SER A 35 -2.17 -13.86 -20.12
N ARG A 36 -2.09 -12.54 -19.89
CA ARG A 36 -0.82 -11.85 -20.02
C ARG A 36 0.21 -12.41 -19.03
N LEU A 37 -0.18 -12.58 -17.77
CA LEU A 37 0.73 -13.13 -16.77
C LEU A 37 1.04 -14.61 -17.01
N LEU A 38 0.17 -15.33 -17.71
CA LEU A 38 0.50 -16.71 -18.07
C LEU A 38 1.65 -16.75 -19.08
N LYS A 39 1.74 -15.75 -19.96
CA LYS A 39 2.91 -15.64 -20.83
C LYS A 39 4.19 -15.56 -20.02
N GLU A 40 4.13 -14.92 -18.84
CA GLU A 40 5.22 -14.86 -17.87
C GLU A 40 5.42 -16.15 -17.09
N ARG A 41 4.64 -17.19 -17.40
CA ARG A 41 4.62 -18.46 -16.66
C ARG A 41 4.18 -18.25 -15.20
N VAL A 42 3.23 -17.35 -15.01
CA VAL A 42 2.57 -17.15 -13.71
C VAL A 42 1.17 -17.75 -13.76
N ILE A 43 0.90 -18.68 -12.84
CA ILE A 43 -0.42 -19.28 -12.64
C ILE A 43 -0.98 -18.84 -11.30
N PHE A 44 -2.30 -18.63 -11.23
CA PHE A 44 -2.95 -18.32 -9.97
C PHE A 44 -3.90 -19.44 -9.57
N LEU A 45 -3.67 -19.98 -8.38
CA LEU A 45 -4.59 -20.87 -7.71
C LEU A 45 -5.26 -20.02 -6.63
N THR A 46 -6.48 -19.59 -6.92
CA THR A 46 -7.26 -18.67 -6.09
C THR A 46 -8.59 -19.31 -5.72
N GLY A 47 -9.02 -19.14 -4.48
CA GLY A 47 -10.32 -19.66 -4.07
C GLY A 47 -10.30 -21.15 -3.78
N GLN A 48 -11.50 -21.73 -3.75
CA GLN A 48 -11.65 -23.11 -3.33
C GLN A 48 -11.17 -24.09 -4.39
N VAL A 49 -10.63 -25.21 -3.93
CA VAL A 49 -10.05 -26.21 -4.82
C VAL A 49 -11.11 -27.22 -5.18
N GLU A 50 -11.40 -27.32 -6.47
CA GLU A 50 -12.39 -28.25 -7.00
C GLU A 50 -12.01 -28.54 -8.44
N ASP A 51 -12.75 -29.48 -9.04
CA ASP A 51 -12.34 -30.09 -10.31
C ASP A 51 -12.08 -29.05 -11.40
N HIS A 52 -12.98 -28.09 -11.56
CA HIS A 52 -12.87 -27.27 -12.76
C HIS A 52 -11.80 -26.17 -12.61
N MET A 53 -11.68 -25.53 -11.44
CA MET A 53 -10.57 -24.61 -11.23
C MET A 53 -9.23 -25.37 -11.28
N ALA A 54 -9.20 -26.58 -10.71
CA ALA A 54 -7.97 -27.37 -10.69
C ALA A 54 -7.60 -27.83 -12.08
N ASN A 55 -8.54 -28.42 -12.82
CA ASN A 55 -8.24 -28.84 -14.18
C ASN A 55 -7.68 -27.70 -15.01
N LEU A 56 -8.14 -26.48 -14.74
CA LEU A 56 -7.61 -25.30 -15.40
C LEU A 56 -6.17 -25.01 -14.98
N ILE A 57 -5.82 -25.33 -13.73
CA ILE A 57 -4.42 -25.19 -13.31
C ILE A 57 -3.56 -26.20 -14.05
N VAL A 58 -4.00 -27.47 -14.07
CA VAL A 58 -3.23 -28.54 -14.71
C VAL A 58 -2.97 -28.19 -16.17
N ALA A 59 -4.01 -27.73 -16.87
CA ALA A 59 -3.91 -27.43 -18.29
C ALA A 59 -2.99 -26.25 -18.55
N GLN A 60 -2.98 -25.26 -17.65
CA GLN A 60 -2.02 -24.16 -17.72
C GLN A 60 -0.59 -24.65 -17.53
N MET A 61 -0.43 -25.73 -16.76
CA MET A 61 0.90 -26.27 -16.48
C MET A 61 1.42 -27.08 -17.67
N LEU A 62 0.60 -27.99 -18.20
CA LEU A 62 1.00 -28.74 -19.40
C LEU A 62 1.33 -27.81 -20.55
N PHE A 63 0.50 -26.79 -20.76
CA PHE A 63 0.80 -25.79 -21.78
C PHE A 63 2.14 -25.13 -21.51
N LEU A 64 2.40 -24.76 -20.24
CA LEU A 64 3.62 -24.05 -19.92
C LEU A 64 4.85 -24.95 -20.04
N GLU A 65 4.73 -26.21 -19.59
CA GLU A 65 5.85 -27.14 -19.74
C GLU A 65 6.14 -27.40 -21.21
N ALA A 66 5.12 -27.75 -21.98
CA ALA A 66 5.32 -28.00 -23.41
C ALA A 66 5.91 -26.77 -24.12
N GLU A 67 5.55 -25.56 -23.66
CA GLU A 67 6.07 -24.35 -24.28
C GLU A 67 7.53 -24.09 -23.94
N ASN A 68 8.05 -24.69 -22.85
CA ASN A 68 9.44 -24.63 -22.42
C ASN A 68 9.57 -25.40 -21.12
N PRO A 69 10.01 -26.66 -21.13
CA PRO A 69 10.21 -27.38 -19.87
C PRO A 69 11.46 -26.95 -19.10
N GLU A 70 12.19 -25.95 -19.56
CA GLU A 70 13.35 -25.51 -18.79
C GLU A 70 12.96 -24.49 -17.73
N LYS A 71 12.20 -23.47 -18.12
CA LYS A 71 11.91 -22.35 -17.25
C LYS A 71 11.01 -22.77 -16.08
N ASP A 72 11.24 -22.13 -14.93
CA ASP A 72 10.39 -22.32 -13.76
C ASP A 72 8.96 -21.86 -14.05
N ILE A 73 8.01 -22.45 -13.32
CA ILE A 73 6.63 -21.97 -13.30
C ILE A 73 6.34 -21.44 -11.90
N TYR A 74 5.53 -20.40 -11.82
CA TYR A 74 5.22 -19.75 -10.55
C TYR A 74 3.74 -19.92 -10.23
N LEU A 75 3.45 -20.79 -9.26
CA LEU A 75 2.09 -21.03 -8.78
C LEU A 75 1.86 -20.21 -7.50
N TYR A 76 1.25 -19.04 -7.67
CA TYR A 76 0.68 -18.27 -6.57
C TYR A 76 -0.53 -18.98 -5.99
N ILE A 77 -0.59 -19.09 -4.66
CA ILE A 77 -1.66 -19.81 -3.97
C ILE A 77 -2.33 -18.85 -2.98
N ASN A 78 -3.59 -18.50 -3.24
CA ASN A 78 -4.48 -17.91 -2.24
C ASN A 78 -5.72 -18.81 -2.14
N SER A 79 -5.76 -19.67 -1.13
CA SER A 79 -6.79 -20.70 -1.12
C SER A 79 -7.22 -21.12 0.27
N PRO A 80 -8.51 -21.41 0.45
CA PRO A 80 -8.99 -22.00 1.71
C PRO A 80 -8.84 -23.51 1.81
N GLY A 81 -8.54 -24.19 0.71
CA GLY A 81 -8.57 -25.63 0.67
C GLY A 81 -9.60 -26.11 -0.34
N GLY A 82 -9.90 -27.40 -0.27
CA GLY A 82 -10.99 -27.90 -1.10
C GLY A 82 -10.92 -29.41 -1.29
N VAL A 83 -11.47 -29.84 -2.43
CA VAL A 83 -11.61 -31.25 -2.73
C VAL A 83 -10.23 -31.87 -2.89
N ILE A 84 -9.99 -32.99 -2.20
CA ILE A 84 -8.66 -33.60 -2.21
C ILE A 84 -8.30 -34.15 -3.59
N THR A 85 -9.15 -34.99 -4.19
CA THR A 85 -8.81 -35.56 -5.51
C THR A 85 -8.47 -34.45 -6.50
N ALA A 86 -9.24 -33.37 -6.47
CA ALA A 86 -8.91 -32.23 -7.32
C ALA A 86 -7.53 -31.68 -6.97
N GLY A 87 -7.25 -31.52 -5.68
CA GLY A 87 -5.95 -31.01 -5.26
C GLY A 87 -4.81 -31.89 -5.73
N MET A 88 -4.96 -33.20 -5.53
CA MET A 88 -3.94 -34.18 -5.92
C MET A 88 -3.66 -34.17 -7.42
N SER A 89 -4.68 -33.92 -8.24
CA SER A 89 -4.43 -33.82 -9.68
C SER A 89 -3.52 -32.64 -10.00
N ILE A 90 -3.54 -31.59 -9.19
CA ILE A 90 -2.57 -30.51 -9.40
C ILE A 90 -1.22 -30.95 -8.88
N TYR A 91 -1.21 -31.54 -7.68
CA TYR A 91 0.01 -32.10 -7.11
C TYR A 91 0.73 -33.01 -8.09
N ASP A 92 0.06 -34.07 -8.54
CA ASP A 92 0.76 -35.04 -9.37
C ASP A 92 1.25 -34.40 -10.66
N THR A 93 0.53 -33.39 -11.14
CA THR A 93 0.97 -32.63 -12.32
C THR A 93 2.18 -31.77 -11.98
N MET A 94 2.23 -31.22 -10.77
CA MET A 94 3.37 -30.40 -10.39
C MET A 94 4.67 -31.20 -10.38
N GLN A 95 4.61 -32.44 -9.88
CA GLN A 95 5.82 -33.25 -9.82
C GLN A 95 6.11 -33.93 -11.15
N PHE A 96 5.08 -34.20 -11.96
CA PHE A 96 5.35 -34.90 -13.21
C PHE A 96 5.98 -34.02 -14.27
N ILE A 97 5.64 -32.73 -14.30
CA ILE A 97 6.21 -31.91 -15.35
C ILE A 97 7.67 -31.61 -15.03
N LYS A 98 8.48 -31.52 -16.08
CA LYS A 98 9.90 -31.24 -15.94
C LYS A 98 10.19 -29.92 -15.24
N PRO A 99 9.63 -28.77 -15.67
CA PRO A 99 9.98 -27.52 -14.99
C PRO A 99 9.61 -27.56 -13.52
N ASP A 100 10.41 -26.87 -12.72
CA ASP A 100 10.07 -26.68 -11.32
C ASP A 100 8.88 -25.74 -11.20
N VAL A 101 8.00 -26.06 -10.26
CA VAL A 101 6.90 -25.19 -9.90
C VAL A 101 7.31 -24.48 -8.61
N SER A 102 7.51 -23.18 -8.69
CA SER A 102 7.69 -22.38 -7.48
C SER A 102 6.32 -21.94 -6.99
N THR A 103 6.06 -22.19 -5.72
CA THR A 103 4.82 -21.78 -5.08
C THR A 103 5.05 -20.54 -4.25
N ILE A 104 4.11 -19.60 -4.32
CA ILE A 104 4.11 -18.40 -3.51
C ILE A 104 2.75 -18.30 -2.85
N CYS A 105 2.70 -18.44 -1.54
CA CYS A 105 1.48 -18.23 -0.80
C CYS A 105 1.30 -16.75 -0.48
N MET A 106 0.15 -16.19 -0.87
CA MET A 106 -0.28 -14.83 -0.52
C MET A 106 -1.70 -14.88 0.02
N GLY A 107 -1.95 -14.17 1.11
CA GLY A 107 -3.22 -14.30 1.79
C GLY A 107 -3.23 -15.53 2.69
N GLN A 108 -3.54 -16.69 2.14
CA GLN A 108 -3.51 -17.90 2.95
C GLN A 108 -3.34 -19.13 2.08
N ALA A 109 -2.76 -20.16 2.67
CA ALA A 109 -2.79 -21.51 2.13
C ALA A 109 -3.25 -22.44 3.26
N ALA A 110 -4.52 -22.84 3.22
CA ALA A 110 -5.10 -23.76 4.20
C ALA A 110 -5.42 -25.08 3.52
N SER A 111 -5.47 -26.16 4.32
CA SER A 111 -5.89 -27.48 3.84
C SER A 111 -5.07 -27.81 2.59
N MET A 112 -5.69 -28.24 1.50
CA MET A 112 -4.92 -28.59 0.30
C MET A 112 -4.17 -27.38 -0.26
N GLY A 113 -4.55 -26.16 0.10
CA GLY A 113 -3.75 -24.98 -0.18
C GLY A 113 -2.34 -25.08 0.38
N ALA A 114 -2.22 -25.23 1.72
CA ALA A 114 -0.93 -25.49 2.33
C ALA A 114 -0.21 -26.68 1.68
N PHE A 115 -0.94 -27.75 1.40
CA PHE A 115 -0.32 -28.95 0.83
C PHE A 115 0.30 -28.67 -0.53
N LEU A 116 -0.39 -27.93 -1.38
CA LEU A 116 0.18 -27.67 -2.70
C LEU A 116 1.29 -26.65 -2.62
N LEU A 117 1.22 -25.75 -1.64
CA LEU A 117 2.28 -24.78 -1.41
C LEU A 117 3.59 -25.47 -1.07
N THR A 118 3.55 -26.36 -0.07
CA THR A 118 4.72 -27.12 0.35
C THR A 118 5.14 -28.16 -0.67
N ALA A 119 4.28 -28.42 -1.65
CA ALA A 119 4.56 -29.37 -2.70
C ALA A 119 5.44 -28.78 -3.79
N GLY A 120 5.67 -27.49 -3.78
CA GLY A 120 6.51 -26.89 -4.80
C GLY A 120 7.96 -27.35 -4.70
N ALA A 121 8.72 -26.93 -5.72
CA ALA A 121 10.14 -27.26 -5.80
C ALA A 121 10.89 -26.79 -4.56
N LYS A 122 11.75 -27.67 -4.03
CA LYS A 122 12.52 -27.30 -2.84
C LYS A 122 13.42 -26.12 -3.15
N GLY A 123 13.54 -25.22 -2.17
CA GLY A 123 14.27 -23.99 -2.33
C GLY A 123 13.46 -22.87 -2.93
N LYS A 124 12.32 -23.18 -3.57
CA LYS A 124 11.54 -22.19 -4.29
C LYS A 124 10.11 -22.07 -3.74
N ARG A 125 9.90 -22.47 -2.50
CA ARG A 125 8.62 -22.29 -1.81
C ARG A 125 8.70 -21.09 -0.89
N PHE A 126 7.76 -20.16 -1.07
CA PHE A 126 7.82 -18.86 -0.42
C PHE A 126 6.52 -18.54 0.31
N CYS A 127 6.64 -17.68 1.32
CA CYS A 127 5.50 -16.96 1.87
C CYS A 127 5.74 -15.46 1.74
N LEU A 128 4.68 -14.72 1.47
CA LEU A 128 4.70 -13.31 1.71
C LEU A 128 4.61 -13.09 3.23
N PRO A 129 4.97 -11.90 3.73
CA PRO A 129 5.15 -11.75 5.20
C PRO A 129 3.89 -12.01 5.99
N ASN A 130 2.76 -11.41 5.60
CA ASN A 130 1.55 -11.50 6.41
C ASN A 130 0.54 -12.53 5.90
N SER A 131 0.94 -13.37 4.96
CA SER A 131 0.13 -14.53 4.64
C SER A 131 0.17 -15.51 5.82
N ARG A 132 -0.84 -16.38 5.89
CA ARG A 132 -0.89 -17.40 6.93
C ARG A 132 -1.24 -18.75 6.32
N VAL A 133 -0.75 -19.80 6.97
CA VAL A 133 -0.95 -21.16 6.52
C VAL A 133 -1.71 -21.88 7.62
N MET A 134 -2.60 -22.79 7.23
CA MET A 134 -3.21 -23.68 8.18
C MET A 134 -3.13 -25.08 7.62
N ILE A 135 -2.91 -26.05 8.50
CA ILE A 135 -2.88 -27.45 8.14
C ILE A 135 -3.86 -28.18 9.03
N HIS A 136 -4.57 -29.15 8.47
CA HIS A 136 -5.40 -30.05 9.27
C HIS A 136 -5.42 -31.41 8.59
N GLN A 137 -6.31 -32.28 9.04
CA GLN A 137 -6.48 -33.61 8.51
C GLN A 137 -7.62 -33.66 7.51
N PRO A 138 -7.75 -34.75 6.75
CA PRO A 138 -8.84 -34.84 5.79
C PRO A 138 -10.20 -34.77 6.47
N LEU A 139 -11.15 -34.21 5.75
CA LEU A 139 -12.54 -34.18 6.16
C LEU A 139 -13.38 -34.92 5.13
N GLY A 140 -14.46 -35.53 5.60
CA GLY A 140 -15.31 -36.33 4.73
C GLY A 140 -16.67 -36.57 5.34
N GLY A 141 -17.56 -37.05 4.50
CA GLY A 141 -18.87 -37.43 4.94
C GLY A 141 -19.42 -38.50 4.03
N TYR A 142 -20.11 -39.49 4.59
CA TYR A 142 -20.71 -40.52 3.74
C TYR A 142 -21.99 -41.01 4.41
N GLN A 143 -22.90 -41.53 3.58
CA GLN A 143 -24.18 -42.05 4.03
C GLN A 143 -24.42 -43.40 3.35
N GLY A 144 -24.81 -44.42 4.12
CA GLY A 144 -25.18 -45.68 3.52
C GLY A 144 -25.28 -46.78 4.55
N GLN A 145 -25.20 -48.02 4.06
CA GLN A 145 -25.19 -49.18 4.94
C GLN A 145 -23.83 -49.30 5.61
N ALA A 146 -23.83 -49.99 6.75
CA ALA A 146 -22.58 -50.09 7.50
C ALA A 146 -21.45 -50.60 6.63
N THR A 147 -21.76 -51.46 5.66
CA THR A 147 -20.73 -52.04 4.81
C THR A 147 -20.06 -50.98 3.96
N ASP A 148 -20.87 -50.16 3.29
CA ASP A 148 -20.31 -49.10 2.46
C ASP A 148 -19.52 -48.11 3.30
N ILE A 149 -20.09 -47.72 4.45
CA ILE A 149 -19.42 -46.81 5.39
C ILE A 149 -18.02 -47.29 5.70
N GLU A 150 -17.88 -48.59 6.00
CA GLU A 150 -16.57 -49.17 6.28
C GLU A 150 -15.64 -49.08 5.08
N ILE A 151 -16.15 -49.39 3.87
CA ILE A 151 -15.36 -49.18 2.66
C ILE A 151 -14.93 -47.71 2.53
N HIS A 152 -15.83 -46.77 2.85
CA HIS A 152 -15.45 -45.38 2.70
C HIS A 152 -14.66 -44.85 3.89
N ALA A 153 -14.91 -45.30 5.11
CA ALA A 153 -14.06 -44.84 6.21
C ALA A 153 -12.64 -45.36 6.04
N ARG A 154 -12.49 -46.65 5.70
CA ARG A 154 -11.17 -47.22 5.43
C ARG A 154 -10.42 -46.43 4.37
N GLU A 155 -11.14 -45.93 3.37
CA GLU A 155 -10.48 -45.24 2.28
C GLU A 155 -9.97 -43.87 2.71
N ILE A 156 -10.79 -43.12 3.46
CA ILE A 156 -10.35 -41.78 3.82
C ILE A 156 -9.18 -41.86 4.77
N LEU A 157 -9.09 -42.93 5.56
CA LEU A 157 -7.91 -43.18 6.39
C LEU A 157 -6.69 -43.45 5.53
N LYS A 158 -6.85 -44.18 4.42
CA LYS A 158 -5.75 -44.37 3.50
C LYS A 158 -5.28 -43.03 2.93
N VAL A 159 -6.23 -42.21 2.47
CA VAL A 159 -5.92 -40.86 2.00
C VAL A 159 -5.14 -40.10 3.07
N LYS A 160 -5.65 -40.10 4.31
CA LYS A 160 -4.97 -39.39 5.40
C LYS A 160 -3.54 -39.89 5.58
N GLY A 161 -3.33 -41.20 5.46
CA GLY A 161 -1.99 -41.78 5.51
C GLY A 161 -1.06 -41.24 4.45
N ARG A 162 -1.44 -41.39 3.17
CA ARG A 162 -0.62 -40.87 2.09
C ARG A 162 -0.31 -39.40 2.29
N MET A 163 -1.32 -38.62 2.68
CA MET A 163 -1.14 -37.19 2.80
C MET A 163 -0.18 -36.85 3.93
N ASN A 164 -0.27 -37.56 5.05
CA ASN A 164 0.67 -37.32 6.12
C ASN A 164 2.09 -37.65 5.67
N GLU A 165 2.28 -38.81 5.02
CA GLU A 165 3.55 -39.18 4.43
C GLU A 165 4.05 -38.09 3.49
N LEU A 166 3.20 -37.64 2.58
CA LEU A 166 3.61 -36.63 1.60
C LEU A 166 3.85 -35.29 2.26
N MET A 167 3.18 -35.00 3.37
CA MET A 167 3.52 -33.81 4.13
C MET A 167 4.90 -33.95 4.74
N ALA A 168 5.18 -35.14 5.31
CA ALA A 168 6.44 -35.35 5.98
C ALA A 168 7.62 -35.26 5.01
N LEU A 169 7.43 -35.80 3.80
CA LEU A 169 8.50 -35.77 2.81
C LEU A 169 8.86 -34.33 2.45
N HIS A 170 7.86 -33.51 2.16
CA HIS A 170 8.12 -32.17 1.63
C HIS A 170 8.64 -31.21 2.70
N THR A 171 8.23 -31.40 3.95
CA THR A 171 8.61 -30.48 5.01
C THR A 171 9.85 -30.91 5.77
N GLY A 172 10.23 -32.19 5.69
CA GLY A 172 11.35 -32.72 6.45
C GLY A 172 11.00 -33.21 7.84
N GLN A 173 9.76 -33.04 8.27
CA GLN A 173 9.38 -33.54 9.58
C GLN A 173 9.12 -35.03 9.54
N SER A 174 9.19 -35.64 10.71
CA SER A 174 8.84 -37.05 10.82
C SER A 174 7.37 -37.25 10.47
N LEU A 175 7.01 -38.48 10.07
CA LEU A 175 5.61 -38.80 9.87
C LEU A 175 4.81 -38.58 11.16
N GLU A 176 5.43 -38.91 12.30
CA GLU A 176 4.74 -38.86 13.58
C GLU A 176 4.57 -37.43 14.09
N GLN A 177 5.50 -36.54 13.75
CA GLN A 177 5.28 -35.13 14.03
C GLN A 177 4.16 -34.55 13.17
N ILE A 178 4.04 -35.03 11.93
CA ILE A 178 3.00 -34.51 11.04
C ILE A 178 1.61 -34.92 11.52
N GLU A 179 1.44 -36.17 11.94
CA GLU A 179 0.14 -36.61 12.45
C GLU A 179 -0.24 -35.88 13.72
N ARG A 180 0.73 -35.62 14.58
CA ARG A 180 0.39 -34.96 15.84
C ARG A 180 -0.07 -33.53 15.58
N ASP A 181 0.53 -32.87 14.60
CA ASP A 181 0.24 -31.48 14.34
C ASP A 181 -0.98 -31.28 13.44
N THR A 182 -1.53 -32.34 12.84
CA THR A 182 -2.62 -32.20 11.89
C THR A 182 -3.93 -32.79 12.38
N GLU A 183 -3.94 -33.41 13.56
CA GLU A 183 -5.21 -33.91 14.09
C GLU A 183 -6.22 -32.79 14.25
N ARG A 184 -5.76 -31.62 14.71
CA ARG A 184 -6.61 -30.45 14.78
C ARG A 184 -6.00 -29.29 14.02
N ASP A 185 -6.83 -28.29 13.76
CA ASP A 185 -6.43 -27.13 12.99
C ASP A 185 -5.18 -26.51 13.60
N ARG A 186 -4.19 -26.26 12.77
CA ARG A 186 -2.93 -25.72 13.24
C ARG A 186 -2.50 -24.61 12.30
N PHE A 187 -2.45 -23.37 12.80
CA PHE A 187 -2.03 -22.20 12.05
C PHE A 187 -0.53 -21.96 12.22
N LEU A 188 0.12 -21.53 11.13
CA LEU A 188 1.54 -21.22 11.11
C LEU A 188 1.74 -19.86 10.45
N SER A 189 2.39 -18.94 11.14
CA SER A 189 2.70 -17.68 10.46
C SER A 189 3.72 -17.92 9.35
N ALA A 190 3.97 -16.89 8.55
CA ALA A 190 5.03 -17.00 7.54
C ALA A 190 6.33 -17.47 8.20
N PRO A 191 6.85 -16.79 9.23
CA PRO A 191 8.11 -17.27 9.83
C PRO A 191 8.01 -18.67 10.41
N GLU A 192 6.88 -19.00 11.04
CA GLU A 192 6.69 -20.36 11.54
C GLU A 192 6.70 -21.39 10.41
N ALA A 193 6.13 -21.04 9.24
CA ALA A 193 6.10 -22.01 8.15
C ALA A 193 7.51 -22.23 7.57
N VAL A 194 8.33 -21.18 7.55
CA VAL A 194 9.75 -21.35 7.25
C VAL A 194 10.39 -22.30 8.26
N GLU A 195 10.12 -22.09 9.55
CA GLU A 195 10.76 -22.94 10.56
C GLU A 195 10.27 -24.38 10.47
N TYR A 196 9.05 -24.60 9.99
CA TYR A 196 8.45 -25.93 9.99
C TYR A 196 8.87 -26.78 8.81
N GLY A 197 9.29 -26.15 7.72
CA GLY A 197 9.62 -26.86 6.51
C GLY A 197 8.55 -26.79 5.44
N LEU A 198 7.45 -26.08 5.70
CA LEU A 198 6.43 -25.93 4.68
C LEU A 198 6.97 -25.15 3.49
N VAL A 199 7.64 -24.03 3.76
CA VAL A 199 8.19 -23.18 2.71
C VAL A 199 9.68 -22.98 3.00
N ASP A 200 10.39 -22.44 2.01
CA ASP A 200 11.83 -22.26 2.15
C ASP A 200 12.17 -20.88 2.67
N SER A 201 11.65 -19.83 2.05
CA SER A 201 11.98 -18.48 2.44
C SER A 201 10.72 -17.62 2.44
N ILE A 202 10.79 -16.51 3.11
CA ILE A 202 9.76 -15.50 3.03
C ILE A 202 10.13 -14.50 1.94
N LEU A 203 9.16 -14.06 1.17
CA LEU A 203 9.35 -12.98 0.22
C LEU A 203 8.93 -11.68 0.87
N THR A 204 9.87 -10.76 1.09
CA THR A 204 9.51 -9.48 1.73
C THR A 204 9.48 -8.33 0.74
N HIS A 205 10.59 -8.04 0.06
CA HIS A 205 10.62 -7.05 -1.01
C HIS A 205 11.30 -7.66 -2.22
N ARG A 206 11.34 -6.92 -3.32
CA ARG A 206 11.87 -7.47 -4.56
C ARG A 206 13.33 -7.08 -4.74
N ASN A 207 14.14 -8.07 -5.07
CA ASN A 207 15.53 -7.85 -5.41
C ASN A 207 15.59 -6.93 -6.62
N ASP B 32 -12.94 -1.72 -23.06
CA ASP B 32 -11.85 -2.03 -22.14
C ASP B 32 -11.37 -0.80 -21.35
N ILE B 33 -12.30 -0.14 -20.64
CA ILE B 33 -12.01 1.15 -19.98
C ILE B 33 -10.98 0.97 -18.87
N TYR B 34 -11.08 -0.11 -18.10
CA TYR B 34 -10.09 -0.34 -17.06
C TYR B 34 -8.77 -0.75 -17.68
N SER B 35 -8.84 -1.56 -18.74
CA SER B 35 -7.66 -1.90 -19.52
C SER B 35 -6.92 -0.65 -19.97
N ARG B 36 -7.66 0.33 -20.49
CA ARG B 36 -7.03 1.56 -20.95
C ARG B 36 -6.41 2.33 -19.79
N LEU B 37 -7.15 2.49 -18.70
CA LEU B 37 -6.63 3.21 -17.56
C LEU B 37 -5.42 2.51 -16.96
N LEU B 38 -5.33 1.20 -17.14
CA LEU B 38 -4.18 0.46 -16.66
C LEU B 38 -2.91 0.85 -17.43
N LYS B 39 -3.07 1.41 -18.63
CA LYS B 39 -1.94 1.90 -19.38
C LYS B 39 -1.40 3.20 -18.82
N GLU B 40 -2.19 3.92 -18.02
CA GLU B 40 -1.69 5.00 -17.19
C GLU B 40 -1.36 4.54 -15.76
N ARG B 41 -1.12 3.23 -15.57
CA ARG B 41 -0.72 2.64 -14.29
C ARG B 41 -1.74 2.89 -13.17
N VAL B 42 -3.03 2.80 -13.49
CA VAL B 42 -4.10 3.02 -12.52
C VAL B 42 -4.85 1.70 -12.29
N ILE B 43 -5.00 1.33 -11.02
CA ILE B 43 -5.72 0.13 -10.62
C ILE B 43 -6.87 0.54 -9.69
N PHE B 44 -8.07 0.02 -9.95
CA PHE B 44 -9.20 0.30 -9.09
C PHE B 44 -9.46 -0.85 -8.13
N LEU B 45 -9.61 -0.51 -6.86
CA LEU B 45 -10.09 -1.39 -5.81
C LEU B 45 -11.48 -0.90 -5.42
N THR B 46 -12.53 -1.53 -5.98
CA THR B 46 -13.91 -1.14 -5.76
C THR B 46 -14.66 -2.19 -4.98
N GLY B 47 -15.44 -1.75 -4.00
CA GLY B 47 -16.35 -2.67 -3.33
C GLY B 47 -15.69 -3.65 -2.37
N GLN B 48 -16.42 -4.71 -2.10
CA GLN B 48 -16.04 -5.64 -1.03
C GLN B 48 -14.73 -6.35 -1.36
N VAL B 49 -13.84 -6.43 -0.38
CA VAL B 49 -12.57 -7.13 -0.57
C VAL B 49 -12.82 -8.63 -0.42
N GLU B 50 -12.37 -9.41 -1.40
CA GLU B 50 -12.48 -10.87 -1.35
C GLU B 50 -11.55 -11.45 -2.41
N ASP B 51 -11.29 -12.76 -2.30
CA ASP B 51 -10.18 -13.42 -3.01
C ASP B 51 -10.08 -13.08 -4.49
N HIS B 52 -11.21 -13.04 -5.19
CA HIS B 52 -11.10 -12.97 -6.65
C HIS B 52 -10.94 -11.54 -7.18
N MET B 53 -11.63 -10.55 -6.60
CA MET B 53 -11.29 -9.19 -7.00
C MET B 53 -9.88 -8.84 -6.55
N ALA B 54 -9.46 -9.37 -5.41
CA ALA B 54 -8.14 -9.10 -4.87
C ALA B 54 -7.06 -9.80 -5.68
N ASN B 55 -7.32 -11.03 -6.13
CA ASN B 55 -6.38 -11.67 -7.04
C ASN B 55 -6.23 -10.83 -8.30
N LEU B 56 -7.33 -10.24 -8.75
CA LEU B 56 -7.30 -9.41 -9.94
C LEU B 56 -6.39 -8.21 -9.73
N ILE B 57 -6.45 -7.60 -8.53
CA ILE B 57 -5.60 -6.46 -8.23
C ILE B 57 -4.15 -6.89 -8.04
N VAL B 58 -3.93 -8.02 -7.37
CA VAL B 58 -2.57 -8.51 -7.23
C VAL B 58 -1.94 -8.69 -8.61
N ALA B 59 -2.72 -9.22 -9.56
CA ALA B 59 -2.18 -9.49 -10.90
C ALA B 59 -1.82 -8.20 -11.65
N GLN B 60 -2.67 -7.17 -11.57
CA GLN B 60 -2.36 -5.91 -12.25
C GLN B 60 -1.10 -5.27 -11.69
N MET B 61 -0.96 -5.26 -10.36
CA MET B 61 0.22 -4.71 -9.71
C MET B 61 1.49 -5.38 -10.21
N LEU B 62 1.52 -6.71 -10.20
CA LEU B 62 2.66 -7.44 -10.73
C LEU B 62 2.90 -7.11 -12.20
N PHE B 63 1.83 -6.89 -12.96
CA PHE B 63 1.98 -6.62 -14.38
C PHE B 63 2.58 -5.24 -14.63
N LEU B 64 2.09 -4.23 -13.92
CA LEU B 64 2.69 -2.90 -14.06
C LEU B 64 4.14 -2.87 -13.57
N GLU B 65 4.49 -3.71 -12.59
CA GLU B 65 5.85 -3.71 -12.09
C GLU B 65 6.81 -4.28 -13.12
N ALA B 66 6.36 -5.28 -13.89
CA ALA B 66 7.20 -5.88 -14.93
C ALA B 66 7.34 -4.97 -16.14
N GLU B 67 6.33 -4.16 -16.43
CA GLU B 67 6.43 -3.19 -17.51
C GLU B 67 7.41 -2.08 -17.15
N ASN B 68 7.46 -1.68 -15.88
CA ASN B 68 8.25 -0.53 -15.47
C ASN B 68 8.45 -0.52 -13.97
N PRO B 69 9.48 -1.19 -13.45
CA PRO B 69 9.64 -1.28 -11.99
C PRO B 69 9.90 0.05 -11.33
N GLU B 70 10.18 1.11 -12.09
CA GLU B 70 10.55 2.37 -11.46
C GLU B 70 9.36 3.32 -11.28
N LYS B 71 8.44 3.34 -12.25
CA LYS B 71 7.32 4.27 -12.18
C LYS B 71 6.33 3.85 -11.10
N ASP B 72 5.58 4.83 -10.60
CA ASP B 72 4.59 4.59 -9.55
C ASP B 72 3.34 3.89 -10.10
N ILE B 73 2.60 3.28 -9.17
CA ILE B 73 1.34 2.60 -9.43
C ILE B 73 0.27 3.33 -8.64
N TYR B 74 -0.93 3.44 -9.21
CA TYR B 74 -1.98 4.26 -8.60
C TYR B 74 -3.18 3.38 -8.30
N LEU B 75 -3.47 3.20 -7.01
CA LEU B 75 -4.55 2.34 -6.55
C LEU B 75 -5.66 3.23 -5.98
N TYR B 76 -6.73 3.39 -6.76
CA TYR B 76 -7.94 4.03 -6.26
C TYR B 76 -8.70 3.06 -5.39
N ILE B 77 -9.11 3.50 -4.21
CA ILE B 77 -9.78 2.62 -3.25
C ILE B 77 -11.14 3.20 -2.93
N ASN B 78 -12.20 2.45 -3.27
CA ASN B 78 -13.60 2.73 -2.91
C ASN B 78 -14.19 1.42 -2.41
N SER B 79 -14.04 1.14 -1.12
CA SER B 79 -14.36 -0.18 -0.60
C SER B 79 -14.91 -0.04 0.80
N PRO B 80 -15.86 -0.90 1.17
CA PRO B 80 -16.33 -0.96 2.57
C PRO B 80 -15.64 -2.03 3.40
N GLY B 81 -14.72 -2.80 2.83
CA GLY B 81 -14.04 -3.82 3.61
C GLY B 81 -14.13 -5.17 2.95
N GLY B 82 -13.83 -6.21 3.74
CA GLY B 82 -13.87 -7.55 3.20
C GLY B 82 -13.01 -8.50 4.01
N VAL B 83 -12.55 -9.55 3.34
CA VAL B 83 -11.83 -10.62 4.00
C VAL B 83 -10.40 -10.18 4.27
N ILE B 84 -9.92 -10.48 5.49
CA ILE B 84 -8.58 -10.06 5.88
C ILE B 84 -7.52 -10.69 5.00
N THR B 85 -7.56 -12.03 4.87
CA THR B 85 -6.54 -12.71 4.07
C THR B 85 -6.55 -12.22 2.62
N ALA B 86 -7.73 -11.96 2.07
CA ALA B 86 -7.78 -11.45 0.71
C ALA B 86 -7.12 -10.08 0.63
N GLY B 87 -7.50 -9.15 1.54
CA GLY B 87 -6.82 -7.87 1.61
C GLY B 87 -5.34 -8.01 1.90
N MET B 88 -4.98 -8.97 2.76
CA MET B 88 -3.57 -9.16 3.11
C MET B 88 -2.77 -9.58 1.90
N SER B 89 -3.38 -10.27 0.94
CA SER B 89 -2.70 -10.58 -0.31
C SER B 89 -2.38 -9.30 -1.09
N ILE B 90 -3.31 -8.35 -1.09
CA ILE B 90 -3.06 -7.05 -1.71
C ILE B 90 -1.97 -6.29 -0.95
N TYR B 91 -2.02 -6.35 0.38
CA TYR B 91 -1.04 -5.64 1.18
C TYR B 91 0.37 -6.12 0.87
N ASP B 92 0.60 -7.43 0.99
CA ASP B 92 1.95 -7.95 0.80
C ASP B 92 2.45 -7.73 -0.62
N THR B 93 1.54 -7.76 -1.61
CA THR B 93 1.98 -7.49 -2.98
C THR B 93 2.39 -6.03 -3.14
N MET B 94 1.68 -5.12 -2.47
CA MET B 94 2.02 -3.70 -2.51
C MET B 94 3.45 -3.48 -2.04
N GLN B 95 3.81 -4.07 -0.90
CA GLN B 95 5.11 -3.79 -0.30
C GLN B 95 6.22 -4.55 -1.00
N PHE B 96 5.93 -5.69 -1.60
CA PHE B 96 6.99 -6.50 -2.17
C PHE B 96 7.46 -5.95 -3.50
N ILE B 97 6.52 -5.54 -4.36
CA ILE B 97 6.93 -5.03 -5.65
C ILE B 97 7.81 -3.81 -5.46
N LYS B 98 8.57 -3.51 -6.49
CA LYS B 98 9.46 -2.37 -6.47
C LYS B 98 8.72 -1.04 -6.56
N PRO B 99 7.74 -0.87 -7.45
CA PRO B 99 7.10 0.44 -7.56
C PRO B 99 6.48 0.86 -6.24
N ASP B 100 6.50 2.17 -5.99
CA ASP B 100 5.65 2.73 -4.95
C ASP B 100 4.20 2.67 -5.41
N VAL B 101 3.32 2.19 -4.53
CA VAL B 101 1.88 2.19 -4.77
C VAL B 101 1.31 3.42 -4.10
N SER B 102 0.85 4.37 -4.90
CA SER B 102 0.15 5.53 -4.38
C SER B 102 -1.34 5.20 -4.30
N THR B 103 -1.92 5.34 -3.11
CA THR B 103 -3.35 5.07 -2.92
C THR B 103 -4.14 6.37 -2.89
N ILE B 104 -5.33 6.34 -3.51
CA ILE B 104 -6.26 7.47 -3.51
C ILE B 104 -7.61 6.94 -3.01
N CYS B 105 -8.08 7.47 -1.89
CA CYS B 105 -9.42 7.11 -1.44
C CYS B 105 -10.46 7.99 -2.14
N MET B 106 -11.47 7.36 -2.76
CA MET B 106 -12.66 8.02 -3.28
C MET B 106 -13.92 7.26 -2.82
N GLY B 107 -14.94 8.00 -2.44
CA GLY B 107 -16.10 7.42 -1.82
C GLY B 107 -15.88 7.07 -0.37
N GLN B 108 -15.26 5.91 -0.12
CA GLN B 108 -14.98 5.49 1.25
C GLN B 108 -13.90 4.42 1.24
N ALA B 109 -13.20 4.32 2.38
CA ALA B 109 -12.29 3.21 2.67
C ALA B 109 -12.59 2.78 4.10
N ALA B 110 -13.32 1.68 4.25
CA ALA B 110 -13.74 1.19 5.56
C ALA B 110 -13.06 -0.13 5.88
N SER B 111 -12.77 -0.32 7.15
CA SER B 111 -12.13 -1.53 7.63
C SER B 111 -10.92 -1.89 6.76
N MET B 112 -10.94 -3.03 6.06
CA MET B 112 -9.74 -3.43 5.33
C MET B 112 -9.42 -2.48 4.17
N GLY B 113 -10.42 -1.79 3.64
CA GLY B 113 -10.13 -0.76 2.65
C GLY B 113 -9.37 0.42 3.23
N ALA B 114 -9.63 0.75 4.50
CA ALA B 114 -8.79 1.73 5.16
C ALA B 114 -7.38 1.20 5.40
N PHE B 115 -7.27 -0.09 5.75
CA PHE B 115 -5.95 -0.65 5.99
C PHE B 115 -5.07 -0.57 4.76
N LEU B 116 -5.62 -0.81 3.57
CA LEU B 116 -4.80 -0.74 2.35
C LEU B 116 -4.59 0.69 1.88
N LEU B 117 -5.53 1.58 2.19
CA LEU B 117 -5.34 3.01 1.95
C LEU B 117 -4.06 3.49 2.62
N THR B 118 -3.97 3.30 3.93
CA THR B 118 -2.81 3.67 4.71
C THR B 118 -1.56 2.90 4.32
N ALA B 119 -1.68 1.82 3.55
CA ALA B 119 -0.52 1.01 3.17
C ALA B 119 0.15 1.49 1.89
N GLY B 120 -0.33 2.57 1.29
CA GLY B 120 0.37 3.14 0.17
C GLY B 120 1.70 3.75 0.60
N ALA B 121 2.56 3.96 -0.39
CA ALA B 121 3.84 4.61 -0.16
C ALA B 121 3.68 5.89 0.66
N LYS B 122 4.51 6.03 1.68
CA LYS B 122 4.53 7.26 2.47
C LYS B 122 4.76 8.46 1.55
N GLY B 123 4.07 9.56 1.83
CA GLY B 123 4.04 10.70 0.94
C GLY B 123 3.10 10.58 -0.24
N LYS B 124 2.58 9.38 -0.54
CA LYS B 124 1.73 9.20 -1.73
C LYS B 124 0.36 8.63 -1.38
N ARG B 125 -0.17 8.97 -0.21
CA ARG B 125 -1.48 8.51 0.24
C ARG B 125 -2.45 9.69 0.27
N PHE B 126 -3.60 9.51 -0.37
CA PHE B 126 -4.49 10.63 -0.65
C PHE B 126 -5.94 10.30 -0.32
N CYS B 127 -6.64 11.32 0.14
CA CYS B 127 -8.09 11.30 0.26
C CYS B 127 -8.61 12.40 -0.65
N LEU B 128 -9.62 12.08 -1.45
CA LEU B 128 -10.38 13.12 -2.09
C LEU B 128 -11.17 13.88 -1.03
N PRO B 129 -11.53 15.14 -1.30
CA PRO B 129 -12.03 16.00 -0.21
C PRO B 129 -13.17 15.41 0.59
N ASN B 130 -14.15 14.83 -0.07
CA ASN B 130 -15.33 14.37 0.63
C ASN B 130 -15.29 12.88 0.91
N SER B 131 -14.15 12.24 0.69
CA SER B 131 -14.11 10.83 1.00
C SER B 131 -14.19 10.64 2.51
N ARG B 132 -14.42 9.40 2.95
CA ARG B 132 -14.42 9.12 4.37
C ARG B 132 -13.69 7.81 4.59
N VAL B 133 -13.26 7.61 5.81
CA VAL B 133 -12.44 6.46 6.18
C VAL B 133 -13.03 5.88 7.45
N MET B 134 -13.12 4.56 7.52
CA MET B 134 -13.62 3.91 8.72
C MET B 134 -12.62 2.86 9.12
N ILE B 135 -12.22 2.86 10.38
CA ILE B 135 -11.33 1.83 10.90
C ILE B 135 -12.08 1.05 11.99
N HIS B 136 -11.85 -0.26 12.03
CA HIS B 136 -12.44 -1.09 13.06
C HIS B 136 -11.58 -2.35 13.19
N GLN B 137 -11.96 -3.21 14.12
CA GLN B 137 -11.19 -4.39 14.48
C GLN B 137 -11.70 -5.61 13.72
N PRO B 138 -10.91 -6.69 13.65
CA PRO B 138 -11.32 -7.88 12.87
C PRO B 138 -12.62 -8.51 13.35
N LEU B 139 -13.48 -8.82 12.38
CA LEU B 139 -14.70 -9.60 12.59
C LEU B 139 -14.46 -11.04 12.14
N GLY B 140 -15.18 -11.95 12.78
CA GLY B 140 -15.01 -13.35 12.47
C GLY B 140 -16.01 -14.19 13.22
N GLY B 141 -15.78 -15.50 13.17
CA GLY B 141 -16.73 -16.38 13.81
C GLY B 141 -16.50 -17.84 13.48
N TYR B 142 -16.41 -18.66 14.52
CA TYR B 142 -16.22 -20.09 14.35
C TYR B 142 -17.41 -20.84 14.92
N GLN B 143 -17.45 -22.13 14.56
CA GLN B 143 -18.46 -23.06 15.01
C GLN B 143 -17.78 -24.41 15.20
N GLY B 144 -17.87 -24.97 16.40
CA GLY B 144 -17.40 -26.35 16.56
C GLY B 144 -17.16 -26.71 18.00
N GLN B 145 -16.27 -27.67 18.19
CA GLN B 145 -15.87 -28.08 19.53
C GLN B 145 -15.08 -26.97 20.21
N ALA B 146 -15.29 -26.84 21.51
CA ALA B 146 -14.55 -25.90 22.34
C ALA B 146 -13.06 -25.87 21.99
N THR B 147 -12.41 -27.04 21.87
CA THR B 147 -10.98 -27.09 21.62
C THR B 147 -10.61 -26.39 20.32
N ASP B 148 -11.35 -26.66 19.25
CA ASP B 148 -11.15 -25.91 18.02
C ASP B 148 -11.54 -24.45 18.17
N ILE B 149 -12.55 -24.16 18.98
CA ILE B 149 -12.96 -22.78 19.12
C ILE B 149 -11.81 -21.94 19.66
N GLU B 150 -11.02 -22.52 20.57
CA GLU B 150 -9.88 -21.79 21.09
C GLU B 150 -8.79 -21.62 20.04
N ILE B 151 -8.48 -22.68 19.28
CA ILE B 151 -7.52 -22.56 18.17
C ILE B 151 -7.87 -21.32 17.34
N HIS B 152 -9.12 -21.22 16.92
CA HIS B 152 -9.51 -20.15 16.01
C HIS B 152 -9.62 -18.81 16.73
N ALA B 153 -10.03 -18.81 18.00
CA ALA B 153 -10.03 -17.56 18.75
C ALA B 153 -8.62 -17.04 18.97
N ARG B 154 -7.70 -17.93 19.38
CA ARG B 154 -6.30 -17.55 19.47
C ARG B 154 -5.82 -16.97 18.14
N GLU B 155 -6.27 -17.56 17.03
CA GLU B 155 -5.74 -17.15 15.73
C GLU B 155 -6.30 -15.78 15.32
N ILE B 156 -7.56 -15.49 15.62
CA ILE B 156 -8.04 -14.19 15.19
C ILE B 156 -7.49 -13.09 16.10
N LEU B 157 -7.16 -13.41 17.36
CA LEU B 157 -6.51 -12.42 18.24
C LEU B 157 -5.07 -12.13 17.78
N LYS B 158 -4.33 -13.16 17.35
CA LYS B 158 -3.06 -12.95 16.67
C LYS B 158 -3.23 -12.02 15.49
N VAL B 159 -4.24 -12.29 14.64
CA VAL B 159 -4.44 -11.49 13.43
C VAL B 159 -4.72 -10.05 13.81
N LYS B 160 -5.52 -9.84 14.86
CA LYS B 160 -5.85 -8.48 15.29
C LYS B 160 -4.60 -7.73 15.75
N GLY B 161 -3.76 -8.38 16.55
CA GLY B 161 -2.54 -7.72 17.01
C GLY B 161 -1.61 -7.39 15.86
N ARG B 162 -1.57 -8.26 14.85
CA ARG B 162 -0.74 -7.98 13.68
C ARG B 162 -1.30 -6.83 12.87
N MET B 163 -2.63 -6.79 12.71
CA MET B 163 -3.24 -5.68 11.98
C MET B 163 -2.97 -4.35 12.69
N ASN B 164 -3.13 -4.34 14.01
CA ASN B 164 -2.90 -3.12 14.78
C ASN B 164 -1.45 -2.64 14.67
N GLU B 165 -0.49 -3.57 14.74
CA GLU B 165 0.91 -3.18 14.59
C GLU B 165 1.19 -2.52 13.24
N LEU B 166 0.64 -3.09 12.16
CA LEU B 166 0.86 -2.49 10.84
C LEU B 166 0.11 -1.16 10.71
N MET B 167 -1.11 -1.09 11.25
CA MET B 167 -1.79 0.19 11.40
C MET B 167 -0.88 1.21 12.10
N ALA B 168 -0.27 0.81 13.23
CA ALA B 168 0.58 1.73 13.99
C ALA B 168 1.78 2.17 13.16
N LEU B 169 2.48 1.20 12.57
CA LEU B 169 3.64 1.51 11.75
C LEU B 169 3.30 2.42 10.57
N HIS B 170 2.09 2.31 10.01
CA HIS B 170 1.75 3.11 8.84
C HIS B 170 1.13 4.46 9.20
N THR B 171 0.45 4.56 10.36
CA THR B 171 -0.09 5.86 10.75
C THR B 171 0.91 6.70 11.51
N GLY B 172 1.88 6.07 12.20
CA GLY B 172 2.69 6.79 13.17
C GLY B 172 2.05 6.96 14.53
N GLN B 173 0.80 6.51 14.71
CA GLN B 173 0.18 6.37 16.01
C GLN B 173 0.82 5.23 16.78
N SER B 174 0.79 5.33 18.10
CA SER B 174 1.30 4.24 18.90
C SER B 174 0.38 3.02 18.77
N LEU B 175 0.95 1.84 18.99
CA LEU B 175 0.14 0.63 18.94
C LEU B 175 -1.00 0.70 19.95
N GLU B 176 -0.77 1.33 21.09
CA GLU B 176 -1.81 1.42 22.11
C GLU B 176 -2.93 2.37 21.65
N GLN B 177 -2.55 3.44 20.96
CA GLN B 177 -3.54 4.32 20.37
C GLN B 177 -4.38 3.58 19.34
N ILE B 178 -3.73 2.87 18.42
CA ILE B 178 -4.48 2.11 17.40
C ILE B 178 -5.42 1.12 18.08
N GLU B 179 -4.92 0.41 19.10
CA GLU B 179 -5.78 -0.48 19.87
C GLU B 179 -6.97 0.27 20.50
N ARG B 180 -6.78 1.54 20.89
CA ARG B 180 -7.88 2.32 21.45
C ARG B 180 -8.95 2.65 20.40
N ASP B 181 -8.54 3.12 19.24
CA ASP B 181 -9.50 3.66 18.30
C ASP B 181 -10.13 2.60 17.39
N THR B 182 -9.66 1.35 17.43
CA THR B 182 -10.25 0.30 16.59
C THR B 182 -11.15 -0.67 17.35
N GLU B 183 -11.25 -0.56 18.68
CA GLU B 183 -12.22 -1.39 19.39
C GLU B 183 -13.61 -1.21 18.82
N ARG B 184 -13.99 0.02 18.49
CA ARG B 184 -15.28 0.28 17.88
C ARG B 184 -15.08 1.08 16.60
N ASP B 185 -16.11 1.03 15.75
CA ASP B 185 -16.13 1.77 14.51
C ASP B 185 -15.71 3.21 14.75
N ARG B 186 -14.72 3.67 13.99
CA ARG B 186 -14.31 5.07 14.05
C ARG B 186 -14.28 5.61 12.63
N PHE B 187 -15.04 6.68 12.43
CA PHE B 187 -15.08 7.38 11.16
C PHE B 187 -14.12 8.55 11.16
N LEU B 188 -13.46 8.77 10.02
CA LEU B 188 -12.58 9.90 9.84
C LEU B 188 -12.96 10.63 8.57
N SER B 189 -13.15 11.95 8.67
CA SER B 189 -13.23 12.79 7.49
C SER B 189 -11.87 12.90 6.81
N ALA B 190 -11.87 13.37 5.56
CA ALA B 190 -10.60 13.53 4.84
C ALA B 190 -9.57 14.33 5.62
N PRO B 191 -9.86 15.53 6.13
CA PRO B 191 -8.87 16.19 7.01
C PRO B 191 -8.53 15.36 8.22
N GLU B 192 -9.54 14.69 8.80
CA GLU B 192 -9.29 13.84 9.95
C GLU B 192 -8.36 12.69 9.62
N ALA B 193 -8.45 12.16 8.40
CA ALA B 193 -7.57 11.07 8.01
C ALA B 193 -6.13 11.53 7.83
N VAL B 194 -5.92 12.77 7.39
CA VAL B 194 -4.58 13.32 7.30
C VAL B 194 -4.02 13.55 8.69
N GLU B 195 -4.80 14.22 9.55
CA GLU B 195 -4.38 14.52 10.92
C GLU B 195 -4.03 13.26 11.71
N TYR B 196 -4.66 12.12 11.40
CA TYR B 196 -4.36 10.83 12.02
C TYR B 196 -3.17 10.13 11.37
N GLY B 197 -2.66 10.66 10.25
CA GLY B 197 -1.60 9.96 9.56
C GLY B 197 -2.08 8.86 8.65
N LEU B 198 -3.40 8.69 8.51
CA LEU B 198 -3.92 7.61 7.67
C LEU B 198 -3.49 7.83 6.23
N VAL B 199 -3.71 9.04 5.72
CA VAL B 199 -3.29 9.42 4.37
C VAL B 199 -2.37 10.63 4.49
N ASP B 200 -1.66 10.92 3.40
CA ASP B 200 -0.68 12.01 3.43
C ASP B 200 -1.31 13.38 3.15
N SER B 201 -2.26 13.49 2.23
CA SER B 201 -2.89 14.79 2.00
C SER B 201 -4.26 14.59 1.34
N ILE B 202 -4.87 15.71 0.94
CA ILE B 202 -6.18 15.75 0.28
C ILE B 202 -5.99 16.29 -1.13
N LEU B 203 -6.42 15.52 -2.13
CA LEU B 203 -6.51 16.02 -3.49
C LEU B 203 -7.81 16.80 -3.65
N THR B 204 -7.75 18.01 -4.17
CA THR B 204 -8.96 18.75 -4.51
C THR B 204 -9.07 19.12 -5.98
N HIS B 205 -7.95 19.37 -6.65
CA HIS B 205 -7.97 19.77 -8.05
C HIS B 205 -6.63 19.42 -8.67
N ARG B 206 -6.66 18.82 -9.86
CA ARG B 206 -5.43 18.51 -10.57
C ARG B 206 -4.75 19.82 -10.95
N ASN B 207 -3.53 20.01 -10.43
CA ASN B 207 -2.73 21.18 -10.79
C ASN B 207 -2.37 21.11 -12.27
N VAL C 17 -26.11 -4.88 -26.74
CA VAL C 17 -27.00 -4.02 -27.56
C VAL C 17 -26.32 -2.67 -27.79
N PRO C 18 -26.61 -1.95 -28.89
CA PRO C 18 -26.23 -2.38 -30.27
C PRO C 18 -24.74 -2.17 -30.50
N MET C 19 -24.00 -3.28 -30.55
CA MET C 19 -22.55 -3.21 -30.81
C MET C 19 -22.35 -2.62 -32.22
N VAL C 20 -22.19 -1.30 -32.30
CA VAL C 20 -22.06 -0.63 -33.63
C VAL C 20 -21.17 0.61 -33.46
N ASP C 32 -19.64 0.00 -30.43
CA ASP C 32 -20.61 -0.10 -29.32
C ASP C 32 -21.22 1.27 -29.04
N ILE C 33 -22.55 1.34 -28.93
CA ILE C 33 -23.24 2.63 -28.95
C ILE C 33 -22.74 3.51 -27.82
N TYR C 34 -22.58 2.95 -26.63
CA TYR C 34 -22.08 3.77 -25.54
C TYR C 34 -20.60 4.09 -25.74
N SER C 35 -19.85 3.16 -26.32
CA SER C 35 -18.43 3.43 -26.58
C SER C 35 -18.27 4.56 -27.59
N ARG C 36 -19.14 4.61 -28.61
CA ARG C 36 -18.99 5.64 -29.62
C ARG C 36 -19.37 7.01 -29.07
N LEU C 37 -20.35 7.07 -28.16
CA LEU C 37 -20.67 8.35 -27.55
C LEU C 37 -19.59 8.80 -26.59
N LEU C 38 -18.88 7.87 -25.97
CA LEU C 38 -17.78 8.27 -25.10
C LEU C 38 -16.71 9.00 -25.89
N LYS C 39 -16.52 8.64 -27.16
CA LYS C 39 -15.53 9.33 -27.98
C LYS C 39 -15.92 10.77 -28.23
N GLU C 40 -17.21 11.10 -28.13
CA GLU C 40 -17.69 12.47 -28.15
C GLU C 40 -17.78 13.07 -26.76
N ARG C 41 -17.22 12.38 -25.76
CA ARG C 41 -17.08 12.89 -24.40
C ARG C 41 -18.42 12.91 -23.67
N VAL C 42 -19.25 11.92 -23.96
CA VAL C 42 -20.56 11.78 -23.32
C VAL C 42 -20.51 10.56 -22.41
N ILE C 43 -20.88 10.73 -21.15
CA ILE C 43 -20.93 9.67 -20.14
C ILE C 43 -22.37 9.54 -19.68
N PHE C 44 -22.82 8.31 -19.44
CA PHE C 44 -24.18 8.10 -18.94
C PHE C 44 -24.15 7.59 -17.50
N LEU C 45 -24.92 8.26 -16.64
CA LEU C 45 -25.24 7.80 -15.29
C LEU C 45 -26.74 7.47 -15.27
N THR C 46 -27.05 6.17 -15.25
CA THR C 46 -28.41 5.67 -15.32
C THR C 46 -28.66 4.66 -14.22
N GLY C 47 -29.79 4.78 -13.55
CA GLY C 47 -30.15 3.81 -12.55
C GLY C 47 -29.51 4.09 -11.20
N GLN C 48 -29.53 3.07 -10.34
CA GLN C 48 -29.18 3.24 -8.93
C GLN C 48 -27.68 3.49 -8.77
N VAL C 49 -27.34 4.46 -7.93
CA VAL C 49 -25.93 4.78 -7.72
C VAL C 49 -25.32 3.79 -6.72
N GLU C 50 -24.32 3.04 -7.18
CA GLU C 50 -23.61 2.09 -6.35
C GLU C 50 -22.16 2.08 -6.79
N ASP C 51 -21.31 1.38 -6.01
CA ASP C 51 -19.87 1.54 -6.16
C ASP C 51 -19.39 1.18 -7.55
N HIS C 52 -20.00 0.16 -8.16
CA HIS C 52 -19.42 -0.38 -9.39
C HIS C 52 -19.78 0.46 -10.60
N MET C 53 -21.01 0.96 -10.68
CA MET C 53 -21.36 1.82 -11.81
C MET C 53 -20.74 3.19 -11.65
N ALA C 54 -20.65 3.67 -10.39
CA ALA C 54 -19.96 4.93 -10.11
C ALA C 54 -18.48 4.80 -10.44
N ASN C 55 -17.88 3.66 -10.10
CA ASN C 55 -16.51 3.45 -10.50
C ASN C 55 -16.36 3.47 -12.02
N LEU C 56 -17.39 3.02 -12.75
CA LEU C 56 -17.36 3.09 -14.20
C LEU C 56 -17.39 4.53 -14.69
N ILE C 57 -18.24 5.36 -14.07
CA ILE C 57 -18.29 6.78 -14.45
C ILE C 57 -16.99 7.48 -14.11
N VAL C 58 -16.43 7.21 -12.93
CA VAL C 58 -15.14 7.76 -12.54
C VAL C 58 -14.08 7.38 -13.56
N ALA C 59 -14.02 6.08 -13.89
CA ALA C 59 -13.04 5.60 -14.86
C ALA C 59 -13.19 6.29 -16.21
N GLN C 60 -14.43 6.55 -16.63
CA GLN C 60 -14.64 7.28 -17.87
C GLN C 60 -14.13 8.71 -17.78
N MET C 61 -14.47 9.44 -16.70
CA MET C 61 -14.07 10.84 -16.57
C MET C 61 -12.55 10.96 -16.55
N LEU C 62 -11.90 10.10 -15.75
CA LEU C 62 -10.45 10.02 -15.77
C LEU C 62 -9.94 9.87 -17.18
N PHE C 63 -10.54 8.95 -17.94
CA PHE C 63 -10.07 8.67 -19.29
C PHE C 63 -10.22 9.88 -20.21
N LEU C 64 -11.35 10.60 -20.10
CA LEU C 64 -11.59 11.76 -20.96
C LEU C 64 -10.74 12.96 -20.55
N GLU C 65 -10.40 13.07 -19.27
CA GLU C 65 -9.37 14.03 -18.87
C GLU C 65 -8.06 13.71 -19.57
N ALA C 66 -7.57 12.48 -19.42
CA ALA C 66 -6.34 12.03 -20.06
C ALA C 66 -6.34 12.22 -21.57
N GLU C 67 -7.51 12.46 -22.17
CA GLU C 67 -7.66 12.55 -23.61
C GLU C 67 -7.59 13.99 -24.11
N ASN C 68 -8.05 14.93 -23.31
CA ASN C 68 -7.98 16.36 -23.55
C ASN C 68 -8.48 17.05 -22.29
N PRO C 69 -7.59 17.48 -21.42
CA PRO C 69 -8.04 18.00 -20.11
C PRO C 69 -8.74 19.35 -20.23
N GLU C 70 -9.07 19.75 -21.45
CA GLU C 70 -9.65 21.07 -21.66
C GLU C 70 -11.05 21.04 -22.22
N LYS C 71 -11.37 20.06 -23.09
CA LYS C 71 -12.73 19.98 -23.62
C LYS C 71 -13.71 19.54 -22.53
N ASP C 72 -14.96 19.96 -22.68
CA ASP C 72 -16.00 19.66 -21.71
C ASP C 72 -16.30 18.16 -21.69
N ILE C 73 -16.90 17.73 -20.59
CA ILE C 73 -17.42 16.37 -20.45
C ILE C 73 -18.91 16.49 -20.12
N TYR C 74 -19.69 15.53 -20.62
CA TYR C 74 -21.15 15.61 -20.61
C TYR C 74 -21.73 14.40 -19.89
N LEU C 75 -22.24 14.63 -18.67
CA LEU C 75 -22.78 13.58 -17.81
C LEU C 75 -24.30 13.58 -17.92
N TYR C 76 -24.87 12.63 -18.65
CA TYR C 76 -26.31 12.46 -18.65
C TYR C 76 -26.73 11.75 -17.37
N ILE C 77 -27.74 12.27 -16.69
CA ILE C 77 -28.20 11.75 -15.41
C ILE C 77 -29.68 11.38 -15.50
N ASN C 78 -29.97 10.08 -15.41
CA ASN C 78 -31.32 9.56 -15.24
C ASN C 78 -31.23 8.57 -14.09
N SER C 79 -31.61 8.99 -12.89
CA SER C 79 -31.22 8.17 -11.78
C SER C 79 -32.12 8.43 -10.60
N PRO C 80 -32.51 7.39 -9.86
CA PRO C 80 -33.33 7.57 -8.65
C PRO C 80 -32.51 7.87 -7.40
N GLY C 81 -31.20 7.94 -7.51
CA GLY C 81 -30.35 8.07 -6.34
C GLY C 81 -29.62 6.78 -6.06
N GLY C 82 -29.07 6.71 -4.86
CA GLY C 82 -28.33 5.52 -4.49
C GLY C 82 -27.36 5.81 -3.35
N VAL C 83 -26.37 4.92 -3.21
CA VAL C 83 -25.46 4.97 -2.09
C VAL C 83 -24.68 6.28 -2.12
N ILE C 84 -24.54 6.89 -0.94
CA ILE C 84 -23.99 8.25 -0.86
C ILE C 84 -22.49 8.25 -1.11
N THR C 85 -21.74 7.34 -0.48
CA THR C 85 -20.30 7.33 -0.73
C THR C 85 -19.99 6.92 -2.16
N ALA C 86 -20.77 5.99 -2.72
CA ALA C 86 -20.62 5.68 -4.14
C ALA C 86 -20.79 6.94 -4.97
N GLY C 87 -21.80 7.75 -4.64
CA GLY C 87 -22.04 8.97 -5.38
C GLY C 87 -20.94 10.00 -5.20
N MET C 88 -20.49 10.20 -3.95
CA MET C 88 -19.45 11.19 -3.66
C MET C 88 -18.14 10.89 -4.39
N SER C 89 -17.84 9.60 -4.63
CA SER C 89 -16.72 9.27 -5.51
C SER C 89 -16.90 9.91 -6.89
N ILE C 90 -18.12 9.87 -7.45
CA ILE C 90 -18.35 10.60 -8.70
C ILE C 90 -18.17 12.10 -8.46
N TYR C 91 -18.71 12.60 -7.35
CA TYR C 91 -18.69 14.05 -7.11
C TYR C 91 -17.27 14.57 -7.02
N ASP C 92 -16.43 13.91 -6.22
CA ASP C 92 -15.07 14.44 -6.05
C ASP C 92 -14.27 14.31 -7.34
N THR C 93 -14.53 13.26 -8.13
CA THR C 93 -13.88 13.16 -9.44
C THR C 93 -14.30 14.32 -10.35
N MET C 94 -15.56 14.75 -10.27
CA MET C 94 -16.00 15.85 -11.12
C MET C 94 -15.24 17.14 -10.81
N GLN C 95 -15.10 17.47 -9.54
CA GLN C 95 -14.33 18.67 -9.20
C GLN C 95 -12.85 18.48 -9.49
N PHE C 96 -12.31 17.30 -9.19
CA PHE C 96 -10.87 17.09 -9.29
C PHE C 96 -10.36 17.28 -10.71
N ILE C 97 -11.08 16.75 -11.71
CA ILE C 97 -10.53 16.73 -13.05
C ILE C 97 -10.53 18.13 -13.63
N LYS C 98 -9.52 18.39 -14.48
CA LYS C 98 -9.43 19.71 -15.13
C LYS C 98 -10.69 20.05 -15.91
N PRO C 99 -11.25 19.16 -16.75
CA PRO C 99 -12.43 19.55 -17.52
C PRO C 99 -13.63 19.89 -16.66
N ASP C 100 -14.34 20.95 -17.06
CA ASP C 100 -15.71 21.17 -16.67
C ASP C 100 -16.56 19.95 -17.04
N VAL C 101 -17.45 19.55 -16.12
CA VAL C 101 -18.38 18.43 -16.33
C VAL C 101 -19.77 19.04 -16.43
N SER C 102 -20.27 19.15 -17.64
CA SER C 102 -21.65 19.59 -17.84
C SER C 102 -22.61 18.45 -17.50
N THR C 103 -23.70 18.78 -16.82
CA THR C 103 -24.68 17.77 -16.42
C THR C 103 -26.00 18.03 -17.14
N ILE C 104 -26.67 16.93 -17.48
CA ILE C 104 -27.92 16.96 -18.23
C ILE C 104 -28.88 15.98 -17.55
N CYS C 105 -29.88 16.51 -16.86
CA CYS C 105 -30.91 15.64 -16.34
C CYS C 105 -31.85 15.21 -17.46
N MET C 106 -32.22 13.94 -17.43
CA MET C 106 -33.09 13.43 -18.46
C MET C 106 -33.93 12.36 -17.78
N GLY C 107 -35.25 12.53 -17.85
CA GLY C 107 -36.15 11.64 -17.15
C GLY C 107 -36.26 12.05 -15.72
N GLN C 108 -35.31 11.63 -14.89
CA GLN C 108 -35.35 12.11 -13.52
C GLN C 108 -33.93 12.20 -13.00
N ALA C 109 -33.76 12.97 -11.92
CA ALA C 109 -32.59 12.86 -11.04
C ALA C 109 -33.08 13.06 -9.61
N ALA C 110 -33.09 12.00 -8.83
CA ALA C 110 -33.61 12.08 -7.47
C ALA C 110 -32.48 11.82 -6.48
N SER C 111 -32.62 12.40 -5.29
CA SER C 111 -31.69 12.14 -4.19
C SER C 111 -30.25 12.36 -4.65
N MET C 112 -29.41 11.31 -4.67
CA MET C 112 -28.03 11.53 -5.10
C MET C 112 -27.92 11.81 -6.60
N GLY C 113 -28.94 11.46 -7.39
CA GLY C 113 -28.98 11.94 -8.75
C GLY C 113 -29.07 13.45 -8.80
N ALA C 114 -30.01 14.02 -8.06
CA ALA C 114 -30.09 15.47 -7.96
C ALA C 114 -28.77 16.10 -7.51
N PHE C 115 -28.06 15.45 -6.60
CA PHE C 115 -26.82 16.04 -6.08
C PHE C 115 -25.73 16.10 -7.15
N LEU C 116 -25.45 15.00 -7.84
CA LEU C 116 -24.46 15.09 -8.91
C LEU C 116 -24.94 15.97 -10.07
N LEU C 117 -26.26 16.10 -10.25
CA LEU C 117 -26.76 16.99 -11.27
C LEU C 117 -26.32 18.43 -11.01
N THR C 118 -26.65 18.95 -9.82
CA THR C 118 -26.28 20.30 -9.41
C THR C 118 -24.77 20.46 -9.16
N ALA C 119 -24.02 19.36 -9.11
CA ALA C 119 -22.59 19.37 -8.87
C ALA C 119 -21.77 19.62 -10.12
N GLY C 120 -22.41 19.69 -11.29
CA GLY C 120 -21.70 20.00 -12.52
C GLY C 120 -21.15 21.42 -12.54
N ALA C 121 -20.54 21.78 -13.67
CA ALA C 121 -19.87 23.07 -13.78
C ALA C 121 -20.88 24.19 -13.94
N LYS C 122 -20.69 25.25 -13.15
CA LYS C 122 -21.60 26.40 -13.14
C LYS C 122 -21.87 26.89 -14.57
N GLY C 123 -23.14 27.18 -14.85
CA GLY C 123 -23.56 27.55 -16.18
C GLY C 123 -23.73 26.39 -17.15
N LYS C 124 -23.41 25.16 -16.76
CA LYS C 124 -23.48 24.01 -17.65
C LYS C 124 -24.27 22.85 -17.05
N ARG C 125 -25.25 23.14 -16.20
CA ARG C 125 -26.14 22.13 -15.62
C ARG C 125 -27.52 22.31 -16.23
N PHE C 126 -28.05 21.26 -16.88
CA PHE C 126 -29.28 21.39 -17.65
C PHE C 126 -30.34 20.36 -17.26
N CYS C 127 -31.59 20.74 -17.49
CA CYS C 127 -32.74 19.85 -17.40
C CYS C 127 -33.41 19.80 -18.77
N LEU C 128 -33.70 18.59 -19.25
CA LEU C 128 -34.61 18.44 -20.37
C LEU C 128 -36.00 18.84 -19.91
N PRO C 129 -36.83 19.39 -20.80
CA PRO C 129 -38.03 20.11 -20.35
C PRO C 129 -38.96 19.33 -19.43
N ASN C 130 -39.13 18.02 -19.62
CA ASN C 130 -40.04 17.27 -18.77
C ASN C 130 -39.31 16.39 -17.76
N SER C 131 -38.01 16.59 -17.60
CA SER C 131 -37.37 15.89 -16.50
C SER C 131 -37.87 16.47 -15.19
N ARG C 132 -37.65 15.72 -14.12
CA ARG C 132 -38.04 16.17 -12.78
C ARG C 132 -36.95 15.83 -11.79
N VAL C 133 -36.83 16.65 -10.76
CA VAL C 133 -35.83 16.43 -9.72
C VAL C 133 -36.56 16.20 -8.41
N MET C 134 -35.94 15.39 -7.54
CA MET C 134 -36.40 15.20 -6.18
C MET C 134 -35.19 15.29 -5.25
N ILE C 135 -35.36 15.99 -4.14
CA ILE C 135 -34.30 16.17 -3.16
C ILE C 135 -34.81 15.73 -1.81
N HIS C 136 -33.88 15.35 -0.93
CA HIS C 136 -34.22 15.05 0.47
C HIS C 136 -32.94 14.86 1.25
N GLN C 137 -33.10 14.52 2.52
CA GLN C 137 -32.04 14.21 3.45
C GLN C 137 -31.62 12.74 3.32
N PRO C 138 -30.44 12.38 3.84
CA PRO C 138 -29.97 10.99 3.72
C PRO C 138 -30.87 9.99 4.44
N LEU C 139 -30.88 8.78 3.91
CA LEU C 139 -31.49 7.62 4.53
C LEU C 139 -30.39 6.70 5.01
N GLY C 140 -30.60 6.11 6.17
CA GLY C 140 -29.62 5.17 6.67
C GLY C 140 -30.30 4.10 7.48
N GLY C 141 -29.53 3.09 7.85
CA GLY C 141 -30.05 2.04 8.68
C GLY C 141 -28.93 1.30 9.36
N TYR C 142 -29.05 1.13 10.68
CA TYR C 142 -28.04 0.41 11.43
C TYR C 142 -28.73 -0.52 12.44
N GLN C 143 -27.99 -1.54 12.85
CA GLN C 143 -28.41 -2.46 13.90
C GLN C 143 -27.19 -2.81 14.74
N GLY C 144 -27.38 -2.98 16.03
CA GLY C 144 -26.29 -3.42 16.90
C GLY C 144 -26.43 -2.84 18.29
N GLN C 145 -25.29 -2.67 18.96
CA GLN C 145 -25.25 -2.14 20.31
C GLN C 145 -25.52 -0.64 20.34
N ALA C 146 -26.17 -0.18 21.41
CA ALA C 146 -26.42 1.24 21.58
C ALA C 146 -25.16 2.07 21.36
N THR C 147 -24.01 1.59 21.85
CA THR C 147 -22.78 2.35 21.67
C THR C 147 -22.44 2.48 20.20
N ASP C 148 -22.66 1.43 19.42
CA ASP C 148 -22.34 1.52 18.01
C ASP C 148 -23.39 2.30 17.25
N ILE C 149 -24.66 2.20 17.68
CA ILE C 149 -25.73 2.97 17.07
C ILE C 149 -25.40 4.45 17.15
N GLU C 150 -24.92 4.92 18.31
CA GLU C 150 -24.54 6.32 18.47
C GLU C 150 -23.44 6.72 17.47
N ILE C 151 -22.42 5.88 17.32
CA ILE C 151 -21.32 6.20 16.41
C ILE C 151 -21.84 6.36 14.99
N HIS C 152 -22.82 5.55 14.62
CA HIS C 152 -23.33 5.59 13.25
C HIS C 152 -24.39 6.67 13.08
N ALA C 153 -25.20 6.91 14.11
CA ALA C 153 -26.16 8.02 14.02
C ALA C 153 -25.44 9.36 13.98
N ARG C 154 -24.38 9.49 14.78
CA ARG C 154 -23.53 10.67 14.68
C ARG C 154 -23.02 10.83 13.25
N GLU C 155 -22.67 9.72 12.61
CA GLU C 155 -22.04 9.81 11.30
C GLU C 155 -23.03 10.24 10.22
N ILE C 156 -24.26 9.69 10.23
CA ILE C 156 -25.21 10.10 9.18
C ILE C 156 -25.66 11.55 9.41
N LEU C 157 -25.66 12.03 10.66
CA LEU C 157 -25.92 13.45 10.86
C LEU C 157 -24.78 14.27 10.30
N LYS C 158 -23.54 13.79 10.46
CA LYS C 158 -22.43 14.52 9.86
C LYS C 158 -22.58 14.54 8.35
N VAL C 159 -22.96 13.40 7.77
CA VAL C 159 -23.06 13.32 6.33
C VAL C 159 -24.22 14.18 5.86
N LYS C 160 -25.31 14.18 6.62
CA LYS C 160 -26.40 15.10 6.30
C LYS C 160 -25.94 16.56 6.30
N GLY C 161 -25.13 16.95 7.28
CA GLY C 161 -24.67 18.34 7.32
C GLY C 161 -23.79 18.70 6.15
N ARG C 162 -22.88 17.80 5.77
CA ARG C 162 -22.00 18.06 4.64
C ARG C 162 -22.79 18.13 3.33
N MET C 163 -23.69 17.17 3.10
CA MET C 163 -24.48 17.20 1.88
C MET C 163 -25.27 18.50 1.77
N ASN C 164 -25.92 18.91 2.87
CA ASN C 164 -26.67 20.16 2.83
C ASN C 164 -25.75 21.34 2.56
N GLU C 165 -24.55 21.31 3.13
CA GLU C 165 -23.56 22.35 2.87
C GLU C 165 -23.22 22.41 1.38
N LEU C 166 -22.71 21.31 0.83
CA LEU C 166 -22.41 21.28 -0.60
C LEU C 166 -23.63 21.67 -1.42
N MET C 167 -24.82 21.27 -0.99
CA MET C 167 -25.98 21.61 -1.81
C MET C 167 -26.28 23.09 -1.76
N ALA C 168 -26.05 23.72 -0.61
CA ALA C 168 -26.15 25.17 -0.51
C ALA C 168 -25.13 25.84 -1.43
N LEU C 169 -23.94 25.25 -1.53
CA LEU C 169 -22.89 25.88 -2.31
C LEU C 169 -23.13 25.78 -3.82
N HIS C 170 -23.84 24.75 -4.29
CA HIS C 170 -24.10 24.66 -5.72
C HIS C 170 -25.41 25.33 -6.12
N THR C 171 -26.35 25.51 -5.20
CA THR C 171 -27.59 26.19 -5.56
C THR C 171 -27.56 27.66 -5.18
N GLY C 172 -26.56 28.08 -4.41
CA GLY C 172 -26.53 29.45 -3.95
C GLY C 172 -27.65 29.76 -2.98
N GLN C 173 -28.44 28.76 -2.61
CA GLN C 173 -29.37 28.95 -1.51
C GLN C 173 -28.62 28.86 -0.19
N SER C 174 -29.26 29.33 0.87
CA SER C 174 -28.67 29.27 2.19
C SER C 174 -28.58 27.81 2.65
N LEU C 175 -27.76 27.59 3.68
CA LEU C 175 -27.82 26.31 4.37
C LEU C 175 -29.21 26.08 4.94
N GLU C 176 -29.81 27.13 5.50
CA GLU C 176 -31.05 26.98 6.25
C GLU C 176 -32.22 26.70 5.32
N GLN C 177 -32.20 27.31 4.14
CA GLN C 177 -33.18 27.01 3.10
C GLN C 177 -33.05 25.56 2.62
N ILE C 178 -31.81 25.12 2.34
CA ILE C 178 -31.56 23.72 1.99
C ILE C 178 -32.06 22.82 3.10
N GLU C 179 -31.68 23.11 4.35
CA GLU C 179 -32.12 22.29 5.48
C GLU C 179 -33.63 22.20 5.54
N ARG C 180 -34.30 23.33 5.35
CA ARG C 180 -35.75 23.35 5.48
C ARG C 180 -36.40 22.56 4.36
N ASP C 181 -35.79 22.56 3.18
CA ASP C 181 -36.42 21.92 2.02
C ASP C 181 -36.10 20.44 1.87
N THR C 182 -35.04 19.93 2.52
CA THR C 182 -34.66 18.55 2.33
C THR C 182 -35.15 17.64 3.42
N GLU C 183 -35.85 18.17 4.44
CA GLU C 183 -36.32 17.31 5.52
C GLU C 183 -37.29 16.25 5.00
N ARG C 184 -38.12 16.61 4.03
CA ARG C 184 -39.01 15.67 3.36
C ARG C 184 -38.82 15.78 1.85
N ASP C 185 -39.29 14.74 1.14
CA ASP C 185 -39.16 14.68 -0.31
C ASP C 185 -39.77 15.94 -0.92
N ARG C 186 -38.97 16.64 -1.74
CA ARG C 186 -39.40 17.82 -2.48
C ARG C 186 -39.17 17.60 -3.97
N PHE C 187 -40.25 17.62 -4.73
CA PHE C 187 -40.16 17.51 -6.18
C PHE C 187 -40.06 18.89 -6.81
N LEU C 188 -39.16 19.02 -7.79
CA LEU C 188 -39.03 20.23 -8.59
C LEU C 188 -39.14 19.86 -10.06
N SER C 189 -39.95 20.60 -10.81
CA SER C 189 -39.92 20.42 -12.26
C SER C 189 -38.68 21.10 -12.83
N ALA C 190 -38.46 20.92 -14.13
CA ALA C 190 -37.33 21.57 -14.81
C ALA C 190 -37.30 23.08 -14.56
N PRO C 191 -38.38 23.84 -14.83
CA PRO C 191 -38.33 25.28 -14.52
C PRO C 191 -38.01 25.57 -13.07
N GLU C 192 -38.71 24.93 -12.13
CA GLU C 192 -38.48 25.14 -10.70
C GLU C 192 -37.03 24.83 -10.32
N ALA C 193 -36.45 23.77 -10.89
CA ALA C 193 -35.05 23.45 -10.58
C ALA C 193 -34.12 24.56 -11.06
N VAL C 194 -34.46 25.24 -12.15
CA VAL C 194 -33.73 26.44 -12.54
C VAL C 194 -33.97 27.56 -11.53
N GLU C 195 -35.24 27.85 -11.21
CA GLU C 195 -35.54 28.89 -10.20
C GLU C 195 -34.82 28.63 -8.87
N TYR C 196 -34.66 27.36 -8.48
CA TYR C 196 -34.02 27.02 -7.23
C TYR C 196 -32.49 26.98 -7.32
N GLY C 197 -31.93 27.01 -8.51
CA GLY C 197 -30.49 27.01 -8.67
C GLY C 197 -29.86 25.65 -8.79
N LEU C 198 -30.66 24.58 -8.84
CA LEU C 198 -30.08 23.24 -8.97
C LEU C 198 -29.42 23.07 -10.33
N VAL C 199 -30.02 23.62 -11.39
CA VAL C 199 -29.45 23.63 -12.73
C VAL C 199 -29.51 25.06 -13.23
N ASP C 200 -28.71 25.35 -14.25
CA ASP C 200 -28.70 26.71 -14.77
C ASP C 200 -29.79 26.95 -15.83
N SER C 201 -30.13 25.98 -16.66
CA SER C 201 -31.26 26.24 -17.57
C SER C 201 -31.81 24.93 -18.13
N ILE C 202 -32.74 25.07 -19.07
CA ILE C 202 -33.48 23.97 -19.67
C ILE C 202 -33.04 23.87 -21.12
N LEU C 203 -32.47 22.73 -21.50
CA LEU C 203 -32.27 22.38 -22.90
C LEU C 203 -33.60 22.09 -23.56
N THR C 204 -33.87 22.72 -24.71
CA THR C 204 -35.15 22.49 -25.37
C THR C 204 -35.02 21.97 -26.80
N HIS C 205 -34.23 22.62 -27.65
CA HIS C 205 -34.01 22.16 -29.01
C HIS C 205 -32.57 22.45 -29.40
N ARG C 206 -31.99 21.58 -30.21
CA ARG C 206 -30.60 21.78 -30.60
C ARG C 206 -30.50 22.96 -31.55
N ASN C 207 -29.58 23.88 -31.25
CA ASN C 207 -29.54 25.19 -31.90
C ASN C 207 -29.05 25.11 -33.34
N LEU D 16 -29.18 -15.90 -29.68
CA LEU D 16 -30.57 -15.54 -29.97
C LEU D 16 -30.68 -14.41 -30.97
N VAL D 17 -29.54 -13.93 -31.46
CA VAL D 17 -29.51 -12.83 -32.43
C VAL D 17 -28.82 -13.32 -33.71
N PRO D 18 -29.17 -12.77 -34.90
CA PRO D 18 -28.35 -13.03 -36.09
C PRO D 18 -27.36 -11.90 -36.36
N MET D 19 -26.19 -12.22 -36.92
CA MET D 19 -25.20 -11.22 -37.29
C MET D 19 -25.29 -10.91 -38.79
N VAL D 20 -24.50 -9.91 -39.21
CA VAL D 20 -24.27 -9.68 -40.63
C VAL D 20 -22.82 -9.21 -40.81
N ASP D 32 -24.34 -7.85 -36.40
CA ASP D 32 -25.53 -7.92 -35.55
C ASP D 32 -26.73 -7.19 -36.17
N ILE D 33 -27.94 -7.76 -36.00
CA ILE D 33 -29.06 -7.42 -36.87
C ILE D 33 -29.62 -6.03 -36.53
N TYR D 34 -29.81 -5.72 -35.24
CA TYR D 34 -30.32 -4.40 -34.90
C TYR D 34 -29.28 -3.32 -35.21
N SER D 35 -28.00 -3.65 -35.05
CA SER D 35 -26.93 -2.76 -35.46
C SER D 35 -26.99 -2.48 -36.96
N ARG D 36 -27.19 -3.54 -37.76
CA ARG D 36 -27.33 -3.34 -39.20
C ARG D 36 -28.53 -2.46 -39.52
N LEU D 37 -29.67 -2.72 -38.86
CA LEU D 37 -30.83 -1.86 -39.02
C LEU D 37 -30.59 -0.45 -38.50
N LEU D 38 -29.60 -0.27 -37.63
CA LEU D 38 -29.26 1.06 -37.16
C LEU D 38 -28.62 1.89 -38.27
N LYS D 39 -27.92 1.24 -39.22
CA LYS D 39 -27.36 1.97 -40.35
C LYS D 39 -28.45 2.53 -41.25
N GLU D 40 -29.69 2.02 -41.18
CA GLU D 40 -30.81 2.62 -41.89
C GLU D 40 -31.56 3.64 -41.05
N ARG D 41 -30.95 4.08 -39.95
CA ARG D 41 -31.57 5.05 -39.03
C ARG D 41 -32.85 4.49 -38.40
N VAL D 42 -32.83 3.20 -38.08
CA VAL D 42 -33.99 2.54 -37.47
C VAL D 42 -33.63 2.16 -36.05
N ILE D 43 -34.45 2.61 -35.10
CA ILE D 43 -34.29 2.34 -33.67
C ILE D 43 -35.56 1.65 -33.19
N PHE D 44 -35.40 0.63 -32.35
CA PHE D 44 -36.52 -0.19 -31.90
C PHE D 44 -36.85 0.05 -30.44
N LEU D 45 -38.14 0.11 -30.14
CA LEU D 45 -38.68 0.31 -28.81
C LEU D 45 -39.60 -0.88 -28.53
N THR D 46 -39.02 -1.96 -28.04
CA THR D 46 -39.74 -3.19 -27.78
C THR D 46 -39.86 -3.41 -26.28
N GLY D 47 -40.99 -3.93 -25.85
CA GLY D 47 -41.09 -4.34 -24.47
C GLY D 47 -41.40 -3.18 -23.55
N GLN D 48 -41.19 -3.45 -22.26
CA GLN D 48 -41.54 -2.53 -21.20
C GLN D 48 -40.57 -1.36 -21.14
N VAL D 49 -41.10 -0.16 -20.96
CA VAL D 49 -40.26 1.02 -20.86
C VAL D 49 -39.69 1.08 -19.45
N GLU D 50 -38.35 1.15 -19.34
CA GLU D 50 -37.62 1.26 -18.09
C GLU D 50 -36.31 1.97 -18.39
N ASP D 51 -35.65 2.47 -17.32
CA ASP D 51 -34.48 3.36 -17.47
C ASP D 51 -33.44 2.84 -18.44
N HIS D 52 -33.10 1.56 -18.36
CA HIS D 52 -31.94 1.07 -19.10
C HIS D 52 -32.26 0.81 -20.57
N MET D 53 -33.40 0.17 -20.85
CA MET D 53 -33.81 0.07 -22.24
C MET D 53 -34.05 1.45 -22.84
N ALA D 54 -34.54 2.40 -22.03
CA ALA D 54 -34.73 3.77 -22.52
C ALA D 54 -33.41 4.45 -22.83
N ASN D 55 -32.42 4.28 -21.95
CA ASN D 55 -31.15 4.96 -22.15
C ASN D 55 -30.50 4.46 -23.44
N LEU D 56 -30.67 3.17 -23.74
CA LEU D 56 -30.22 2.61 -25.01
C LEU D 56 -30.84 3.33 -26.20
N ILE D 57 -32.11 3.73 -26.09
CA ILE D 57 -32.80 4.40 -27.19
C ILE D 57 -32.37 5.87 -27.29
N VAL D 58 -32.16 6.53 -26.14
CA VAL D 58 -31.59 7.88 -26.19
C VAL D 58 -30.20 7.85 -26.80
N ALA D 59 -29.40 6.84 -26.44
CA ALA D 59 -28.04 6.75 -26.98
C ALA D 59 -28.06 6.54 -28.49
N GLN D 60 -28.99 5.73 -29.00
CA GLN D 60 -29.07 5.58 -30.45
C GLN D 60 -29.59 6.85 -31.12
N MET D 61 -30.52 7.55 -30.48
CA MET D 61 -31.03 8.79 -31.04
C MET D 61 -29.93 9.84 -31.11
N LEU D 62 -29.21 10.05 -30.00
CA LEU D 62 -28.10 10.98 -29.98
C LEU D 62 -27.07 10.62 -31.06
N PHE D 63 -26.64 9.35 -31.07
CA PHE D 63 -25.65 8.93 -32.07
C PHE D 63 -26.14 9.18 -33.49
N LEU D 64 -27.40 8.84 -33.78
CA LEU D 64 -27.94 9.00 -35.14
C LEU D 64 -27.98 10.47 -35.54
N GLU D 65 -28.30 11.35 -34.59
CA GLU D 65 -28.24 12.78 -34.84
C GLU D 65 -26.84 13.19 -35.26
N ALA D 66 -25.84 12.81 -34.46
CA ALA D 66 -24.45 13.15 -34.76
C ALA D 66 -24.04 12.65 -36.13
N GLU D 67 -24.58 11.51 -36.57
CA GLU D 67 -24.20 10.97 -37.87
C GLU D 67 -24.73 11.84 -39.01
N ASN D 68 -25.88 12.48 -38.80
CA ASN D 68 -26.52 13.31 -39.82
C ASN D 68 -27.74 13.97 -39.20
N PRO D 69 -27.68 15.27 -38.92
CA PRO D 69 -28.80 15.91 -38.21
C PRO D 69 -29.99 16.21 -39.08
N GLU D 70 -29.88 15.99 -40.40
CA GLU D 70 -30.98 16.30 -41.32
C GLU D 70 -31.85 15.10 -41.63
N LYS D 71 -31.28 13.89 -41.63
CA LYS D 71 -32.04 12.70 -42.00
C LYS D 71 -32.98 12.27 -40.88
N ASP D 72 -34.18 11.84 -41.26
CA ASP D 72 -35.13 11.41 -40.25
C ASP D 72 -34.64 10.19 -39.47
N ILE D 73 -35.29 9.94 -38.33
CA ILE D 73 -35.05 8.76 -37.52
C ILE D 73 -36.35 7.97 -37.46
N TYR D 74 -36.26 6.65 -37.59
CA TYR D 74 -37.42 5.76 -37.52
C TYR D 74 -37.37 5.00 -36.22
N LEU D 75 -38.44 5.11 -35.45
CA LEU D 75 -38.55 4.49 -34.13
C LEU D 75 -39.77 3.57 -34.15
N TYR D 76 -39.52 2.28 -34.29
CA TYR D 76 -40.57 1.26 -34.26
C TYR D 76 -40.96 1.01 -32.82
N ILE D 77 -42.27 1.05 -32.55
CA ILE D 77 -42.79 0.96 -31.18
C ILE D 77 -43.72 -0.25 -31.07
N ASN D 78 -43.31 -1.22 -30.24
CA ASN D 78 -44.17 -2.33 -29.80
C ASN D 78 -43.97 -2.48 -28.30
N SER D 79 -44.86 -1.85 -27.51
CA SER D 79 -44.68 -1.75 -26.07
C SER D 79 -45.98 -1.77 -25.29
N PRO D 80 -46.01 -2.39 -24.12
CA PRO D 80 -47.15 -2.22 -23.23
C PRO D 80 -47.12 -0.94 -22.42
N GLY D 81 -46.02 -0.18 -22.48
CA GLY D 81 -45.81 0.98 -21.61
C GLY D 81 -44.72 0.72 -20.58
N GLY D 82 -44.73 1.52 -19.53
CA GLY D 82 -43.75 1.29 -18.48
C GLY D 82 -43.54 2.54 -17.66
N VAL D 83 -42.29 2.69 -17.21
CA VAL D 83 -41.91 3.77 -16.29
C VAL D 83 -42.03 5.13 -16.98
N ILE D 84 -42.74 6.06 -16.33
CA ILE D 84 -43.01 7.35 -16.98
C ILE D 84 -41.74 8.14 -17.19
N THR D 85 -40.98 8.39 -16.10
CA THR D 85 -39.75 9.19 -16.22
C THR D 85 -38.80 8.58 -17.24
N ALA D 86 -38.61 7.26 -17.19
CA ALA D 86 -37.81 6.60 -18.22
C ALA D 86 -38.35 6.90 -19.61
N GLY D 87 -39.67 6.86 -19.78
CA GLY D 87 -40.27 7.23 -21.05
C GLY D 87 -40.12 8.70 -21.38
N MET D 88 -40.32 9.57 -20.38
CA MET D 88 -40.08 10.99 -20.58
C MET D 88 -38.65 11.27 -21.03
N SER D 89 -37.71 10.40 -20.67
CA SER D 89 -36.33 10.57 -21.13
C SER D 89 -36.20 10.28 -22.62
N ILE D 90 -37.07 9.43 -23.18
CA ILE D 90 -37.09 9.28 -24.63
C ILE D 90 -37.85 10.44 -25.27
N TYR D 91 -38.94 10.87 -24.67
CA TYR D 91 -39.72 11.95 -25.25
C TYR D 91 -38.86 13.20 -25.44
N ASP D 92 -38.14 13.62 -24.40
CA ASP D 92 -37.40 14.87 -24.47
C ASP D 92 -36.22 14.76 -25.44
N THR D 93 -35.54 13.62 -25.44
CA THR D 93 -34.56 13.33 -26.47
C THR D 93 -35.17 13.50 -27.87
N MET D 94 -36.39 12.99 -28.07
CA MET D 94 -37.04 13.07 -29.37
C MET D 94 -37.25 14.52 -29.79
N GLN D 95 -37.82 15.35 -28.91
CA GLN D 95 -38.00 16.76 -29.25
C GLN D 95 -36.66 17.48 -29.35
N PHE D 96 -35.73 17.17 -28.45
CA PHE D 96 -34.49 17.93 -28.40
C PHE D 96 -33.68 17.79 -29.68
N ILE D 97 -33.51 16.56 -30.17
CA ILE D 97 -32.56 16.34 -31.26
C ILE D 97 -33.04 17.07 -32.51
N LYS D 98 -32.07 17.39 -33.36
CA LYS D 98 -32.37 18.04 -34.62
C LYS D 98 -33.29 17.21 -35.52
N PRO D 99 -32.99 15.95 -35.84
CA PRO D 99 -33.78 15.25 -36.85
C PRO D 99 -35.19 14.94 -36.37
N ASP D 100 -36.07 14.80 -37.35
CA ASP D 100 -37.42 14.35 -37.09
C ASP D 100 -37.43 12.90 -36.69
N VAL D 101 -38.22 12.58 -35.68
CA VAL D 101 -38.38 11.21 -35.24
C VAL D 101 -39.72 10.73 -35.75
N SER D 102 -39.68 9.91 -36.79
CA SER D 102 -40.86 9.21 -37.28
C SER D 102 -41.11 7.98 -36.43
N THR D 103 -42.34 7.82 -35.94
CA THR D 103 -42.74 6.72 -35.09
C THR D 103 -43.69 5.77 -35.81
N ILE D 104 -43.50 4.46 -35.60
CA ILE D 104 -44.28 3.42 -36.26
C ILE D 104 -44.76 2.43 -35.22
N CYS D 105 -46.07 2.26 -35.09
CA CYS D 105 -46.61 1.29 -34.16
C CYS D 105 -46.78 -0.05 -34.86
N MET D 106 -46.20 -1.09 -34.30
CA MET D 106 -46.42 -2.45 -34.75
C MET D 106 -46.81 -3.27 -33.54
N GLY D 107 -47.89 -4.06 -33.65
CA GLY D 107 -48.36 -4.84 -32.53
C GLY D 107 -49.21 -4.04 -31.58
N GLN D 108 -48.59 -3.26 -30.70
CA GLN D 108 -49.34 -2.36 -29.83
C GLN D 108 -48.43 -1.24 -29.35
N ALA D 109 -49.07 -0.11 -29.00
CA ALA D 109 -48.44 0.98 -28.24
C ALA D 109 -49.44 1.35 -27.16
N ALA D 110 -49.18 0.90 -25.94
CA ALA D 110 -50.12 1.04 -24.83
C ALA D 110 -49.51 1.94 -23.79
N SER D 111 -50.32 2.87 -23.27
CA SER D 111 -49.91 3.84 -22.25
C SER D 111 -48.65 4.61 -22.67
N MET D 112 -47.59 4.56 -21.84
CA MET D 112 -46.34 5.24 -22.20
C MET D 112 -45.90 4.90 -23.61
N GLY D 113 -46.21 3.69 -24.07
CA GLY D 113 -45.91 3.36 -25.45
C GLY D 113 -46.70 4.21 -26.44
N ALA D 114 -47.96 4.49 -26.11
CA ALA D 114 -48.82 5.29 -26.98
C ALA D 114 -48.41 6.75 -27.00
N PHE D 115 -48.11 7.32 -25.82
CA PHE D 115 -47.58 8.67 -25.71
C PHE D 115 -46.37 8.88 -26.61
N LEU D 116 -45.40 7.95 -26.53
CA LEU D 116 -44.23 8.04 -27.40
C LEU D 116 -44.59 7.89 -28.87
N LEU D 117 -45.64 7.11 -29.17
CA LEU D 117 -46.11 7.03 -30.56
C LEU D 117 -46.59 8.39 -31.05
N THR D 118 -47.56 8.97 -30.34
CA THR D 118 -48.11 10.25 -30.76
C THR D 118 -47.13 11.41 -30.61
N ALA D 119 -45.96 11.18 -30.02
CA ALA D 119 -44.93 12.19 -29.83
C ALA D 119 -44.01 12.34 -31.03
N GLY D 120 -44.20 11.56 -32.08
CA GLY D 120 -43.36 11.67 -33.26
C GLY D 120 -43.59 12.99 -33.99
N ALA D 121 -42.75 13.23 -34.99
CA ALA D 121 -42.87 14.46 -35.77
C ALA D 121 -44.22 14.49 -36.47
N LYS D 122 -44.80 15.69 -36.55
CA LYS D 122 -46.13 15.83 -37.14
C LYS D 122 -46.11 15.31 -38.57
N GLY D 123 -47.17 14.58 -38.95
CA GLY D 123 -47.26 13.99 -40.26
C GLY D 123 -46.44 12.73 -40.49
N LYS D 124 -45.71 12.24 -39.49
CA LYS D 124 -44.87 11.05 -39.69
C LYS D 124 -45.08 9.98 -38.61
N ARG D 125 -46.19 10.02 -37.90
CA ARG D 125 -46.57 8.98 -36.96
C ARG D 125 -47.58 8.06 -37.65
N PHE D 126 -47.27 6.77 -37.69
CA PHE D 126 -48.07 5.78 -38.39
C PHE D 126 -48.49 4.65 -37.47
N CYS D 127 -49.62 4.03 -37.82
CA CYS D 127 -50.03 2.73 -37.31
C CYS D 127 -49.93 1.70 -38.44
N LEU D 128 -49.51 0.50 -38.09
CA LEU D 128 -49.68 -0.58 -39.03
C LEU D 128 -51.11 -1.13 -38.90
N PRO D 129 -51.67 -1.69 -39.98
CA PRO D 129 -53.14 -1.84 -40.05
C PRO D 129 -53.77 -2.56 -38.89
N ASN D 130 -53.15 -3.63 -38.39
CA ASN D 130 -53.71 -4.37 -37.28
C ASN D 130 -53.04 -4.07 -35.95
N SER D 131 -52.13 -3.10 -35.92
CA SER D 131 -51.64 -2.68 -34.63
C SER D 131 -52.79 -2.07 -33.83
N ARG D 132 -52.54 -1.86 -32.55
CA ARG D 132 -53.56 -1.32 -31.68
C ARG D 132 -52.88 -0.41 -30.65
N VAL D 133 -53.71 0.39 -29.99
CA VAL D 133 -53.24 1.47 -29.14
C VAL D 133 -54.18 1.56 -27.94
N MET D 134 -53.61 1.77 -26.76
CA MET D 134 -54.39 1.89 -25.54
C MET D 134 -53.81 3.05 -24.72
N ILE D 135 -54.70 3.87 -24.15
CA ILE D 135 -54.30 5.04 -23.39
C ILE D 135 -55.03 5.02 -22.06
N HIS D 136 -54.38 5.51 -21.02
CA HIS D 136 -55.00 5.55 -19.70
C HIS D 136 -54.34 6.66 -18.89
N GLN D 137 -54.42 6.58 -17.57
CA GLN D 137 -53.85 7.60 -16.73
C GLN D 137 -52.66 7.06 -15.95
N PRO D 138 -51.82 7.94 -15.40
CA PRO D 138 -50.68 7.47 -14.61
C PRO D 138 -51.11 6.54 -13.49
N LEU D 139 -50.34 5.50 -13.29
CA LEU D 139 -50.45 4.63 -12.15
C LEU D 139 -49.19 4.81 -11.32
N GLY D 140 -49.35 4.64 -10.03
CA GLY D 140 -48.23 4.62 -9.14
C GLY D 140 -48.71 4.09 -7.85
N GLY D 141 -47.89 4.28 -6.83
CA GLY D 141 -48.30 3.98 -5.49
C GLY D 141 -47.26 4.50 -4.52
N TYR D 142 -47.68 4.63 -3.27
CA TYR D 142 -46.73 5.07 -2.27
C TYR D 142 -47.03 4.41 -0.95
N GLN D 143 -45.99 4.33 -0.12
CA GLN D 143 -46.05 3.78 1.23
C GLN D 143 -45.34 4.76 2.15
N GLY D 144 -46.01 5.21 3.20
CA GLY D 144 -45.32 6.03 4.17
C GLY D 144 -46.28 6.79 5.06
N GLN D 145 -45.78 7.90 5.62
CA GLN D 145 -46.57 8.71 6.51
C GLN D 145 -47.54 9.56 5.71
N ALA D 146 -48.69 9.85 6.31
CA ALA D 146 -49.66 10.75 5.71
C ALA D 146 -48.99 11.96 5.05
N THR D 147 -48.09 12.64 5.76
CA THR D 147 -47.45 13.82 5.16
C THR D 147 -46.72 13.46 3.87
N ASP D 148 -45.95 12.38 3.91
CA ASP D 148 -45.25 11.94 2.70
C ASP D 148 -46.21 11.39 1.64
N ILE D 149 -47.33 10.79 2.06
CA ILE D 149 -48.29 10.30 1.08
C ILE D 149 -48.81 11.46 0.26
N GLU D 150 -49.08 12.61 0.91
CA GLU D 150 -49.57 13.78 0.20
C GLU D 150 -48.53 14.30 -0.78
N ILE D 151 -47.25 14.34 -0.38
CA ILE D 151 -46.22 14.85 -1.27
C ILE D 151 -46.18 14.03 -2.56
N HIS D 152 -46.32 12.71 -2.46
CA HIS D 152 -46.20 11.87 -3.64
C HIS D 152 -47.50 11.84 -4.43
N ALA D 153 -48.63 11.86 -3.74
CA ALA D 153 -49.90 11.86 -4.43
C ALA D 153 -50.03 13.12 -5.26
N ARG D 154 -49.65 14.27 -4.69
CA ARG D 154 -49.65 15.52 -5.47
C ARG D 154 -48.80 15.36 -6.73
N GLU D 155 -47.58 14.85 -6.55
CA GLU D 155 -46.68 14.73 -7.67
C GLU D 155 -47.26 13.85 -8.78
N ILE D 156 -47.87 12.71 -8.45
CA ILE D 156 -48.41 11.86 -9.52
C ILE D 156 -49.60 12.54 -10.17
N LEU D 157 -50.36 13.33 -9.41
CA LEU D 157 -51.39 14.17 -10.02
C LEU D 157 -50.79 15.24 -10.94
N LYS D 158 -49.63 15.80 -10.58
CA LYS D 158 -49.03 16.83 -11.44
C LYS D 158 -48.50 16.22 -12.73
N VAL D 159 -47.91 15.03 -12.62
CA VAL D 159 -47.43 14.32 -13.80
C VAL D 159 -48.63 13.93 -14.68
N LYS D 160 -49.74 13.53 -14.05
CA LYS D 160 -50.95 13.25 -14.81
C LYS D 160 -51.41 14.49 -15.57
N GLY D 161 -51.36 15.66 -14.93
CA GLY D 161 -51.70 16.89 -15.61
C GLY D 161 -50.76 17.23 -16.75
N ARG D 162 -49.46 16.99 -16.57
CA ARG D 162 -48.53 17.25 -17.66
C ARG D 162 -48.68 16.25 -18.79
N MET D 163 -49.04 14.99 -18.49
CA MET D 163 -49.23 14.01 -19.55
C MET D 163 -50.43 14.38 -20.40
N ASN D 164 -51.57 14.68 -19.75
CA ASN D 164 -52.78 15.05 -20.49
C ASN D 164 -52.54 16.27 -21.36
N GLU D 165 -51.77 17.25 -20.87
CA GLU D 165 -51.45 18.43 -21.68
C GLU D 165 -50.66 18.02 -22.92
N LEU D 166 -49.54 17.33 -22.73
CA LEU D 166 -48.69 16.97 -23.86
C LEU D 166 -49.43 16.06 -24.82
N MET D 167 -50.38 15.31 -24.30
CA MET D 167 -51.25 14.48 -25.11
C MET D 167 -52.25 15.34 -25.89
N ALA D 168 -52.86 16.33 -25.23
CA ALA D 168 -53.75 17.27 -25.91
C ALA D 168 -53.01 17.99 -27.02
N LEU D 169 -51.77 18.37 -26.78
CA LEU D 169 -50.97 19.07 -27.76
C LEU D 169 -50.76 18.21 -29.00
N HIS D 170 -50.19 17.01 -28.82
CA HIS D 170 -49.71 16.21 -29.96
C HIS D 170 -50.85 15.63 -30.78
N THR D 171 -52.01 15.40 -30.15
CA THR D 171 -53.16 14.83 -30.82
C THR D 171 -54.07 15.88 -31.43
N GLY D 172 -53.99 17.13 -30.96
CA GLY D 172 -54.91 18.16 -31.38
C GLY D 172 -56.24 18.10 -30.70
N GLN D 173 -56.36 17.34 -29.63
CA GLN D 173 -57.58 17.29 -28.84
C GLN D 173 -57.54 18.34 -27.75
N SER D 174 -58.72 18.65 -27.21
CA SER D 174 -58.76 19.54 -26.07
C SER D 174 -58.28 18.81 -24.82
N LEU D 175 -57.84 19.59 -23.82
CA LEU D 175 -57.46 19.05 -22.53
C LEU D 175 -58.57 18.21 -21.93
N GLU D 176 -59.80 18.74 -21.95
CA GLU D 176 -60.93 18.08 -21.29
C GLU D 176 -61.23 16.74 -21.94
N GLN D 177 -61.11 16.66 -23.27
CA GLN D 177 -61.34 15.40 -23.96
C GLN D 177 -60.28 14.36 -23.60
N ILE D 178 -59.01 14.75 -23.58
CA ILE D 178 -57.95 13.83 -23.17
C ILE D 178 -58.20 13.35 -21.74
N GLU D 179 -58.64 14.24 -20.86
CA GLU D 179 -58.95 13.87 -19.50
C GLU D 179 -60.03 12.80 -19.43
N ARG D 180 -61.17 13.04 -20.07
CA ARG D 180 -62.26 12.06 -20.02
C ARG D 180 -61.85 10.72 -20.62
N ASP D 181 -61.14 10.75 -21.74
CA ASP D 181 -60.81 9.53 -22.43
C ASP D 181 -59.71 8.72 -21.75
N THR D 182 -58.98 9.30 -20.80
CA THR D 182 -57.91 8.56 -20.15
C THR D 182 -58.19 8.19 -18.70
N GLU D 183 -59.34 8.59 -18.16
CA GLU D 183 -59.67 8.17 -16.79
C GLU D 183 -59.62 6.65 -16.66
N ARG D 184 -59.97 5.94 -17.72
CA ARG D 184 -59.95 4.50 -17.72
C ARG D 184 -59.30 4.03 -19.01
N ASP D 185 -58.93 2.75 -19.03
CA ASP D 185 -58.33 2.16 -20.22
C ASP D 185 -59.23 2.38 -21.42
N ARG D 186 -58.61 2.82 -22.53
CA ARG D 186 -59.31 3.14 -23.76
C ARG D 186 -58.49 2.58 -24.90
N PHE D 187 -59.09 1.69 -25.68
CA PHE D 187 -58.39 1.12 -26.82
C PHE D 187 -58.74 1.88 -28.09
N LEU D 188 -57.79 1.92 -29.02
CA LEU D 188 -57.97 2.52 -30.33
C LEU D 188 -57.38 1.59 -31.38
N SER D 189 -58.22 1.16 -32.32
CA SER D 189 -57.71 0.52 -33.52
C SER D 189 -56.81 1.49 -34.29
N ALA D 190 -56.06 0.95 -35.26
CA ALA D 190 -55.28 1.82 -36.14
C ALA D 190 -56.12 2.92 -36.77
N PRO D 191 -57.31 2.64 -37.36
CA PRO D 191 -58.14 3.75 -37.88
C PRO D 191 -58.58 4.73 -36.81
N GLU D 192 -59.05 4.26 -35.66
CA GLU D 192 -59.50 5.19 -34.63
C GLU D 192 -58.34 6.03 -34.11
N ALA D 193 -57.11 5.51 -34.14
CA ALA D 193 -55.97 6.32 -33.76
C ALA D 193 -55.72 7.45 -34.76
N VAL D 194 -56.00 7.21 -36.04
CA VAL D 194 -55.77 8.28 -37.02
C VAL D 194 -56.78 9.40 -36.82
N GLU D 195 -58.05 9.03 -36.62
CA GLU D 195 -59.14 9.98 -36.45
C GLU D 195 -59.08 10.67 -35.10
N TYR D 196 -58.23 10.20 -34.19
CA TYR D 196 -58.07 10.81 -32.89
C TYR D 196 -56.87 11.76 -32.83
N GLY D 197 -55.99 11.70 -33.82
CA GLY D 197 -54.77 12.50 -33.83
C GLY D 197 -53.57 11.84 -33.18
N LEU D 198 -53.72 10.65 -32.59
CA LEU D 198 -52.56 9.93 -32.09
C LEU D 198 -51.52 9.76 -33.18
N VAL D 199 -51.94 9.30 -34.36
CA VAL D 199 -51.05 9.06 -35.49
C VAL D 199 -51.64 9.73 -36.72
N ASP D 200 -50.76 10.00 -37.69
CA ASP D 200 -51.17 10.72 -38.88
C ASP D 200 -51.86 9.81 -39.89
N SER D 201 -51.35 8.60 -40.13
CA SER D 201 -51.99 7.70 -41.09
C SER D 201 -51.55 6.27 -40.85
N ILE D 202 -52.37 5.34 -41.34
CA ILE D 202 -51.99 3.93 -41.40
C ILE D 202 -50.90 3.72 -42.45
N LEU D 203 -50.24 2.56 -42.40
CA LEU D 203 -49.20 2.17 -43.35
C LEU D 203 -49.51 0.76 -43.82
N THR D 204 -49.98 0.60 -45.06
CA THR D 204 -50.42 -0.73 -45.48
C THR D 204 -49.36 -1.48 -46.30
N HIS D 205 -48.91 -0.93 -47.44
CA HIS D 205 -47.86 -1.59 -48.21
C HIS D 205 -46.79 -0.60 -48.60
N ARG D 206 -45.53 -1.06 -48.59
CA ARG D 206 -44.43 -0.28 -49.12
C ARG D 206 -44.73 0.13 -50.55
N ASN D 207 -44.81 1.43 -50.77
CA ASN D 207 -45.11 2.01 -52.07
C ASN D 207 -43.94 1.76 -53.03
N VAL E 17 -24.36 -21.74 -30.44
CA VAL E 17 -24.49 -21.25 -31.80
C VAL E 17 -23.35 -21.85 -32.61
N PRO E 18 -23.56 -22.27 -33.88
CA PRO E 18 -22.44 -22.79 -34.68
C PRO E 18 -22.07 -21.90 -35.86
N MET E 19 -20.77 -21.60 -36.04
CA MET E 19 -20.29 -20.68 -37.06
C MET E 19 -20.18 -21.37 -38.42
N VAL E 20 -20.10 -20.53 -39.47
CA VAL E 20 -19.70 -20.99 -40.80
C VAL E 20 -18.71 -19.99 -41.37
N PHE E 31 -20.23 -15.52 -38.99
CA PHE E 31 -21.66 -15.83 -39.08
C PHE E 31 -21.99 -17.16 -38.40
N ASP E 32 -22.96 -17.13 -37.50
CA ASP E 32 -23.58 -18.38 -37.04
C ASP E 32 -24.58 -18.89 -38.09
N ILE E 33 -25.11 -20.08 -37.85
CA ILE E 33 -25.84 -20.79 -38.91
C ILE E 33 -27.13 -20.07 -39.26
N TYR E 34 -27.78 -19.40 -38.31
CA TYR E 34 -28.93 -18.57 -38.67
C TYR E 34 -28.49 -17.36 -39.47
N SER E 35 -27.36 -16.75 -39.11
CA SER E 35 -26.82 -15.68 -39.93
C SER E 35 -26.55 -16.16 -41.36
N ARG E 36 -26.05 -17.40 -41.50
CA ARG E 36 -25.79 -17.96 -42.82
C ARG E 36 -27.08 -18.15 -43.62
N LEU E 37 -28.09 -18.74 -43.01
CA LEU E 37 -29.36 -18.86 -43.71
C LEU E 37 -30.10 -17.54 -43.87
N LEU E 38 -29.71 -16.50 -43.13
CA LEU E 38 -30.34 -15.20 -43.34
C LEU E 38 -29.92 -14.58 -44.66
N LYS E 39 -28.66 -14.79 -45.07
CA LYS E 39 -28.22 -14.28 -46.37
C LYS E 39 -28.73 -15.11 -47.53
N GLU E 40 -29.46 -16.19 -47.25
CA GLU E 40 -30.29 -16.88 -48.22
C GLU E 40 -31.77 -16.60 -48.01
N ARG E 41 -32.11 -15.63 -47.15
CA ARG E 41 -33.46 -15.12 -46.95
C ARG E 41 -34.37 -16.16 -46.28
N VAL E 42 -33.78 -16.96 -45.40
CA VAL E 42 -34.52 -17.84 -44.51
C VAL E 42 -34.55 -17.20 -43.14
N ILE E 43 -35.76 -17.03 -42.59
CA ILE E 43 -36.01 -16.58 -41.22
C ILE E 43 -36.76 -17.68 -40.48
N PHE E 44 -36.48 -17.83 -39.19
CA PHE E 44 -37.04 -18.90 -38.38
C PHE E 44 -37.91 -18.31 -37.28
N LEU E 45 -39.21 -18.61 -37.33
CA LEU E 45 -40.14 -18.36 -36.23
C LEU E 45 -40.30 -19.67 -35.46
N THR E 46 -39.70 -19.75 -34.28
CA THR E 46 -39.56 -20.99 -33.52
C THR E 46 -39.89 -20.77 -32.06
N GLY E 47 -40.80 -21.60 -31.52
CA GLY E 47 -41.20 -21.48 -30.14
C GLY E 47 -42.33 -20.49 -29.94
N GLN E 48 -42.43 -20.01 -28.71
CA GLN E 48 -43.53 -19.14 -28.31
C GLN E 48 -43.40 -17.80 -29.00
N VAL E 49 -44.55 -17.20 -29.34
CA VAL E 49 -44.55 -15.85 -29.90
C VAL E 49 -44.68 -14.85 -28.75
N GLU E 50 -43.70 -13.95 -28.65
CA GLU E 50 -43.69 -12.84 -27.69
C GLU E 50 -42.91 -11.70 -28.32
N ASP E 51 -42.95 -10.55 -27.63
CA ASP E 51 -42.45 -9.30 -28.21
C ASP E 51 -41.01 -9.40 -28.72
N HIS E 52 -40.13 -10.01 -27.96
CA HIS E 52 -38.73 -9.91 -28.32
C HIS E 52 -38.34 -10.86 -29.44
N MET E 53 -38.84 -12.11 -29.42
CA MET E 53 -38.60 -12.95 -30.59
C MET E 53 -39.35 -12.45 -31.82
N ALA E 54 -40.54 -11.84 -31.63
CA ALA E 54 -41.28 -11.28 -32.76
C ALA E 54 -40.58 -10.07 -33.32
N ASN E 55 -40.13 -9.17 -32.45
CA ASN E 55 -39.37 -8.03 -32.92
C ASN E 55 -38.13 -8.49 -33.69
N LEU E 56 -37.51 -9.60 -33.26
CA LEU E 56 -36.35 -10.10 -33.97
C LEU E 56 -36.72 -10.56 -35.38
N ILE E 57 -37.88 -11.19 -35.53
CA ILE E 57 -38.31 -11.60 -36.87
C ILE E 57 -38.60 -10.38 -37.73
N VAL E 58 -39.29 -9.38 -37.18
CA VAL E 58 -39.59 -8.15 -37.93
C VAL E 58 -38.29 -7.51 -38.42
N ALA E 59 -37.30 -7.41 -37.55
CA ALA E 59 -36.07 -6.77 -37.97
C ALA E 59 -35.38 -7.55 -39.09
N GLN E 60 -35.53 -8.88 -39.10
CA GLN E 60 -34.95 -9.67 -40.18
C GLN E 60 -35.67 -9.42 -41.51
N MET E 61 -37.00 -9.29 -41.48
CA MET E 61 -37.74 -8.98 -42.71
C MET E 61 -37.33 -7.62 -43.27
N LEU E 62 -37.31 -6.58 -42.43
CA LEU E 62 -36.88 -5.27 -42.91
C LEU E 62 -35.47 -5.32 -43.49
N PHE E 63 -34.57 -6.05 -42.85
CA PHE E 63 -33.22 -6.16 -43.37
C PHE E 63 -33.22 -6.89 -44.70
N LEU E 64 -33.92 -8.04 -44.78
CA LEU E 64 -34.04 -8.77 -46.03
C LEU E 64 -34.76 -7.96 -47.11
N GLU E 65 -35.66 -7.04 -46.72
CA GLU E 65 -36.29 -6.18 -47.71
C GLU E 65 -35.32 -5.12 -48.22
N ALA E 66 -34.57 -4.49 -47.30
CA ALA E 66 -33.53 -3.58 -47.74
C ALA E 66 -32.54 -4.26 -48.66
N GLU E 67 -32.10 -5.48 -48.30
CA GLU E 67 -31.01 -6.15 -49.00
C GLU E 67 -31.34 -6.46 -50.46
N ASN E 68 -32.61 -6.48 -50.82
CA ASN E 68 -33.11 -6.97 -52.10
C ASN E 68 -34.61 -7.06 -51.92
N PRO E 69 -35.36 -6.06 -52.37
CA PRO E 69 -36.83 -6.12 -52.25
C PRO E 69 -37.50 -6.97 -53.31
N GLU E 70 -36.74 -7.62 -54.20
CA GLU E 70 -37.30 -8.38 -55.31
C GLU E 70 -37.24 -9.89 -55.11
N LYS E 71 -36.51 -10.37 -54.10
CA LYS E 71 -36.45 -11.80 -53.85
C LYS E 71 -37.37 -12.18 -52.69
N ASP E 72 -37.91 -13.39 -52.77
CA ASP E 72 -38.83 -13.85 -51.75
C ASP E 72 -38.12 -14.05 -50.42
N ILE E 73 -38.85 -13.88 -49.33
CA ILE E 73 -38.38 -14.26 -48.01
C ILE E 73 -39.04 -15.57 -47.62
N TYR E 74 -38.25 -16.44 -46.99
CA TYR E 74 -38.70 -17.75 -46.55
C TYR E 74 -38.85 -17.76 -45.03
N LEU E 75 -40.09 -17.91 -44.53
CA LEU E 75 -40.38 -17.91 -43.11
C LEU E 75 -40.79 -19.31 -42.65
N TYR E 76 -39.87 -20.00 -41.99
CA TYR E 76 -40.18 -21.28 -41.37
C TYR E 76 -40.86 -21.05 -40.05
N ILE E 77 -41.97 -21.74 -39.82
CA ILE E 77 -42.76 -21.59 -38.61
C ILE E 77 -42.81 -22.94 -37.91
N ASN E 78 -42.23 -23.01 -36.70
CA ASN E 78 -42.51 -24.09 -35.75
C ASN E 78 -42.87 -23.43 -34.44
N SER E 79 -44.17 -23.24 -34.21
CA SER E 79 -44.58 -22.46 -33.07
C SER E 79 -45.85 -23.05 -32.49
N PRO E 80 -46.04 -22.92 -31.17
CA PRO E 80 -47.31 -23.27 -30.51
C PRO E 80 -48.29 -22.12 -30.36
N GLY E 81 -47.98 -20.93 -30.84
CA GLY E 81 -48.77 -19.75 -30.54
C GLY E 81 -48.04 -18.81 -29.60
N GLY E 82 -48.79 -17.86 -29.08
CA GLY E 82 -48.25 -16.89 -28.13
C GLY E 82 -49.04 -15.60 -28.17
N VAL E 83 -48.33 -14.51 -27.88
CA VAL E 83 -48.99 -13.23 -27.61
C VAL E 83 -49.51 -12.62 -28.91
N ILE E 84 -50.81 -12.33 -28.92
CA ILE E 84 -51.50 -11.92 -30.15
C ILE E 84 -50.90 -10.63 -30.72
N THR E 85 -50.68 -9.62 -29.87
CA THR E 85 -50.16 -8.37 -30.43
C THR E 85 -48.73 -8.53 -30.92
N ALA E 86 -47.94 -9.44 -30.34
CA ALA E 86 -46.61 -9.70 -30.89
C ALA E 86 -46.71 -10.42 -32.22
N GLY E 87 -47.67 -11.32 -32.37
CA GLY E 87 -47.89 -11.93 -33.66
C GLY E 87 -48.32 -10.94 -34.74
N MET E 88 -49.15 -9.96 -34.37
CA MET E 88 -49.63 -9.00 -35.36
C MET E 88 -48.56 -8.02 -35.82
N SER E 89 -47.48 -7.83 -35.06
CA SER E 89 -46.38 -7.06 -35.62
C SER E 89 -45.69 -7.84 -36.72
N ILE E 90 -45.65 -9.16 -36.61
CA ILE E 90 -45.08 -9.97 -37.68
C ILE E 90 -46.01 -9.97 -38.87
N TYR E 91 -47.31 -10.18 -38.63
CA TYR E 91 -48.29 -10.19 -39.69
C TYR E 91 -48.23 -8.91 -40.52
N ASP E 92 -48.44 -7.76 -39.86
CA ASP E 92 -48.40 -6.50 -40.58
C ASP E 92 -47.06 -6.30 -41.29
N THR E 93 -45.96 -6.80 -40.74
CA THR E 93 -44.70 -6.62 -41.46
C THR E 93 -44.63 -7.49 -42.71
N MET E 94 -45.17 -8.71 -42.65
CA MET E 94 -45.16 -9.52 -43.86
C MET E 94 -46.02 -8.86 -44.93
N GLN E 95 -47.22 -8.40 -44.56
CA GLN E 95 -48.04 -7.80 -45.60
C GLN E 95 -47.43 -6.50 -46.11
N PHE E 96 -46.71 -5.80 -45.23
CA PHE E 96 -46.27 -4.46 -45.57
C PHE E 96 -45.10 -4.48 -46.54
N ILE E 97 -44.08 -5.29 -46.26
CA ILE E 97 -42.86 -5.22 -47.06
C ILE E 97 -43.14 -5.61 -48.51
N LYS E 98 -42.42 -4.97 -49.43
CA LYS E 98 -42.52 -5.30 -50.85
C LYS E 98 -42.27 -6.78 -51.15
N PRO E 99 -41.25 -7.45 -50.59
CA PRO E 99 -41.06 -8.87 -50.89
C PRO E 99 -42.27 -9.73 -50.52
N ASP E 100 -42.43 -10.81 -51.26
CA ASP E 100 -43.37 -11.83 -50.86
C ASP E 100 -42.76 -12.61 -49.70
N VAL E 101 -43.61 -13.02 -48.75
CA VAL E 101 -43.16 -13.87 -47.67
C VAL E 101 -43.79 -15.24 -47.87
N SER E 102 -42.95 -16.21 -48.25
CA SER E 102 -43.37 -17.60 -48.34
C SER E 102 -43.16 -18.27 -47.00
N THR E 103 -44.18 -18.99 -46.53
CA THR E 103 -44.14 -19.62 -45.22
C THR E 103 -44.19 -21.13 -45.36
N ILE E 104 -43.34 -21.79 -44.56
CA ILE E 104 -43.24 -23.25 -44.48
C ILE E 104 -43.42 -23.66 -43.02
N CYS E 105 -44.41 -24.49 -42.75
CA CYS E 105 -44.64 -25.01 -41.41
C CYS E 105 -43.96 -26.36 -41.25
N MET E 106 -43.06 -26.48 -40.27
CA MET E 106 -42.26 -27.70 -40.18
C MET E 106 -42.65 -28.61 -39.02
N GLY E 107 -42.72 -28.13 -37.80
CA GLY E 107 -43.10 -29.08 -36.77
C GLY E 107 -44.57 -28.97 -36.48
N GLN E 108 -44.97 -27.80 -35.98
CA GLN E 108 -46.36 -27.43 -35.83
C GLN E 108 -46.49 -25.95 -36.06
N ALA E 109 -47.69 -25.53 -36.42
CA ALA E 109 -48.06 -24.12 -36.41
C ALA E 109 -49.43 -24.11 -35.77
N ALA E 110 -49.49 -23.71 -34.49
CA ALA E 110 -50.72 -23.70 -33.72
C ALA E 110 -51.07 -22.28 -33.29
N SER E 111 -52.36 -21.94 -33.33
CA SER E 111 -52.89 -20.60 -32.97
C SER E 111 -52.17 -19.51 -33.76
N MET E 112 -51.62 -18.49 -33.10
CA MET E 112 -50.84 -17.46 -33.80
C MET E 112 -49.85 -18.06 -34.76
N GLY E 113 -49.33 -19.25 -34.45
CA GLY E 113 -48.46 -19.95 -35.38
C GLY E 113 -49.18 -20.27 -36.67
N ALA E 114 -50.37 -20.87 -36.56
CA ALA E 114 -51.12 -21.17 -37.77
C ALA E 114 -51.48 -19.90 -38.51
N PHE E 115 -51.86 -18.85 -37.78
CA PHE E 115 -52.27 -17.60 -38.40
C PHE E 115 -51.15 -17.02 -39.28
N LEU E 116 -49.96 -16.87 -38.72
CA LEU E 116 -48.85 -16.38 -39.54
C LEU E 116 -48.53 -17.32 -40.67
N LEU E 117 -48.80 -18.62 -40.51
CA LEU E 117 -48.56 -19.56 -41.61
C LEU E 117 -49.51 -19.26 -42.77
N THR E 118 -50.80 -19.14 -42.48
CA THR E 118 -51.79 -18.85 -43.51
C THR E 118 -51.65 -17.43 -44.08
N ALA E 119 -50.88 -16.56 -43.43
CA ALA E 119 -50.75 -15.19 -43.91
C ALA E 119 -49.62 -15.01 -44.91
N GLY E 120 -48.90 -16.07 -45.24
CA GLY E 120 -47.91 -15.98 -46.29
C GLY E 120 -48.51 -15.69 -47.65
N ALA E 121 -47.65 -15.19 -48.54
CA ALA E 121 -48.03 -14.96 -49.93
C ALA E 121 -48.77 -16.15 -50.49
N LYS E 122 -50.00 -15.89 -50.98
CA LYS E 122 -50.79 -16.94 -51.64
C LYS E 122 -49.97 -17.71 -52.65
N GLY E 123 -50.21 -19.02 -52.72
CA GLY E 123 -49.42 -19.92 -53.54
C GLY E 123 -48.09 -20.36 -52.96
N LYS E 124 -47.56 -19.65 -51.93
CA LYS E 124 -46.25 -19.96 -51.36
C LYS E 124 -46.35 -20.28 -49.87
N ARG E 125 -47.39 -21.01 -49.48
CA ARG E 125 -47.59 -21.46 -48.10
C ARG E 125 -47.61 -22.98 -48.10
N PHE E 126 -46.66 -23.59 -47.39
CA PHE E 126 -46.49 -25.03 -47.42
C PHE E 126 -46.46 -25.63 -46.02
N CYS E 127 -46.93 -26.88 -45.93
CA CYS E 127 -46.69 -27.76 -44.81
C CYS E 127 -45.72 -28.84 -45.25
N LEU E 128 -44.74 -29.14 -44.41
CA LEU E 128 -44.04 -30.41 -44.59
C LEU E 128 -45.00 -31.54 -44.23
N PRO E 129 -44.79 -32.74 -44.77
CA PRO E 129 -45.87 -33.75 -44.77
C PRO E 129 -46.36 -34.13 -43.38
N ASN E 130 -45.54 -34.03 -42.34
CA ASN E 130 -45.94 -34.50 -41.02
C ASN E 130 -46.07 -33.37 -40.02
N SER E 131 -45.97 -32.13 -40.46
CA SER E 131 -46.38 -31.03 -39.61
C SER E 131 -47.87 -31.11 -39.34
N ARG E 132 -48.29 -30.52 -38.24
CA ARG E 132 -49.71 -30.36 -37.95
C ARG E 132 -50.01 -28.88 -37.71
N VAL E 133 -51.28 -28.54 -37.76
CA VAL E 133 -51.76 -27.18 -37.61
C VAL E 133 -52.86 -27.20 -36.58
N MET E 134 -52.92 -26.18 -35.74
CA MET E 134 -54.05 -26.03 -34.84
C MET E 134 -54.51 -24.57 -34.87
N ILE E 135 -55.82 -24.40 -34.75
CA ILE E 135 -56.45 -23.11 -34.78
C ILE E 135 -57.54 -23.09 -33.72
N HIS E 136 -57.78 -21.89 -33.17
CA HIS E 136 -58.81 -21.68 -32.17
C HIS E 136 -59.07 -20.20 -32.01
N GLN E 137 -59.56 -19.79 -30.85
CA GLN E 137 -59.96 -18.41 -30.63
C GLN E 137 -59.03 -17.74 -29.62
N PRO E 138 -59.02 -16.40 -29.57
CA PRO E 138 -58.11 -15.73 -28.65
C PRO E 138 -58.35 -16.18 -27.22
N LEU E 139 -57.26 -16.23 -26.47
CA LEU E 139 -57.28 -16.39 -25.03
C LEU E 139 -56.84 -15.08 -24.39
N GLY E 140 -57.31 -14.87 -23.17
CA GLY E 140 -56.96 -13.66 -22.46
C GLY E 140 -57.35 -13.72 -21.01
N GLY E 141 -57.30 -12.55 -20.38
CA GLY E 141 -57.66 -12.49 -18.99
C GLY E 141 -57.44 -11.09 -18.45
N TYR E 142 -58.41 -10.62 -17.68
CA TYR E 142 -58.29 -9.37 -16.98
C TYR E 142 -58.62 -9.56 -15.51
N GLN E 143 -58.25 -8.57 -14.73
CA GLN E 143 -58.51 -8.56 -13.29
C GLN E 143 -58.78 -7.12 -12.89
N GLY E 144 -59.82 -6.90 -12.11
CA GLY E 144 -60.08 -5.54 -11.71
C GLY E 144 -61.57 -5.26 -11.55
N GLN E 145 -61.90 -3.97 -11.65
CA GLN E 145 -63.27 -3.54 -11.42
C GLN E 145 -64.15 -3.92 -12.60
N ALA E 146 -65.42 -4.18 -12.30
CA ALA E 146 -66.39 -4.50 -13.34
C ALA E 146 -66.26 -3.59 -14.55
N THR E 147 -66.19 -2.27 -14.32
CA THR E 147 -66.13 -1.31 -15.42
C THR E 147 -64.95 -1.56 -16.36
N ASP E 148 -63.77 -1.84 -15.82
CA ASP E 148 -62.63 -2.13 -16.69
C ASP E 148 -62.68 -3.56 -17.24
N ILE E 149 -63.22 -4.51 -16.49
CA ILE E 149 -63.44 -5.84 -17.05
C ILE E 149 -64.22 -5.74 -18.36
N GLU E 150 -65.27 -4.89 -18.36
CA GLU E 150 -66.10 -4.76 -19.55
C GLU E 150 -65.32 -4.16 -20.72
N ILE E 151 -64.51 -3.13 -20.45
CA ILE E 151 -63.65 -2.54 -21.47
C ILE E 151 -62.78 -3.63 -22.09
N HIS E 152 -62.12 -4.44 -21.24
CA HIS E 152 -61.19 -5.44 -21.75
C HIS E 152 -61.94 -6.60 -22.38
N ALA E 153 -63.08 -6.99 -21.82
CA ALA E 153 -63.82 -8.09 -22.43
C ALA E 153 -64.26 -7.71 -23.83
N ARG E 154 -64.76 -6.48 -23.98
CA ARG E 154 -65.16 -5.99 -25.31
C ARG E 154 -63.96 -5.92 -26.24
N GLU E 155 -62.80 -5.56 -25.72
CA GLU E 155 -61.63 -5.50 -26.60
C GLU E 155 -61.34 -6.88 -27.20
N ILE E 156 -61.16 -7.90 -26.35
CA ILE E 156 -60.75 -9.21 -26.88
C ILE E 156 -61.79 -9.77 -27.83
N LEU E 157 -63.09 -9.50 -27.58
CA LEU E 157 -64.12 -9.85 -28.56
C LEU E 157 -63.86 -9.21 -29.93
N LYS E 158 -63.43 -7.94 -29.95
CA LYS E 158 -63.07 -7.29 -31.20
C LYS E 158 -61.83 -7.92 -31.81
N VAL E 159 -60.78 -8.12 -31.02
CA VAL E 159 -59.62 -8.88 -31.48
C VAL E 159 -60.06 -10.20 -32.11
N LYS E 160 -61.01 -10.89 -31.47
CA LYS E 160 -61.53 -12.14 -32.01
C LYS E 160 -62.13 -11.92 -33.39
N GLY E 161 -62.93 -10.85 -33.53
CA GLY E 161 -63.60 -10.60 -34.79
C GLY E 161 -62.64 -10.30 -35.91
N ARG E 162 -61.54 -9.60 -35.59
CA ARG E 162 -60.55 -9.29 -36.62
C ARG E 162 -59.74 -10.53 -36.99
N MET E 163 -59.36 -11.33 -36.00
CA MET E 163 -58.64 -12.56 -36.28
C MET E 163 -59.50 -13.50 -37.14
N ASN E 164 -60.78 -13.64 -36.82
CA ASN E 164 -61.64 -14.48 -37.65
C ASN E 164 -61.72 -13.95 -39.08
N GLU E 165 -61.84 -12.62 -39.24
CA GLU E 165 -61.90 -12.02 -40.56
C GLU E 165 -60.65 -12.30 -41.37
N LEU E 166 -59.48 -11.97 -40.80
CA LEU E 166 -58.23 -12.18 -41.52
C LEU E 166 -58.06 -13.63 -41.93
N MET E 167 -58.54 -14.57 -41.10
CA MET E 167 -58.38 -15.99 -41.41
C MET E 167 -59.27 -16.39 -42.57
N ALA E 168 -60.55 -16.01 -42.51
CA ALA E 168 -61.46 -16.18 -43.65
C ALA E 168 -60.84 -15.61 -44.93
N LEU E 169 -60.40 -14.35 -44.87
CA LEU E 169 -59.70 -13.75 -45.99
C LEU E 169 -58.58 -14.64 -46.52
N HIS E 170 -57.68 -15.07 -45.64
CA HIS E 170 -56.50 -15.79 -46.13
C HIS E 170 -56.79 -17.23 -46.52
N THR E 171 -57.77 -17.88 -45.89
CA THR E 171 -58.10 -19.26 -46.24
C THR E 171 -59.14 -19.35 -47.33
N GLY E 172 -59.96 -18.31 -47.50
CA GLY E 172 -61.11 -18.41 -48.36
C GLY E 172 -62.31 -19.10 -47.73
N GLN E 173 -62.24 -19.47 -46.46
CA GLN E 173 -63.45 -19.92 -45.82
C GLN E 173 -64.36 -18.73 -45.57
N SER E 174 -65.64 -19.01 -45.40
CA SER E 174 -66.57 -17.98 -45.00
C SER E 174 -66.28 -17.59 -43.57
N LEU E 175 -66.50 -16.31 -43.25
CA LEU E 175 -66.36 -15.89 -41.87
C LEU E 175 -67.10 -16.84 -40.94
N GLU E 176 -68.28 -17.28 -41.35
CA GLU E 176 -69.08 -18.18 -40.51
C GLU E 176 -68.39 -19.52 -40.31
N GLN E 177 -67.78 -20.05 -41.38
CA GLN E 177 -67.03 -21.30 -41.23
C GLN E 177 -65.88 -21.10 -40.23
N ILE E 178 -65.09 -20.04 -40.41
CA ILE E 178 -64.00 -19.75 -39.50
C ILE E 178 -64.50 -19.66 -38.05
N GLU E 179 -65.69 -19.08 -37.85
CA GLU E 179 -66.23 -18.94 -36.50
C GLU E 179 -66.52 -20.30 -35.88
N ARG E 180 -67.16 -21.19 -36.65
CA ARG E 180 -67.47 -22.53 -36.17
C ARG E 180 -66.21 -23.28 -35.79
N ASP E 181 -65.19 -23.22 -36.64
CA ASP E 181 -64.06 -24.11 -36.45
C ASP E 181 -63.05 -23.62 -35.44
N THR E 182 -63.19 -22.39 -34.92
CA THR E 182 -62.24 -21.85 -33.96
C THR E 182 -62.79 -21.68 -32.55
N GLU E 183 -64.08 -21.95 -32.33
CA GLU E 183 -64.61 -21.91 -30.97
C GLU E 183 -63.81 -22.78 -30.02
N ARG E 184 -63.45 -23.98 -30.46
CA ARG E 184 -62.66 -24.93 -29.69
C ARG E 184 -61.44 -25.36 -30.49
N ASP E 185 -60.46 -25.93 -29.80
CA ASP E 185 -59.26 -26.36 -30.50
C ASP E 185 -59.63 -27.30 -31.63
N ARG E 186 -58.98 -27.10 -32.77
CA ARG E 186 -59.20 -27.95 -33.92
C ARG E 186 -57.86 -28.21 -34.59
N PHE E 187 -57.46 -29.48 -34.66
CA PHE E 187 -56.23 -29.85 -35.36
C PHE E 187 -56.51 -30.16 -36.83
N LEU E 188 -55.60 -29.70 -37.69
CA LEU E 188 -55.59 -30.02 -39.11
C LEU E 188 -54.26 -30.68 -39.42
N SER E 189 -54.30 -31.87 -40.00
CA SER E 189 -53.11 -32.46 -40.59
C SER E 189 -52.68 -31.63 -41.81
N ALA E 190 -51.47 -31.91 -42.31
CA ALA E 190 -51.00 -31.21 -43.50
C ALA E 190 -51.94 -31.35 -44.69
N PRO E 191 -52.45 -32.55 -45.05
CA PRO E 191 -53.46 -32.60 -46.13
C PRO E 191 -54.70 -31.77 -45.82
N GLU E 192 -55.22 -31.90 -44.60
CA GLU E 192 -56.42 -31.16 -44.22
C GLU E 192 -56.20 -29.66 -44.31
N ALA E 193 -54.99 -29.19 -43.96
CA ALA E 193 -54.68 -27.76 -44.06
C ALA E 193 -54.72 -27.29 -45.52
N VAL E 194 -54.19 -28.11 -46.42
CA VAL E 194 -54.27 -27.81 -47.84
C VAL E 194 -55.73 -27.70 -48.28
N GLU E 195 -56.57 -28.64 -47.83
CA GLU E 195 -57.97 -28.61 -48.21
C GLU E 195 -58.68 -27.42 -47.57
N TYR E 196 -58.31 -27.03 -46.36
CA TYR E 196 -58.99 -25.92 -45.69
C TYR E 196 -58.67 -24.54 -46.29
N GLY E 197 -57.68 -24.44 -47.14
CA GLY E 197 -57.20 -23.15 -47.58
C GLY E 197 -56.11 -22.58 -46.71
N LEU E 198 -55.71 -23.29 -45.67
CA LEU E 198 -54.75 -22.73 -44.72
C LEU E 198 -53.34 -22.64 -45.31
N VAL E 199 -52.97 -23.61 -46.15
CA VAL E 199 -51.75 -23.54 -46.96
C VAL E 199 -52.12 -23.95 -48.39
N ASP E 200 -51.16 -23.75 -49.30
CA ASP E 200 -51.36 -23.97 -50.73
C ASP E 200 -50.92 -25.37 -51.19
N SER E 201 -49.80 -25.87 -50.70
CA SER E 201 -49.33 -27.21 -51.06
C SER E 201 -48.58 -27.80 -49.89
N ILE E 202 -48.51 -29.12 -49.88
CA ILE E 202 -47.56 -29.83 -49.04
C ILE E 202 -46.20 -29.81 -49.73
N LEU E 203 -45.14 -29.92 -48.95
CA LEU E 203 -43.77 -29.88 -49.45
C LEU E 203 -43.09 -31.21 -49.14
N THR E 204 -42.90 -32.06 -50.16
CA THR E 204 -42.53 -33.44 -49.86
C THR E 204 -41.04 -33.71 -50.05
N HIS E 205 -40.58 -33.85 -51.29
CA HIS E 205 -39.16 -34.00 -51.58
C HIS E 205 -38.71 -32.83 -52.44
N ARG E 206 -37.52 -32.31 -52.18
CA ARG E 206 -37.05 -31.17 -52.97
C ARG E 206 -36.79 -31.58 -54.41
N ASN E 207 -37.01 -30.65 -55.33
CA ASN E 207 -36.85 -30.89 -56.75
C ASN E 207 -35.40 -31.22 -57.12
N VAL F 17 -16.43 -24.62 -24.88
CA VAL F 17 -16.42 -25.16 -26.25
C VAL F 17 -15.14 -24.80 -27.01
N PRO F 18 -14.39 -25.81 -27.43
CA PRO F 18 -13.07 -25.56 -28.02
C PRO F 18 -13.15 -24.97 -29.43
N MET F 19 -12.08 -24.27 -29.81
CA MET F 19 -12.00 -23.54 -31.07
C MET F 19 -11.30 -24.38 -32.15
N PHE F 31 -13.30 -20.72 -35.69
CA PHE F 31 -13.89 -22.02 -36.02
C PHE F 31 -14.16 -22.85 -34.76
N ASP F 32 -15.43 -23.10 -34.38
CA ASP F 32 -15.61 -23.94 -33.21
C ASP F 32 -15.77 -25.40 -33.61
N ILE F 33 -15.53 -26.31 -32.65
CA ILE F 33 -15.40 -27.73 -32.97
C ILE F 33 -16.62 -28.23 -33.73
N TYR F 34 -17.82 -27.89 -33.26
CA TYR F 34 -19.01 -28.31 -33.96
C TYR F 34 -19.11 -27.66 -35.33
N SER F 35 -18.70 -26.40 -35.45
CA SER F 35 -18.60 -25.77 -36.78
C SER F 35 -17.57 -26.48 -37.64
N ARG F 36 -16.43 -26.86 -37.06
CA ARG F 36 -15.39 -27.51 -37.84
C ARG F 36 -15.88 -28.84 -38.39
N LEU F 37 -16.70 -29.56 -37.62
CA LEU F 37 -17.20 -30.84 -38.10
C LEU F 37 -18.41 -30.68 -39.01
N LEU F 38 -19.11 -29.54 -38.92
CA LEU F 38 -20.10 -29.19 -39.93
C LEU F 38 -19.47 -29.18 -41.32
N LYS F 39 -18.23 -28.70 -41.41
CA LYS F 39 -17.52 -28.69 -42.69
C LYS F 39 -17.42 -30.09 -43.28
N GLU F 40 -17.33 -31.11 -42.42
CA GLU F 40 -17.30 -32.49 -42.86
C GLU F 40 -18.70 -33.10 -42.97
N ARG F 41 -19.73 -32.25 -42.94
CA ARG F 41 -21.13 -32.68 -43.12
C ARG F 41 -21.56 -33.63 -42.00
N VAL F 42 -21.16 -33.31 -40.79
CA VAL F 42 -21.54 -34.05 -39.59
C VAL F 42 -22.38 -33.12 -38.72
N ILE F 43 -23.58 -33.57 -38.36
CA ILE F 43 -24.46 -32.86 -37.43
C ILE F 43 -24.63 -33.72 -36.19
N PHE F 44 -24.89 -33.06 -35.07
CA PHE F 44 -25.05 -33.72 -33.79
C PHE F 44 -26.43 -33.44 -33.24
N LEU F 45 -27.16 -34.51 -32.95
CA LEU F 45 -28.41 -34.46 -32.21
C LEU F 45 -28.11 -35.04 -30.83
N THR F 46 -28.01 -34.17 -29.82
CA THR F 46 -27.64 -34.57 -28.47
C THR F 46 -28.70 -34.11 -27.46
N GLY F 47 -29.14 -35.01 -26.60
CA GLY F 47 -30.06 -34.63 -25.56
C GLY F 47 -31.49 -34.53 -26.03
N GLN F 48 -32.31 -34.01 -25.11
CA GLN F 48 -33.74 -33.89 -25.28
C GLN F 48 -34.10 -33.24 -26.60
N VAL F 49 -35.04 -33.84 -27.32
CA VAL F 49 -35.57 -33.21 -28.51
C VAL F 49 -36.57 -32.14 -28.10
N GLU F 50 -36.26 -30.88 -28.43
CA GLU F 50 -37.16 -29.76 -28.21
C GLU F 50 -36.99 -28.82 -29.38
N ASP F 51 -37.81 -27.78 -29.41
CA ASP F 51 -37.90 -26.91 -30.59
C ASP F 51 -36.55 -26.30 -30.97
N HIS F 52 -35.91 -25.63 -30.02
CA HIS F 52 -34.78 -24.77 -30.37
C HIS F 52 -33.55 -25.60 -30.77
N MET F 53 -33.31 -26.75 -30.10
CA MET F 53 -32.22 -27.63 -30.56
C MET F 53 -32.58 -28.30 -31.88
N ALA F 54 -33.84 -28.70 -32.03
CA ALA F 54 -34.30 -29.27 -33.29
C ALA F 54 -34.16 -28.25 -34.41
N ASN F 55 -34.49 -26.99 -34.12
CA ASN F 55 -34.38 -25.93 -35.12
C ASN F 55 -32.94 -25.78 -35.59
N LEU F 56 -31.99 -25.76 -34.65
CA LEU F 56 -30.58 -25.71 -35.02
C LEU F 56 -30.21 -26.86 -35.94
N ILE F 57 -30.68 -28.08 -35.63
CA ILE F 57 -30.38 -29.22 -36.48
C ILE F 57 -30.93 -29.01 -37.90
N VAL F 58 -32.20 -28.59 -38.01
CA VAL F 58 -32.78 -28.29 -39.32
C VAL F 58 -31.96 -27.24 -40.07
N ALA F 59 -31.56 -26.17 -39.37
CA ALA F 59 -30.82 -25.09 -40.01
C ALA F 59 -29.52 -25.59 -40.62
N GLN F 60 -28.89 -26.56 -39.96
CA GLN F 60 -27.65 -27.14 -40.48
C GLN F 60 -27.90 -28.01 -41.69
N MET F 61 -28.98 -28.82 -41.68
CA MET F 61 -29.26 -29.65 -42.84
C MET F 61 -29.49 -28.80 -44.08
N LEU F 62 -30.30 -27.74 -43.93
CA LEU F 62 -30.55 -26.85 -45.06
C LEU F 62 -29.26 -26.20 -45.55
N PHE F 63 -28.38 -25.83 -44.62
CA PHE F 63 -27.08 -25.30 -45.02
C PHE F 63 -26.28 -26.34 -45.80
N LEU F 64 -26.13 -27.54 -45.23
CA LEU F 64 -25.32 -28.58 -45.87
C LEU F 64 -25.84 -28.94 -47.25
N GLU F 65 -27.17 -28.99 -47.42
CA GLU F 65 -27.74 -29.24 -48.73
C GLU F 65 -27.49 -28.07 -49.67
N ALA F 66 -27.59 -26.84 -49.15
CA ALA F 66 -27.32 -25.68 -49.98
C ALA F 66 -25.84 -25.58 -50.34
N GLU F 67 -24.98 -26.29 -49.62
CA GLU F 67 -23.57 -26.32 -49.95
C GLU F 67 -23.24 -27.38 -51.00
N ASN F 68 -24.05 -28.42 -51.11
CA ASN F 68 -23.73 -29.54 -51.98
C ASN F 68 -24.86 -30.57 -51.90
N PRO F 69 -25.90 -30.44 -52.72
CA PRO F 69 -27.10 -31.29 -52.53
C PRO F 69 -26.88 -32.77 -52.83
N GLU F 70 -25.69 -33.17 -53.25
CA GLU F 70 -25.44 -34.55 -53.63
C GLU F 70 -24.64 -35.34 -52.61
N LYS F 71 -24.02 -34.71 -51.62
CA LYS F 71 -23.21 -35.46 -50.66
C LYS F 71 -24.04 -35.87 -49.46
N ASP F 72 -23.75 -37.06 -48.95
CA ASP F 72 -24.38 -37.52 -47.73
C ASP F 72 -24.17 -36.52 -46.59
N ILE F 73 -25.13 -36.50 -45.67
CA ILE F 73 -25.03 -35.76 -44.43
C ILE F 73 -25.03 -36.78 -43.30
N TYR F 74 -24.23 -36.53 -42.28
CA TYR F 74 -24.07 -37.48 -41.20
C TYR F 74 -24.70 -36.89 -39.94
N LEU F 75 -25.69 -37.61 -39.39
CA LEU F 75 -26.40 -37.19 -38.21
C LEU F 75 -26.12 -38.18 -37.09
N TYR F 76 -25.35 -37.73 -36.10
CA TYR F 76 -25.10 -38.52 -34.90
C TYR F 76 -26.25 -38.30 -33.94
N ILE F 77 -26.73 -39.38 -33.32
CA ILE F 77 -27.84 -39.27 -32.41
C ILE F 77 -27.46 -39.87 -31.07
N ASN F 78 -27.54 -39.06 -30.03
CA ASN F 78 -27.47 -39.52 -28.64
C ASN F 78 -28.52 -38.70 -27.90
N SER F 79 -29.68 -39.30 -27.65
CA SER F 79 -30.80 -38.54 -27.12
C SER F 79 -31.75 -39.48 -26.40
N PRO F 80 -32.47 -39.00 -25.38
CA PRO F 80 -33.55 -39.79 -24.78
C PRO F 80 -34.91 -39.56 -25.40
N GLY F 81 -35.01 -38.70 -26.41
CA GLY F 81 -36.28 -38.41 -27.02
C GLY F 81 -36.70 -36.99 -26.73
N GLY F 82 -37.99 -36.75 -26.65
CA GLY F 82 -38.43 -35.41 -26.40
C GLY F 82 -39.71 -35.12 -27.15
N VAL F 83 -39.85 -33.85 -27.53
CA VAL F 83 -41.11 -33.34 -28.04
C VAL F 83 -41.34 -33.88 -29.44
N ILE F 84 -42.56 -34.37 -29.68
CA ILE F 84 -42.83 -35.05 -30.95
C ILE F 84 -42.83 -34.06 -32.10
N THR F 85 -43.50 -32.91 -31.95
CA THR F 85 -43.58 -32.01 -33.11
C THR F 85 -42.19 -31.50 -33.47
N ALA F 86 -41.37 -31.17 -32.46
CA ALA F 86 -39.99 -30.78 -32.73
C ALA F 86 -39.24 -31.89 -33.46
N GLY F 87 -39.41 -33.14 -33.02
CA GLY F 87 -38.79 -34.26 -33.71
C GLY F 87 -39.27 -34.42 -35.14
N MET F 88 -40.58 -34.23 -35.37
CA MET F 88 -41.09 -34.38 -36.74
C MET F 88 -40.55 -33.32 -37.65
N SER F 89 -40.26 -32.12 -37.11
CA SER F 89 -39.65 -31.07 -37.91
C SER F 89 -38.29 -31.51 -38.46
N ILE F 90 -37.49 -32.17 -37.63
CA ILE F 90 -36.25 -32.77 -38.13
C ILE F 90 -36.56 -33.83 -39.18
N TYR F 91 -37.60 -34.64 -38.93
CA TYR F 91 -37.87 -35.80 -39.77
C TYR F 91 -38.21 -35.38 -41.20
N ASP F 92 -39.11 -34.41 -41.34
CA ASP F 92 -39.53 -34.01 -42.69
C ASP F 92 -38.40 -33.32 -43.44
N THR F 93 -37.59 -32.54 -42.72
CA THR F 93 -36.39 -31.95 -43.30
C THR F 93 -35.46 -33.04 -43.86
N MET F 94 -35.18 -34.07 -43.05
CA MET F 94 -34.35 -35.20 -43.48
C MET F 94 -34.85 -35.76 -44.79
N GLN F 95 -36.17 -35.96 -44.90
CA GLN F 95 -36.77 -36.52 -46.12
C GLN F 95 -36.87 -35.48 -47.22
N PHE F 96 -37.16 -34.23 -46.88
CA PHE F 96 -37.35 -33.24 -47.92
C PHE F 96 -36.07 -32.95 -48.67
N ILE F 97 -34.96 -32.80 -47.95
CA ILE F 97 -33.74 -32.27 -48.58
C ILE F 97 -33.14 -33.30 -49.53
N LYS F 98 -32.34 -32.79 -50.47
CA LYS F 98 -31.72 -33.64 -51.49
C LYS F 98 -30.81 -34.70 -50.89
N PRO F 99 -29.81 -34.38 -50.06
CA PRO F 99 -28.88 -35.42 -49.60
C PRO F 99 -29.56 -36.55 -48.85
N ASP F 100 -28.97 -37.74 -48.97
CA ASP F 100 -29.21 -38.79 -48.00
C ASP F 100 -28.70 -38.33 -46.64
N VAL F 101 -29.41 -38.69 -45.58
CA VAL F 101 -28.99 -38.39 -44.22
C VAL F 101 -28.67 -39.73 -43.57
N SER F 102 -27.38 -40.02 -43.42
CA SER F 102 -26.95 -41.18 -42.66
C SER F 102 -27.07 -40.90 -41.17
N THR F 103 -27.71 -41.82 -40.44
CA THR F 103 -27.89 -41.68 -39.00
C THR F 103 -26.95 -42.65 -38.27
N ILE F 104 -26.27 -42.13 -37.23
CA ILE F 104 -25.37 -42.90 -36.36
C ILE F 104 -25.81 -42.73 -34.93
N CYS F 105 -26.07 -43.85 -34.26
CA CYS F 105 -26.47 -43.85 -32.85
C CYS F 105 -25.26 -44.15 -31.96
N MET F 106 -24.92 -43.20 -31.07
CA MET F 106 -23.96 -43.42 -30.00
C MET F 106 -24.65 -43.15 -28.67
N GLY F 107 -24.29 -43.94 -27.66
CA GLY F 107 -24.92 -43.79 -26.36
C GLY F 107 -26.33 -44.34 -26.44
N GLN F 108 -27.28 -43.50 -26.80
CA GLN F 108 -28.64 -44.03 -26.88
C GLN F 108 -29.45 -43.20 -27.86
N ALA F 109 -30.47 -43.84 -28.41
CA ALA F 109 -31.47 -43.19 -29.26
C ALA F 109 -32.80 -43.76 -28.76
N ALA F 110 -33.47 -42.97 -27.94
CA ALA F 110 -34.68 -43.42 -27.28
C ALA F 110 -35.85 -42.62 -27.81
N SER F 111 -37.01 -43.27 -27.87
CA SER F 111 -38.25 -42.66 -28.29
C SER F 111 -38.03 -41.88 -29.57
N MET F 112 -38.24 -40.56 -29.52
CA MET F 112 -38.07 -39.77 -30.74
C MET F 112 -36.64 -39.85 -31.27
N GLY F 113 -35.64 -40.07 -30.40
CA GLY F 113 -34.31 -40.35 -30.90
C GLY F 113 -34.23 -41.66 -31.68
N ALA F 114 -34.92 -42.69 -31.22
CA ALA F 114 -35.00 -43.91 -32.01
C ALA F 114 -35.72 -43.65 -33.35
N PHE F 115 -36.78 -42.84 -33.34
CA PHE F 115 -37.51 -42.54 -34.56
C PHE F 115 -36.60 -41.89 -35.60
N LEU F 116 -35.89 -40.83 -35.21
CA LEU F 116 -35.03 -40.14 -36.19
C LEU F 116 -33.84 -41.01 -36.60
N LEU F 117 -33.38 -41.90 -35.71
CA LEU F 117 -32.39 -42.89 -36.10
C LEU F 117 -32.88 -43.71 -37.28
N THR F 118 -34.01 -44.39 -37.10
CA THR F 118 -34.55 -45.29 -38.11
C THR F 118 -34.98 -44.56 -39.38
N ALA F 119 -35.07 -43.24 -39.35
CA ALA F 119 -35.50 -42.46 -40.49
C ALA F 119 -34.34 -42.05 -41.39
N GLY F 120 -33.13 -42.47 -41.06
CA GLY F 120 -32.00 -42.23 -41.94
C GLY F 120 -32.17 -42.88 -43.31
N ALA F 121 -31.27 -42.51 -44.22
CA ALA F 121 -31.25 -43.12 -45.55
C ALA F 121 -31.13 -44.63 -45.44
N LYS F 122 -32.11 -45.32 -46.02
CA LYS F 122 -32.10 -46.77 -46.13
C LYS F 122 -30.70 -47.26 -46.48
N GLY F 123 -30.20 -48.19 -45.68
CA GLY F 123 -28.87 -48.70 -45.85
C GLY F 123 -27.77 -47.89 -45.21
N LYS F 124 -28.08 -46.67 -44.74
CA LYS F 124 -27.07 -45.80 -44.15
C LYS F 124 -27.35 -45.50 -42.67
N ARG F 125 -28.03 -46.41 -41.98
CA ARG F 125 -28.41 -46.24 -40.58
C ARG F 125 -27.61 -47.21 -39.73
N PHE F 126 -26.97 -46.67 -38.68
CA PHE F 126 -25.93 -47.39 -37.96
C PHE F 126 -26.10 -47.25 -36.46
N CYS F 127 -25.89 -48.34 -35.74
CA CYS F 127 -25.63 -48.28 -34.31
C CYS F 127 -24.13 -48.47 -34.08
N LEU F 128 -23.62 -47.88 -33.00
CA LEU F 128 -22.30 -48.25 -32.55
C LEU F 128 -22.43 -49.53 -31.69
N PRO F 129 -21.33 -50.26 -31.45
CA PRO F 129 -21.50 -51.62 -30.89
C PRO F 129 -22.27 -51.63 -29.57
N ASN F 130 -22.24 -50.53 -28.82
CA ASN F 130 -22.73 -50.51 -27.45
C ASN F 130 -23.78 -49.45 -27.16
N SER F 131 -24.22 -48.71 -28.17
CA SER F 131 -25.40 -47.89 -28.04
C SER F 131 -26.64 -48.79 -27.95
N ARG F 132 -27.68 -48.28 -27.30
CA ARG F 132 -28.95 -48.97 -27.26
C ARG F 132 -30.04 -48.09 -27.85
N VAL F 133 -31.12 -48.72 -28.24
CA VAL F 133 -32.30 -48.07 -28.78
C VAL F 133 -33.45 -48.44 -27.87
N MET F 134 -34.37 -47.50 -27.67
CA MET F 134 -35.61 -47.89 -27.04
C MET F 134 -36.75 -47.18 -27.75
N ILE F 135 -37.86 -47.90 -27.89
CA ILE F 135 -39.06 -47.47 -28.58
C ILE F 135 -40.20 -47.52 -27.58
N HIS F 136 -41.21 -46.68 -27.80
CA HIS F 136 -42.46 -46.72 -27.02
C HIS F 136 -43.51 -45.90 -27.76
N GLN F 137 -44.67 -45.74 -27.15
CA GLN F 137 -45.73 -44.95 -27.73
C GLN F 137 -45.69 -43.51 -27.21
N PRO F 138 -46.41 -42.61 -27.86
CA PRO F 138 -46.35 -41.19 -27.46
C PRO F 138 -46.81 -40.96 -26.02
N LEU F 139 -46.19 -39.96 -25.39
CA LEU F 139 -46.66 -39.43 -24.13
C LEU F 139 -47.30 -38.05 -24.33
N GLY F 140 -48.32 -37.77 -23.52
CA GLY F 140 -48.98 -36.50 -23.58
C GLY F 140 -49.72 -36.21 -22.31
N GLY F 141 -50.55 -35.18 -22.36
CA GLY F 141 -51.34 -34.78 -21.22
C GLY F 141 -52.05 -33.45 -21.44
N TYR F 142 -53.20 -33.28 -20.80
CA TYR F 142 -54.03 -32.09 -21.03
C TYR F 142 -54.94 -31.90 -19.82
N GLN F 143 -55.48 -30.68 -19.70
CA GLN F 143 -56.41 -30.32 -18.63
C GLN F 143 -57.49 -29.42 -19.21
N GLY F 144 -58.72 -29.63 -18.77
CA GLY F 144 -59.79 -28.77 -19.19
C GLY F 144 -61.12 -29.50 -19.15
N GLN F 145 -62.04 -29.03 -19.98
CA GLN F 145 -63.40 -29.58 -20.04
C GLN F 145 -63.40 -30.90 -20.80
N ALA F 146 -64.38 -31.74 -20.48
CA ALA F 146 -64.48 -33.03 -21.17
C ALA F 146 -64.36 -32.88 -22.69
N THR F 147 -65.02 -31.86 -23.26
CA THR F 147 -65.00 -31.68 -24.71
C THR F 147 -63.57 -31.42 -25.21
N ASP F 148 -62.87 -30.52 -24.52
CA ASP F 148 -61.47 -30.25 -24.86
C ASP F 148 -60.60 -31.48 -24.72
N ILE F 149 -60.77 -32.23 -23.63
CA ILE F 149 -59.99 -33.45 -23.42
C ILE F 149 -60.14 -34.36 -24.62
N GLU F 150 -61.38 -34.50 -25.11
CA GLU F 150 -61.66 -35.38 -26.23
C GLU F 150 -60.91 -34.96 -27.48
N ILE F 151 -60.91 -33.66 -27.78
CA ILE F 151 -60.20 -33.16 -28.96
C ILE F 151 -58.70 -33.48 -28.85
N HIS F 152 -58.11 -33.24 -27.69
CA HIS F 152 -56.67 -33.50 -27.61
C HIS F 152 -56.37 -34.99 -27.51
N ALA F 153 -57.28 -35.77 -26.92
CA ALA F 153 -57.09 -37.21 -26.86
C ALA F 153 -57.18 -37.83 -28.26
N ARG F 154 -58.20 -37.44 -29.04
CA ARG F 154 -58.24 -37.86 -30.44
C ARG F 154 -56.92 -37.54 -31.13
N GLU F 155 -56.37 -36.35 -30.87
CA GLU F 155 -55.16 -35.91 -31.59
C GLU F 155 -53.94 -36.76 -31.22
N ILE F 156 -53.74 -37.05 -29.93
CA ILE F 156 -52.55 -37.84 -29.60
C ILE F 156 -52.68 -39.25 -30.16
N LEU F 157 -53.90 -39.78 -30.26
CA LEU F 157 -54.08 -41.08 -30.91
C LEU F 157 -53.73 -41.00 -32.40
N LYS F 158 -54.24 -40.01 -33.11
CA LYS F 158 -53.81 -39.81 -34.51
C LYS F 158 -52.28 -39.78 -34.63
N VAL F 159 -51.61 -39.04 -33.73
CA VAL F 159 -50.16 -38.94 -33.81
C VAL F 159 -49.53 -40.30 -33.61
N LYS F 160 -49.99 -41.01 -32.57
CA LYS F 160 -49.55 -42.39 -32.34
C LYS F 160 -49.76 -43.24 -33.58
N GLY F 161 -50.93 -43.08 -34.23
CA GLY F 161 -51.16 -43.75 -35.51
C GLY F 161 -50.10 -43.41 -36.53
N ARG F 162 -49.89 -42.13 -36.77
CA ARG F 162 -48.90 -41.68 -37.74
C ARG F 162 -47.50 -42.22 -37.41
N MET F 163 -47.03 -41.97 -36.17
CA MET F 163 -45.72 -42.49 -35.75
C MET F 163 -45.58 -43.99 -36.06
N ASN F 164 -46.61 -44.78 -35.69
CA ASN F 164 -46.53 -46.23 -35.87
C ASN F 164 -46.46 -46.59 -37.35
N GLU F 165 -47.23 -45.89 -38.19
CA GLU F 165 -47.15 -46.13 -39.63
C GLU F 165 -45.75 -45.84 -40.14
N LEU F 166 -45.16 -44.76 -39.69
CA LEU F 166 -43.84 -44.41 -40.20
C LEU F 166 -42.80 -45.39 -39.70
N MET F 167 -42.90 -45.80 -38.45
CA MET F 167 -41.96 -46.77 -37.93
C MET F 167 -42.05 -48.07 -38.73
N ALA F 168 -43.28 -48.51 -39.03
CA ALA F 168 -43.46 -49.68 -39.87
C ALA F 168 -42.81 -49.48 -41.23
N LEU F 169 -43.00 -48.30 -41.83
CA LEU F 169 -42.39 -48.07 -43.14
C LEU F 169 -40.87 -48.13 -43.05
N HIS F 170 -40.27 -47.53 -42.02
CA HIS F 170 -38.81 -47.37 -42.05
C HIS F 170 -38.09 -48.65 -41.62
N THR F 171 -38.74 -49.52 -40.81
CA THR F 171 -38.15 -50.78 -40.36
C THR F 171 -38.51 -51.98 -41.22
N GLY F 172 -39.60 -51.90 -41.99
CA GLY F 172 -40.09 -53.06 -42.71
C GLY F 172 -40.95 -54.01 -41.89
N GLN F 173 -41.33 -53.61 -40.68
CA GLN F 173 -42.18 -54.42 -39.81
C GLN F 173 -43.64 -54.08 -40.06
N SER F 174 -44.50 -55.07 -39.87
CA SER F 174 -45.92 -54.83 -40.03
C SER F 174 -46.38 -53.78 -39.03
N LEU F 175 -47.41 -53.04 -39.41
CA LEU F 175 -47.96 -52.04 -38.51
C LEU F 175 -48.34 -52.67 -37.18
N GLU F 176 -48.93 -53.87 -37.22
CA GLU F 176 -49.27 -54.59 -36.00
C GLU F 176 -48.05 -54.84 -35.13
N GLN F 177 -46.96 -55.36 -35.72
CA GLN F 177 -45.76 -55.64 -34.93
C GLN F 177 -45.29 -54.38 -34.22
N ILE F 178 -45.19 -53.27 -34.96
CA ILE F 178 -44.80 -51.98 -34.37
C ILE F 178 -45.68 -51.62 -33.18
N GLU F 179 -47.00 -51.72 -33.36
CA GLU F 179 -47.95 -51.32 -32.31
C GLU F 179 -47.84 -52.22 -31.09
N ARG F 180 -47.76 -53.53 -31.30
CA ARG F 180 -47.62 -54.43 -30.16
C ARG F 180 -46.31 -54.18 -29.42
N ASP F 181 -45.23 -53.89 -30.16
CA ASP F 181 -43.91 -53.67 -29.57
C ASP F 181 -43.73 -52.29 -28.96
N THR F 182 -44.65 -51.34 -29.18
CA THR F 182 -44.48 -49.99 -28.65
C THR F 182 -45.48 -49.61 -27.56
N GLU F 183 -46.42 -50.48 -27.19
CA GLU F 183 -47.31 -50.15 -26.08
C GLU F 183 -46.53 -49.79 -24.83
N ARG F 184 -45.43 -50.48 -24.59
CA ARG F 184 -44.59 -50.24 -23.41
C ARG F 184 -43.16 -50.19 -23.89
N ASP F 185 -42.33 -49.42 -23.18
CA ASP F 185 -40.91 -49.26 -23.52
C ASP F 185 -40.27 -50.57 -23.88
N ARG F 186 -39.72 -50.68 -25.09
CA ARG F 186 -38.97 -51.86 -25.49
C ARG F 186 -37.53 -51.47 -25.81
N PHE F 187 -36.58 -52.19 -25.23
CA PHE F 187 -35.17 -51.95 -25.47
C PHE F 187 -34.62 -52.87 -26.57
N LEU F 188 -33.65 -52.35 -27.32
CA LEU F 188 -32.91 -53.11 -28.33
C LEU F 188 -31.43 -52.81 -28.20
N SER F 189 -30.62 -53.85 -28.02
CA SER F 189 -29.20 -53.71 -28.24
C SER F 189 -28.94 -53.38 -29.71
N ALA F 190 -27.71 -52.98 -30.03
CA ALA F 190 -27.36 -52.77 -31.43
C ALA F 190 -27.64 -54.00 -32.29
N PRO F 191 -27.18 -55.21 -31.95
CA PRO F 191 -27.60 -56.38 -32.73
C PRO F 191 -29.11 -56.48 -32.92
N GLU F 192 -29.90 -56.29 -31.85
CA GLU F 192 -31.35 -56.34 -31.98
C GLU F 192 -31.88 -55.24 -32.89
N ALA F 193 -31.31 -54.02 -32.77
CA ALA F 193 -31.68 -52.92 -33.67
C ALA F 193 -31.44 -53.27 -35.14
N VAL F 194 -30.39 -54.05 -35.43
CA VAL F 194 -30.18 -54.49 -36.81
C VAL F 194 -31.19 -55.57 -37.20
N GLU F 195 -31.41 -56.55 -36.32
CA GLU F 195 -32.35 -57.62 -36.63
C GLU F 195 -33.79 -57.12 -36.72
N TYR F 196 -34.06 -55.93 -36.21
CA TYR F 196 -35.39 -55.35 -36.17
C TYR F 196 -35.69 -54.43 -37.35
N GLY F 197 -34.66 -53.92 -38.03
CA GLY F 197 -34.84 -52.96 -39.09
C GLY F 197 -34.74 -51.51 -38.66
N LEU F 198 -34.39 -51.24 -37.40
CA LEU F 198 -34.17 -49.86 -36.99
C LEU F 198 -32.93 -49.27 -37.66
N VAL F 199 -31.85 -50.04 -37.71
CA VAL F 199 -30.61 -49.63 -38.35
C VAL F 199 -30.23 -50.74 -39.32
N ASP F 200 -29.30 -50.44 -40.20
CA ASP F 200 -28.86 -51.40 -41.20
C ASP F 200 -27.60 -52.17 -40.82
N SER F 201 -26.70 -51.60 -40.02
CA SER F 201 -25.61 -52.38 -39.46
C SER F 201 -24.98 -51.64 -38.28
N ILE F 202 -24.07 -52.36 -37.62
CA ILE F 202 -23.25 -51.83 -36.53
C ILE F 202 -21.97 -51.24 -37.12
N LEU F 203 -21.59 -50.05 -36.67
CA LEU F 203 -20.24 -49.53 -36.89
C LEU F 203 -19.34 -50.02 -35.77
N THR F 204 -18.31 -50.80 -36.13
CA THR F 204 -17.37 -51.24 -35.09
C THR F 204 -16.06 -50.44 -35.17
N HIS F 205 -15.23 -50.64 -36.19
CA HIS F 205 -14.04 -49.81 -36.38
C HIS F 205 -14.04 -49.14 -37.74
N ARG F 206 -13.32 -48.02 -37.85
CA ARG F 206 -13.22 -47.33 -39.12
C ARG F 206 -12.27 -48.11 -40.01
N ASN F 207 -12.78 -48.60 -41.13
CA ASN F 207 -12.04 -49.51 -42.01
C ASN F 207 -10.73 -48.88 -42.50
N VAL G 17 -10.89 -18.81 -17.87
CA VAL G 17 -10.93 -18.83 -19.33
C VAL G 17 -9.62 -18.35 -20.01
N PRO G 18 -8.44 -18.78 -19.52
CA PRO G 18 -7.18 -18.18 -20.02
C PRO G 18 -7.01 -18.37 -21.53
N MET G 19 -6.37 -17.38 -22.14
CA MET G 19 -6.23 -17.27 -23.60
C MET G 19 -4.82 -17.66 -24.06
N PHE G 31 -8.40 -17.78 -28.91
CA PHE G 31 -7.70 -19.06 -28.84
C PHE G 31 -7.37 -19.42 -27.39
N ASP G 32 -8.05 -20.44 -26.85
CA ASP G 32 -8.03 -20.70 -25.43
C ASP G 32 -7.16 -21.89 -25.07
N ILE G 33 -6.92 -22.02 -23.77
CA ILE G 33 -5.90 -22.92 -23.24
C ILE G 33 -6.24 -24.38 -23.52
N TYR G 34 -7.54 -24.71 -23.62
CA TYR G 34 -7.91 -26.08 -23.97
C TYR G 34 -7.81 -26.30 -25.47
N SER G 35 -8.23 -25.31 -26.28
CA SER G 35 -8.13 -25.44 -27.73
C SER G 35 -6.69 -25.52 -28.17
N ARG G 36 -5.80 -24.79 -27.49
CA ARG G 36 -4.39 -24.88 -27.78
C ARG G 36 -3.82 -26.21 -27.29
N LEU G 37 -4.25 -26.66 -26.11
CA LEU G 37 -3.94 -28.02 -25.69
C LEU G 37 -4.50 -29.05 -26.67
N LEU G 38 -5.63 -28.73 -27.31
CA LEU G 38 -6.20 -29.63 -28.32
C LEU G 38 -5.31 -29.71 -29.55
N LYS G 39 -4.67 -28.59 -29.93
CA LYS G 39 -3.67 -28.59 -30.98
C LYS G 39 -2.59 -29.64 -30.79
N GLU G 40 -2.36 -30.09 -29.55
CA GLU G 40 -1.39 -31.14 -29.23
C GLU G 40 -2.04 -32.49 -29.04
N ARG G 41 -3.30 -32.65 -29.44
CA ARG G 41 -4.04 -33.91 -29.36
C ARG G 41 -4.37 -34.29 -27.91
N VAL G 42 -4.67 -33.28 -27.09
CA VAL G 42 -4.97 -33.46 -25.66
C VAL G 42 -6.42 -33.09 -25.38
N ILE G 43 -7.19 -34.07 -24.93
CA ILE G 43 -8.61 -33.91 -24.61
C ILE G 43 -8.78 -34.10 -23.12
N PHE G 44 -9.63 -33.28 -22.51
CA PHE G 44 -9.91 -33.37 -21.09
C PHE G 44 -11.34 -33.86 -20.86
N LEU G 45 -11.47 -34.88 -20.01
CA LEU G 45 -12.75 -35.35 -19.49
C LEU G 45 -12.78 -35.03 -17.99
N THR G 46 -13.35 -33.88 -17.63
CA THR G 46 -13.47 -33.41 -16.26
C THR G 46 -14.91 -33.52 -15.77
N GLY G 47 -15.06 -33.82 -14.49
CA GLY G 47 -16.35 -33.73 -13.86
C GLY G 47 -17.32 -34.81 -14.28
N GLN G 48 -18.59 -34.57 -13.93
CA GLN G 48 -19.66 -35.53 -14.13
C GLN G 48 -19.88 -35.79 -15.61
N VAL G 49 -19.98 -37.08 -15.95
CA VAL G 49 -20.14 -37.51 -17.33
C VAL G 49 -21.62 -37.46 -17.71
N GLU G 50 -21.94 -36.63 -18.71
CA GLU G 50 -23.31 -36.54 -19.20
C GLU G 50 -23.28 -36.27 -20.70
N ASP G 51 -24.48 -36.24 -21.31
CA ASP G 51 -24.65 -36.22 -22.76
C ASP G 51 -23.85 -35.13 -23.44
N HIS G 52 -23.86 -33.92 -22.89
CA HIS G 52 -23.28 -32.81 -23.65
C HIS G 52 -21.75 -32.76 -23.51
N MET G 53 -21.24 -32.82 -22.26
CA MET G 53 -19.78 -32.83 -22.12
C MET G 53 -19.19 -34.03 -22.85
N ALA G 54 -19.89 -35.16 -22.81
CA ALA G 54 -19.44 -36.34 -23.53
C ALA G 54 -19.45 -36.09 -25.02
N ASN G 55 -20.43 -35.32 -25.50
CA ASN G 55 -20.47 -34.97 -26.92
C ASN G 55 -19.28 -34.12 -27.32
N LEU G 56 -18.91 -33.15 -26.48
CA LEU G 56 -17.70 -32.37 -26.74
C LEU G 56 -16.51 -33.29 -26.96
N ILE G 57 -16.40 -34.36 -26.16
CA ILE G 57 -15.26 -35.25 -26.28
C ILE G 57 -15.36 -36.08 -27.54
N VAL G 58 -16.56 -36.62 -27.82
CA VAL G 58 -16.79 -37.30 -29.10
C VAL G 58 -16.31 -36.44 -30.26
N ALA G 59 -16.72 -35.16 -30.28
CA ALA G 59 -16.36 -34.26 -31.37
C ALA G 59 -14.85 -34.00 -31.42
N GLN G 60 -14.23 -33.81 -30.26
CA GLN G 60 -12.78 -33.56 -30.24
C GLN G 60 -12.01 -34.77 -30.76
N MET G 61 -12.44 -35.97 -30.39
CA MET G 61 -11.81 -37.18 -30.92
C MET G 61 -12.03 -37.31 -32.43
N LEU G 62 -13.28 -37.13 -32.89
CA LEU G 62 -13.53 -37.16 -34.33
C LEU G 62 -12.63 -36.18 -35.05
N PHE G 63 -12.47 -35.00 -34.46
CA PHE G 63 -11.72 -33.95 -35.14
C PHE G 63 -10.24 -34.28 -35.19
N LEU G 64 -9.64 -34.64 -34.05
CA LEU G 64 -8.25 -35.08 -34.05
C LEU G 64 -8.02 -36.25 -35.01
N GLU G 65 -8.97 -37.21 -35.08
CA GLU G 65 -8.85 -38.29 -36.05
C GLU G 65 -8.81 -37.74 -37.48
N ALA G 66 -9.68 -36.77 -37.79
CA ALA G 66 -9.64 -36.12 -39.10
C ALA G 66 -8.28 -35.46 -39.35
N GLU G 67 -7.73 -34.78 -38.34
CA GLU G 67 -6.42 -34.15 -38.49
C GLU G 67 -5.33 -35.17 -38.80
N ASN G 68 -5.32 -36.30 -38.12
CA ASN G 68 -4.30 -37.30 -38.37
C ASN G 68 -4.73 -38.64 -37.79
N PRO G 69 -5.10 -39.61 -38.63
CA PRO G 69 -5.49 -40.93 -38.10
C PRO G 69 -4.35 -41.72 -37.47
N GLU G 70 -3.09 -41.32 -37.64
CA GLU G 70 -1.98 -42.12 -37.11
C GLU G 70 -1.71 -41.80 -35.64
N LYS G 71 -1.70 -40.52 -35.30
CA LYS G 71 -1.12 -40.09 -34.03
C LYS G 71 -2.00 -40.42 -32.83
N ASP G 72 -1.34 -40.74 -31.72
CA ASP G 72 -1.98 -40.88 -30.43
C ASP G 72 -2.82 -39.65 -30.09
N ILE G 73 -3.87 -39.88 -29.30
CA ILE G 73 -4.67 -38.84 -28.67
C ILE G 73 -4.60 -39.01 -27.16
N TYR G 74 -4.52 -37.90 -26.45
CA TYR G 74 -4.35 -37.98 -25.00
C TYR G 74 -5.62 -37.51 -24.32
N LEU G 75 -6.22 -38.39 -23.52
CA LEU G 75 -7.48 -38.16 -22.85
C LEU G 75 -7.23 -38.18 -21.35
N TYR G 76 -7.13 -37.00 -20.76
CA TYR G 76 -7.07 -36.93 -19.31
C TYR G 76 -8.43 -37.24 -18.71
N ILE G 77 -8.41 -37.84 -17.53
CA ILE G 77 -9.66 -38.26 -16.91
C ILE G 77 -9.61 -37.92 -15.43
N ASN G 78 -10.28 -36.85 -15.04
CA ASN G 78 -10.57 -36.54 -13.64
C ASN G 78 -12.09 -36.44 -13.54
N SER G 79 -12.74 -37.54 -13.14
CA SER G 79 -14.18 -37.67 -13.20
C SER G 79 -14.71 -38.54 -12.07
N PRO G 80 -15.83 -38.13 -11.46
CA PRO G 80 -16.53 -39.04 -10.52
C PRO G 80 -17.35 -40.12 -11.19
N GLY G 81 -17.51 -40.08 -12.51
CA GLY G 81 -18.47 -40.92 -13.20
C GLY G 81 -19.63 -40.12 -13.76
N GLY G 82 -20.74 -40.81 -13.95
CA GLY G 82 -21.91 -40.15 -14.50
C GLY G 82 -22.75 -41.11 -15.31
N VAL G 83 -23.47 -40.55 -16.28
CA VAL G 83 -24.46 -41.29 -17.06
C VAL G 83 -23.77 -42.36 -17.91
N ILE G 84 -24.25 -43.61 -17.80
CA ILE G 84 -23.61 -44.74 -18.48
C ILE G 84 -23.74 -44.63 -19.99
N THR G 85 -24.93 -44.29 -20.51
CA THR G 85 -25.04 -44.18 -21.96
C THR G 85 -24.20 -43.02 -22.49
N ALA G 86 -24.05 -41.96 -21.70
CA ALA G 86 -23.17 -40.88 -22.13
C ALA G 86 -21.74 -41.38 -22.25
N GLY G 87 -21.28 -42.17 -21.28
CA GLY G 87 -19.94 -42.72 -21.37
C GLY G 87 -19.75 -43.65 -22.55
N MET G 88 -20.73 -44.51 -22.80
CA MET G 88 -20.58 -45.44 -23.91
C MET G 88 -20.51 -44.73 -25.23
N SER G 89 -21.01 -43.49 -25.31
CA SER G 89 -20.79 -42.73 -26.53
C SER G 89 -19.32 -42.39 -26.68
N ILE G 90 -18.63 -42.14 -25.58
CA ILE G 90 -17.18 -41.92 -25.64
C ILE G 90 -16.45 -43.22 -25.94
N TYR G 91 -16.75 -44.27 -25.17
CA TYR G 91 -16.08 -45.56 -25.36
C TYR G 91 -16.17 -46.01 -26.81
N ASP G 92 -17.39 -46.10 -27.36
CA ASP G 92 -17.55 -46.56 -28.73
C ASP G 92 -16.77 -45.67 -29.69
N THR G 93 -16.77 -44.36 -29.46
CA THR G 93 -15.98 -43.46 -30.31
C THR G 93 -14.48 -43.73 -30.18
N MET G 94 -13.97 -43.83 -28.94
CA MET G 94 -12.56 -44.22 -28.80
C MET G 94 -12.25 -45.49 -29.59
N GLN G 95 -13.09 -46.52 -29.46
CA GLN G 95 -12.76 -47.78 -30.13
C GLN G 95 -12.95 -47.67 -31.63
N PHE G 96 -13.84 -46.79 -32.08
CA PHE G 96 -14.10 -46.68 -33.52
C PHE G 96 -12.99 -45.93 -34.25
N ILE G 97 -12.51 -44.82 -33.68
CA ILE G 97 -11.57 -43.96 -34.41
C ILE G 97 -10.23 -44.67 -34.55
N LYS G 98 -9.59 -44.47 -35.69
CA LYS G 98 -8.32 -45.12 -35.97
C LYS G 98 -7.25 -44.85 -34.91
N PRO G 99 -7.06 -43.62 -34.42
CA PRO G 99 -5.97 -43.38 -33.46
C PRO G 99 -6.16 -44.16 -32.15
N ASP G 100 -5.06 -44.73 -31.67
CA ASP G 100 -4.97 -45.09 -30.27
C ASP G 100 -5.39 -43.90 -29.41
N VAL G 101 -6.29 -44.14 -28.45
CA VAL G 101 -6.58 -43.15 -27.44
C VAL G 101 -5.87 -43.54 -26.15
N SER G 102 -4.87 -42.76 -25.80
CA SER G 102 -4.19 -42.90 -24.53
C SER G 102 -5.01 -42.20 -23.46
N THR G 103 -5.12 -42.84 -22.29
CA THR G 103 -5.87 -42.31 -21.18
C THR G 103 -4.92 -42.08 -20.00
N ILE G 104 -5.12 -40.97 -19.30
CA ILE G 104 -4.27 -40.58 -18.18
C ILE G 104 -5.16 -40.16 -17.02
N CYS G 105 -5.10 -40.89 -15.93
CA CYS G 105 -5.90 -40.59 -14.74
C CYS G 105 -5.13 -39.64 -13.83
N MET G 106 -5.65 -38.43 -13.70
CA MET G 106 -5.17 -37.46 -12.73
C MET G 106 -6.32 -37.15 -11.78
N GLY G 107 -6.05 -37.17 -10.49
CA GLY G 107 -7.12 -36.99 -9.53
C GLY G 107 -7.88 -38.26 -9.21
N GLN G 108 -8.90 -38.58 -9.99
CA GLN G 108 -9.69 -39.77 -9.74
C GLN G 108 -10.44 -40.16 -11.02
N ALA G 109 -10.66 -41.45 -11.17
CA ALA G 109 -11.50 -41.99 -12.22
C ALA G 109 -12.44 -42.94 -11.51
N ALA G 110 -13.68 -42.49 -11.28
CA ALA G 110 -14.63 -43.33 -10.56
C ALA G 110 -15.77 -43.75 -11.49
N SER G 111 -16.28 -44.96 -11.23
CA SER G 111 -17.37 -45.58 -11.98
C SER G 111 -17.16 -45.43 -13.48
N MET G 112 -17.96 -44.64 -14.17
CA MET G 112 -17.77 -44.55 -15.62
C MET G 112 -16.43 -43.89 -15.97
N GLY G 113 -15.89 -43.08 -15.05
CA GLY G 113 -14.55 -42.55 -15.22
C GLY G 113 -13.50 -43.64 -15.24
N ALA G 114 -13.57 -44.59 -14.30
CA ALA G 114 -12.67 -45.74 -14.32
C ALA G 114 -12.83 -46.54 -15.60
N PHE G 115 -14.07 -46.72 -16.05
CA PHE G 115 -14.33 -47.53 -17.23
C PHE G 115 -13.68 -46.92 -18.46
N LEU G 116 -13.93 -45.63 -18.69
CA LEU G 116 -13.33 -44.95 -19.83
C LEU G 116 -11.81 -44.86 -19.72
N LEU G 117 -11.25 -44.98 -18.50
CA LEU G 117 -9.79 -44.96 -18.36
C LEU G 117 -9.17 -46.28 -18.80
N THR G 118 -9.75 -47.41 -18.37
CA THR G 118 -9.26 -48.73 -18.78
C THR G 118 -9.63 -49.07 -20.22
N ALA G 119 -10.56 -48.34 -20.84
CA ALA G 119 -10.89 -48.55 -22.23
C ALA G 119 -9.84 -48.03 -23.19
N GLY G 120 -8.76 -47.42 -22.70
CA GLY G 120 -7.76 -46.86 -23.59
C GLY G 120 -6.92 -47.94 -24.24
N ALA G 121 -6.15 -47.51 -25.24
CA ALA G 121 -5.32 -48.46 -25.99
C ALA G 121 -4.34 -49.14 -25.05
N LYS G 122 -4.35 -50.48 -25.06
CA LYS G 122 -3.47 -51.24 -24.18
C LYS G 122 -2.01 -50.79 -24.33
N GLY G 123 -1.30 -50.76 -23.21
CA GLY G 123 0.00 -50.14 -23.14
C GLY G 123 -0.02 -48.64 -22.96
N LYS G 124 -1.15 -47.96 -23.15
CA LYS G 124 -1.16 -46.50 -23.13
C LYS G 124 -2.17 -45.95 -22.14
N ARG G 125 -2.38 -46.64 -21.02
CA ARG G 125 -3.28 -46.23 -19.96
C ARG G 125 -2.48 -46.01 -18.68
N PHE G 126 -2.63 -44.82 -18.08
CA PHE G 126 -1.71 -44.35 -17.05
C PHE G 126 -2.45 -43.71 -15.88
N CYS G 127 -2.09 -44.12 -14.67
CA CYS G 127 -2.43 -43.37 -13.46
C CYS G 127 -1.26 -42.48 -13.07
N LEU G 128 -1.56 -41.25 -12.66
CA LEU G 128 -0.55 -40.44 -12.01
C LEU G 128 -0.34 -40.97 -10.58
N PRO G 129 0.77 -40.59 -9.93
CA PRO G 129 1.16 -41.28 -8.68
C PRO G 129 0.08 -41.33 -7.61
N ASN G 130 -0.68 -40.26 -7.41
CA ASN G 130 -1.65 -40.20 -6.32
C ASN G 130 -3.08 -40.19 -6.81
N SER G 131 -3.30 -40.28 -8.12
CA SER G 131 -4.66 -40.42 -8.63
C SER G 131 -5.23 -41.64 -7.96
N ARG G 132 -6.56 -41.70 -7.86
CA ARG G 132 -7.20 -42.86 -7.27
C ARG G 132 -8.29 -43.33 -8.22
N VAL G 133 -8.64 -44.60 -8.10
CA VAL G 133 -9.64 -45.19 -8.98
C VAL G 133 -10.71 -45.85 -8.13
N MET G 134 -11.95 -45.70 -8.54
CA MET G 134 -13.05 -46.41 -7.89
C MET G 134 -13.86 -47.10 -8.96
N ILE G 135 -14.27 -48.32 -8.67
CA ILE G 135 -15.18 -49.04 -9.55
C ILE G 135 -16.35 -49.51 -8.70
N HIS G 136 -17.50 -49.64 -9.35
CA HIS G 136 -18.70 -50.19 -8.74
C HIS G 136 -19.69 -50.48 -9.86
N GLN G 137 -20.89 -50.91 -9.48
CA GLN G 137 -21.91 -51.33 -10.43
C GLN G 137 -22.83 -50.16 -10.81
N PRO G 138 -23.59 -50.32 -11.90
CA PRO G 138 -24.53 -49.26 -12.31
C PRO G 138 -25.46 -48.86 -11.17
N LEU G 139 -25.71 -47.56 -11.09
CA LEU G 139 -26.82 -47.03 -10.31
C LEU G 139 -27.97 -46.66 -11.24
N GLY G 140 -29.19 -46.74 -10.73
CA GLY G 140 -30.32 -46.47 -11.57
C GLY G 140 -31.60 -46.52 -10.77
N GLY G 141 -32.70 -46.59 -11.50
CA GLY G 141 -34.01 -46.66 -10.88
C GLY G 141 -35.06 -46.04 -11.78
N TYR G 142 -36.30 -46.25 -11.39
CA TYR G 142 -37.45 -45.90 -12.21
C TYR G 142 -38.67 -46.06 -11.32
N GLN G 143 -39.77 -45.44 -11.72
CA GLN G 143 -41.01 -45.63 -10.98
C GLN G 143 -42.17 -45.79 -11.94
N GLY G 144 -43.15 -46.61 -11.55
CA GLY G 144 -44.38 -46.74 -12.31
C GLY G 144 -45.09 -48.07 -12.06
N GLN G 145 -45.72 -48.58 -13.11
CA GLN G 145 -46.39 -49.86 -13.01
C GLN G 145 -45.37 -50.99 -12.91
N ALA G 146 -45.75 -52.04 -12.17
CA ALA G 146 -44.93 -53.24 -12.08
C ALA G 146 -44.41 -53.68 -13.44
N THR G 147 -45.26 -53.64 -14.46
CA THR G 147 -44.84 -54.21 -15.74
C THR G 147 -43.71 -53.40 -16.36
N ASP G 148 -43.75 -52.07 -16.18
CA ASP G 148 -42.71 -51.18 -16.66
C ASP G 148 -41.46 -51.26 -15.78
N ILE G 149 -41.65 -51.35 -14.47
CA ILE G 149 -40.54 -51.63 -13.55
C ILE G 149 -39.79 -52.88 -13.98
N GLU G 150 -40.53 -53.92 -14.37
CA GLU G 150 -39.86 -55.14 -14.80
C GLU G 150 -39.00 -54.89 -16.03
N ILE G 151 -39.58 -54.23 -17.05
CA ILE G 151 -38.82 -53.93 -18.26
C ILE G 151 -37.54 -53.16 -17.94
N HIS G 152 -37.62 -52.19 -17.05
CA HIS G 152 -36.45 -51.33 -16.82
C HIS G 152 -35.44 -51.97 -15.86
N ALA G 153 -35.89 -52.83 -14.95
CA ALA G 153 -34.97 -53.66 -14.21
C ALA G 153 -34.18 -54.59 -15.14
N ARG G 154 -34.89 -55.33 -16.00
CA ARG G 154 -34.23 -56.16 -17.00
C ARG G 154 -33.15 -55.41 -17.73
N GLU G 155 -33.46 -54.17 -18.10
CA GLU G 155 -32.53 -53.41 -18.93
C GLU G 155 -31.27 -53.06 -18.17
N ILE G 156 -31.40 -52.55 -16.94
CA ILE G 156 -30.19 -52.20 -16.19
C ILE G 156 -29.39 -53.45 -15.84
N LEU G 157 -30.06 -54.60 -15.67
CA LEU G 157 -29.32 -55.86 -15.53
C LEU G 157 -28.54 -56.20 -16.80
N LYS G 158 -29.16 -56.04 -17.96
CA LYS G 158 -28.46 -56.28 -19.22
C LYS G 158 -27.24 -55.38 -19.33
N VAL G 159 -27.38 -54.13 -18.88
CA VAL G 159 -26.30 -53.16 -18.94
C VAL G 159 -25.17 -53.57 -18.00
N LYS G 160 -25.51 -53.94 -16.76
CA LYS G 160 -24.53 -54.47 -15.81
C LYS G 160 -23.68 -55.55 -16.44
N GLY G 161 -24.35 -56.58 -16.98
CA GLY G 161 -23.71 -57.64 -17.73
C GLY G 161 -22.72 -57.17 -18.78
N ARG G 162 -23.16 -56.29 -19.69
CA ARG G 162 -22.23 -55.81 -20.71
C ARG G 162 -21.07 -55.08 -20.08
N MET G 163 -21.37 -54.11 -19.20
CA MET G 163 -20.32 -53.30 -18.57
C MET G 163 -19.28 -54.20 -17.94
N ASN G 164 -19.72 -55.26 -17.26
CA ASN G 164 -18.82 -56.19 -16.62
C ASN G 164 -18.00 -56.96 -17.65
N GLU G 165 -18.66 -57.47 -18.70
CA GLU G 165 -17.95 -58.12 -19.79
C GLU G 165 -16.85 -57.23 -20.34
N LEU G 166 -17.19 -55.96 -20.63
CA LEU G 166 -16.26 -55.01 -21.22
C LEU G 166 -15.13 -54.67 -20.28
N MET G 167 -15.36 -54.80 -18.99
CA MET G 167 -14.30 -54.53 -18.04
C MET G 167 -13.30 -55.68 -17.97
N ALA G 168 -13.82 -56.92 -17.95
CA ALA G 168 -12.99 -58.10 -18.15
C ALA G 168 -12.11 -57.94 -19.38
N LEU G 169 -12.72 -57.59 -20.52
CA LEU G 169 -11.96 -57.39 -21.74
C LEU G 169 -10.75 -56.48 -21.51
N HIS G 170 -10.97 -55.31 -20.92
CA HIS G 170 -9.91 -54.33 -20.88
C HIS G 170 -8.93 -54.58 -19.73
N THR G 171 -9.41 -54.98 -18.54
CA THR G 171 -8.50 -55.17 -17.42
C THR G 171 -7.76 -56.51 -17.52
N GLY G 172 -8.39 -57.51 -18.12
CA GLY G 172 -7.83 -58.83 -18.17
C GLY G 172 -8.26 -59.77 -17.07
N GLN G 173 -9.24 -59.38 -16.26
CA GLN G 173 -9.71 -60.20 -15.15
C GLN G 173 -10.90 -61.05 -15.57
N SER G 174 -11.20 -62.07 -14.76
CA SER G 174 -12.30 -62.95 -15.11
C SER G 174 -13.61 -62.21 -14.87
N LEU G 175 -14.63 -62.57 -15.64
CA LEU G 175 -15.93 -61.93 -15.48
C LEU G 175 -16.42 -62.01 -14.04
N GLU G 176 -16.32 -63.19 -13.43
CA GLU G 176 -16.86 -63.30 -12.08
C GLU G 176 -15.99 -62.58 -11.05
N GLN G 177 -14.75 -62.26 -11.39
CA GLN G 177 -13.96 -61.40 -10.51
C GLN G 177 -14.48 -59.97 -10.56
N ILE G 178 -14.68 -59.44 -11.77
CA ILE G 178 -15.24 -58.10 -11.94
C ILE G 178 -16.58 -57.99 -11.23
N GLU G 179 -17.46 -58.97 -11.46
CA GLU G 179 -18.78 -58.93 -10.83
C GLU G 179 -18.67 -58.77 -9.32
N ARG G 180 -17.71 -59.44 -8.70
CA ARG G 180 -17.59 -59.36 -7.24
C ARG G 180 -16.91 -58.08 -6.79
N ASP G 181 -15.90 -57.63 -7.52
CA ASP G 181 -15.17 -56.41 -7.16
C ASP G 181 -16.02 -55.15 -7.28
N THR G 182 -17.15 -55.22 -7.97
CA THR G 182 -17.98 -54.05 -8.21
C THR G 182 -19.36 -54.12 -7.58
N GLU G 183 -19.73 -55.23 -6.93
CA GLU G 183 -20.97 -55.25 -6.18
C GLU G 183 -21.01 -54.12 -5.17
N ARG G 184 -19.86 -53.70 -4.66
CA ARG G 184 -19.78 -52.57 -3.75
C ARG G 184 -18.65 -51.64 -4.19
N ASP G 185 -18.65 -50.44 -3.61
CA ASP G 185 -17.58 -49.50 -3.89
C ASP G 185 -16.22 -50.14 -3.61
N ARG G 186 -15.32 -50.01 -4.56
CA ARG G 186 -14.03 -50.64 -4.47
C ARG G 186 -12.99 -49.65 -4.98
N PHE G 187 -12.16 -49.15 -4.06
CA PHE G 187 -11.08 -48.23 -4.37
C PHE G 187 -9.80 -48.96 -4.77
N LEU G 188 -9.04 -48.35 -5.66
CA LEU G 188 -7.73 -48.85 -6.05
C LEU G 188 -6.79 -47.66 -6.15
N SER G 189 -5.68 -47.73 -5.41
CA SER G 189 -4.61 -46.79 -5.62
C SER G 189 -4.01 -47.03 -7.01
N ALA G 190 -3.20 -46.06 -7.45
CA ALA G 190 -2.47 -46.20 -8.72
C ALA G 190 -1.72 -47.53 -8.82
N PRO G 191 -0.93 -47.94 -7.82
CA PRO G 191 -0.31 -49.28 -7.91
C PRO G 191 -1.32 -50.42 -8.04
N GLU G 192 -2.37 -50.44 -7.22
CA GLU G 192 -3.33 -51.55 -7.33
C GLU G 192 -4.05 -51.52 -8.65
N ALA G 193 -4.23 -50.34 -9.22
CA ALA G 193 -4.88 -50.20 -10.51
C ALA G 193 -4.03 -50.76 -11.64
N VAL G 194 -2.70 -50.65 -11.51
CA VAL G 194 -1.81 -51.28 -12.48
C VAL G 194 -1.86 -52.79 -12.29
N GLU G 195 -1.66 -53.21 -11.05
CA GLU G 195 -1.70 -54.63 -10.72
C GLU G 195 -3.08 -55.22 -10.99
N TYR G 196 -4.10 -54.37 -11.13
CA TYR G 196 -5.44 -54.86 -11.38
C TYR G 196 -5.69 -55.11 -12.87
N GLY G 197 -4.95 -54.42 -13.74
CA GLY G 197 -5.22 -54.43 -15.16
C GLY G 197 -5.90 -53.18 -15.69
N LEU G 198 -6.32 -52.27 -14.79
CA LEU G 198 -7.04 -51.08 -15.21
C LEU G 198 -6.17 -50.18 -16.08
N VAL G 199 -4.99 -49.82 -15.57
CA VAL G 199 -4.00 -49.09 -16.33
C VAL G 199 -2.80 -49.99 -16.57
N ASP G 200 -1.89 -49.52 -17.41
CA ASP G 200 -0.65 -50.21 -17.72
C ASP G 200 0.49 -49.81 -16.78
N SER G 201 0.66 -48.52 -16.52
CA SER G 201 1.74 -48.07 -15.64
C SER G 201 1.40 -46.74 -14.99
N ILE G 202 2.24 -46.36 -14.04
CA ILE G 202 2.16 -45.06 -13.38
C ILE G 202 3.05 -44.07 -14.13
N LEU G 203 2.53 -42.87 -14.42
CA LEU G 203 3.38 -41.77 -14.81
C LEU G 203 3.93 -41.11 -13.55
N THR G 204 5.20 -40.67 -13.58
CA THR G 204 5.76 -40.01 -12.40
C THR G 204 6.57 -38.77 -12.74
N HIS G 205 7.48 -38.91 -13.71
CA HIS G 205 8.33 -37.81 -14.18
C HIS G 205 8.47 -37.93 -15.68
N ARG G 206 8.26 -36.81 -16.38
CA ARG G 206 8.57 -36.82 -17.80
C ARG G 206 10.03 -37.20 -18.01
N ASN G 207 10.28 -38.02 -19.03
CA ASN G 207 11.61 -38.55 -19.32
C ASN G 207 12.64 -37.43 -19.54
N VAL H 17 -58.72 -16.55 22.66
CA VAL H 17 -60.06 -16.47 23.25
C VAL H 17 -59.97 -16.64 24.76
N PRO H 18 -60.81 -15.92 25.52
CA PRO H 18 -60.96 -16.23 26.94
C PRO H 18 -62.25 -16.99 27.20
N MET H 19 -62.20 -17.95 28.12
CA MET H 19 -63.40 -18.62 28.57
C MET H 19 -64.16 -17.72 29.55
N VAL H 20 -65.47 -17.89 29.63
CA VAL H 20 -66.24 -17.22 30.68
C VAL H 20 -67.28 -18.17 31.26
N PHE H 31 -68.01 -21.63 28.65
CA PHE H 31 -68.35 -20.70 27.57
C PHE H 31 -67.24 -19.68 27.27
N ASP H 32 -67.02 -19.40 26.00
CA ASP H 32 -66.05 -18.42 25.54
C ASP H 32 -66.73 -17.08 25.27
N ILE H 33 -65.91 -16.02 25.11
CA ILE H 33 -66.44 -14.66 25.18
C ILE H 33 -67.49 -14.42 24.09
N TYR H 34 -67.31 -14.99 22.90
CA TYR H 34 -68.28 -14.78 21.83
C TYR H 34 -69.54 -15.61 22.03
N SER H 35 -69.38 -16.87 22.45
CA SER H 35 -70.55 -17.69 22.78
C SER H 35 -71.40 -17.02 23.85
N ARG H 36 -70.77 -16.28 24.76
CA ARG H 36 -71.48 -15.59 25.83
C ARG H 36 -72.23 -14.37 25.30
N LEU H 37 -71.65 -13.66 24.34
CA LEU H 37 -72.38 -12.57 23.70
C LEU H 37 -73.45 -13.07 22.74
N LEU H 38 -73.36 -14.34 22.31
CA LEU H 38 -74.43 -14.91 21.51
C LEU H 38 -75.71 -15.04 22.33
N LYS H 39 -75.57 -15.40 23.62
CA LYS H 39 -76.71 -15.40 24.55
C LYS H 39 -77.42 -14.06 24.56
N GLU H 40 -76.67 -12.95 24.48
CA GLU H 40 -77.25 -11.63 24.31
C GLU H 40 -77.58 -11.31 22.85
N ARG H 41 -77.67 -12.34 21.99
CA ARG H 41 -78.09 -12.22 20.58
C ARG H 41 -77.17 -11.30 19.78
N VAL H 42 -75.87 -11.35 20.06
CA VAL H 42 -74.87 -10.51 19.41
C VAL H 42 -73.96 -11.38 18.55
N ILE H 43 -73.87 -11.04 17.27
CA ILE H 43 -73.04 -11.75 16.30
C ILE H 43 -71.99 -10.77 15.80
N PHE H 44 -70.78 -11.26 15.57
CA PHE H 44 -69.68 -10.44 15.09
C PHE H 44 -69.32 -10.83 13.67
N LEU H 45 -69.27 -9.84 12.79
CA LEU H 45 -68.84 -10.02 11.42
C LEU H 45 -67.51 -9.29 11.31
N THR H 46 -66.42 -10.04 11.53
CA THR H 46 -65.08 -9.50 11.64
C THR H 46 -64.23 -9.92 10.46
N GLY H 47 -63.59 -8.95 9.80
CA GLY H 47 -62.61 -9.26 8.77
C GLY H 47 -63.22 -9.68 7.44
N GLN H 48 -62.39 -10.34 6.63
CA GLN H 48 -62.75 -10.61 5.24
C GLN H 48 -63.97 -11.51 5.14
N VAL H 49 -64.90 -11.14 4.25
CA VAL H 49 -66.10 -11.92 4.05
C VAL H 49 -65.77 -13.05 3.09
N GLU H 50 -65.83 -14.29 3.60
CA GLU H 50 -65.65 -15.49 2.78
C GLU H 50 -66.55 -16.60 3.31
N ASP H 51 -66.52 -17.75 2.63
CA ASP H 51 -67.62 -18.71 2.74
C ASP H 51 -67.78 -19.23 4.15
N HIS H 52 -66.68 -19.59 4.80
CA HIS H 52 -66.80 -20.24 6.10
C HIS H 52 -67.12 -19.26 7.22
N MET H 53 -66.52 -18.06 7.22
CA MET H 53 -66.98 -17.07 8.19
C MET H 53 -68.41 -16.62 7.88
N ALA H 54 -68.80 -16.63 6.60
CA ALA H 54 -70.19 -16.29 6.28
C ALA H 54 -71.13 -17.34 6.82
N ASN H 55 -70.75 -18.61 6.70
CA ASN H 55 -71.62 -19.69 7.15
C ASN H 55 -71.81 -19.66 8.66
N LEU H 56 -70.71 -19.48 9.40
CA LEU H 56 -70.82 -19.33 10.85
C LEU H 56 -71.74 -18.17 11.22
N ILE H 57 -71.73 -17.09 10.43
CA ILE H 57 -72.65 -16.00 10.69
C ILE H 57 -74.09 -16.44 10.41
N VAL H 58 -74.33 -17.08 9.26
CA VAL H 58 -75.67 -17.58 8.92
C VAL H 58 -76.15 -18.59 9.98
N ALA H 59 -75.30 -19.55 10.32
CA ALA H 59 -75.61 -20.50 11.38
C ALA H 59 -76.07 -19.77 12.63
N GLN H 60 -75.28 -18.79 13.07
CA GLN H 60 -75.64 -18.00 14.24
C GLN H 60 -77.02 -17.37 14.10
N MET H 61 -77.34 -16.81 12.93
CA MET H 61 -78.64 -16.15 12.79
C MET H 61 -79.78 -17.15 12.79
N LEU H 62 -79.57 -18.32 12.16
CA LEU H 62 -80.59 -19.36 12.23
C LEU H 62 -80.84 -19.79 13.66
N PHE H 63 -79.78 -19.91 14.46
CA PHE H 63 -79.93 -20.31 15.86
C PHE H 63 -80.61 -19.22 16.68
N LEU H 64 -80.34 -17.94 16.38
CA LEU H 64 -80.94 -16.85 17.16
C LEU H 64 -82.43 -16.69 16.84
N GLU H 65 -82.82 -16.87 15.57
CA GLU H 65 -84.24 -16.85 15.23
C GLU H 65 -84.97 -18.00 15.91
N ALA H 66 -84.42 -19.21 15.77
CA ALA H 66 -85.02 -20.37 16.42
C ALA H 66 -85.21 -20.15 17.91
N GLU H 67 -84.18 -19.63 18.57
CA GLU H 67 -84.26 -19.30 19.99
C GLU H 67 -85.39 -18.33 20.28
N ASN H 68 -85.62 -17.38 19.37
CA ASN H 68 -86.68 -16.42 19.57
C ASN H 68 -86.93 -15.66 18.28
N PRO H 69 -87.97 -16.01 17.52
CA PRO H 69 -88.20 -15.36 16.23
C PRO H 69 -88.56 -13.88 16.31
N GLU H 70 -88.60 -13.28 17.50
CA GLU H 70 -89.05 -11.89 17.62
C GLU H 70 -87.97 -10.93 18.13
N LYS H 71 -87.18 -11.32 19.13
CA LYS H 71 -86.15 -10.43 19.68
C LYS H 71 -85.12 -10.09 18.62
N ASP H 72 -84.77 -8.81 18.56
CA ASP H 72 -83.81 -8.32 17.58
C ASP H 72 -82.48 -9.08 17.66
N ILE H 73 -81.79 -9.14 16.51
CA ILE H 73 -80.44 -9.70 16.40
C ILE H 73 -79.48 -8.55 16.14
N TYR H 74 -78.35 -8.54 16.86
CA TYR H 74 -77.35 -7.48 16.72
C TYR H 74 -76.11 -8.02 16.02
N LEU H 75 -75.86 -7.52 14.81
CA LEU H 75 -74.71 -7.90 14.00
C LEU H 75 -73.69 -6.75 13.97
N TYR H 76 -72.66 -6.88 14.78
CA TYR H 76 -71.52 -5.98 14.69
C TYR H 76 -70.71 -6.27 13.43
N ILE H 77 -70.28 -5.20 12.78
CA ILE H 77 -69.59 -5.31 11.50
C ILE H 77 -68.33 -4.47 11.54
N ASN H 78 -67.20 -5.11 11.28
CA ASN H 78 -65.91 -4.44 11.08
C ASN H 78 -65.26 -5.27 9.98
N SER H 79 -65.34 -4.78 8.74
CA SER H 79 -64.90 -5.64 7.65
C SER H 79 -64.46 -4.79 6.47
N PRO H 80 -63.46 -5.23 5.72
CA PRO H 80 -63.07 -4.55 4.48
C PRO H 80 -63.76 -5.07 3.23
N GLY H 81 -64.59 -6.10 3.32
CA GLY H 81 -65.22 -6.68 2.15
C GLY H 81 -64.93 -8.16 1.99
N GLY H 82 -65.06 -8.66 0.78
CA GLY H 82 -64.76 -10.05 0.55
C GLY H 82 -65.62 -10.60 -0.58
N VAL H 83 -65.89 -11.89 -0.50
CA VAL H 83 -66.53 -12.61 -1.61
C VAL H 83 -68.01 -12.24 -1.66
N ILE H 84 -68.48 -11.82 -2.85
CA ILE H 84 -69.84 -11.29 -2.99
C ILE H 84 -70.87 -12.39 -2.72
N THR H 85 -70.74 -13.53 -3.40
CA THR H 85 -71.66 -14.65 -3.13
C THR H 85 -71.66 -14.98 -1.64
N ALA H 86 -70.50 -14.92 -0.99
CA ALA H 86 -70.46 -15.19 0.45
C ALA H 86 -71.21 -14.14 1.25
N GLY H 87 -71.03 -12.85 0.91
CA GLY H 87 -71.83 -11.84 1.55
C GLY H 87 -73.31 -12.03 1.29
N MET H 88 -73.64 -12.34 0.03
CA MET H 88 -75.04 -12.49 -0.36
C MET H 88 -75.72 -13.65 0.36
N SER H 89 -74.97 -14.68 0.78
CA SER H 89 -75.55 -15.67 1.68
C SER H 89 -75.94 -15.04 3.01
N ILE H 90 -75.11 -14.13 3.53
CA ILE H 90 -75.45 -13.41 4.76
C ILE H 90 -76.64 -12.50 4.54
N TYR H 91 -76.61 -11.75 3.44
CA TYR H 91 -77.66 -10.78 3.17
C TYR H 91 -79.03 -11.45 3.08
N ASP H 92 -79.13 -12.56 2.34
CA ASP H 92 -80.42 -13.21 2.17
C ASP H 92 -80.86 -13.88 3.46
N THR H 93 -79.91 -14.46 4.21
CA THR H 93 -80.29 -14.96 5.53
C THR H 93 -80.85 -13.85 6.39
N MET H 94 -80.26 -12.65 6.31
CA MET H 94 -80.75 -11.52 7.10
C MET H 94 -82.18 -11.18 6.78
N GLN H 95 -82.54 -11.17 5.48
CA GLN H 95 -83.89 -10.79 5.08
C GLN H 95 -84.88 -11.93 5.25
N PHE H 96 -84.43 -13.17 5.15
CA PHE H 96 -85.36 -14.30 5.31
C PHE H 96 -85.84 -14.41 6.74
N ILE H 97 -84.92 -14.37 7.70
CA ILE H 97 -85.28 -14.73 9.06
C ILE H 97 -86.27 -13.71 9.63
N LYS H 98 -87.09 -14.19 10.58
CA LYS H 98 -88.14 -13.32 11.13
C LYS H 98 -87.56 -12.14 11.89
N PRO H 99 -86.68 -12.31 12.89
CA PRO H 99 -86.27 -11.18 13.71
C PRO H 99 -85.57 -10.12 12.89
N ASP H 100 -85.66 -8.88 13.37
CA ASP H 100 -84.94 -7.77 12.77
C ASP H 100 -83.44 -7.92 13.06
N VAL H 101 -82.62 -7.59 12.07
CA VAL H 101 -81.18 -7.57 12.26
C VAL H 101 -80.72 -6.13 12.34
N SER H 102 -80.15 -5.78 13.47
CA SER H 102 -79.59 -4.46 13.70
C SER H 102 -78.09 -4.54 13.45
N THR H 103 -77.61 -3.70 12.53
CA THR H 103 -76.20 -3.68 12.14
C THR H 103 -75.52 -2.53 12.85
N ILE H 104 -74.42 -2.81 13.54
CA ILE H 104 -73.60 -1.77 14.16
C ILE H 104 -72.24 -1.79 13.49
N CYS H 105 -71.89 -0.69 12.83
CA CYS H 105 -70.56 -0.54 12.27
C CYS H 105 -69.60 -0.08 13.36
N MET H 106 -68.43 -0.73 13.45
CA MET H 106 -67.35 -0.28 14.31
C MET H 106 -66.04 -0.46 13.57
N GLY H 107 -65.21 0.58 13.58
CA GLY H 107 -63.98 0.48 12.86
C GLY H 107 -64.20 0.85 11.42
N GLN H 108 -64.65 -0.11 10.61
CA GLN H 108 -64.87 0.11 9.19
C GLN H 108 -65.78 -0.97 8.61
N ALA H 109 -66.66 -0.54 7.69
CA ALA H 109 -67.42 -1.45 6.84
C ALA H 109 -67.18 -0.99 5.41
N ALA H 110 -66.42 -1.79 4.67
CA ALA H 110 -66.03 -1.45 3.31
C ALA H 110 -66.66 -2.46 2.36
N SER H 111 -66.89 -2.01 1.11
CA SER H 111 -67.47 -2.84 0.04
C SER H 111 -68.61 -3.72 0.55
N MET H 112 -68.45 -5.04 0.45
CA MET H 112 -69.50 -5.95 0.89
C MET H 112 -69.85 -5.75 2.36
N GLY H 113 -68.91 -5.24 3.16
CA GLY H 113 -69.21 -4.95 4.55
C GLY H 113 -70.14 -3.75 4.69
N ALA H 114 -69.92 -2.72 3.87
CA ALA H 114 -70.84 -1.60 3.80
C ALA H 114 -72.23 -2.07 3.37
N PHE H 115 -72.28 -2.93 2.35
CA PHE H 115 -73.53 -3.49 1.84
C PHE H 115 -74.29 -4.24 2.92
N LEU H 116 -73.58 -5.00 3.75
CA LEU H 116 -74.27 -5.76 4.78
C LEU H 116 -74.70 -4.87 5.95
N LEU H 117 -74.04 -3.74 6.15
CA LEU H 117 -74.39 -2.88 7.27
C LEU H 117 -75.67 -2.10 6.97
N THR H 118 -75.74 -1.54 5.77
CA THR H 118 -76.91 -0.88 5.27
C THR H 118 -78.06 -1.83 5.00
N ALA H 119 -77.84 -3.14 5.09
CA ALA H 119 -78.90 -4.11 4.86
C ALA H 119 -79.59 -4.52 6.14
N GLY H 120 -79.19 -3.97 7.27
CA GLY H 120 -79.88 -4.26 8.51
C GLY H 120 -81.28 -3.67 8.53
N ALA H 121 -82.02 -4.02 9.60
CA ALA H 121 -83.41 -3.61 9.71
C ALA H 121 -83.53 -2.09 9.58
N LYS H 122 -84.40 -1.66 8.67
CA LYS H 122 -84.60 -0.24 8.40
C LYS H 122 -85.00 0.47 9.68
N GLY H 123 -84.24 1.50 10.06
CA GLY H 123 -84.38 2.13 11.34
C GLY H 123 -83.40 1.68 12.41
N LYS H 124 -82.62 0.62 12.17
CA LYS H 124 -81.74 0.08 13.19
C LYS H 124 -80.34 -0.18 12.65
N ARG H 125 -79.87 0.63 11.73
CA ARG H 125 -78.52 0.56 11.20
C ARG H 125 -77.72 1.73 11.75
N PHE H 126 -76.60 1.42 12.43
CA PHE H 126 -75.80 2.41 13.14
C PHE H 126 -74.34 2.37 12.72
N CYS H 127 -73.69 3.52 12.82
CA CYS H 127 -72.24 3.62 12.92
C CYS H 127 -71.89 4.07 14.31
N LEU H 128 -70.77 3.60 14.81
CA LEU H 128 -70.17 4.29 15.94
C LEU H 128 -69.46 5.53 15.41
N PRO H 129 -69.21 6.54 16.29
CA PRO H 129 -68.89 7.89 15.79
C PRO H 129 -67.66 7.97 14.90
N ASN H 130 -66.68 7.09 15.09
CA ASN H 130 -65.44 7.17 14.34
C ASN H 130 -65.27 6.01 13.38
N SER H 131 -66.28 5.17 13.21
CA SER H 131 -66.25 4.19 12.14
C SER H 131 -66.35 4.92 10.80
N ARG H 132 -65.84 4.29 9.75
CA ARG H 132 -65.87 4.82 8.39
C ARG H 132 -66.39 3.75 7.46
N VAL H 133 -67.07 4.19 6.40
CA VAL H 133 -67.71 3.30 5.45
C VAL H 133 -67.06 3.54 4.10
N MET H 134 -66.99 2.50 3.27
CA MET H 134 -66.47 2.67 1.92
C MET H 134 -67.30 1.85 0.94
N ILE H 135 -67.66 2.45 -0.18
CA ILE H 135 -68.45 1.76 -1.18
C ILE H 135 -67.69 1.81 -2.49
N HIS H 136 -67.86 0.76 -3.29
CA HIS H 136 -67.37 0.76 -4.67
C HIS H 136 -68.11 -0.33 -5.44
N GLN H 137 -67.77 -0.43 -6.73
CA GLN H 137 -68.36 -1.41 -7.61
C GLN H 137 -67.70 -2.79 -7.44
N PRO H 138 -68.34 -3.85 -7.95
CA PRO H 138 -67.74 -5.17 -7.88
C PRO H 138 -66.32 -5.22 -8.43
N LEU H 139 -65.54 -6.13 -7.85
CA LEU H 139 -64.23 -6.53 -8.36
C LEU H 139 -64.28 -8.01 -8.75
N GLY H 140 -63.60 -8.33 -9.84
CA GLY H 140 -63.55 -9.70 -10.29
C GLY H 140 -62.38 -9.94 -11.21
N GLY H 141 -62.34 -11.13 -11.77
CA GLY H 141 -61.27 -11.49 -12.69
C GLY H 141 -61.51 -12.83 -13.37
N TYR H 142 -61.34 -12.87 -14.69
CA TYR H 142 -61.40 -14.12 -15.41
C TYR H 142 -60.17 -14.29 -16.30
N GLN H 143 -59.92 -15.54 -16.68
CA GLN H 143 -58.89 -15.89 -17.66
C GLN H 143 -59.34 -17.13 -18.41
N GLY H 144 -59.35 -17.07 -19.74
CA GLY H 144 -59.81 -18.21 -20.52
C GLY H 144 -60.09 -17.82 -21.96
N GLN H 145 -60.90 -18.66 -22.62
CA GLN H 145 -61.27 -18.39 -24.00
C GLN H 145 -62.13 -17.12 -24.06
N ALA H 146 -62.02 -16.41 -25.19
CA ALA H 146 -62.83 -15.20 -25.37
C ALA H 146 -64.30 -15.47 -25.07
N THR H 147 -64.81 -16.63 -25.50
CA THR H 147 -66.23 -16.92 -25.27
C THR H 147 -66.56 -16.95 -23.79
N ASP H 148 -65.73 -17.61 -22.98
CA ASP H 148 -66.03 -17.69 -21.55
C ASP H 148 -65.74 -16.37 -20.87
N ILE H 149 -64.82 -15.58 -21.42
CA ILE H 149 -64.60 -14.24 -20.91
C ILE H 149 -65.89 -13.44 -21.06
N GLU H 150 -66.52 -13.55 -22.23
CA GLU H 150 -67.84 -12.94 -22.43
C GLU H 150 -68.83 -13.39 -21.38
N ILE H 151 -68.88 -14.71 -21.11
CA ILE H 151 -69.84 -15.22 -20.13
C ILE H 151 -69.61 -14.61 -18.76
N HIS H 152 -68.35 -14.57 -18.32
CA HIS H 152 -68.10 -14.15 -16.94
C HIS H 152 -68.14 -12.64 -16.80
N ALA H 153 -67.78 -11.91 -17.86
CA ALA H 153 -67.94 -10.46 -17.83
C ALA H 153 -69.41 -10.07 -17.80
N ARG H 154 -70.24 -10.70 -18.64
CA ARG H 154 -71.68 -10.48 -18.54
C ARG H 154 -72.15 -10.75 -17.13
N GLU H 155 -71.72 -11.88 -16.56
CA GLU H 155 -72.21 -12.23 -15.24
C GLU H 155 -71.83 -11.18 -14.20
N ILE H 156 -70.61 -10.64 -14.28
CA ILE H 156 -70.24 -9.66 -13.26
C ILE H 156 -70.93 -8.32 -13.50
N LEU H 157 -71.34 -8.03 -14.73
CA LEU H 157 -72.17 -6.84 -14.93
C LEU H 157 -73.55 -7.05 -14.36
N LYS H 158 -74.08 -8.26 -14.49
CA LYS H 158 -75.35 -8.60 -13.86
C LYS H 158 -75.26 -8.44 -12.35
N VAL H 159 -74.15 -8.87 -11.75
CA VAL H 159 -73.99 -8.77 -10.30
C VAL H 159 -73.90 -7.30 -9.88
N LYS H 160 -73.15 -6.49 -10.65
CA LYS H 160 -73.00 -5.08 -10.35
C LYS H 160 -74.33 -4.34 -10.36
N GLY H 161 -75.20 -4.65 -11.32
CA GLY H 161 -76.51 -4.00 -11.37
C GLY H 161 -77.36 -4.29 -10.15
N ARG H 162 -77.51 -5.56 -9.79
CA ARG H 162 -78.32 -5.92 -8.64
C ARG H 162 -77.73 -5.35 -7.34
N MET H 163 -76.40 -5.34 -7.21
CA MET H 163 -75.77 -4.69 -6.07
C MET H 163 -76.20 -3.22 -5.99
N ASN H 164 -76.13 -2.51 -7.12
CA ASN H 164 -76.54 -1.12 -7.16
C ASN H 164 -78.02 -0.96 -6.83
N GLU H 165 -78.84 -1.89 -7.30
CA GLU H 165 -80.27 -1.82 -7.06
C GLU H 165 -80.61 -2.05 -5.59
N LEU H 166 -80.09 -3.15 -5.01
CA LEU H 166 -80.27 -3.36 -3.58
C LEU H 166 -79.67 -2.23 -2.75
N MET H 167 -78.61 -1.59 -3.25
CA MET H 167 -78.05 -0.42 -2.58
C MET H 167 -79.06 0.71 -2.54
N ALA H 168 -79.56 1.11 -3.72
CA ALA H 168 -80.53 2.20 -3.80
C ALA H 168 -81.75 1.91 -2.95
N LEU H 169 -82.23 0.66 -2.97
CA LEU H 169 -83.38 0.30 -2.14
C LEU H 169 -83.12 0.59 -0.67
N HIS H 170 -81.97 0.15 -0.15
CA HIS H 170 -81.64 0.31 1.27
C HIS H 170 -81.18 1.73 1.65
N THR H 171 -80.64 2.50 0.70
CA THR H 171 -80.27 3.87 1.03
C THR H 171 -81.40 4.85 0.77
N GLY H 172 -82.24 4.58 -0.25
CA GLY H 172 -83.16 5.56 -0.77
C GLY H 172 -82.62 6.41 -1.91
N GLN H 173 -81.30 6.47 -2.10
CA GLN H 173 -80.74 7.19 -3.23
C GLN H 173 -81.25 6.62 -4.54
N SER H 174 -81.29 7.46 -5.58
CA SER H 174 -81.65 6.94 -6.89
C SER H 174 -80.56 5.99 -7.39
N LEU H 175 -80.98 4.93 -8.11
CA LEU H 175 -80.02 4.00 -8.72
C LEU H 175 -78.96 4.74 -9.52
N GLU H 176 -79.34 5.86 -10.14
CA GLU H 176 -78.37 6.67 -10.89
C GLU H 176 -77.33 7.26 -9.95
N GLN H 177 -77.76 7.72 -8.77
CA GLN H 177 -76.82 8.25 -7.79
C GLN H 177 -75.89 7.16 -7.28
N ILE H 178 -76.45 6.00 -6.95
CA ILE H 178 -75.63 4.87 -6.55
C ILE H 178 -74.60 4.55 -7.63
N GLU H 179 -75.06 4.48 -8.88
CA GLU H 179 -74.16 4.17 -9.98
C GLU H 179 -73.01 5.17 -10.04
N ARG H 180 -73.32 6.47 -9.97
CA ARG H 180 -72.26 7.47 -10.06
C ARG H 180 -71.32 7.40 -8.86
N ASP H 181 -71.82 7.09 -7.67
CA ASP H 181 -70.96 7.16 -6.49
C ASP H 181 -70.22 5.88 -6.19
N THR H 182 -70.48 4.77 -6.91
CA THR H 182 -69.72 3.55 -6.67
C THR H 182 -68.82 3.16 -7.82
N GLU H 183 -68.65 4.05 -8.82
CA GLU H 183 -67.69 3.75 -9.87
C GLU H 183 -66.27 3.67 -9.31
N ARG H 184 -65.96 4.52 -8.33
CA ARG H 184 -64.68 4.48 -7.64
C ARG H 184 -64.93 4.36 -6.16
N ASP H 185 -63.86 4.04 -5.44
CA ASP H 185 -63.93 4.00 -4.00
C ASP H 185 -64.46 5.33 -3.50
N ARG H 186 -65.39 5.25 -2.56
CA ARG H 186 -66.01 6.42 -1.97
C ARG H 186 -66.11 6.18 -0.47
N PHE H 187 -65.30 6.89 0.30
CA PHE H 187 -65.36 6.87 1.76
C PHE H 187 -66.49 7.74 2.28
N LEU H 188 -67.06 7.31 3.41
CA LEU H 188 -68.09 8.06 4.13
C LEU H 188 -67.79 8.00 5.61
N SER H 189 -67.82 9.15 6.26
CA SER H 189 -67.77 9.17 7.71
C SER H 189 -69.10 8.69 8.27
N ALA H 190 -69.10 8.39 9.57
CA ALA H 190 -70.36 8.11 10.27
C ALA H 190 -71.45 9.14 9.97
N PRO H 191 -71.22 10.45 10.12
CA PRO H 191 -72.29 11.41 9.76
C PRO H 191 -72.69 11.32 8.30
N GLU H 192 -71.70 11.24 7.41
CA GLU H 192 -71.95 11.07 5.98
C GLU H 192 -72.79 9.83 5.69
N ALA H 193 -72.53 8.72 6.38
CA ALA H 193 -73.31 7.52 6.16
C ALA H 193 -74.74 7.68 6.65
N VAL H 194 -74.93 8.41 7.76
CA VAL H 194 -76.27 8.80 8.18
C VAL H 194 -76.94 9.62 7.08
N GLU H 195 -76.22 10.63 6.58
CA GLU H 195 -76.77 11.56 5.60
C GLU H 195 -77.11 10.86 4.28
N TYR H 196 -76.44 9.74 3.99
CA TYR H 196 -76.55 9.03 2.72
C TYR H 196 -77.65 7.97 2.71
N GLY H 197 -78.17 7.57 3.86
CA GLY H 197 -79.06 6.42 3.93
C GLY H 197 -78.38 5.09 4.18
N LEU H 198 -77.04 5.04 4.15
CA LEU H 198 -76.32 3.83 4.52
C LEU H 198 -76.74 3.35 5.90
N VAL H 199 -76.67 4.22 6.90
CA VAL H 199 -77.13 3.90 8.24
C VAL H 199 -78.14 4.95 8.66
N ASP H 200 -78.84 4.66 9.76
CA ASP H 200 -79.91 5.51 10.25
C ASP H 200 -79.45 6.52 11.30
N SER H 201 -78.51 6.14 12.16
CA SER H 201 -78.03 7.07 13.18
C SER H 201 -76.67 6.61 13.69
N ILE H 202 -76.11 7.41 14.58
CA ILE H 202 -74.85 7.13 15.23
C ILE H 202 -75.11 6.82 16.70
N LEU H 203 -74.45 5.78 17.21
CA LEU H 203 -74.40 5.55 18.65
C LEU H 203 -73.16 6.24 19.18
N THR H 204 -73.33 7.22 20.08
CA THR H 204 -72.14 7.92 20.57
C THR H 204 -71.80 7.41 21.96
N HIS H 205 -72.66 7.70 22.92
CA HIS H 205 -72.59 7.13 24.25
C HIS H 205 -73.82 6.27 24.45
N ARG H 206 -73.82 5.53 25.55
CA ARG H 206 -74.90 4.59 25.75
C ARG H 206 -76.19 5.35 26.03
N ASN H 207 -77.24 4.93 25.35
CA ASN H 207 -78.55 5.56 25.44
C ASN H 207 -79.35 4.96 26.58
N ASP I 32 -56.93 -20.51 31.06
CA ASP I 32 -57.92 -19.43 31.17
C ASP I 32 -57.46 -18.36 32.18
N ILE I 33 -56.14 -18.14 32.29
CA ILE I 33 -55.64 -17.13 33.20
C ILE I 33 -56.21 -15.76 32.85
N TYR I 34 -56.37 -15.46 31.56
CA TYR I 34 -56.99 -14.20 31.20
C TYR I 34 -58.47 -14.22 31.56
N SER I 35 -59.11 -15.39 31.50
CA SER I 35 -60.51 -15.50 31.93
C SER I 35 -60.66 -15.18 33.41
N ARG I 36 -59.81 -15.79 34.25
CA ARG I 36 -59.83 -15.43 35.66
C ARG I 36 -59.60 -13.94 35.84
N LEU I 37 -58.57 -13.39 35.18
CA LEU I 37 -58.30 -11.98 35.33
C LEU I 37 -59.42 -11.13 34.76
N LEU I 38 -60.14 -11.66 33.77
CA LEU I 38 -61.34 -10.98 33.25
C LEU I 38 -62.38 -10.81 34.34
N LYS I 39 -62.47 -11.78 35.25
CA LYS I 39 -63.41 -11.66 36.37
C LYS I 39 -63.08 -10.47 37.25
N GLU I 40 -61.81 -10.03 37.27
CA GLU I 40 -61.44 -8.81 37.97
C GLU I 40 -61.57 -7.56 37.10
N ARG I 41 -62.31 -7.65 35.97
CA ARG I 41 -62.53 -6.53 35.05
C ARG I 41 -61.21 -6.06 34.40
N VAL I 42 -60.32 -7.01 34.09
CA VAL I 42 -59.03 -6.69 33.49
C VAL I 42 -58.99 -7.25 32.07
N ILE I 43 -58.75 -6.36 31.10
CA ILE I 43 -58.61 -6.72 29.68
C ILE I 43 -57.20 -6.34 29.24
N PHE I 44 -56.58 -7.22 28.45
CA PHE I 44 -55.19 -7.05 28.01
C PHE I 44 -55.15 -6.69 26.54
N LEU I 45 -54.53 -5.55 26.24
CA LEU I 45 -54.20 -5.14 24.88
C LEU I 45 -52.69 -5.39 24.70
N THR I 46 -52.37 -6.51 24.05
CA THR I 46 -50.99 -6.90 23.80
C THR I 46 -50.68 -6.95 22.31
N GLY I 47 -49.52 -6.39 21.95
CA GLY I 47 -48.93 -6.56 20.63
C GLY I 47 -49.67 -5.76 19.58
N GLN I 48 -49.49 -6.22 18.34
CA GLN I 48 -49.94 -5.49 17.16
C GLN I 48 -51.45 -5.37 17.12
N VAL I 49 -51.95 -4.14 16.95
CA VAL I 49 -53.38 -3.88 16.88
C VAL I 49 -53.89 -4.30 15.50
N GLU I 50 -54.85 -5.25 15.48
CA GLU I 50 -55.52 -5.63 14.24
C GLU I 50 -56.93 -6.11 14.55
N ASP I 51 -57.66 -6.47 13.49
CA ASP I 51 -59.11 -6.63 13.60
C ASP I 51 -59.50 -7.69 14.60
N HIS I 52 -58.88 -8.88 14.54
CA HIS I 52 -59.39 -9.97 15.35
C HIS I 52 -59.06 -9.79 16.82
N MET I 53 -57.89 -9.24 17.14
CA MET I 53 -57.57 -9.02 18.54
C MET I 53 -58.34 -7.80 19.06
N ALA I 54 -58.51 -6.78 18.22
CA ALA I 54 -59.38 -5.66 18.56
C ALA I 54 -60.79 -6.15 18.84
N ASN I 55 -61.29 -7.02 17.99
CA ASN I 55 -62.64 -7.52 18.17
C ASN I 55 -62.77 -8.35 19.44
N LEU I 56 -61.77 -9.17 19.74
CA LEU I 56 -61.75 -9.83 21.04
C LEU I 56 -61.60 -8.82 22.17
N ILE I 57 -61.03 -7.65 21.91
CA ILE I 57 -60.99 -6.60 22.92
C ILE I 57 -62.38 -6.01 23.11
N VAL I 58 -63.09 -5.75 22.01
CA VAL I 58 -64.43 -5.16 22.11
C VAL I 58 -65.37 -6.13 22.82
N ALA I 59 -65.30 -7.41 22.47
CA ALA I 59 -66.22 -8.39 23.03
C ALA I 59 -66.06 -8.50 24.54
N GLN I 60 -64.85 -8.25 25.06
CA GLN I 60 -64.60 -8.31 26.49
C GLN I 60 -65.17 -7.09 27.19
N MET I 61 -65.15 -5.94 26.53
CA MET I 61 -65.66 -4.71 27.12
C MET I 61 -67.17 -4.72 27.18
N LEU I 62 -67.82 -5.24 26.13
CA LEU I 62 -69.26 -5.36 26.15
C LEU I 62 -69.70 -6.33 27.24
N PHE I 63 -69.03 -7.48 27.35
CA PHE I 63 -69.35 -8.46 28.38
C PHE I 63 -69.20 -7.87 29.79
N LEU I 64 -68.17 -7.06 30.01
CA LEU I 64 -67.97 -6.48 31.34
C LEU I 64 -69.06 -5.48 31.68
N GLU I 65 -69.43 -4.61 30.74
CA GLU I 65 -70.57 -3.72 30.91
C GLU I 65 -71.84 -4.48 31.30
N ALA I 66 -72.15 -5.57 30.61
CA ALA I 66 -73.37 -6.32 30.91
C ALA I 66 -73.30 -6.98 32.29
N GLU I 67 -72.12 -7.48 32.67
CA GLU I 67 -71.92 -8.05 33.99
C GLU I 67 -72.08 -7.00 35.08
N ASN I 68 -71.89 -5.71 34.75
CA ASN I 68 -71.91 -4.60 35.70
C ASN I 68 -71.54 -3.31 34.98
N PRO I 69 -72.52 -2.44 34.72
CA PRO I 69 -72.22 -1.21 33.98
C PRO I 69 -71.60 -0.09 34.81
N GLU I 70 -71.59 -0.19 36.14
CA GLU I 70 -71.06 0.91 36.94
C GLU I 70 -69.61 0.74 37.33
N LYS I 71 -69.10 -0.48 37.41
CA LYS I 71 -67.72 -0.71 37.82
C LYS I 71 -66.74 -0.39 36.71
N ASP I 72 -65.53 -0.01 37.09
CA ASP I 72 -64.50 0.33 36.12
C ASP I 72 -63.98 -0.91 35.40
N ILE I 73 -63.54 -0.71 34.16
CA ILE I 73 -62.76 -1.70 33.44
C ILE I 73 -61.31 -1.22 33.36
N TYR I 74 -60.37 -2.17 33.48
CA TYR I 74 -58.95 -1.89 33.41
C TYR I 74 -58.40 -2.53 32.13
N LEU I 75 -57.95 -1.67 31.21
CA LEU I 75 -57.37 -2.12 29.94
C LEU I 75 -55.85 -1.91 30.00
N TYR I 76 -55.12 -3.02 30.06
CA TYR I 76 -53.66 -2.97 30.06
C TYR I 76 -53.17 -2.91 28.62
N ILE I 77 -52.27 -1.98 28.34
CA ILE I 77 -51.78 -1.76 26.98
C ILE I 77 -50.29 -2.04 26.97
N ASN I 78 -49.89 -2.96 26.10
CA ASN I 78 -48.48 -3.14 25.74
C ASN I 78 -48.48 -3.44 24.25
N SER I 79 -48.35 -2.39 23.44
CA SER I 79 -48.57 -2.51 21.99
C SER I 79 -47.66 -1.57 21.23
N PRO I 80 -47.19 -1.97 20.04
CA PRO I 80 -46.52 -1.04 19.13
C PRO I 80 -47.50 -0.27 18.27
N GLY I 81 -48.77 -0.55 18.38
CA GLY I 81 -49.72 0.05 17.47
C GLY I 81 -50.26 -0.94 16.47
N GLY I 82 -50.64 -0.44 15.30
CA GLY I 82 -51.30 -1.28 14.34
C GLY I 82 -52.41 -0.58 13.60
N VAL I 83 -53.39 -1.36 13.12
CA VAL I 83 -54.32 -0.83 12.13
C VAL I 83 -55.29 0.14 12.78
N ILE I 84 -55.40 1.34 12.19
CA ILE I 84 -56.18 2.43 12.79
C ILE I 84 -57.66 2.04 12.92
N THR I 85 -58.30 1.63 11.82
CA THR I 85 -59.72 1.29 11.95
C THR I 85 -59.94 0.22 13.00
N ALA I 86 -58.98 -0.69 13.18
CA ALA I 86 -59.09 -1.68 14.25
C ALA I 86 -59.00 -1.02 15.62
N GLY I 87 -58.07 -0.08 15.80
CA GLY I 87 -58.02 0.64 17.06
C GLY I 87 -59.25 1.50 17.29
N MET I 88 -59.77 2.13 16.23
CA MET I 88 -60.99 2.93 16.37
C MET I 88 -62.18 2.11 16.82
N SER I 89 -62.27 0.86 16.40
CA SER I 89 -63.30 0.00 16.94
C SER I 89 -63.14 -0.20 18.44
N ILE I 90 -61.90 -0.20 18.95
CA ILE I 90 -61.72 -0.25 20.40
C ILE I 90 -62.04 1.10 21.03
N TYR I 91 -61.64 2.18 20.36
CA TYR I 91 -61.86 3.51 20.93
C TYR I 91 -63.34 3.81 21.07
N ASP I 92 -64.11 3.59 19.99
CA ASP I 92 -65.53 3.92 20.05
C ASP I 92 -66.25 3.06 21.07
N THR I 93 -65.77 1.83 21.29
CA THR I 93 -66.39 0.97 22.29
C THR I 93 -66.11 1.51 23.70
N MET I 94 -64.89 1.97 23.94
CA MET I 94 -64.55 2.56 25.24
C MET I 94 -65.44 3.76 25.56
N GLN I 95 -65.74 4.60 24.57
CA GLN I 95 -66.61 5.74 24.82
C GLN I 95 -68.06 5.31 24.96
N PHE I 96 -68.49 4.34 24.14
CA PHE I 96 -69.89 3.94 24.12
C PHE I 96 -70.32 3.30 25.44
N ILE I 97 -69.56 2.32 25.92
CA ILE I 97 -70.02 1.56 27.07
C ILE I 97 -70.09 2.45 28.30
N LYS I 98 -70.99 2.10 29.23
CA LYS I 98 -71.13 2.88 30.45
C LYS I 98 -69.90 2.83 31.34
N PRO I 99 -69.29 1.67 31.62
CA PRO I 99 -68.17 1.66 32.56
C PRO I 99 -67.04 2.56 32.08
N ASP I 100 -66.43 3.24 33.05
CA ASP I 100 -65.17 3.94 32.85
C ASP I 100 -64.09 2.93 32.54
N VAL I 101 -63.37 3.14 31.44
CA VAL I 101 -62.30 2.23 31.06
C VAL I 101 -61.01 2.90 31.49
N SER I 102 -60.43 2.42 32.57
CA SER I 102 -59.09 2.83 32.97
C SER I 102 -58.04 2.13 32.09
N THR I 103 -57.03 2.89 31.66
CA THR I 103 -55.97 2.38 30.79
C THR I 103 -54.63 2.43 31.54
N ILE I 104 -53.89 1.34 31.47
CA ILE I 104 -52.61 1.18 32.17
C ILE I 104 -51.54 0.82 31.14
N CYS I 105 -50.55 1.69 30.97
CA CYS I 105 -49.45 1.44 30.04
C CYS I 105 -48.34 0.64 30.72
N MET I 106 -48.00 -0.52 30.15
CA MET I 106 -46.88 -1.33 30.62
C MET I 106 -46.06 -1.78 29.41
N GLY I 107 -44.73 -1.68 29.53
CA GLY I 107 -43.88 -1.92 28.38
C GLY I 107 -43.86 -0.72 27.45
N GLN I 108 -44.76 -0.70 26.47
CA GLN I 108 -44.89 0.45 25.59
C GLN I 108 -46.35 0.59 25.18
N ALA I 109 -46.69 1.81 24.79
CA ALA I 109 -47.86 2.07 23.95
C ALA I 109 -47.37 3.02 22.88
N ALA I 110 -47.20 2.51 21.66
CA ALA I 110 -46.73 3.34 20.57
C ALA I 110 -47.86 3.56 19.57
N SER I 111 -47.91 4.76 18.99
CA SER I 111 -48.88 5.10 17.94
C SER I 111 -50.29 4.74 18.39
N MET I 112 -51.02 3.93 17.63
CA MET I 112 -52.39 3.61 18.04
C MET I 112 -52.46 3.07 19.46
N GLY I 113 -51.39 2.41 19.92
CA GLY I 113 -51.35 1.94 21.30
C GLY I 113 -51.43 3.09 22.28
N ALA I 114 -50.81 4.22 21.95
CA ALA I 114 -50.85 5.39 22.82
C ALA I 114 -52.14 6.19 22.65
N PHE I 115 -52.72 6.23 21.43
CA PHE I 115 -54.07 6.75 21.27
C PHE I 115 -55.05 6.04 22.20
N LEU I 116 -55.08 4.69 22.18
CA LEU I 116 -55.98 3.98 23.07
C LEU I 116 -55.61 4.18 24.55
N LEU I 117 -54.32 4.42 24.84
CA LEU I 117 -53.94 4.76 26.20
C LEU I 117 -54.53 6.11 26.62
N THR I 118 -54.40 7.13 25.76
CA THR I 118 -54.85 8.46 26.12
C THR I 118 -56.36 8.58 26.15
N ALA I 119 -57.07 7.57 25.63
CA ALA I 119 -58.52 7.55 25.56
C ALA I 119 -59.17 6.90 26.78
N GLY I 120 -58.41 6.50 27.77
CA GLY I 120 -59.02 6.07 29.00
C GLY I 120 -59.84 7.17 29.67
N ALA I 121 -60.68 6.77 30.63
CA ALA I 121 -61.43 7.71 31.44
C ALA I 121 -60.49 8.69 32.13
N LYS I 122 -60.77 9.99 31.96
CA LYS I 122 -59.92 11.03 32.50
C LYS I 122 -59.70 10.79 33.99
N GLY I 123 -58.46 10.99 34.45
CA GLY I 123 -58.10 10.64 35.80
C GLY I 123 -57.80 9.18 36.02
N LYS I 124 -57.99 8.32 35.01
CA LYS I 124 -57.72 6.90 35.19
C LYS I 124 -56.74 6.36 34.16
N ARG I 125 -55.98 7.24 33.51
CA ARG I 125 -54.97 6.81 32.57
C ARG I 125 -53.61 6.78 33.28
N PHE I 126 -52.99 5.61 33.30
CA PHE I 126 -51.78 5.38 34.08
C PHE I 126 -50.63 4.90 33.21
N CYS I 127 -49.43 5.39 33.52
CA CYS I 127 -48.19 4.79 33.09
C CYS I 127 -47.53 4.09 34.27
N LEU I 128 -46.88 2.98 33.96
CA LEU I 128 -45.94 2.39 34.90
C LEU I 128 -44.58 3.09 34.75
N PRO I 129 -43.77 3.12 35.81
CA PRO I 129 -42.59 4.00 35.78
C PRO I 129 -41.72 3.87 34.55
N ASN I 130 -41.46 2.66 34.08
CA ASN I 130 -40.51 2.46 32.99
C ASN I 130 -41.19 2.13 31.66
N SER I 131 -42.48 2.35 31.54
CA SER I 131 -43.03 2.30 30.21
C SER I 131 -42.63 3.55 29.44
N ARG I 132 -42.70 3.45 28.12
CA ARG I 132 -42.44 4.57 27.24
C ARG I 132 -43.60 4.73 26.27
N VAL I 133 -43.79 5.93 25.80
CA VAL I 133 -44.90 6.26 24.93
C VAL I 133 -44.36 6.88 23.66
N MET I 134 -44.96 6.52 22.53
CA MET I 134 -44.58 7.08 21.25
C MET I 134 -45.83 7.50 20.49
N ILE I 135 -45.85 8.76 20.08
CA ILE I 135 -46.86 9.30 19.18
C ILE I 135 -46.21 9.66 17.85
N HIS I 136 -47.00 9.53 16.79
CA HIS I 136 -46.59 9.96 15.45
C HIS I 136 -47.87 10.19 14.64
N GLN I 137 -47.78 10.02 13.33
CA GLN I 137 -48.90 10.31 12.44
C GLN I 137 -49.29 9.05 11.70
N PRO I 138 -50.52 9.00 11.13
CA PRO I 138 -50.93 7.78 10.40
C PRO I 138 -49.94 7.39 9.32
N LEU I 139 -49.78 6.07 9.16
CA LEU I 139 -49.00 5.49 8.08
C LEU I 139 -49.95 4.81 7.10
N GLY I 140 -49.65 4.87 5.82
CA GLY I 140 -50.54 4.25 4.87
C GLY I 140 -49.83 4.00 3.55
N GLY I 141 -50.61 3.45 2.63
CA GLY I 141 -50.10 3.14 1.31
C GLY I 141 -51.16 2.62 0.36
N TYR I 142 -51.16 3.14 -0.87
CA TYR I 142 -52.02 2.63 -1.92
C TYR I 142 -51.21 2.38 -3.17
N GLN I 143 -51.85 1.70 -4.11
CA GLN I 143 -51.34 1.46 -5.45
C GLN I 143 -52.51 1.53 -6.41
N GLY I 144 -52.35 2.24 -7.51
CA GLY I 144 -53.37 2.14 -8.53
C GLY I 144 -53.37 3.37 -9.43
N GLN I 145 -54.53 3.67 -9.95
CA GLN I 145 -54.67 4.85 -10.79
C GLN I 145 -54.53 6.14 -9.97
N ALA I 146 -54.00 7.18 -10.62
CA ALA I 146 -53.86 8.48 -9.98
C ALA I 146 -55.16 8.95 -9.35
N THR I 147 -56.28 8.80 -10.07
CA THR I 147 -57.57 9.18 -9.50
C THR I 147 -57.84 8.42 -8.21
N ASP I 148 -57.57 7.13 -8.18
CA ASP I 148 -57.73 6.38 -6.93
C ASP I 148 -56.68 6.77 -5.90
N ILE I 149 -55.45 7.08 -6.32
CA ILE I 149 -54.45 7.54 -5.38
C ILE I 149 -54.95 8.79 -4.66
N GLU I 150 -55.46 9.77 -5.42
CA GLU I 150 -56.02 10.96 -4.80
C GLU I 150 -57.17 10.61 -3.86
N ILE I 151 -58.02 9.66 -4.25
CA ILE I 151 -59.10 9.25 -3.35
C ILE I 151 -58.55 8.77 -2.01
N HIS I 152 -57.60 7.84 -2.06
CA HIS I 152 -57.12 7.21 -0.83
C HIS I 152 -56.21 8.14 -0.03
N ALA I 153 -55.46 9.01 -0.72
CA ALA I 153 -54.61 9.95 0.00
C ALA I 153 -55.45 10.97 0.74
N ARG I 154 -56.48 11.51 0.07
CA ARG I 154 -57.42 12.39 0.75
C ARG I 154 -57.93 11.76 2.03
N GLU I 155 -58.21 10.45 1.98
CA GLU I 155 -58.81 9.82 3.15
C GLU I 155 -57.83 9.74 4.29
N ILE I 156 -56.58 9.35 4.02
CA ILE I 156 -55.64 9.20 5.13
C ILE I 156 -55.31 10.56 5.73
N LEU I 157 -55.39 11.63 4.94
CA LEU I 157 -55.31 12.97 5.51
C LEU I 157 -56.53 13.29 6.37
N LYS I 158 -57.71 12.79 6.00
CA LYS I 158 -58.89 12.94 6.86
C LYS I 158 -58.71 12.19 8.17
N VAL I 159 -58.21 10.95 8.10
CA VAL I 159 -57.95 10.15 9.31
C VAL I 159 -56.97 10.89 10.22
N LYS I 160 -55.91 11.43 9.63
CA LYS I 160 -54.89 12.14 10.40
C LYS I 160 -55.50 13.31 11.17
N GLY I 161 -56.39 14.06 10.53
CA GLY I 161 -57.04 15.16 11.21
C GLY I 161 -57.88 14.71 12.40
N ARG I 162 -58.62 13.61 12.24
CA ARG I 162 -59.48 13.15 13.34
C ARG I 162 -58.67 12.50 14.45
N MET I 163 -57.63 11.75 14.09
CA MET I 163 -56.66 11.31 15.09
C MET I 163 -56.13 12.49 15.89
N ASN I 164 -55.69 13.54 15.19
CA ASN I 164 -55.21 14.77 15.83
C ASN I 164 -56.30 15.41 16.71
N GLU I 165 -57.52 15.56 16.17
CA GLU I 165 -58.63 16.13 16.94
C GLU I 165 -58.82 15.40 18.27
N LEU I 166 -58.85 14.07 18.22
CA LEU I 166 -59.16 13.30 19.42
C LEU I 166 -57.98 13.30 20.38
N MET I 167 -56.75 13.24 19.85
CA MET I 167 -55.54 13.40 20.64
C MET I 167 -55.58 14.72 21.41
N ALA I 168 -55.88 15.84 20.74
CA ALA I 168 -56.01 17.11 21.43
C ALA I 168 -57.08 17.03 22.52
N LEU I 169 -58.22 16.44 22.17
CA LEU I 169 -59.35 16.31 23.09
C LEU I 169 -58.96 15.61 24.40
N HIS I 170 -58.29 14.44 24.31
CA HIS I 170 -58.02 13.68 25.52
C HIS I 170 -56.79 14.21 26.27
N THR I 171 -55.84 14.84 25.59
CA THR I 171 -54.71 15.40 26.30
C THR I 171 -54.94 16.86 26.71
N GLY I 172 -55.98 17.50 26.18
CA GLY I 172 -56.15 18.90 26.55
C GLY I 172 -55.14 19.82 25.94
N GLN I 173 -54.28 19.32 25.06
CA GLN I 173 -53.46 20.17 24.22
C GLN I 173 -54.28 20.69 23.05
N SER I 174 -53.79 21.75 22.43
CA SER I 174 -54.49 22.34 21.30
C SER I 174 -54.26 21.51 20.04
N LEU I 175 -55.23 21.53 19.13
CA LEU I 175 -55.03 20.83 17.86
C LEU I 175 -53.68 21.19 17.27
N GLU I 176 -53.32 22.47 17.31
CA GLU I 176 -52.07 22.93 16.71
C GLU I 176 -50.85 22.27 17.36
N GLN I 177 -50.82 22.23 18.69
CA GLN I 177 -49.68 21.62 19.37
C GLN I 177 -49.53 20.17 18.96
N ILE I 178 -50.65 19.45 18.90
CA ILE I 178 -50.64 18.03 18.52
C ILE I 178 -50.13 17.87 17.09
N GLU I 179 -50.59 18.72 16.18
CA GLU I 179 -50.09 18.67 14.80
C GLU I 179 -48.59 18.88 14.75
N ARG I 180 -48.06 19.74 15.61
CA ARG I 180 -46.62 20.00 15.60
C ARG I 180 -45.82 18.86 16.20
N ASP I 181 -46.40 18.16 17.19
CA ASP I 181 -45.69 17.12 17.93
C ASP I 181 -45.74 15.75 17.27
N THR I 182 -46.65 15.55 16.31
CA THR I 182 -46.88 14.23 15.76
C THR I 182 -46.40 14.08 14.32
N GLU I 183 -45.80 15.12 13.75
CA GLU I 183 -45.25 15.04 12.39
C GLU I 183 -44.16 13.98 12.29
N ARG I 184 -43.47 13.71 13.39
CA ARG I 184 -42.42 12.71 13.43
C ARG I 184 -42.61 11.87 14.69
N ASP I 185 -41.86 10.78 14.77
CA ASP I 185 -41.86 9.98 15.99
C ASP I 185 -41.42 10.82 17.18
N ARG I 186 -42.06 10.56 18.31
CA ARG I 186 -41.85 11.37 19.50
C ARG I 186 -42.05 10.45 20.71
N PHE I 187 -40.99 10.26 21.46
CA PHE I 187 -41.03 9.37 22.62
C PHE I 187 -41.35 10.19 23.86
N LEU I 188 -42.27 9.68 24.68
CA LEU I 188 -42.55 10.24 25.99
C LEU I 188 -42.33 9.16 27.04
N SER I 189 -41.55 9.50 28.06
CA SER I 189 -41.41 8.68 29.25
C SER I 189 -42.63 8.89 30.14
N ALA I 190 -42.83 7.96 31.09
CA ALA I 190 -43.96 8.09 32.03
C ALA I 190 -44.10 9.50 32.59
N PRO I 191 -43.06 10.14 33.16
CA PRO I 191 -43.24 11.53 33.63
C PRO I 191 -43.64 12.47 32.52
N GLU I 192 -42.94 12.44 31.39
CA GLU I 192 -43.30 13.24 30.22
C GLU I 192 -44.71 12.93 29.73
N ALA I 193 -45.16 11.68 29.86
CA ALA I 193 -46.53 11.36 29.46
C ALA I 193 -47.55 12.01 30.40
N VAL I 194 -47.18 12.20 31.68
CA VAL I 194 -48.07 12.88 32.60
C VAL I 194 -48.10 14.38 32.29
N GLU I 195 -46.93 14.99 32.04
CA GLU I 195 -46.91 16.42 31.75
C GLU I 195 -47.70 16.71 30.50
N TYR I 196 -47.50 15.88 29.47
CA TYR I 196 -48.12 16.12 28.19
C TYR I 196 -49.64 16.00 28.24
N GLY I 197 -50.18 15.28 29.22
CA GLY I 197 -51.60 15.02 29.29
C GLY I 197 -52.02 13.64 28.82
N LEU I 198 -51.08 12.90 28.20
CA LEU I 198 -51.38 11.56 27.69
C LEU I 198 -51.90 10.64 28.77
N VAL I 199 -51.24 10.64 29.93
CA VAL I 199 -51.79 9.91 31.07
C VAL I 199 -51.98 10.90 32.20
N ASP I 200 -52.57 10.43 33.29
CA ASP I 200 -52.88 11.27 34.43
C ASP I 200 -51.86 11.16 35.54
N SER I 201 -51.24 10.00 35.72
CA SER I 201 -50.24 9.82 36.76
C SER I 201 -49.52 8.50 36.53
N ILE I 202 -48.62 8.19 37.44
CA ILE I 202 -47.74 7.03 37.35
C ILE I 202 -48.07 6.13 38.51
N LEU I 203 -48.37 4.87 38.21
CA LEU I 203 -48.42 3.85 39.23
C LEU I 203 -47.02 3.38 39.50
N THR I 204 -46.61 3.38 40.76
CA THR I 204 -45.32 2.79 41.08
C THR I 204 -45.47 1.56 41.95
N HIS I 205 -46.09 1.71 43.12
CA HIS I 205 -46.32 0.60 44.01
C HIS I 205 -47.79 0.59 44.39
N ARG I 206 -48.28 -0.56 44.80
CA ARG I 206 -49.68 -0.64 45.17
C ARG I 206 -49.83 -0.10 46.57
N ASN I 207 -50.77 0.83 46.73
CA ASN I 207 -51.03 1.46 48.01
C ASN I 207 -51.40 0.40 49.03
N ASP J 32 -53.46 -29.47 35.45
CA ASP J 32 -52.32 -29.37 34.53
C ASP J 32 -51.02 -28.92 35.21
N ILE J 33 -49.88 -29.42 34.70
CA ILE J 33 -48.60 -29.37 35.40
C ILE J 33 -48.16 -27.94 35.69
N TYR J 34 -48.27 -27.04 34.71
CA TYR J 34 -47.86 -25.66 34.98
C TYR J 34 -48.93 -24.90 35.75
N SER J 35 -50.21 -25.11 35.41
CA SER J 35 -51.29 -24.56 36.24
C SER J 35 -51.14 -25.03 37.67
N ARG J 36 -50.69 -26.27 37.85
CA ARG J 36 -50.60 -26.84 39.18
C ARG J 36 -49.46 -26.24 39.97
N LEU J 37 -48.34 -25.92 39.32
CA LEU J 37 -47.28 -25.20 40.01
C LEU J 37 -47.64 -23.75 40.23
N LEU J 38 -48.51 -23.19 39.37
CA LEU J 38 -48.99 -21.84 39.61
C LEU J 38 -49.81 -21.75 40.90
N LYS J 39 -50.62 -22.77 41.19
CA LYS J 39 -51.32 -22.82 42.49
C LYS J 39 -50.35 -22.75 43.66
N GLU J 40 -49.12 -23.26 43.49
CA GLU J 40 -48.08 -23.10 44.50
C GLU J 40 -47.29 -21.80 44.32
N ARG J 41 -47.83 -20.84 43.57
CA ARG J 41 -47.25 -19.50 43.48
C ARG J 41 -45.93 -19.48 42.70
N VAL J 42 -45.77 -20.37 41.73
CA VAL J 42 -44.57 -20.46 40.91
C VAL J 42 -44.92 -20.12 39.46
N ILE J 43 -44.16 -19.18 38.88
CA ILE J 43 -44.26 -18.79 37.47
C ILE J 43 -42.94 -19.12 36.79
N PHE J 44 -43.03 -19.56 35.55
CA PHE J 44 -41.83 -19.89 34.80
C PHE J 44 -41.63 -18.86 33.69
N LEU J 45 -40.46 -18.26 33.67
CA LEU J 45 -40.02 -17.39 32.59
C LEU J 45 -38.93 -18.15 31.85
N THR J 46 -39.30 -18.66 30.68
CA THR J 46 -38.45 -19.59 29.93
C THR J 46 -38.32 -19.11 28.50
N GLY J 47 -37.08 -19.02 28.02
CA GLY J 47 -36.87 -18.66 26.62
C GLY J 47 -36.90 -17.17 26.38
N GLN J 48 -36.93 -16.82 25.09
CA GLN J 48 -36.83 -15.44 24.65
C GLN J 48 -37.95 -14.57 25.21
N VAL J 49 -37.58 -13.36 25.64
CA VAL J 49 -38.55 -12.40 26.14
C VAL J 49 -39.14 -11.63 24.96
N GLU J 50 -40.46 -11.78 24.78
CA GLU J 50 -41.23 -11.06 23.78
C GLU J 50 -42.59 -10.73 24.39
N ASP J 51 -43.38 -9.94 23.67
CA ASP J 51 -44.63 -9.39 24.21
C ASP J 51 -45.55 -10.47 24.78
N HIS J 52 -45.74 -11.56 24.05
CA HIS J 52 -46.86 -12.41 24.43
C HIS J 52 -46.51 -13.36 25.57
N MET J 53 -45.28 -13.89 25.60
CA MET J 53 -44.89 -14.67 26.77
C MET J 53 -44.77 -13.76 27.99
N ALA J 54 -44.38 -12.51 27.79
CA ALA J 54 -44.28 -11.57 28.90
C ALA J 54 -45.66 -11.18 29.43
N ASN J 55 -46.64 -11.01 28.54
CA ASN J 55 -48.00 -10.80 29.00
C ASN J 55 -48.49 -11.97 29.86
N LEU J 56 -48.23 -13.21 29.44
CA LEU J 56 -48.58 -14.37 30.25
C LEU J 56 -47.99 -14.28 31.66
N ILE J 57 -46.70 -13.92 31.76
CA ILE J 57 -46.07 -13.76 33.07
C ILE J 57 -46.76 -12.66 33.87
N VAL J 58 -47.05 -11.51 33.23
CA VAL J 58 -47.65 -10.40 33.97
C VAL J 58 -49.03 -10.81 34.47
N ALA J 59 -49.79 -11.52 33.64
CA ALA J 59 -51.12 -11.97 34.04
C ALA J 59 -51.05 -12.91 35.22
N GLN J 60 -50.08 -13.85 35.22
CA GLN J 60 -49.92 -14.76 36.35
C GLN J 60 -49.55 -14.02 37.63
N MET J 61 -48.77 -12.94 37.52
CA MET J 61 -48.39 -12.16 38.69
C MET J 61 -49.60 -11.43 39.26
N LEU J 62 -50.38 -10.78 38.40
CA LEU J 62 -51.58 -10.11 38.88
C LEU J 62 -52.59 -11.12 39.44
N PHE J 63 -52.73 -12.27 38.79
CA PHE J 63 -53.55 -13.34 39.35
C PHE J 63 -53.05 -13.74 40.73
N LEU J 64 -51.74 -13.99 40.86
CA LEU J 64 -51.22 -14.42 42.16
C LEU J 64 -51.39 -13.33 43.20
N GLU J 65 -51.11 -12.08 42.83
CA GLU J 65 -51.31 -10.99 43.77
C GLU J 65 -52.75 -10.91 44.25
N ALA J 66 -53.71 -11.14 43.35
CA ALA J 66 -55.11 -11.09 43.75
C ALA J 66 -55.44 -12.27 44.67
N GLU J 67 -54.99 -13.48 44.29
CA GLU J 67 -55.23 -14.68 45.08
C GLU J 67 -54.75 -14.49 46.51
N ASN J 68 -53.66 -13.75 46.70
CA ASN J 68 -53.04 -13.57 47.99
C ASN J 68 -51.97 -12.48 47.88
N PRO J 69 -52.32 -11.22 48.14
CA PRO J 69 -51.34 -10.12 48.01
C PRO J 69 -50.30 -10.12 49.10
N GLU J 70 -50.35 -11.06 50.04
CA GLU J 70 -49.36 -11.10 51.10
C GLU J 70 -48.31 -12.18 50.89
N LYS J 71 -48.53 -13.12 49.98
CA LYS J 71 -47.66 -14.28 49.86
C LYS J 71 -46.65 -14.12 48.72
N ASP J 72 -45.42 -14.55 48.99
CA ASP J 72 -44.34 -14.45 48.01
C ASP J 72 -44.70 -15.14 46.70
N ILE J 73 -44.17 -14.58 45.62
CA ILE J 73 -44.26 -15.15 44.27
C ILE J 73 -42.85 -15.57 43.88
N TYR J 74 -42.73 -16.76 43.29
CA TYR J 74 -41.44 -17.29 42.85
C TYR J 74 -41.39 -17.31 41.33
N LEU J 75 -40.33 -16.72 40.77
CA LEU J 75 -40.15 -16.56 39.32
C LEU J 75 -38.86 -17.26 38.90
N TYR J 76 -38.98 -18.42 38.26
CA TYR J 76 -37.85 -19.14 37.71
C TYR J 76 -37.48 -18.57 36.35
N ILE J 77 -36.21 -18.23 36.19
CA ILE J 77 -35.73 -17.56 34.99
C ILE J 77 -34.75 -18.48 34.27
N ASN J 78 -35.12 -18.90 33.05
CA ASN J 78 -34.22 -19.59 32.14
C ASN J 78 -34.38 -18.94 30.77
N SER J 79 -33.49 -18.00 30.45
CA SER J 79 -33.77 -17.12 29.30
C SER J 79 -32.50 -16.47 28.75
N PRO J 80 -32.38 -16.32 27.43
CA PRO J 80 -31.27 -15.55 26.85
C PRO J 80 -31.49 -14.04 26.76
N GLY J 81 -32.67 -13.53 27.12
CA GLY J 81 -32.98 -12.13 26.96
C GLY J 81 -34.09 -11.92 25.95
N GLY J 82 -34.21 -10.74 25.40
CA GLY J 82 -35.21 -10.53 24.38
C GLY J 82 -35.62 -9.06 24.34
N VAL J 83 -36.87 -8.84 23.94
CA VAL J 83 -37.32 -7.48 23.66
C VAL J 83 -37.37 -6.67 24.95
N ILE J 84 -36.78 -5.47 24.91
CA ILE J 84 -36.62 -4.67 26.12
C ILE J 84 -37.95 -4.20 26.68
N THR J 85 -38.85 -3.73 25.81
CA THR J 85 -40.10 -3.19 26.37
C THR J 85 -40.96 -4.30 26.95
N ALA J 86 -40.90 -5.50 26.35
CA ALA J 86 -41.59 -6.65 26.92
C ALA J 86 -41.01 -6.99 28.28
N GLY J 87 -39.68 -7.04 28.38
CA GLY J 87 -39.05 -7.29 29.66
C GLY J 87 -39.40 -6.26 30.71
N MET J 88 -39.50 -4.99 30.31
CA MET J 88 -39.84 -3.93 31.27
C MET J 88 -41.27 -4.03 31.78
N SER J 89 -42.21 -4.55 30.98
CA SER J 89 -43.54 -4.77 31.51
C SER J 89 -43.52 -5.80 32.63
N ILE J 90 -42.73 -6.87 32.49
CA ILE J 90 -42.54 -7.77 33.62
C ILE J 90 -41.95 -7.00 34.79
N TYR J 91 -40.91 -6.18 34.52
CA TYR J 91 -40.15 -5.55 35.58
C TYR J 91 -41.00 -4.59 36.39
N ASP J 92 -41.87 -3.83 35.71
CA ASP J 92 -42.72 -2.88 36.41
C ASP J 92 -43.84 -3.59 37.15
N THR J 93 -44.26 -4.77 36.68
CA THR J 93 -45.23 -5.56 37.44
C THR J 93 -44.60 -6.09 38.73
N MET J 94 -43.38 -6.64 38.63
CA MET J 94 -42.72 -7.17 39.81
C MET J 94 -42.56 -6.11 40.89
N GLN J 95 -42.15 -4.90 40.50
CA GLN J 95 -42.05 -3.81 41.46
C GLN J 95 -43.41 -3.42 42.00
N PHE J 96 -44.39 -3.29 41.12
CA PHE J 96 -45.66 -2.66 41.46
C PHE J 96 -46.50 -3.51 42.39
N ILE J 97 -46.60 -4.82 42.14
CA ILE J 97 -47.54 -5.64 42.89
C ILE J 97 -47.11 -5.72 44.35
N LYS J 98 -48.11 -6.03 45.21
CA LYS J 98 -47.87 -6.15 46.65
C LYS J 98 -46.83 -7.22 46.99
N PRO J 99 -47.00 -8.49 46.60
CA PRO J 99 -46.06 -9.52 47.04
C PRO J 99 -44.65 -9.28 46.52
N ASP J 100 -43.67 -9.61 47.37
CA ASP J 100 -42.31 -9.80 46.91
C ASP J 100 -42.27 -10.83 45.78
N VAL J 101 -41.41 -10.59 44.81
CA VAL J 101 -41.17 -11.58 43.76
C VAL J 101 -39.76 -12.09 43.97
N SER J 102 -39.66 -13.33 44.41
CA SER J 102 -38.38 -13.99 44.55
C SER J 102 -38.05 -14.58 43.19
N THR J 103 -36.82 -14.35 42.73
CA THR J 103 -36.38 -14.85 41.43
C THR J 103 -35.28 -15.88 41.61
N ILE J 104 -35.33 -16.90 40.77
CA ILE J 104 -34.45 -18.04 40.86
C ILE J 104 -33.92 -18.30 39.46
N CYS J 105 -32.60 -18.19 39.28
CA CYS J 105 -31.99 -18.43 37.98
C CYS J 105 -31.66 -19.91 37.81
N MET J 106 -32.04 -20.44 36.66
CA MET J 106 -31.91 -21.86 36.37
C MET J 106 -31.49 -21.97 34.92
N GLY J 107 -30.37 -22.65 34.66
CA GLY J 107 -29.87 -22.71 33.30
C GLY J 107 -29.09 -21.45 32.93
N GLN J 108 -29.79 -20.40 32.49
CA GLN J 108 -29.12 -19.14 32.17
C GLN J 108 -30.06 -17.97 32.44
N ALA J 109 -29.46 -16.81 32.73
CA ALA J 109 -30.18 -15.53 32.78
C ALA J 109 -29.27 -14.50 32.11
N ALA J 110 -29.51 -14.23 30.85
CA ALA J 110 -28.67 -13.35 30.06
C ALA J 110 -29.48 -12.14 29.59
N SER J 111 -28.81 -10.98 29.54
CA SER J 111 -29.39 -9.71 29.12
C SER J 111 -30.64 -9.39 29.91
N MET J 112 -31.77 -9.22 29.23
CA MET J 112 -32.98 -8.96 29.99
C MET J 112 -33.31 -10.10 30.93
N GLY J 113 -32.96 -11.33 30.57
CA GLY J 113 -33.04 -12.42 31.53
C GLY J 113 -32.31 -12.10 32.82
N ALA J 114 -31.05 -11.67 32.70
CA ALA J 114 -30.29 -11.24 33.88
C ALA J 114 -30.93 -10.02 34.54
N PHE J 115 -31.46 -9.09 33.75
CA PHE J 115 -32.04 -7.90 34.36
C PHE J 115 -33.23 -8.26 35.24
N LEU J 116 -34.14 -9.09 34.75
CA LEU J 116 -35.27 -9.49 35.56
C LEU J 116 -34.85 -10.34 36.75
N LEU J 117 -33.70 -11.01 36.67
CA LEU J 117 -33.28 -11.81 37.80
C LEU J 117 -32.79 -10.95 38.95
N THR J 118 -32.02 -9.90 38.67
CA THR J 118 -31.62 -8.95 39.71
C THR J 118 -32.77 -8.05 40.14
N ALA J 119 -33.87 -8.05 39.39
CA ALA J 119 -35.08 -7.28 39.71
C ALA J 119 -35.88 -7.86 40.88
N GLY J 120 -35.60 -9.08 41.31
CA GLY J 120 -36.35 -9.66 42.40
C GLY J 120 -36.15 -8.91 43.72
N ALA J 121 -37.02 -9.25 44.65
CA ALA J 121 -36.96 -8.68 46.00
C ALA J 121 -35.57 -8.86 46.60
N LYS J 122 -35.01 -7.77 47.10
CA LYS J 122 -33.71 -7.87 47.77
C LYS J 122 -33.78 -8.98 48.81
N GLY J 123 -32.70 -9.75 48.89
CA GLY J 123 -32.66 -10.90 49.76
C GLY J 123 -33.27 -12.17 49.19
N LYS J 124 -33.99 -12.09 48.08
CA LYS J 124 -34.79 -13.21 47.60
C LYS J 124 -34.48 -13.58 46.15
N ARG J 125 -33.29 -13.22 45.66
CA ARG J 125 -32.82 -13.55 44.32
C ARG J 125 -31.76 -14.63 44.39
N PHE J 126 -31.94 -15.70 43.61
CA PHE J 126 -31.09 -16.88 43.71
C PHE J 126 -30.48 -17.27 42.38
N CYS J 127 -29.34 -17.94 42.46
CA CYS J 127 -28.81 -18.73 41.37
C CYS J 127 -28.73 -20.17 41.79
N LEU J 128 -28.96 -21.03 40.88
CA LEU J 128 -28.59 -22.42 41.08
C LEU J 128 -27.08 -22.59 40.86
N PRO J 129 -26.46 -23.61 41.47
CA PRO J 129 -24.98 -23.64 41.49
C PRO J 129 -24.31 -23.54 40.12
N ASN J 130 -24.89 -24.11 39.06
CA ASN J 130 -24.24 -24.17 37.76
C ASN J 130 -24.95 -23.32 36.71
N SER J 131 -25.91 -22.50 37.12
CA SER J 131 -26.44 -21.53 36.18
C SER J 131 -25.40 -20.46 35.87
N ARG J 132 -25.59 -19.79 34.74
CA ARG J 132 -24.73 -18.68 34.37
C ARG J 132 -25.57 -17.45 34.01
N VAL J 133 -24.92 -16.30 34.06
CA VAL J 133 -25.57 -15.02 33.86
C VAL J 133 -24.71 -14.22 32.91
N MET J 134 -25.34 -13.53 31.98
CA MET J 134 -24.66 -12.61 31.07
C MET J 134 -25.34 -11.26 31.17
N ILE J 135 -24.53 -10.21 31.26
CA ILE J 135 -25.05 -8.85 31.17
C ILE J 135 -24.42 -8.18 29.96
N HIS J 136 -25.14 -7.20 29.41
CA HIS J 136 -24.59 -6.35 28.36
C HIS J 136 -25.51 -5.14 28.19
N GLN J 137 -25.14 -4.26 27.26
CA GLN J 137 -25.90 -3.06 26.97
C GLN J 137 -27.03 -3.37 25.97
N PRO J 138 -27.98 -2.43 25.82
CA PRO J 138 -29.11 -2.66 24.92
C PRO J 138 -28.69 -2.78 23.46
N LEU J 139 -29.36 -3.68 22.74
CA LEU J 139 -29.21 -3.87 21.30
C LEU J 139 -30.36 -3.19 20.57
N GLY J 140 -30.11 -2.74 19.35
CA GLY J 140 -31.15 -2.04 18.63
C GLY J 140 -30.91 -1.93 17.14
N GLY J 141 -31.89 -1.32 16.47
CA GLY J 141 -31.78 -1.14 15.04
C GLY J 141 -32.91 -0.33 14.47
N TYR J 142 -32.58 0.74 13.73
CA TYR J 142 -33.56 1.50 12.99
C TYR J 142 -33.11 1.65 11.53
N GLN J 143 -34.04 2.08 10.70
CA GLN J 143 -33.81 2.37 9.29
C GLN J 143 -34.73 3.51 8.89
N GLY J 144 -34.20 4.54 8.24
CA GLY J 144 -35.05 5.62 7.80
C GLY J 144 -34.26 6.88 7.51
N GLN J 145 -34.96 8.01 7.58
CA GLN J 145 -34.36 9.31 7.38
C GLN J 145 -33.44 9.64 8.53
N ALA J 146 -32.43 10.48 8.25
CA ALA J 146 -31.49 10.88 9.29
C ALA J 146 -32.23 11.45 10.48
N THR J 147 -33.21 12.33 10.23
CA THR J 147 -33.89 12.99 11.33
C THR J 147 -34.61 11.98 12.22
N ASP J 148 -35.16 10.93 11.61
CA ASP J 148 -35.77 9.88 12.42
C ASP J 148 -34.71 9.05 13.14
N ILE J 149 -33.59 8.75 12.47
CA ILE J 149 -32.50 7.99 13.08
C ILE J 149 -32.02 8.66 14.36
N GLU J 150 -31.82 9.98 14.31
CA GLU J 150 -31.52 10.76 15.50
C GLU J 150 -32.57 10.55 16.58
N ILE J 151 -33.85 10.60 16.22
CA ILE J 151 -34.91 10.44 17.22
C ILE J 151 -34.80 9.06 17.89
N HIS J 152 -34.70 8.01 17.07
CA HIS J 152 -34.68 6.67 17.65
C HIS J 152 -33.34 6.37 18.28
N ALA J 153 -32.25 6.90 17.72
CA ALA J 153 -30.95 6.75 18.37
C ALA J 153 -30.96 7.40 19.75
N ARG J 154 -31.47 8.62 19.85
CA ARG J 154 -31.59 9.29 21.15
C ARG J 154 -32.35 8.42 22.14
N GLU J 155 -33.38 7.72 21.69
CA GLU J 155 -34.24 7.01 22.63
C GLU J 155 -33.55 5.76 23.16
N ILE J 156 -32.88 4.99 22.31
CA ILE J 156 -32.24 3.80 22.84
C ILE J 156 -31.13 4.18 23.83
N LEU J 157 -30.54 5.38 23.68
CA LEU J 157 -29.54 5.83 24.65
C LEU J 157 -30.21 6.19 25.97
N LYS J 158 -31.38 6.82 25.91
CA LYS J 158 -32.16 7.03 27.13
C LYS J 158 -32.48 5.69 27.80
N VAL J 159 -33.00 4.73 27.01
CA VAL J 159 -33.27 3.37 27.50
C VAL J 159 -32.01 2.78 28.13
N LYS J 160 -30.85 2.98 27.48
CA LYS J 160 -29.62 2.41 28.01
C LYS J 160 -29.24 3.05 29.35
N GLY J 161 -29.45 4.36 29.49
CA GLY J 161 -29.28 5.03 30.77
C GLY J 161 -30.14 4.45 31.88
N ARG J 162 -31.47 4.44 31.69
CA ARG J 162 -32.39 3.89 32.68
C ARG J 162 -32.05 2.44 33.02
N MET J 163 -31.81 1.60 32.00
CA MET J 163 -31.40 0.23 32.24
C MET J 163 -30.21 0.18 33.18
N ASN J 164 -29.13 0.88 32.82
CA ASN J 164 -27.93 0.89 33.64
C ASN J 164 -28.23 1.43 35.03
N GLU J 165 -29.10 2.46 35.11
CA GLU J 165 -29.45 3.03 36.40
C GLU J 165 -30.17 2.01 37.28
N LEU J 166 -31.10 1.25 36.69
CA LEU J 166 -31.83 0.27 37.47
C LEU J 166 -30.92 -0.84 37.95
N MET J 167 -29.98 -1.26 37.10
CA MET J 167 -29.07 -2.33 37.46
C MET J 167 -28.18 -1.93 38.64
N ALA J 168 -27.56 -0.75 38.55
CA ALA J 168 -26.82 -0.18 39.67
C ALA J 168 -27.65 -0.24 40.94
N LEU J 169 -28.90 0.20 40.85
CA LEU J 169 -29.82 0.17 41.98
C LEU J 169 -29.92 -1.22 42.58
N HIS J 170 -30.29 -2.21 41.74
CA HIS J 170 -30.53 -3.55 42.25
C HIS J 170 -29.24 -4.26 42.66
N THR J 171 -28.13 -3.98 41.97
CA THR J 171 -26.87 -4.63 42.31
C THR J 171 -26.09 -3.92 43.41
N GLY J 172 -26.42 -2.67 43.72
CA GLY J 172 -25.63 -1.88 44.63
C GLY J 172 -24.33 -1.36 44.06
N GLN J 173 -24.03 -1.64 42.79
CA GLN J 173 -22.86 -1.11 42.13
C GLN J 173 -23.08 0.36 41.77
N SER J 174 -21.96 1.07 41.57
CA SER J 174 -22.03 2.42 41.06
C SER J 174 -22.48 2.42 39.60
N LEU J 175 -23.11 3.52 39.20
CA LEU J 175 -23.49 3.69 37.79
C LEU J 175 -22.30 3.46 36.89
N GLU J 176 -21.18 4.09 37.23
CA GLU J 176 -19.97 3.98 36.42
C GLU J 176 -19.54 2.53 36.27
N GLN J 177 -19.66 1.73 37.33
CA GLN J 177 -19.22 0.34 37.24
C GLN J 177 -20.12 -0.47 36.33
N ILE J 178 -21.44 -0.29 36.46
CA ILE J 178 -22.40 -1.06 35.67
C ILE J 178 -22.12 -0.90 34.18
N GLU J 179 -21.83 0.31 33.74
CA GLU J 179 -21.67 0.54 32.29
C GLU J 179 -20.29 0.21 31.78
N ARG J 180 -19.25 0.29 32.60
CA ARG J 180 -17.98 -0.30 32.19
C ARG J 180 -18.15 -1.80 32.00
N ASP J 181 -18.93 -2.44 32.88
CA ASP J 181 -19.06 -3.89 32.82
C ASP J 181 -20.05 -4.35 31.77
N THR J 182 -20.99 -3.50 31.34
CA THR J 182 -21.98 -3.94 30.37
C THR J 182 -21.75 -3.43 28.97
N GLU J 183 -20.67 -2.69 28.70
CA GLU J 183 -20.46 -2.18 27.34
C GLU J 183 -20.25 -3.32 26.38
N ARG J 184 -19.67 -4.43 26.86
CA ARG J 184 -19.57 -5.67 26.11
C ARG J 184 -20.08 -6.81 26.98
N ASP J 185 -20.35 -7.93 26.34
CA ASP J 185 -20.88 -9.11 27.04
C ASP J 185 -19.98 -9.51 28.21
N ARG J 186 -20.58 -9.69 29.40
CA ARG J 186 -19.86 -10.16 30.58
C ARG J 186 -20.57 -11.38 31.19
N PHE J 187 -19.84 -12.48 31.32
CA PHE J 187 -20.36 -13.68 31.96
C PHE J 187 -19.97 -13.70 33.44
N LEU J 188 -20.95 -13.99 34.30
CA LEU J 188 -20.73 -14.19 35.73
C LEU J 188 -21.20 -15.58 36.12
N SER J 189 -20.33 -16.36 36.76
CA SER J 189 -20.80 -17.60 37.35
C SER J 189 -21.72 -17.29 38.53
N ALA J 190 -22.39 -18.33 39.02
CA ALA J 190 -23.22 -18.17 40.21
C ALA J 190 -22.48 -17.55 41.38
N PRO J 191 -21.28 -18.00 41.78
CA PRO J 191 -20.58 -17.25 42.85
C PRO J 191 -20.22 -15.83 42.43
N GLU J 192 -19.84 -15.63 41.17
CA GLU J 192 -19.50 -14.29 40.70
C GLU J 192 -20.71 -13.37 40.75
N ALA J 193 -21.90 -13.89 40.40
CA ALA J 193 -23.09 -13.06 40.44
C ALA J 193 -23.56 -12.78 41.86
N VAL J 194 -23.34 -13.70 42.81
CA VAL J 194 -23.60 -13.36 44.21
C VAL J 194 -22.72 -12.18 44.62
N GLU J 195 -21.43 -12.27 44.30
CA GLU J 195 -20.48 -11.25 44.71
C GLU J 195 -20.76 -9.92 44.04
N TYR J 196 -21.27 -9.95 42.82
CA TYR J 196 -21.53 -8.73 42.07
C TYR J 196 -22.74 -7.99 42.62
N GLY J 197 -23.59 -8.64 43.41
CA GLY J 197 -24.86 -8.07 43.80
C GLY J 197 -26.00 -8.32 42.84
N LEU J 198 -25.79 -9.17 41.82
CA LEU J 198 -26.87 -9.49 40.89
C LEU J 198 -27.93 -10.38 41.55
N VAL J 199 -27.49 -11.38 42.32
CA VAL J 199 -28.38 -12.20 43.15
C VAL J 199 -27.82 -12.22 44.56
N ASP J 200 -28.62 -12.75 45.48
CA ASP J 200 -28.30 -12.66 46.91
C ASP J 200 -27.59 -13.89 47.46
N SER J 201 -27.95 -15.10 47.02
CA SER J 201 -27.21 -16.28 47.41
C SER J 201 -27.43 -17.37 46.34
N ILE J 202 -26.74 -18.50 46.53
CA ILE J 202 -26.80 -19.66 45.65
C ILE J 202 -27.70 -20.69 46.31
N LEU J 203 -28.49 -21.39 45.51
CA LEU J 203 -29.27 -22.54 45.99
C LEU J 203 -28.54 -23.83 45.64
N THR J 204 -28.32 -24.69 46.64
CA THR J 204 -27.57 -25.92 46.40
C THR J 204 -28.34 -27.19 46.71
N HIS J 205 -29.01 -27.27 47.88
CA HIS J 205 -29.83 -28.42 48.22
C HIS J 205 -30.99 -27.94 49.07
N ARG J 206 -32.15 -28.58 48.92
CA ARG J 206 -33.31 -28.20 49.71
C ARG J 206 -33.10 -28.56 51.17
N ASN J 207 -33.50 -27.64 52.06
CA ASN J 207 -33.42 -27.82 53.51
C ASN J 207 -34.82 -27.92 54.16
N LEU K 16 -53.21 -36.56 21.11
CA LEU K 16 -52.38 -37.29 20.16
C LEU K 16 -51.68 -38.50 20.83
N VAL K 17 -52.08 -38.77 22.07
CA VAL K 17 -51.34 -39.72 22.92
C VAL K 17 -52.36 -40.42 23.83
N PRO K 18 -52.31 -41.75 23.98
CA PRO K 18 -53.47 -42.45 24.57
C PRO K 18 -53.79 -41.96 25.98
N MET K 19 -55.07 -41.89 26.29
CA MET K 19 -55.51 -41.50 27.63
C MET K 19 -55.78 -42.76 28.45
N VAL K 20 -55.19 -42.83 29.65
CA VAL K 20 -55.59 -43.83 30.63
C VAL K 20 -55.86 -43.13 31.96
N ASP K 32 -54.28 -39.39 30.33
CA ASP K 32 -53.11 -39.41 29.44
C ASP K 32 -51.92 -40.22 30.02
N ILE K 33 -51.20 -40.94 29.14
CA ILE K 33 -50.30 -42.01 29.57
C ILE K 33 -49.16 -41.47 30.43
N TYR K 34 -48.43 -40.47 29.92
CA TYR K 34 -47.34 -39.88 30.71
C TYR K 34 -47.85 -39.32 32.03
N SER K 35 -49.08 -38.78 32.05
CA SER K 35 -49.66 -38.30 33.30
C SER K 35 -49.93 -39.44 34.27
N ARG K 36 -50.26 -40.62 33.74
CA ARG K 36 -50.40 -41.78 34.62
C ARG K 36 -49.04 -42.23 35.15
N LEU K 37 -48.02 -42.24 34.29
CA LEU K 37 -46.69 -42.65 34.74
C LEU K 37 -46.07 -41.62 35.68
N LEU K 38 -46.41 -40.34 35.51
CA LEU K 38 -45.97 -39.33 36.46
C LEU K 38 -46.55 -39.60 37.84
N LYS K 39 -47.78 -40.14 37.91
CA LYS K 39 -48.40 -40.53 39.18
C LYS K 39 -47.50 -41.50 39.95
N GLU K 40 -46.91 -42.44 39.24
CA GLU K 40 -46.02 -43.41 39.85
C GLU K 40 -44.57 -42.92 39.84
N ARG K 41 -44.36 -41.63 39.62
CA ARG K 41 -43.08 -40.94 39.75
C ARG K 41 -42.09 -41.24 38.64
N VAL K 42 -42.55 -41.47 37.41
CA VAL K 42 -41.66 -41.66 36.28
C VAL K 42 -41.77 -40.44 35.36
N ILE K 43 -40.61 -39.88 35.00
CA ILE K 43 -40.49 -38.77 34.06
C ILE K 43 -39.71 -39.26 32.84
N PHE K 44 -40.02 -38.71 31.67
CA PHE K 44 -39.29 -39.05 30.45
C PHE K 44 -38.54 -37.83 29.92
N LEU K 45 -37.26 -38.05 29.61
CA LEU K 45 -36.39 -37.09 28.93
C LEU K 45 -36.05 -37.67 27.55
N THR K 46 -36.78 -37.22 26.54
CA THR K 46 -36.73 -37.79 25.19
C THR K 46 -36.31 -36.74 24.18
N GLY K 47 -35.53 -37.15 23.19
CA GLY K 47 -35.19 -36.20 22.16
C GLY K 47 -34.18 -35.13 22.60
N GLN K 48 -34.03 -34.15 21.70
CA GLN K 48 -33.10 -33.06 21.91
C GLN K 48 -33.39 -32.27 23.19
N VAL K 49 -32.34 -32.03 23.96
CA VAL K 49 -32.43 -31.21 25.16
C VAL K 49 -32.50 -29.74 24.71
N GLU K 50 -33.58 -29.06 25.08
CA GLU K 50 -33.67 -27.63 24.82
C GLU K 50 -34.53 -27.01 25.91
N ASP K 51 -34.64 -25.68 25.90
CA ASP K 51 -35.19 -24.96 27.05
C ASP K 51 -36.55 -25.49 27.47
N HIS K 52 -37.44 -25.68 26.50
CA HIS K 52 -38.83 -25.85 26.87
C HIS K 52 -39.10 -27.26 27.39
N MET K 53 -38.56 -28.29 26.73
CA MET K 53 -38.66 -29.64 27.28
C MET K 53 -37.99 -29.72 28.63
N ALA K 54 -36.88 -29.00 28.81
CA ALA K 54 -36.16 -29.02 30.08
C ALA K 54 -37.00 -28.40 31.19
N ASN K 55 -37.59 -27.23 30.92
CA ASN K 55 -38.49 -26.62 31.90
C ASN K 55 -39.68 -27.53 32.20
N LEU K 56 -40.06 -28.39 31.27
CA LEU K 56 -41.07 -29.40 31.54
C LEU K 56 -40.57 -30.45 32.55
N ILE K 57 -39.34 -30.92 32.37
CA ILE K 57 -38.76 -31.88 33.31
C ILE K 57 -38.52 -31.22 34.66
N VAL K 58 -38.04 -29.98 34.64
CA VAL K 58 -37.88 -29.25 35.90
C VAL K 58 -39.20 -29.22 36.66
N ALA K 59 -40.29 -28.91 35.94
CA ALA K 59 -41.56 -28.75 36.62
C ALA K 59 -42.05 -30.07 37.17
N GLN K 60 -41.89 -31.15 36.41
CA GLN K 60 -42.31 -32.44 36.91
C GLN K 60 -41.55 -32.85 38.17
N MET K 61 -40.26 -32.50 38.25
CA MET K 61 -39.49 -32.87 39.45
C MET K 61 -39.95 -32.05 40.65
N LEU K 62 -40.08 -30.73 40.48
CA LEU K 62 -40.65 -29.91 41.56
C LEU K 62 -42.03 -30.40 41.97
N PHE K 63 -42.83 -30.93 41.03
CA PHE K 63 -44.13 -31.47 41.41
C PHE K 63 -43.99 -32.76 42.22
N LEU K 64 -43.04 -33.63 41.86
CA LEU K 64 -42.87 -34.89 42.57
C LEU K 64 -42.26 -34.68 43.95
N GLU K 65 -41.27 -33.79 44.07
CA GLU K 65 -40.71 -33.49 45.38
C GLU K 65 -41.74 -32.85 46.27
N ALA K 66 -42.56 -31.96 45.71
CA ALA K 66 -43.70 -31.46 46.46
C ALA K 66 -44.63 -32.59 46.89
N GLU K 67 -44.90 -33.55 45.99
CA GLU K 67 -45.79 -34.66 46.33
C GLU K 67 -45.22 -35.49 47.47
N ASN K 68 -43.94 -35.78 47.42
CA ASN K 68 -43.36 -36.68 48.39
C ASN K 68 -41.85 -36.48 48.43
N PRO K 69 -41.32 -35.56 49.28
CA PRO K 69 -39.89 -35.24 49.19
C PRO K 69 -38.98 -36.38 49.65
N GLU K 70 -39.52 -37.60 49.73
CA GLU K 70 -38.76 -38.75 50.18
C GLU K 70 -38.69 -39.88 49.17
N LYS K 71 -39.75 -40.14 48.40
CA LYS K 71 -39.67 -41.26 47.46
C LYS K 71 -38.75 -40.92 46.29
N ASP K 72 -38.08 -41.95 45.77
CA ASP K 72 -37.25 -41.78 44.60
C ASP K 72 -38.04 -41.23 43.42
N ILE K 73 -37.30 -40.71 42.45
CA ILE K 73 -37.84 -40.30 41.16
C ILE K 73 -37.05 -41.03 40.09
N TYR K 74 -37.76 -41.52 39.10
CA TYR K 74 -37.16 -42.26 38.00
C TYR K 74 -37.25 -41.38 36.75
N LEU K 75 -36.09 -40.99 36.22
CA LEU K 75 -35.97 -40.19 35.02
C LEU K 75 -35.44 -41.12 33.93
N TYR K 76 -36.31 -41.43 32.97
CA TYR K 76 -35.92 -42.21 31.80
C TYR K 76 -35.34 -41.27 30.75
N ILE K 77 -34.13 -41.57 30.30
CA ILE K 77 -33.41 -40.72 29.37
C ILE K 77 -33.23 -41.45 28.06
N ASN K 78 -33.61 -40.80 26.97
CA ASN K 78 -33.30 -41.25 25.63
C ASN K 78 -33.11 -39.98 24.81
N SER K 79 -31.84 -39.62 24.59
CA SER K 79 -31.61 -38.27 24.15
C SER K 79 -30.27 -38.17 23.43
N PRO K 80 -30.20 -37.42 22.33
CA PRO K 80 -28.91 -37.13 21.71
C PRO K 80 -28.16 -35.96 22.31
N GLY K 81 -28.61 -35.44 23.45
CA GLY K 81 -28.01 -34.24 23.98
C GLY K 81 -28.73 -32.98 23.55
N GLY K 82 -28.00 -31.87 23.59
CA GLY K 82 -28.56 -30.60 23.20
C GLY K 82 -27.98 -29.45 24.00
N VAL K 83 -28.82 -28.45 24.22
CA VAL K 83 -28.38 -27.17 24.73
C VAL K 83 -27.88 -27.34 26.16
N ILE K 84 -26.65 -26.91 26.40
CA ILE K 84 -26.00 -27.11 27.70
C ILE K 84 -26.77 -26.39 28.81
N THR K 85 -26.99 -25.08 28.66
CA THR K 85 -27.65 -24.34 29.74
C THR K 85 -29.04 -24.90 30.05
N ALA K 86 -29.76 -25.37 29.03
CA ALA K 86 -31.03 -26.04 29.27
C ALA K 86 -30.82 -27.32 30.08
N GLY K 87 -29.83 -28.14 29.70
CA GLY K 87 -29.48 -29.33 30.48
C GLY K 87 -29.07 -29.03 31.92
N MET K 88 -28.28 -27.95 32.13
CA MET K 88 -27.90 -27.62 33.51
C MET K 88 -29.08 -27.19 34.36
N SER K 89 -30.10 -26.60 33.76
CA SER K 89 -31.35 -26.38 34.47
C SER K 89 -31.87 -27.69 35.03
N ILE K 90 -31.81 -28.76 34.24
CA ILE K 90 -32.19 -30.08 34.74
C ILE K 90 -31.19 -30.57 35.77
N TYR K 91 -29.90 -30.49 35.46
CA TYR K 91 -28.87 -30.95 36.39
C TYR K 91 -29.06 -30.35 37.77
N ASP K 92 -29.20 -29.02 37.85
CA ASP K 92 -29.25 -28.36 39.14
C ASP K 92 -30.55 -28.65 39.87
N THR K 93 -31.66 -28.85 39.15
CA THR K 93 -32.88 -29.31 39.80
C THR K 93 -32.70 -30.71 40.40
N MET K 94 -32.17 -31.64 39.61
CA MET K 94 -31.87 -32.97 40.13
C MET K 94 -31.11 -32.89 41.46
N GLN K 95 -29.96 -32.18 41.46
CA GLN K 95 -29.16 -32.16 42.69
C GLN K 95 -29.85 -31.39 43.81
N PHE K 96 -30.72 -30.43 43.48
CA PHE K 96 -31.26 -29.58 44.52
C PHE K 96 -32.43 -30.24 45.26
N ILE K 97 -33.30 -30.95 44.56
CA ILE K 97 -34.50 -31.46 45.21
C ILE K 97 -34.16 -32.57 46.19
N LYS K 98 -34.91 -32.60 47.30
CA LYS K 98 -34.76 -33.62 48.33
C LYS K 98 -34.78 -35.04 47.78
N PRO K 99 -35.70 -35.44 46.90
CA PRO K 99 -35.76 -36.84 46.48
C PRO K 99 -34.55 -37.25 45.63
N ASP K 100 -34.20 -38.52 45.73
CA ASP K 100 -33.18 -39.10 44.85
C ASP K 100 -33.76 -39.26 43.46
N VAL K 101 -32.95 -38.97 42.45
CA VAL K 101 -33.39 -39.08 41.06
C VAL K 101 -32.64 -40.25 40.45
N SER K 102 -33.30 -41.38 40.31
CA SER K 102 -32.72 -42.52 39.62
C SER K 102 -32.82 -42.30 38.12
N THR K 103 -31.70 -42.40 37.41
CA THR K 103 -31.70 -42.29 35.96
C THR K 103 -31.62 -43.67 35.33
N ILE K 104 -32.36 -43.84 34.22
CA ILE K 104 -32.45 -45.07 33.44
C ILE K 104 -32.35 -44.69 31.97
N CYS K 105 -31.31 -45.18 31.29
CA CYS K 105 -31.06 -44.82 29.89
C CYS K 105 -31.67 -45.89 28.97
N MET K 106 -32.54 -45.46 28.06
CA MET K 106 -33.03 -46.34 27.00
C MET K 106 -32.64 -45.76 25.65
N GLY K 107 -32.33 -46.63 24.72
CA GLY K 107 -31.91 -46.16 23.41
C GLY K 107 -30.54 -45.52 23.47
N GLN K 108 -30.45 -44.21 23.74
CA GLN K 108 -29.14 -43.56 23.82
C GLN K 108 -29.12 -42.48 24.89
N ALA K 109 -27.93 -42.28 25.46
CA ALA K 109 -27.59 -41.07 26.19
C ALA K 109 -26.31 -40.51 25.55
N ALA K 110 -26.48 -39.49 24.71
CA ALA K 110 -25.37 -38.81 24.05
C ALA K 110 -25.17 -37.46 24.72
N SER K 111 -23.92 -37.13 25.02
CA SER K 111 -23.54 -35.74 25.36
C SER K 111 -24.29 -35.31 26.62
N MET K 112 -25.02 -34.18 26.61
CA MET K 112 -25.85 -33.77 27.75
C MET K 112 -26.86 -34.85 28.17
N GLY K 113 -27.24 -35.75 27.24
CA GLY K 113 -27.99 -36.92 27.65
C GLY K 113 -27.17 -37.82 28.57
N ALA K 114 -25.89 -38.00 28.23
CA ALA K 114 -25.03 -38.80 29.10
C ALA K 114 -24.74 -38.08 30.41
N PHE K 115 -24.51 -36.77 30.36
CA PHE K 115 -24.24 -35.99 31.57
C PHE K 115 -25.38 -36.10 32.57
N LEU K 116 -26.62 -35.97 32.08
CA LEU K 116 -27.77 -36.12 32.98
C LEU K 116 -27.89 -37.55 33.49
N LEU K 117 -27.58 -38.54 32.65
CA LEU K 117 -27.59 -39.93 33.12
C LEU K 117 -26.66 -40.11 34.32
N THR K 118 -25.42 -39.64 34.21
CA THR K 118 -24.40 -39.91 35.21
C THR K 118 -24.65 -39.15 36.50
N ALA K 119 -25.52 -38.14 36.46
CA ALA K 119 -25.79 -37.25 37.57
C ALA K 119 -26.91 -37.73 38.46
N GLY K 120 -27.57 -38.84 38.09
CA GLY K 120 -28.52 -39.46 38.99
C GLY K 120 -27.85 -39.87 40.30
N ALA K 121 -28.69 -40.15 41.30
CA ALA K 121 -28.19 -40.62 42.58
C ALA K 121 -27.31 -41.85 42.38
N LYS K 122 -26.14 -41.86 43.03
CA LYS K 122 -25.23 -42.99 42.89
C LYS K 122 -25.90 -44.23 43.44
N GLY K 123 -25.59 -45.37 42.84
CA GLY K 123 -26.31 -46.61 43.09
C GLY K 123 -27.59 -46.74 42.31
N LYS K 124 -28.16 -45.63 41.84
CA LYS K 124 -29.45 -45.64 41.14
C LYS K 124 -29.34 -45.13 39.70
N ARG K 125 -28.20 -45.34 39.06
CA ARG K 125 -27.97 -44.98 37.66
C ARG K 125 -27.84 -46.25 36.82
N PHE K 126 -28.79 -46.46 35.90
CA PHE K 126 -28.92 -47.71 35.16
C PHE K 126 -28.89 -47.47 33.66
N CYS K 127 -28.17 -48.34 32.95
CA CYS K 127 -28.34 -48.54 31.51
C CYS K 127 -29.12 -49.83 31.27
N LEU K 128 -30.02 -49.81 30.29
CA LEU K 128 -30.60 -51.06 29.81
C LEU K 128 -29.63 -51.74 28.86
N PRO K 129 -29.75 -53.06 28.67
CA PRO K 129 -28.64 -53.80 28.07
C PRO K 129 -28.14 -53.28 26.73
N ASN K 130 -29.01 -52.78 25.85
CA ASN K 130 -28.54 -52.35 24.54
C ASN K 130 -28.58 -50.86 24.35
N SER K 131 -28.87 -50.10 25.41
CA SER K 131 -28.73 -48.65 25.33
C SER K 131 -27.26 -48.32 25.07
N ARG K 132 -27.04 -47.13 24.54
CA ARG K 132 -25.71 -46.75 24.08
C ARG K 132 -25.42 -45.32 24.49
N VAL K 133 -24.17 -45.07 24.84
CA VAL K 133 -23.77 -43.86 25.54
C VAL K 133 -22.61 -43.22 24.80
N MET K 134 -22.62 -41.89 24.72
CA MET K 134 -21.54 -41.16 24.08
C MET K 134 -21.28 -39.88 24.85
N ILE K 135 -20.02 -39.63 25.17
CA ILE K 135 -19.60 -38.40 25.82
C ILE K 135 -18.71 -37.63 24.87
N HIS K 136 -18.84 -36.30 24.91
CA HIS K 136 -17.92 -35.46 24.16
C HIS K 136 -17.86 -34.09 24.83
N GLN K 137 -17.11 -33.19 24.22
CA GLN K 137 -16.87 -31.88 24.78
C GLN K 137 -17.92 -30.89 24.29
N PRO K 138 -18.01 -29.70 24.90
CA PRO K 138 -19.03 -28.75 24.47
C PRO K 138 -18.86 -28.32 23.02
N LEU K 139 -19.98 -28.09 22.36
CA LEU K 139 -20.00 -27.45 21.06
C LEU K 139 -20.62 -26.08 21.20
N GLY K 140 -20.19 -25.18 20.32
CA GLY K 140 -20.62 -23.81 20.39
C GLY K 140 -20.15 -23.06 19.18
N GLY K 141 -20.24 -21.76 19.27
CA GLY K 141 -19.78 -20.96 18.16
C GLY K 141 -20.31 -19.55 18.27
N TYR K 142 -19.44 -18.59 18.05
CA TYR K 142 -19.79 -17.19 18.08
C TYR K 142 -19.45 -16.52 16.76
N GLN K 143 -19.98 -15.31 16.61
CA GLN K 143 -19.76 -14.47 15.45
C GLN K 143 -19.77 -13.02 15.93
N GLY K 144 -18.75 -12.28 15.59
CA GLY K 144 -18.74 -10.88 15.97
C GLY K 144 -17.35 -10.29 15.86
N GLN K 145 -17.10 -9.28 16.67
CA GLN K 145 -15.79 -8.66 16.72
C GLN K 145 -14.82 -9.55 17.48
N ALA K 146 -13.52 -9.32 17.25
CA ALA K 146 -12.50 -10.13 17.91
C ALA K 146 -12.64 -10.05 19.43
N THR K 147 -12.80 -8.84 19.98
CA THR K 147 -12.96 -8.67 21.42
C THR K 147 -14.09 -9.56 21.95
N ASP K 148 -15.20 -9.63 21.21
CA ASP K 148 -16.34 -10.43 21.64
C ASP K 148 -16.08 -11.91 21.43
N ILE K 149 -15.41 -12.27 20.35
CA ILE K 149 -15.04 -13.66 20.14
C ILE K 149 -14.22 -14.16 21.31
N GLU K 150 -13.34 -13.32 21.84
CA GLU K 150 -12.51 -13.75 22.96
C GLU K 150 -13.34 -13.94 24.23
N ILE K 151 -14.34 -13.06 24.48
CA ILE K 151 -15.16 -13.18 25.68
C ILE K 151 -15.92 -14.51 25.69
N HIS K 152 -16.43 -14.92 24.52
CA HIS K 152 -17.22 -16.13 24.41
C HIS K 152 -16.36 -17.39 24.22
N ALA K 153 -15.20 -17.27 23.59
CA ALA K 153 -14.28 -18.39 23.63
C ALA K 153 -13.89 -18.69 25.06
N ARG K 154 -13.60 -17.63 25.84
CA ARG K 154 -13.27 -17.86 27.23
C ARG K 154 -14.46 -18.51 27.95
N GLU K 155 -15.68 -18.07 27.66
CA GLU K 155 -16.80 -18.61 28.43
C GLU K 155 -17.01 -20.10 28.12
N ILE K 156 -16.88 -20.52 26.86
CA ILE K 156 -17.13 -21.94 26.55
C ILE K 156 -16.07 -22.82 27.18
N LEU K 157 -14.83 -22.34 27.23
CA LEU K 157 -13.75 -23.09 27.86
C LEU K 157 -13.95 -23.22 29.38
N LYS K 158 -14.56 -22.21 30.01
CA LYS K 158 -14.96 -22.38 31.40
C LYS K 158 -16.08 -23.40 31.53
N VAL K 159 -17.10 -23.32 30.65
CA VAL K 159 -18.14 -24.35 30.62
C VAL K 159 -17.51 -25.73 30.46
N LYS K 160 -16.65 -25.88 29.46
CA LYS K 160 -15.99 -27.16 29.23
C LYS K 160 -15.30 -27.64 30.49
N GLY K 161 -14.67 -26.72 31.22
CA GLY K 161 -13.97 -27.11 32.44
C GLY K 161 -14.94 -27.56 33.52
N ARG K 162 -15.99 -26.78 33.73
CA ARG K 162 -16.98 -27.12 34.75
C ARG K 162 -17.67 -28.44 34.44
N MET K 163 -17.97 -28.69 33.15
CA MET K 163 -18.59 -29.94 32.76
C MET K 163 -17.66 -31.12 32.98
N ASN K 164 -16.36 -30.93 32.70
CA ASN K 164 -15.37 -31.97 32.95
C ASN K 164 -15.23 -32.25 34.44
N GLU K 165 -15.35 -31.21 35.26
CA GLU K 165 -15.21 -31.43 36.70
C GLU K 165 -16.38 -32.25 37.24
N LEU K 166 -17.60 -31.91 36.82
CA LEU K 166 -18.77 -32.63 37.29
C LEU K 166 -18.81 -34.04 36.70
N MET K 167 -18.28 -34.21 35.49
CA MET K 167 -18.08 -35.54 34.94
C MET K 167 -17.23 -36.39 35.86
N ALA K 168 -16.00 -35.93 36.13
CA ALA K 168 -15.13 -36.68 37.04
C ALA K 168 -15.82 -36.93 38.36
N LEU K 169 -16.55 -35.93 38.86
CA LEU K 169 -17.16 -36.03 40.17
C LEU K 169 -18.17 -37.18 40.22
N HIS K 170 -19.03 -37.30 39.22
CA HIS K 170 -20.03 -38.36 39.27
C HIS K 170 -19.47 -39.70 38.82
N THR K 171 -18.50 -39.71 37.91
CA THR K 171 -17.99 -40.97 37.40
C THR K 171 -16.97 -41.62 38.30
N GLY K 172 -16.30 -40.86 39.16
CA GLY K 172 -15.11 -41.34 39.84
C GLY K 172 -13.84 -41.27 39.03
N GLN K 173 -13.93 -40.93 37.74
CA GLN K 173 -12.76 -40.78 36.89
C GLN K 173 -11.95 -39.58 37.36
N SER K 174 -10.68 -39.56 36.98
CA SER K 174 -9.93 -38.35 37.23
C SER K 174 -10.34 -37.28 36.23
N LEU K 175 -10.09 -36.03 36.61
CA LEU K 175 -10.38 -34.90 35.73
C LEU K 175 -9.57 -35.00 34.44
N GLU K 176 -8.26 -35.24 34.56
CA GLU K 176 -7.44 -35.49 33.37
C GLU K 176 -8.02 -36.62 32.51
N GLN K 177 -8.54 -37.66 33.15
CA GLN K 177 -9.07 -38.80 32.39
C GLN K 177 -10.35 -38.41 31.66
N ILE K 178 -11.23 -37.65 32.31
CA ILE K 178 -12.42 -37.14 31.65
C ILE K 178 -12.02 -36.32 30.43
N GLU K 179 -11.07 -35.39 30.61
CA GLU K 179 -10.65 -34.53 29.51
C GLU K 179 -10.14 -35.35 28.33
N ARG K 180 -9.30 -36.35 28.61
CA ARG K 180 -8.82 -37.22 27.55
C ARG K 180 -9.97 -37.84 26.78
N ASP K 181 -10.90 -38.48 27.50
CA ASP K 181 -11.98 -39.24 26.88
C ASP K 181 -13.06 -38.38 26.20
N THR K 182 -13.11 -37.07 26.48
CA THR K 182 -14.15 -36.22 25.90
C THR K 182 -13.62 -35.29 24.81
N GLU K 183 -12.32 -35.24 24.59
CA GLU K 183 -11.80 -34.40 23.51
C GLU K 183 -12.36 -34.83 22.15
N ARG K 184 -12.58 -36.13 21.95
CA ARG K 184 -13.33 -36.59 20.80
C ARG K 184 -14.51 -37.41 21.30
N ASP K 185 -15.47 -37.65 20.39
CA ASP K 185 -16.58 -38.53 20.67
C ASP K 185 -16.07 -39.89 21.17
N ARG K 186 -16.52 -40.30 22.35
CA ARG K 186 -16.21 -41.63 22.89
C ARG K 186 -17.50 -42.40 23.14
N PHE K 187 -17.63 -43.58 22.55
CA PHE K 187 -18.83 -44.40 22.69
C PHE K 187 -18.60 -45.46 23.75
N LEU K 188 -19.64 -45.74 24.53
CA LEU K 188 -19.61 -46.74 25.58
C LEU K 188 -20.84 -47.62 25.49
N SER K 189 -20.65 -48.93 25.62
CA SER K 189 -21.75 -49.85 25.77
C SER K 189 -22.24 -49.82 27.20
N ALA K 190 -23.35 -50.50 27.47
CA ALA K 190 -23.82 -50.60 28.85
C ALA K 190 -22.76 -51.20 29.79
N PRO K 191 -22.06 -52.29 29.44
CA PRO K 191 -20.98 -52.75 30.34
C PRO K 191 -19.87 -51.73 30.48
N GLU K 192 -19.42 -51.13 29.38
CA GLU K 192 -18.40 -50.10 29.47
C GLU K 192 -18.87 -48.92 30.31
N ALA K 193 -20.16 -48.60 30.23
CA ALA K 193 -20.70 -47.49 31.01
C ALA K 193 -20.68 -47.80 32.51
N VAL K 194 -20.83 -49.08 32.89
CA VAL K 194 -20.68 -49.45 34.29
C VAL K 194 -19.22 -49.38 34.70
N GLU K 195 -18.33 -49.89 33.84
CA GLU K 195 -16.89 -49.81 34.06
C GLU K 195 -16.48 -48.37 34.33
N TYR K 196 -16.76 -47.48 33.38
CA TYR K 196 -16.42 -46.07 33.52
C TYR K 196 -16.99 -45.44 34.78
N GLY K 197 -18.05 -46.00 35.35
CA GLY K 197 -18.70 -45.29 36.42
C GLY K 197 -19.74 -44.27 35.98
N LEU K 198 -20.08 -44.23 34.69
CA LEU K 198 -21.20 -43.38 34.24
C LEU K 198 -22.50 -43.83 34.88
N VAL K 199 -22.71 -45.15 34.99
CA VAL K 199 -23.89 -45.71 35.60
C VAL K 199 -23.41 -46.79 36.58
N ASP K 200 -24.34 -47.28 37.39
CA ASP K 200 -24.01 -48.24 38.43
C ASP K 200 -24.23 -49.69 38.04
N SER K 201 -25.33 -50.02 37.36
CA SER K 201 -25.60 -51.40 36.96
C SER K 201 -26.45 -51.39 35.69
N ILE K 202 -26.77 -52.60 35.20
CA ILE K 202 -27.61 -52.78 34.02
C ILE K 202 -28.94 -53.35 34.46
N LEU K 203 -30.03 -52.66 34.14
CA LEU K 203 -31.34 -53.30 34.22
C LEU K 203 -31.44 -54.32 33.10
N THR K 204 -31.76 -55.56 33.45
CA THR K 204 -31.79 -56.62 32.46
C THR K 204 -33.14 -57.32 32.40
N HIS K 205 -33.68 -57.76 33.54
CA HIS K 205 -35.00 -58.37 33.59
C HIS K 205 -35.65 -58.01 34.92
N ARG K 206 -36.92 -57.63 34.85
CA ARG K 206 -37.68 -57.32 36.05
C ARG K 206 -37.64 -58.51 37.01
N ASN K 207 -37.51 -58.23 38.30
CA ASN K 207 -37.57 -59.26 39.31
C ASN K 207 -39.00 -59.62 39.57
N LEU L 16 -58.69 -36.27 13.48
CA LEU L 16 -59.31 -36.55 14.78
C LEU L 16 -59.39 -38.07 15.05
N VAL L 17 -59.57 -38.43 16.31
CA VAL L 17 -59.63 -39.83 16.74
C VAL L 17 -61.06 -40.17 17.17
N PRO L 18 -61.61 -41.32 16.81
CA PRO L 18 -62.93 -41.69 17.29
C PRO L 18 -62.84 -42.10 18.75
N MET L 19 -63.91 -41.81 19.48
CA MET L 19 -64.01 -42.07 20.91
C MET L 19 -65.04 -43.17 21.19
N VAL L 20 -64.87 -43.84 22.33
CA VAL L 20 -65.77 -44.92 22.70
C VAL L 20 -66.41 -44.66 24.06
N PHE L 31 -61.78 -42.11 26.63
CA PHE L 31 -61.31 -43.16 25.75
C PHE L 31 -61.36 -42.75 24.27
N ASP L 32 -60.20 -42.56 23.64
CA ASP L 32 -60.15 -42.66 22.19
C ASP L 32 -59.94 -44.13 21.80
N ILE L 33 -60.00 -44.41 20.50
CA ILE L 33 -60.00 -45.79 20.04
C ILE L 33 -58.75 -46.51 20.54
N TYR L 34 -57.59 -45.84 20.50
CA TYR L 34 -56.36 -46.50 20.88
C TYR L 34 -56.26 -46.73 22.37
N SER L 35 -57.00 -45.94 23.16
CA SER L 35 -57.01 -46.12 24.60
C SER L 35 -57.82 -47.34 25.02
N ARG L 36 -58.96 -47.56 24.35
CA ARG L 36 -59.78 -48.73 24.66
C ARG L 36 -59.02 -50.01 24.36
N LEU L 37 -58.33 -50.06 23.23
CA LEU L 37 -57.58 -51.26 22.90
C LEU L 37 -56.37 -51.42 23.81
N LEU L 38 -55.92 -50.35 24.46
CA LEU L 38 -54.91 -50.51 25.50
C LEU L 38 -55.46 -51.26 26.72
N LYS L 39 -56.75 -51.08 27.03
CA LYS L 39 -57.34 -51.83 28.13
C LYS L 39 -57.13 -53.33 27.96
N GLU L 40 -57.38 -53.86 26.74
CA GLU L 40 -57.08 -55.25 26.42
C GLU L 40 -55.60 -55.51 26.22
N ARG L 41 -54.74 -54.58 26.61
CA ARG L 41 -53.29 -54.78 26.59
C ARG L 41 -52.75 -54.87 25.17
N VAL L 42 -53.31 -54.06 24.27
CA VAL L 42 -52.92 -54.00 22.85
C VAL L 42 -52.22 -52.68 22.57
N ILE L 43 -51.10 -52.75 21.85
CA ILE L 43 -50.28 -51.58 21.56
C ILE L 43 -49.91 -51.58 20.08
N PHE L 44 -50.10 -50.46 19.41
CA PHE L 44 -49.72 -50.37 18.01
C PHE L 44 -48.39 -49.65 17.84
N LEU L 45 -47.50 -50.27 17.07
CA LEU L 45 -46.29 -49.65 16.53
C LEU L 45 -46.56 -49.45 15.05
N THR L 46 -46.61 -48.20 14.62
CA THR L 46 -47.06 -47.84 13.29
C THR L 46 -46.16 -46.77 12.71
N GLY L 47 -45.65 -47.01 11.50
CA GLY L 47 -44.88 -46.02 10.81
C GLY L 47 -43.41 -46.00 11.22
N GLN L 48 -42.76 -44.90 10.88
CA GLN L 48 -41.35 -44.70 11.16
C GLN L 48 -41.07 -44.83 12.65
N VAL L 49 -40.06 -45.63 12.99
CA VAL L 49 -39.63 -45.76 14.37
C VAL L 49 -38.67 -44.60 14.68
N GLU L 50 -39.04 -43.78 15.65
CA GLU L 50 -38.23 -42.67 16.09
C GLU L 50 -38.54 -42.45 17.57
N ASP L 51 -37.82 -41.51 18.18
CA ASP L 51 -37.73 -41.43 19.65
C ASP L 51 -39.09 -41.26 20.31
N HIS L 52 -39.94 -40.38 19.79
CA HIS L 52 -41.15 -40.06 20.55
C HIS L 52 -42.23 -41.14 20.38
N MET L 53 -42.41 -41.66 19.18
CA MET L 53 -43.36 -42.74 19.02
C MET L 53 -42.88 -44.00 19.74
N ALA L 54 -41.56 -44.23 19.80
CA ALA L 54 -41.02 -45.34 20.57
C ALA L 54 -41.20 -45.11 22.07
N ASN L 55 -41.00 -43.88 22.54
CA ASN L 55 -41.20 -43.58 23.94
C ASN L 55 -42.67 -43.69 24.32
N LEU L 56 -43.55 -43.38 23.40
CA LEU L 56 -44.96 -43.66 23.64
C LEU L 56 -45.19 -45.15 23.87
N ILE L 57 -44.63 -45.99 23.00
CA ILE L 57 -44.79 -47.44 23.09
C ILE L 57 -44.19 -47.96 24.40
N VAL L 58 -42.98 -47.47 24.74
CA VAL L 58 -42.30 -47.87 25.97
C VAL L 58 -43.16 -47.52 27.19
N ALA L 59 -43.72 -46.31 27.20
CA ALA L 59 -44.59 -45.88 28.28
C ALA L 59 -45.82 -46.77 28.42
N GLN L 60 -46.40 -47.19 27.29
CA GLN L 60 -47.54 -48.09 27.36
C GLN L 60 -47.13 -49.46 27.92
N MET L 61 -45.98 -49.97 27.48
CA MET L 61 -45.48 -51.26 27.95
C MET L 61 -45.24 -51.27 29.46
N LEU L 62 -44.84 -50.13 30.03
CA LEU L 62 -44.63 -50.05 31.47
C LEU L 62 -45.97 -49.95 32.18
N PHE L 63 -46.84 -49.08 31.69
CA PHE L 63 -48.20 -49.01 32.20
C PHE L 63 -48.80 -50.40 32.27
N LEU L 64 -48.73 -51.15 31.16
CA LEU L 64 -49.35 -52.46 31.12
C LEU L 64 -48.74 -53.38 32.16
N GLU L 65 -47.41 -53.45 32.19
CA GLU L 65 -46.74 -54.26 33.19
C GLU L 65 -47.13 -53.84 34.59
N ALA L 66 -47.35 -52.53 34.79
CA ALA L 66 -47.80 -52.05 36.09
C ALA L 66 -49.22 -52.51 36.38
N GLU L 67 -50.12 -52.39 35.40
CA GLU L 67 -51.51 -52.73 35.66
C GLU L 67 -51.72 -54.22 35.85
N ASN L 68 -50.75 -55.06 35.45
CA ASN L 68 -50.87 -56.50 35.53
C ASN L 68 -49.56 -57.16 35.09
N PRO L 69 -48.67 -57.49 36.01
CA PRO L 69 -47.37 -58.04 35.60
C PRO L 69 -47.43 -59.45 35.01
N GLU L 70 -48.58 -60.10 34.92
CA GLU L 70 -48.62 -61.46 34.39
C GLU L 70 -49.23 -61.56 33.00
N LYS L 71 -50.31 -60.83 32.72
CA LYS L 71 -51.03 -60.97 31.46
C LYS L 71 -50.17 -60.55 30.28
N ASP L 72 -50.43 -61.14 29.13
CA ASP L 72 -49.64 -60.82 27.96
C ASP L 72 -49.95 -59.42 27.44
N ILE L 73 -48.94 -58.84 26.78
CA ILE L 73 -49.04 -57.58 26.06
C ILE L 73 -49.00 -57.87 24.56
N TYR L 74 -49.79 -57.14 23.79
CA TYR L 74 -49.95 -57.40 22.37
C TYR L 74 -49.46 -56.19 21.57
N LEU L 75 -48.39 -56.39 20.83
CA LEU L 75 -47.72 -55.31 20.11
C LEU L 75 -47.94 -55.53 18.62
N TYR L 76 -48.82 -54.74 18.02
CA TYR L 76 -49.01 -54.75 16.58
C TYR L 76 -47.92 -53.94 15.91
N ILE L 77 -47.25 -54.52 14.93
CA ILE L 77 -46.16 -53.87 14.22
C ILE L 77 -46.58 -53.71 12.78
N ASN L 78 -46.60 -52.45 12.32
CA ASN L 78 -46.68 -52.12 10.90
C ASN L 78 -45.70 -50.98 10.68
N SER L 79 -44.49 -51.30 10.23
CA SER L 79 -43.45 -50.30 10.20
C SER L 79 -42.44 -50.60 9.11
N PRO L 80 -41.88 -49.56 8.49
CA PRO L 80 -40.68 -49.72 7.66
C PRO L 80 -39.37 -49.62 8.42
N GLY L 81 -39.39 -49.51 9.74
CA GLY L 81 -38.16 -49.36 10.47
C GLY L 81 -37.89 -47.94 10.88
N GLY L 82 -36.61 -47.58 10.98
CA GLY L 82 -36.30 -46.26 11.50
C GLY L 82 -35.05 -46.20 12.36
N VAL L 83 -35.02 -45.25 13.30
CA VAL L 83 -33.82 -44.99 14.09
C VAL L 83 -33.51 -46.20 14.98
N ILE L 84 -32.26 -46.67 14.91
CA ILE L 84 -31.91 -47.91 15.60
C ILE L 84 -31.98 -47.74 17.11
N THR L 85 -31.35 -46.69 17.63
CA THR L 85 -31.41 -46.48 19.07
C THR L 85 -32.85 -46.36 19.53
N ALA L 86 -33.72 -45.78 18.70
CA ALA L 86 -35.10 -45.66 19.12
C ALA L 86 -35.77 -47.03 19.21
N GLY L 87 -35.55 -47.88 18.18
CA GLY L 87 -36.05 -49.24 18.25
C GLY L 87 -35.49 -50.03 19.41
N MET L 88 -34.20 -49.86 19.71
CA MET L 88 -33.58 -50.58 20.81
C MET L 88 -34.13 -50.18 22.17
N SER L 89 -34.70 -48.97 22.29
CA SER L 89 -35.40 -48.61 23.51
C SER L 89 -36.68 -49.43 23.67
N ILE L 90 -37.42 -49.65 22.59
CA ILE L 90 -38.57 -50.53 22.67
C ILE L 90 -38.12 -51.95 23.02
N TYR L 91 -37.10 -52.44 22.30
CA TYR L 91 -36.58 -53.80 22.49
C TYR L 91 -36.21 -54.08 23.95
N ASP L 92 -35.36 -53.24 24.56
CA ASP L 92 -34.94 -53.53 25.91
C ASP L 92 -36.12 -53.48 26.87
N THR L 93 -37.09 -52.59 26.62
CA THR L 93 -38.31 -52.59 27.42
C THR L 93 -39.06 -53.90 27.29
N MET L 94 -39.14 -54.44 26.06
CA MET L 94 -39.84 -55.71 25.82
C MET L 94 -39.20 -56.86 26.59
N GLN L 95 -37.86 -56.91 26.61
CA GLN L 95 -37.21 -57.96 27.39
C GLN L 95 -37.24 -57.66 28.87
N PHE L 96 -37.10 -56.39 29.24
CA PHE L 96 -36.99 -56.07 30.66
C PHE L 96 -38.26 -56.38 31.43
N ILE L 97 -39.41 -56.27 30.80
CA ILE L 97 -40.63 -56.31 31.57
C ILE L 97 -41.05 -57.75 31.86
N LYS L 98 -41.68 -57.91 33.02
CA LYS L 98 -42.29 -59.19 33.38
C LYS L 98 -43.23 -59.74 32.32
N PRO L 99 -44.20 -58.98 31.79
CA PRO L 99 -45.10 -59.56 30.80
C PRO L 99 -44.35 -60.06 29.59
N ASP L 100 -44.75 -61.24 29.13
CA ASP L 100 -44.47 -61.64 27.77
C ASP L 100 -45.04 -60.59 26.83
N VAL L 101 -44.27 -60.22 25.80
CA VAL L 101 -44.77 -59.33 24.75
C VAL L 101 -44.91 -60.15 23.48
N SER L 102 -46.15 -60.29 23.03
CA SER L 102 -46.49 -60.98 21.79
C SER L 102 -46.58 -59.96 20.65
N THR L 103 -45.85 -60.19 19.56
CA THR L 103 -45.84 -59.24 18.47
C THR L 103 -46.64 -59.79 17.30
N ILE L 104 -47.30 -58.90 16.57
CA ILE L 104 -48.14 -59.30 15.45
C ILE L 104 -47.85 -58.39 14.27
N CYS L 105 -47.31 -58.95 13.19
CA CYS L 105 -47.03 -58.17 11.99
C CYS L 105 -48.27 -58.03 11.12
N MET L 106 -48.51 -56.80 10.63
CA MET L 106 -49.79 -56.48 10.03
C MET L 106 -49.65 -56.21 8.52
N GLY L 107 -49.08 -55.08 8.17
CA GLY L 107 -48.94 -54.82 6.75
C GLY L 107 -47.53 -55.15 6.37
N GLN L 108 -46.58 -54.70 7.18
CA GLN L 108 -45.18 -54.93 6.91
C GLN L 108 -44.38 -54.72 8.18
N ALA L 109 -43.24 -55.42 8.25
CA ALA L 109 -42.25 -55.24 9.32
C ALA L 109 -40.90 -55.26 8.64
N ALA L 110 -40.36 -54.08 8.35
CA ALA L 110 -39.05 -53.95 7.72
C ALA L 110 -38.08 -53.42 8.75
N SER L 111 -36.83 -53.87 8.64
CA SER L 111 -35.66 -53.24 9.28
C SER L 111 -35.85 -53.29 10.80
N MET L 112 -35.84 -52.16 11.51
CA MET L 112 -36.04 -52.22 12.96
C MET L 112 -37.37 -52.88 13.32
N GLY L 113 -38.36 -52.79 12.41
CA GLY L 113 -39.65 -53.42 12.65
C GLY L 113 -39.58 -54.94 12.61
N ALA L 114 -38.84 -55.48 11.64
CA ALA L 114 -38.58 -56.91 11.65
C ALA L 114 -37.83 -57.31 12.91
N PHE L 115 -36.84 -56.51 13.31
CA PHE L 115 -36.10 -56.81 14.53
C PHE L 115 -37.04 -56.90 15.72
N LEU L 116 -37.86 -55.87 15.93
CA LEU L 116 -38.75 -55.88 17.10
C LEU L 116 -39.81 -56.98 17.01
N LEU L 117 -40.20 -57.36 15.79
CA LEU L 117 -41.14 -58.46 15.60
C LEU L 117 -40.56 -59.79 16.09
N THR L 118 -39.36 -60.12 15.63
CA THR L 118 -38.67 -61.33 16.06
C THR L 118 -38.30 -61.31 17.53
N ALA L 119 -38.37 -60.17 18.21
CA ALA L 119 -37.97 -60.01 19.60
C ALA L 119 -39.10 -60.30 20.59
N GLY L 120 -40.33 -60.48 20.12
CA GLY L 120 -41.41 -60.83 21.01
C GLY L 120 -41.23 -62.23 21.59
N ALA L 121 -42.02 -62.51 22.64
CA ALA L 121 -41.94 -63.81 23.32
C ALA L 121 -42.01 -64.96 22.33
N LYS L 122 -41.03 -65.86 22.42
CA LYS L 122 -41.02 -67.02 21.53
C LYS L 122 -42.32 -67.81 21.67
N GLY L 123 -42.85 -68.22 20.52
CA GLY L 123 -44.13 -68.88 20.47
C GLY L 123 -45.29 -67.95 20.41
N LYS L 124 -45.06 -66.64 20.55
CA LYS L 124 -46.14 -65.66 20.54
C LYS L 124 -45.86 -64.53 19.57
N ARG L 125 -45.13 -64.82 18.48
CA ARG L 125 -44.85 -63.86 17.41
C ARG L 125 -45.50 -64.34 16.14
N PHE L 126 -46.35 -63.50 15.55
CA PHE L 126 -47.21 -63.88 14.44
C PHE L 126 -47.06 -62.94 13.26
N CYS L 127 -47.25 -63.50 12.07
CA CYS L 127 -47.50 -62.72 10.88
C CYS L 127 -48.96 -62.91 10.50
N LEU L 128 -49.63 -61.81 10.16
CA LEU L 128 -50.88 -61.94 9.41
C LEU L 128 -50.58 -62.51 8.02
N PRO L 129 -51.55 -63.16 7.40
CA PRO L 129 -51.25 -63.95 6.20
C PRO L 129 -50.56 -63.18 5.09
N ASN L 130 -50.82 -61.88 4.96
CA ASN L 130 -50.28 -61.11 3.86
C ASN L 130 -49.29 -60.04 4.28
N SER L 131 -49.00 -59.91 5.57
CA SER L 131 -47.90 -59.07 5.98
C SER L 131 -46.62 -59.52 5.28
N ARG L 132 -45.65 -58.64 5.24
CA ARG L 132 -44.35 -59.03 4.72
C ARG L 132 -43.24 -58.47 5.60
N VAL L 133 -42.12 -59.17 5.61
CA VAL L 133 -40.98 -58.81 6.43
C VAL L 133 -39.81 -58.50 5.53
N MET L 134 -39.11 -57.43 5.83
CA MET L 134 -37.83 -57.13 5.21
C MET L 134 -36.75 -57.04 6.27
N ILE L 135 -35.62 -57.70 6.01
CA ILE L 135 -34.44 -57.54 6.84
C ILE L 135 -33.33 -56.93 6.00
N HIS L 136 -32.47 -56.16 6.64
CA HIS L 136 -31.22 -55.72 6.00
C HIS L 136 -30.25 -55.24 7.09
N GLN L 137 -29.21 -54.54 6.69
CA GLN L 137 -28.20 -54.11 7.63
C GLN L 137 -28.36 -52.63 7.96
N PRO L 138 -27.72 -52.16 9.04
CA PRO L 138 -27.95 -50.77 9.49
C PRO L 138 -27.52 -49.75 8.46
N LEU L 139 -28.32 -48.67 8.37
CA LEU L 139 -27.98 -47.47 7.62
C LEU L 139 -27.50 -46.37 8.57
N GLY L 140 -26.78 -45.41 8.00
CA GLY L 140 -26.23 -44.32 8.79
C GLY L 140 -25.19 -43.55 8.01
N GLY L 141 -24.24 -43.00 8.76
CA GLY L 141 -23.21 -42.19 8.14
C GLY L 141 -22.86 -40.99 8.98
N TYR L 142 -21.72 -40.37 8.67
CA TYR L 142 -21.24 -39.27 9.47
C TYR L 142 -20.53 -38.29 8.56
N GLN L 143 -20.17 -37.16 9.15
CA GLN L 143 -19.49 -36.06 8.49
C GLN L 143 -18.51 -35.47 9.48
N GLY L 144 -17.25 -35.34 9.09
CA GLY L 144 -16.31 -34.68 9.97
C GLY L 144 -14.87 -34.99 9.59
N GLN L 145 -14.00 -34.87 10.58
CA GLN L 145 -12.60 -35.21 10.39
C GLN L 145 -12.42 -36.71 10.27
N ALA L 146 -11.36 -37.09 9.56
CA ALA L 146 -11.04 -38.50 9.39
C ALA L 146 -10.94 -39.21 10.74
N THR L 147 -10.34 -38.57 11.76
CA THR L 147 -10.27 -39.17 13.09
C THR L 147 -11.65 -39.54 13.64
N ASP L 148 -12.64 -38.66 13.45
CA ASP L 148 -13.99 -38.89 13.97
C ASP L 148 -14.75 -39.88 13.12
N ILE L 149 -14.61 -39.77 11.79
CA ILE L 149 -15.21 -40.76 10.88
C ILE L 149 -14.83 -42.18 11.32
N GLU L 150 -13.58 -42.37 11.76
CA GLU L 150 -13.16 -43.69 12.22
C GLU L 150 -13.94 -44.11 13.47
N ILE L 151 -14.09 -43.20 14.45
CA ILE L 151 -14.86 -43.51 15.66
C ILE L 151 -16.28 -43.92 15.31
N HIS L 152 -16.95 -43.14 14.46
CA HIS L 152 -18.35 -43.43 14.18
C HIS L 152 -18.51 -44.66 13.29
N ALA L 153 -17.56 -44.91 12.39
CA ALA L 153 -17.57 -46.16 11.63
C ALA L 153 -17.43 -47.37 12.54
N ARG L 154 -16.50 -47.30 13.50
CA ARG L 154 -16.33 -48.39 14.45
C ARG L 154 -17.62 -48.64 15.20
N GLU L 155 -18.28 -47.58 15.62
CA GLU L 155 -19.49 -47.71 16.40
C GLU L 155 -20.58 -48.43 15.62
N ILE L 156 -20.84 -47.98 14.38
CA ILE L 156 -21.91 -48.63 13.61
C ILE L 156 -21.54 -50.07 13.27
N LEU L 157 -20.25 -50.38 13.12
CA LEU L 157 -19.83 -51.75 12.93
C LEU L 157 -20.02 -52.57 14.20
N LYS L 158 -19.77 -51.97 15.37
CA LYS L 158 -20.05 -52.66 16.62
C LYS L 158 -21.55 -52.88 16.78
N VAL L 159 -22.35 -51.86 16.44
CA VAL L 159 -23.79 -52.01 16.48
C VAL L 159 -24.24 -53.12 15.52
N LYS L 160 -23.77 -53.09 14.27
CA LYS L 160 -24.15 -54.13 13.32
C LYS L 160 -23.78 -55.52 13.85
N GLY L 161 -22.61 -55.65 14.47
CA GLY L 161 -22.24 -56.92 15.07
C GLY L 161 -23.24 -57.41 16.13
N ARG L 162 -23.63 -56.52 17.05
CA ARG L 162 -24.52 -56.97 18.11
C ARG L 162 -25.90 -57.30 17.56
N MET L 163 -26.42 -56.45 16.66
CA MET L 163 -27.73 -56.70 16.09
C MET L 163 -27.77 -58.05 15.40
N ASN L 164 -26.73 -58.36 14.63
CA ASN L 164 -26.65 -59.67 13.99
C ASN L 164 -26.76 -60.79 15.00
N GLU L 165 -26.06 -60.65 16.14
CA GLU L 165 -26.09 -61.65 17.21
C GLU L 165 -27.48 -61.76 17.81
N LEU L 166 -28.12 -60.62 18.07
CA LEU L 166 -29.48 -60.67 18.63
C LEU L 166 -30.48 -61.22 17.62
N MET L 167 -30.28 -60.98 16.33
CA MET L 167 -31.14 -61.62 15.33
C MET L 167 -30.90 -63.12 15.27
N ALA L 168 -29.62 -63.53 15.30
CA ALA L 168 -29.31 -64.97 15.35
C ALA L 168 -29.95 -65.64 16.56
N LEU L 169 -29.91 -64.97 17.71
CA LEU L 169 -30.49 -65.53 18.92
C LEU L 169 -32.00 -65.72 18.81
N HIS L 170 -32.72 -64.67 18.38
CA HIS L 170 -34.18 -64.72 18.36
C HIS L 170 -34.69 -65.58 17.22
N THR L 171 -34.03 -65.53 16.05
CA THR L 171 -34.53 -66.28 14.90
C THR L 171 -34.16 -67.74 14.98
N GLY L 172 -33.08 -68.07 15.68
CA GLY L 172 -32.52 -69.39 15.69
C GLY L 172 -31.51 -69.62 14.61
N GLN L 173 -31.35 -68.67 13.68
CA GLN L 173 -30.38 -68.87 12.61
C GLN L 173 -28.97 -68.70 13.15
N SER L 174 -28.00 -69.30 12.48
CA SER L 174 -26.63 -69.14 12.93
C SER L 174 -26.22 -67.71 12.70
N LEU L 175 -25.25 -67.24 13.50
CA LEU L 175 -24.77 -65.88 13.33
C LEU L 175 -24.27 -65.65 11.91
N GLU L 176 -23.61 -66.64 11.33
CA GLU L 176 -23.05 -66.45 9.99
C GLU L 176 -24.17 -66.31 8.97
N GLN L 177 -25.22 -67.14 9.10
CA GLN L 177 -26.36 -67.07 8.19
C GLN L 177 -27.01 -65.70 8.23
N ILE L 178 -27.31 -65.20 9.44
CA ILE L 178 -27.91 -63.87 9.58
C ILE L 178 -27.05 -62.83 8.85
N GLU L 179 -25.73 -62.94 8.99
CA GLU L 179 -24.84 -62.00 8.31
C GLU L 179 -25.03 -62.05 6.79
N ARG L 180 -24.79 -63.22 6.18
CA ARG L 180 -24.95 -63.35 4.74
C ARG L 180 -26.24 -62.71 4.26
N ASP L 181 -27.36 -63.03 4.94
CA ASP L 181 -28.70 -62.63 4.54
C ASP L 181 -29.03 -61.16 4.81
N THR L 182 -28.20 -60.42 5.56
CA THR L 182 -28.52 -59.04 5.86
C THR L 182 -27.64 -58.05 5.12
N GLU L 183 -26.64 -58.52 4.37
CA GLU L 183 -25.85 -57.60 3.57
C GLU L 183 -26.71 -56.82 2.58
N ARG L 184 -27.76 -57.45 2.07
CA ARG L 184 -28.67 -56.87 1.09
C ARG L 184 -30.09 -57.04 1.58
N ASP L 185 -30.99 -56.20 1.09
CA ASP L 185 -32.39 -56.30 1.46
C ASP L 185 -32.92 -57.68 1.13
N ARG L 186 -33.75 -58.22 2.00
CA ARG L 186 -34.31 -59.53 1.76
C ARG L 186 -35.74 -59.55 2.26
N PHE L 187 -36.67 -59.86 1.37
CA PHE L 187 -38.08 -59.95 1.69
C PHE L 187 -38.42 -61.37 2.08
N LEU L 188 -39.29 -61.50 3.08
CA LEU L 188 -39.87 -62.78 3.43
C LEU L 188 -41.38 -62.62 3.51
N SER L 189 -42.11 -63.55 2.89
CA SER L 189 -43.54 -63.55 3.11
C SER L 189 -43.84 -64.04 4.51
N ALA L 190 -45.12 -64.05 4.86
CA ALA L 190 -45.52 -64.66 6.13
C ALA L 190 -45.00 -66.08 6.27
N PRO L 191 -45.20 -66.99 5.30
CA PRO L 191 -44.70 -68.37 5.50
C PRO L 191 -43.19 -68.44 5.57
N GLU L 192 -42.50 -67.74 4.66
CA GLU L 192 -41.04 -67.70 4.73
C GLU L 192 -40.55 -67.14 6.06
N ALA L 193 -41.30 -66.19 6.64
CA ALA L 193 -40.91 -65.64 7.93
C ALA L 193 -41.05 -66.69 9.02
N VAL L 194 -42.08 -67.54 8.93
CA VAL L 194 -42.18 -68.69 9.82
C VAL L 194 -41.00 -69.62 9.60
N GLU L 195 -40.73 -69.98 8.34
CA GLU L 195 -39.65 -70.92 8.09
C GLU L 195 -38.31 -70.36 8.53
N TYR L 196 -38.15 -69.03 8.53
CA TYR L 196 -36.89 -68.40 8.89
C TYR L 196 -36.70 -68.27 10.40
N GLY L 197 -37.75 -68.43 11.20
CA GLY L 197 -37.64 -68.25 12.62
C GLY L 197 -37.92 -66.85 13.10
N LEU L 198 -38.25 -65.93 12.19
CA LEU L 198 -38.57 -64.57 12.60
C LEU L 198 -39.86 -64.55 13.39
N VAL L 199 -40.87 -65.30 12.95
CA VAL L 199 -42.13 -65.41 13.67
C VAL L 199 -42.43 -66.89 13.87
N ASP L 200 -43.44 -67.18 14.68
CA ASP L 200 -43.79 -68.54 15.05
C ASP L 200 -44.90 -69.15 14.20
N SER L 201 -46.02 -68.44 14.01
CA SER L 201 -47.09 -68.97 13.18
C SER L 201 -47.82 -67.82 12.51
N ILE L 202 -48.85 -68.17 11.74
CA ILE L 202 -49.63 -67.19 10.98
C ILE L 202 -51.03 -67.12 11.59
N LEU L 203 -51.51 -65.90 11.82
CA LEU L 203 -52.87 -65.68 12.30
C LEU L 203 -53.77 -65.46 11.10
N THR L 204 -54.67 -66.40 10.82
CA THR L 204 -55.47 -66.33 9.59
C THR L 204 -56.95 -66.09 9.83
N HIS L 205 -57.54 -66.76 10.81
CA HIS L 205 -58.92 -66.49 11.23
C HIS L 205 -58.99 -66.64 12.73
N ARG L 206 -59.73 -65.74 13.38
CA ARG L 206 -59.85 -65.82 14.82
C ARG L 206 -60.66 -67.05 15.21
N ASN L 207 -60.25 -67.69 16.30
CA ASN L 207 -60.96 -68.85 16.83
C ASN L 207 -61.84 -68.45 18.00
N VAL M 17 -65.63 -30.95 13.00
CA VAL M 17 -66.36 -32.22 13.17
C VAL M 17 -67.49 -32.10 14.23
N PRO M 18 -68.74 -32.23 13.79
CA PRO M 18 -69.87 -31.89 14.67
C PRO M 18 -70.14 -32.99 15.69
N MET M 19 -70.81 -32.59 16.76
CA MET M 19 -71.06 -33.47 17.90
C MET M 19 -72.27 -34.35 17.66
N PHE M 31 -70.36 -38.16 22.23
CA PHE M 31 -70.02 -38.82 20.98
C PHE M 31 -69.96 -37.81 19.80
N ASP M 32 -68.83 -37.71 19.10
CA ASP M 32 -68.84 -36.94 17.87
C ASP M 32 -69.43 -37.79 16.74
N ILE M 33 -69.65 -37.17 15.58
CA ILE M 33 -70.49 -37.79 14.55
C ILE M 33 -69.93 -39.16 14.15
N TYR M 34 -68.63 -39.24 13.91
CA TYR M 34 -68.06 -40.52 13.51
C TYR M 34 -68.12 -41.55 14.64
N SER M 35 -67.91 -41.11 15.89
CA SER M 35 -67.87 -42.06 17.00
C SER M 35 -69.25 -42.61 17.31
N ARG M 36 -70.31 -41.83 17.13
CA ARG M 36 -71.64 -42.37 17.28
C ARG M 36 -71.94 -43.38 16.18
N LEU M 37 -71.48 -43.10 14.95
CA LEU M 37 -71.70 -44.06 13.86
C LEU M 37 -70.91 -45.33 14.09
N LEU M 38 -69.78 -45.21 14.78
CA LEU M 38 -69.02 -46.39 15.16
C LEU M 38 -69.80 -47.26 16.15
N LYS M 39 -70.58 -46.64 17.03
CA LYS M 39 -71.45 -47.41 17.94
C LYS M 39 -72.42 -48.30 17.16
N GLU M 40 -72.90 -47.83 16.00
CA GLU M 40 -73.68 -48.66 15.07
C GLU M 40 -72.80 -49.43 14.11
N ARG M 41 -71.59 -49.82 14.52
CA ARG M 41 -70.70 -50.71 13.77
C ARG M 41 -70.42 -50.21 12.35
N VAL M 42 -70.29 -48.89 12.19
CA VAL M 42 -69.97 -48.25 10.90
C VAL M 42 -68.58 -47.65 10.98
N ILE M 43 -67.75 -47.93 9.97
CA ILE M 43 -66.37 -47.45 9.85
C ILE M 43 -66.20 -46.83 8.47
N PHE M 44 -65.54 -45.69 8.40
CA PHE M 44 -65.31 -45.00 7.13
C PHE M 44 -63.84 -45.09 6.77
N LEU M 45 -63.58 -45.53 5.55
CA LEU M 45 -62.27 -45.48 4.91
C LEU M 45 -62.37 -44.43 3.80
N THR M 46 -61.61 -43.34 3.94
CA THR M 46 -61.81 -42.14 3.12
C THR M 46 -60.47 -41.52 2.74
N GLY M 47 -60.24 -41.34 1.46
CA GLY M 47 -58.98 -40.77 1.03
C GLY M 47 -57.90 -41.80 0.83
N GLN M 48 -56.67 -41.29 0.72
CA GLN M 48 -55.51 -42.09 0.35
C GLN M 48 -55.22 -43.11 1.46
N VAL M 49 -54.88 -44.34 1.05
CA VAL M 49 -54.55 -45.38 2.00
C VAL M 49 -53.07 -45.25 2.37
N GLU M 50 -52.81 -45.06 3.67
CA GLU M 50 -51.47 -45.02 4.22
C GLU M 50 -51.54 -45.60 5.63
N ASP M 51 -50.38 -45.74 6.27
CA ASP M 51 -50.28 -46.52 7.50
C ASP M 51 -51.20 -46.02 8.61
N HIS M 52 -51.31 -44.70 8.77
CA HIS M 52 -51.92 -44.22 10.01
C HIS M 52 -53.43 -44.22 9.93
N MET M 53 -54.00 -43.89 8.78
CA MET M 53 -55.44 -44.07 8.64
C MET M 53 -55.77 -45.55 8.57
N ALA M 54 -54.86 -46.36 8.03
CA ALA M 54 -55.08 -47.81 8.02
C ALA M 54 -55.16 -48.35 9.42
N ASN M 55 -54.21 -47.94 10.27
CA ASN M 55 -54.18 -48.40 11.65
C ASN M 55 -55.48 -48.06 12.36
N LEU M 56 -56.05 -46.89 12.06
CA LEU M 56 -57.28 -46.47 12.73
C LEU M 56 -58.46 -47.36 12.34
N ILE M 57 -58.50 -47.79 11.08
CA ILE M 57 -59.51 -48.73 10.65
C ILE M 57 -59.30 -50.07 11.33
N VAL M 58 -58.05 -50.54 11.36
CA VAL M 58 -57.73 -51.80 12.03
C VAL M 58 -58.19 -51.76 13.47
N ALA M 59 -57.89 -50.66 14.16
CA ALA M 59 -58.26 -50.53 15.56
C ALA M 59 -59.77 -50.52 15.74
N GLN M 60 -60.50 -49.87 14.83
CA GLN M 60 -61.95 -49.83 14.94
C GLN M 60 -62.54 -51.23 14.73
N MET M 61 -61.98 -52.00 13.81
CA MET M 61 -62.44 -53.37 13.61
C MET M 61 -62.15 -54.24 14.82
N LEU M 62 -60.90 -54.22 15.30
CA LEU M 62 -60.57 -54.98 16.50
C LEU M 62 -61.47 -54.60 17.66
N PHE M 63 -61.78 -53.31 17.78
CA PHE M 63 -62.64 -52.87 18.86
C PHE M 63 -64.05 -53.42 18.73
N LEU M 64 -64.61 -53.38 17.52
CA LEU M 64 -65.99 -53.83 17.32
C LEU M 64 -66.10 -55.33 17.53
N GLU M 65 -65.10 -56.09 17.04
CA GLU M 65 -65.06 -57.52 17.29
C GLU M 65 -65.12 -57.82 18.79
N ALA M 66 -64.47 -57.00 19.61
CA ALA M 66 -64.56 -57.16 21.05
C ALA M 66 -65.97 -56.86 21.54
N GLU M 67 -66.53 -55.73 21.11
CA GLU M 67 -67.87 -55.34 21.53
C GLU M 67 -68.92 -56.38 21.17
N ASN M 68 -68.61 -57.29 20.23
CA ASN M 68 -69.58 -58.21 19.63
C ASN M 68 -69.01 -58.93 18.41
N PRO M 69 -68.46 -60.14 18.56
CA PRO M 69 -67.91 -60.84 17.39
C PRO M 69 -68.97 -61.39 16.45
N GLU M 70 -70.26 -61.33 16.81
CA GLU M 70 -71.25 -61.91 15.93
C GLU M 70 -71.78 -60.92 14.90
N LYS M 71 -71.90 -59.65 15.23
CA LYS M 71 -72.59 -58.71 14.35
C LYS M 71 -71.70 -58.22 13.22
N ASP M 72 -72.31 -57.99 12.07
CA ASP M 72 -71.59 -57.44 10.92
C ASP M 72 -71.00 -56.07 11.21
N ILE M 73 -69.85 -55.80 10.60
CA ILE M 73 -69.25 -54.48 10.56
C ILE M 73 -69.52 -53.90 9.18
N TYR M 74 -69.80 -52.60 9.13
CA TYR M 74 -70.04 -51.87 7.89
C TYR M 74 -68.90 -50.89 7.64
N LEU M 75 -68.15 -51.12 6.55
CA LEU M 75 -67.03 -50.26 6.16
C LEU M 75 -67.39 -49.55 4.84
N TYR M 76 -67.67 -48.25 4.91
CA TYR M 76 -67.80 -47.45 3.71
C TYR M 76 -66.42 -47.12 3.16
N ILE M 77 -66.25 -47.28 1.86
CA ILE M 77 -64.99 -47.06 1.19
C ILE M 77 -65.19 -45.99 0.14
N ASN M 78 -64.58 -44.83 0.34
CA ASN M 78 -64.45 -43.80 -0.70
C ASN M 78 -62.95 -43.51 -0.78
N SER M 79 -62.26 -44.03 -1.79
CA SER M 79 -60.81 -43.97 -1.74
C SER M 79 -60.22 -44.03 -3.14
N PRO M 80 -59.15 -43.29 -3.41
CA PRO M 80 -58.42 -43.44 -4.67
C PRO M 80 -57.27 -44.43 -4.61
N GLY M 81 -57.06 -45.14 -3.51
CA GLY M 81 -55.97 -46.08 -3.46
C GLY M 81 -54.93 -45.69 -2.43
N GLY M 82 -53.73 -46.25 -2.55
CA GLY M 82 -52.63 -45.86 -1.69
C GLY M 82 -51.70 -47.03 -1.45
N VAL M 83 -51.06 -47.00 -0.28
CA VAL M 83 -49.96 -47.89 0.02
C VAL M 83 -50.45 -49.33 0.14
N ILE M 84 -49.85 -50.23 -0.64
CA ILE M 84 -50.31 -51.62 -0.64
C ILE M 84 -50.17 -52.25 0.74
N THR M 85 -48.97 -52.20 1.34
CA THR M 85 -48.79 -52.84 2.65
C THR M 85 -49.78 -52.32 3.69
N ALA M 86 -50.17 -51.04 3.57
CA ALA M 86 -51.12 -50.51 4.54
C ALA M 86 -52.52 -51.06 4.28
N GLY M 87 -52.95 -51.08 3.02
CA GLY M 87 -54.22 -51.72 2.70
C GLY M 87 -54.23 -53.20 3.05
N MET M 88 -53.07 -53.87 2.97
CA MET M 88 -53.00 -55.28 3.35
C MET M 88 -53.24 -55.47 4.84
N SER M 89 -52.82 -54.52 5.67
CA SER M 89 -53.14 -54.61 7.08
C SER M 89 -54.64 -54.55 7.31
N ILE M 90 -55.34 -53.71 6.54
CA ILE M 90 -56.79 -53.69 6.69
C ILE M 90 -57.38 -54.97 6.12
N TYR M 91 -56.79 -55.48 5.03
CA TYR M 91 -57.27 -56.71 4.43
C TYR M 91 -57.14 -57.88 5.40
N ASP M 92 -55.95 -58.09 5.96
CA ASP M 92 -55.77 -59.24 6.84
C ASP M 92 -56.59 -59.10 8.10
N THR M 93 -56.75 -57.87 8.62
CA THR M 93 -57.65 -57.67 9.74
C THR M 93 -59.06 -58.00 9.32
N MET M 94 -59.43 -57.58 8.11
CA MET M 94 -60.76 -57.87 7.58
C MET M 94 -61.06 -59.35 7.61
N GLN M 95 -60.16 -60.18 7.06
CA GLN M 95 -60.43 -61.61 7.07
C GLN M 95 -60.30 -62.19 8.48
N PHE M 96 -59.44 -61.60 9.32
CA PHE M 96 -59.07 -62.26 10.57
C PHE M 96 -60.20 -62.25 11.55
N ILE M 97 -60.82 -61.09 11.75
CA ILE M 97 -61.80 -60.96 12.82
C ILE M 97 -63.01 -61.83 12.53
N LYS M 98 -63.70 -62.22 13.62
CA LYS M 98 -64.93 -63.01 13.48
C LYS M 98 -66.00 -62.28 12.68
N PRO M 99 -66.42 -61.07 13.03
CA PRO M 99 -67.57 -60.45 12.35
C PRO M 99 -67.40 -60.38 10.85
N ASP M 100 -68.51 -60.53 10.15
CA ASP M 100 -68.54 -60.25 8.72
C ASP M 100 -68.31 -58.75 8.53
N VAL M 101 -67.42 -58.40 7.61
CA VAL M 101 -67.18 -57.01 7.25
C VAL M 101 -67.91 -56.75 5.94
N SER M 102 -69.01 -56.01 6.02
CA SER M 102 -69.69 -55.56 4.81
C SER M 102 -69.03 -54.29 4.28
N THR M 103 -68.86 -54.24 2.96
CA THR M 103 -68.25 -53.10 2.29
C THR M 103 -69.29 -52.40 1.43
N ILE M 104 -69.25 -51.07 1.46
CA ILE M 104 -70.15 -50.21 0.69
C ILE M 104 -69.32 -49.14 0.00
N CYS M 105 -69.41 -49.07 -1.32
CA CYS M 105 -68.63 -48.11 -2.08
C CYS M 105 -69.47 -46.88 -2.42
N MET M 106 -69.00 -45.72 -2.00
CA MET M 106 -69.63 -44.45 -2.30
C MET M 106 -68.56 -43.51 -2.82
N GLY M 107 -68.90 -42.67 -3.78
CA GLY M 107 -67.89 -41.91 -4.46
C GLY M 107 -67.11 -42.77 -5.45
N GLN M 108 -65.94 -43.25 -5.01
CA GLN M 108 -65.13 -44.16 -5.80
C GLN M 108 -64.41 -45.14 -4.89
N ALA M 109 -63.96 -46.25 -5.49
CA ALA M 109 -63.02 -47.18 -4.87
C ALA M 109 -62.00 -47.52 -5.94
N ALA M 110 -60.84 -46.87 -5.88
CA ALA M 110 -59.80 -47.09 -6.88
C ALA M 110 -58.66 -47.89 -6.28
N SER M 111 -58.04 -48.73 -7.13
CA SER M 111 -56.89 -49.56 -6.80
C SER M 111 -57.03 -50.24 -5.44
N MET M 112 -56.15 -49.91 -4.49
CA MET M 112 -56.27 -50.52 -3.18
C MET M 112 -57.66 -50.30 -2.60
N GLY M 113 -58.33 -49.20 -2.97
CA GLY M 113 -59.71 -48.99 -2.57
C GLY M 113 -60.64 -50.04 -3.16
N ALA M 114 -60.51 -50.30 -4.46
CA ALA M 114 -61.29 -51.33 -5.11
C ALA M 114 -60.93 -52.72 -4.59
N PHE M 115 -59.66 -52.92 -4.19
CA PHE M 115 -59.26 -54.21 -3.66
C PHE M 115 -59.93 -54.48 -2.32
N LEU M 116 -60.08 -53.45 -1.48
CA LEU M 116 -60.63 -53.73 -0.16
C LEU M 116 -62.14 -53.83 -0.21
N LEU M 117 -62.77 -53.17 -1.19
CA LEU M 117 -64.20 -53.30 -1.39
C LEU M 117 -64.60 -54.73 -1.72
N THR M 118 -63.89 -55.35 -2.67
CA THR M 118 -64.17 -56.73 -3.06
C THR M 118 -63.73 -57.72 -2.00
N ALA M 119 -62.90 -57.29 -1.06
CA ALA M 119 -62.50 -58.13 0.05
C ALA M 119 -63.62 -58.39 1.05
N GLY M 120 -64.75 -57.69 0.94
CA GLY M 120 -65.81 -57.86 1.91
C GLY M 120 -66.33 -59.28 1.95
N ALA M 121 -67.07 -59.58 3.03
CA ALA M 121 -67.77 -60.84 3.16
C ALA M 121 -68.64 -61.08 1.94
N LYS M 122 -68.52 -62.27 1.35
CA LYS M 122 -69.31 -62.58 0.17
C LYS M 122 -70.77 -62.33 0.46
N GLY M 123 -71.47 -61.73 -0.50
CA GLY M 123 -72.86 -61.39 -0.32
C GLY M 123 -73.11 -60.05 0.35
N LYS M 124 -72.09 -59.41 0.93
CA LYS M 124 -72.29 -58.17 1.67
C LYS M 124 -71.40 -57.04 1.16
N ARG M 125 -70.99 -57.12 -0.11
CA ARG M 125 -70.21 -56.08 -0.78
C ARG M 125 -71.14 -55.28 -1.68
N PHE M 126 -71.18 -53.95 -1.49
CA PHE M 126 -72.12 -53.06 -2.19
C PHE M 126 -71.44 -51.87 -2.88
N CYS M 127 -72.03 -51.45 -3.99
CA CYS M 127 -71.79 -50.16 -4.62
C CYS M 127 -73.06 -49.34 -4.58
N LEU M 128 -72.93 -48.06 -4.33
CA LEU M 128 -74.04 -47.14 -4.52
C LEU M 128 -74.21 -46.87 -6.03
N PRO M 129 -75.39 -46.41 -6.45
CA PRO M 129 -75.69 -46.46 -7.90
C PRO M 129 -74.71 -45.70 -8.78
N ASN M 130 -74.12 -44.61 -8.30
CA ASN M 130 -73.20 -43.84 -9.13
C ASN M 130 -71.79 -43.81 -8.58
N SER M 131 -71.49 -44.64 -7.58
CA SER M 131 -70.09 -44.93 -7.26
C SER M 131 -69.41 -45.54 -8.48
N ARG M 132 -68.10 -45.41 -8.53
CA ARG M 132 -67.36 -46.01 -9.62
C ARG M 132 -66.10 -46.67 -9.05
N VAL M 133 -65.64 -47.69 -9.78
CA VAL M 133 -64.54 -48.53 -9.36
C VAL M 133 -63.47 -48.47 -10.43
N MET M 134 -62.20 -48.53 -10.01
CA MET M 134 -61.06 -48.68 -10.89
C MET M 134 -60.11 -49.72 -10.33
N ILE M 135 -59.60 -50.59 -11.19
CA ILE M 135 -58.57 -51.57 -10.86
C ILE M 135 -57.37 -51.35 -11.77
N HIS M 136 -56.18 -51.63 -11.25
CA HIS M 136 -54.97 -51.64 -12.08
C HIS M 136 -53.91 -52.52 -11.42
N GLN M 137 -52.70 -52.47 -11.93
CA GLN M 137 -51.65 -53.27 -11.33
C GLN M 137 -50.82 -52.45 -10.33
N PRO M 138 -50.10 -53.14 -9.43
CA PRO M 138 -49.26 -52.44 -8.44
C PRO M 138 -48.36 -51.39 -9.05
N LEU M 139 -48.14 -50.31 -8.29
CA LEU M 139 -47.27 -49.22 -8.67
C LEU M 139 -46.13 -49.10 -7.67
N GLY M 140 -44.97 -48.65 -8.13
CA GLY M 140 -43.80 -48.67 -7.28
C GLY M 140 -42.66 -47.89 -7.90
N GLY M 141 -41.55 -47.91 -7.18
CA GLY M 141 -40.38 -47.18 -7.60
C GLY M 141 -39.21 -47.37 -6.66
N TYR M 142 -38.01 -47.49 -7.23
CA TYR M 142 -36.82 -47.67 -6.44
C TYR M 142 -35.65 -46.99 -7.15
N GLN M 143 -34.64 -46.64 -6.35
CA GLN M 143 -33.40 -46.03 -6.77
C GLN M 143 -32.27 -46.70 -6.01
N GLY M 144 -31.17 -46.97 -6.67
CA GLY M 144 -30.05 -47.62 -5.98
C GLY M 144 -29.19 -48.39 -6.97
N GLN M 145 -28.57 -49.46 -6.46
CA GLN M 145 -27.68 -50.28 -7.25
C GLN M 145 -28.46 -51.34 -8.02
N ALA M 146 -27.87 -51.79 -9.13
CA ALA M 146 -28.51 -52.82 -9.95
C ALA M 146 -28.90 -54.03 -9.12
N THR M 147 -28.00 -54.49 -8.24
CA THR M 147 -28.33 -55.62 -7.39
C THR M 147 -29.57 -55.35 -6.56
N ASP M 148 -29.62 -54.19 -5.91
CA ASP M 148 -30.78 -53.84 -5.10
C ASP M 148 -32.02 -53.62 -5.95
N ILE M 149 -31.85 -53.17 -7.18
CA ILE M 149 -33.01 -52.94 -8.03
C ILE M 149 -33.68 -54.25 -8.38
N GLU M 150 -32.87 -55.28 -8.66
CA GLU M 150 -33.43 -56.61 -8.95
C GLU M 150 -34.19 -57.15 -7.74
N ILE M 151 -33.63 -57.01 -6.53
CA ILE M 151 -34.32 -57.47 -5.32
C ILE M 151 -35.70 -56.82 -5.25
N HIS M 152 -35.74 -55.50 -5.41
CA HIS M 152 -36.97 -54.75 -5.19
C HIS M 152 -37.95 -54.93 -6.35
N ALA M 153 -37.45 -55.05 -7.58
CA ALA M 153 -38.32 -55.38 -8.70
C ALA M 153 -38.90 -56.80 -8.56
N ARG M 154 -38.08 -57.76 -8.11
CA ARG M 154 -38.57 -59.11 -7.88
C ARG M 154 -39.72 -59.11 -6.88
N GLU M 155 -39.63 -58.23 -5.89
CA GLU M 155 -40.62 -58.20 -4.82
C GLU M 155 -41.95 -57.58 -5.28
N ILE M 156 -41.91 -56.52 -6.10
CA ILE M 156 -43.18 -55.95 -6.53
C ILE M 156 -43.91 -56.91 -7.47
N LEU M 157 -43.18 -57.69 -8.28
CA LEU M 157 -43.82 -58.73 -9.09
C LEU M 157 -44.49 -59.78 -8.22
N LYS M 158 -43.83 -60.18 -7.13
CA LYS M 158 -44.48 -61.08 -6.18
C LYS M 158 -45.74 -60.44 -5.61
N VAL M 159 -45.69 -59.13 -5.36
CA VAL M 159 -46.87 -58.46 -4.83
C VAL M 159 -47.99 -58.44 -5.89
N LYS M 160 -47.63 -58.11 -7.14
CA LYS M 160 -48.59 -58.19 -8.24
C LYS M 160 -49.26 -59.55 -8.28
N GLY M 161 -48.47 -60.63 -8.26
CA GLY M 161 -49.05 -61.96 -8.32
C GLY M 161 -49.98 -62.25 -7.16
N ARG M 162 -49.61 -61.79 -5.96
CA ARG M 162 -50.43 -62.01 -4.78
C ARG M 162 -51.78 -61.30 -4.91
N MET M 163 -51.73 -60.04 -5.31
CA MET M 163 -52.92 -59.22 -5.51
C MET M 163 -53.86 -59.88 -6.52
N ASN M 164 -53.33 -60.23 -7.68
CA ASN M 164 -54.14 -60.84 -8.73
C ASN M 164 -54.82 -62.13 -8.25
N GLU M 165 -54.07 -62.98 -7.54
CA GLU M 165 -54.64 -64.17 -6.93
C GLU M 165 -55.78 -63.82 -5.99
N LEU M 166 -55.50 -63.00 -4.96
CA LEU M 166 -56.54 -62.54 -4.05
C LEU M 166 -57.70 -61.88 -4.80
N MET M 167 -57.38 -61.14 -5.87
CA MET M 167 -58.40 -60.50 -6.68
C MET M 167 -59.27 -61.56 -7.38
N ALA M 168 -58.62 -62.51 -8.06
CA ALA M 168 -59.34 -63.64 -8.66
C ALA M 168 -60.19 -64.38 -7.63
N LEU M 169 -59.66 -64.57 -6.42
CA LEU M 169 -60.37 -65.35 -5.42
C LEU M 169 -61.65 -64.66 -4.97
N HIS M 170 -61.63 -63.33 -4.84
CA HIS M 170 -62.79 -62.61 -4.33
C HIS M 170 -63.82 -62.35 -5.42
N THR M 171 -63.38 -62.13 -6.65
CA THR M 171 -64.30 -61.86 -7.75
C THR M 171 -64.82 -63.12 -8.43
N GLY M 172 -64.10 -64.24 -8.31
CA GLY M 172 -64.48 -65.42 -9.06
C GLY M 172 -64.06 -65.40 -10.51
N GLN M 173 -63.40 -64.34 -10.97
CA GLN M 173 -62.74 -64.38 -12.27
C GLN M 173 -61.53 -65.31 -12.21
N SER M 174 -61.16 -65.82 -13.38
CA SER M 174 -59.92 -66.56 -13.48
C SER M 174 -58.76 -65.63 -13.20
N LEU M 175 -57.67 -66.22 -12.67
CA LEU M 175 -56.43 -65.48 -12.55
C LEU M 175 -56.07 -64.80 -13.86
N GLU M 176 -56.22 -65.49 -14.98
CA GLU M 176 -55.80 -64.88 -16.25
C GLU M 176 -56.70 -63.70 -16.63
N GLN M 177 -57.96 -63.70 -16.21
CA GLN M 177 -58.84 -62.56 -16.50
C GLN M 177 -58.44 -61.34 -15.67
N ILE M 178 -58.09 -61.56 -14.40
CA ILE M 178 -57.59 -60.48 -13.55
C ILE M 178 -56.32 -59.88 -14.14
N GLU M 179 -55.38 -60.73 -14.54
CA GLU M 179 -54.12 -60.26 -15.09
C GLU M 179 -54.34 -59.38 -16.31
N ARG M 180 -55.04 -59.92 -17.32
CA ARG M 180 -55.35 -59.15 -18.51
C ARG M 180 -55.99 -57.81 -18.18
N ASP M 181 -56.96 -57.78 -17.26
CA ASP M 181 -57.80 -56.62 -17.03
C ASP M 181 -57.17 -55.58 -16.11
N THR M 182 -56.07 -55.87 -15.44
CA THR M 182 -55.45 -54.93 -14.53
C THR M 182 -54.11 -54.42 -15.03
N GLU M 183 -53.70 -54.81 -16.24
CA GLU M 183 -52.43 -54.33 -16.76
C GLU M 183 -52.46 -52.84 -16.96
N ARG M 184 -53.62 -52.32 -17.36
CA ARG M 184 -53.84 -50.91 -17.47
C ARG M 184 -55.05 -50.55 -16.63
N ASP M 185 -55.24 -49.26 -16.41
CA ASP M 185 -56.39 -48.81 -15.64
C ASP M 185 -57.67 -49.29 -16.31
N ARG M 186 -58.52 -49.94 -15.53
CA ARG M 186 -59.83 -50.36 -15.98
C ARG M 186 -60.86 -49.77 -15.03
N PHE M 187 -61.77 -48.96 -15.58
CA PHE M 187 -62.90 -48.39 -14.84
C PHE M 187 -64.12 -49.32 -14.93
N LEU M 188 -64.87 -49.40 -13.85
CA LEU M 188 -66.13 -50.14 -13.83
C LEU M 188 -67.19 -49.28 -13.15
N SER M 189 -68.30 -49.08 -13.85
CA SER M 189 -69.50 -48.52 -13.24
C SER M 189 -70.02 -49.45 -12.16
N ALA M 190 -70.96 -48.96 -11.35
CA ALA M 190 -71.55 -49.83 -10.34
C ALA M 190 -72.18 -51.09 -10.92
N PRO M 191 -72.98 -51.04 -12.01
CA PRO M 191 -73.48 -52.31 -12.58
C PRO M 191 -72.37 -53.21 -13.04
N GLU M 192 -71.35 -52.63 -13.68
CA GLU M 192 -70.25 -53.45 -14.19
C GLU M 192 -69.48 -54.13 -13.06
N ALA M 193 -69.35 -53.48 -11.91
CA ALA M 193 -68.63 -54.08 -10.80
C ALA M 193 -69.43 -55.20 -10.15
N VAL M 194 -70.76 -55.13 -10.26
CA VAL M 194 -71.59 -56.26 -9.87
C VAL M 194 -71.34 -57.43 -10.81
N GLU M 195 -71.33 -57.14 -12.12
CA GLU M 195 -71.16 -58.18 -13.14
C GLU M 195 -69.72 -58.66 -13.19
N TYR M 196 -68.78 -57.88 -12.70
CA TYR M 196 -67.41 -58.38 -12.64
C TYR M 196 -67.18 -59.25 -11.41
N GLY M 197 -68.09 -59.23 -10.45
CA GLY M 197 -67.91 -59.96 -9.22
C GLY M 197 -67.18 -59.18 -8.17
N LEU M 198 -66.89 -57.89 -8.42
CA LEU M 198 -66.21 -57.06 -7.44
C LEU M 198 -67.13 -56.77 -6.27
N VAL M 199 -68.41 -56.53 -6.54
CA VAL M 199 -69.42 -56.31 -5.51
C VAL M 199 -70.57 -57.26 -5.79
N ASP M 200 -71.45 -57.41 -4.79
CA ASP M 200 -72.56 -58.35 -4.94
C ASP M 200 -73.86 -57.71 -5.41
N SER M 201 -74.07 -56.42 -5.15
CA SER M 201 -75.28 -55.74 -5.59
C SER M 201 -75.11 -54.23 -5.41
N ILE M 202 -76.10 -53.48 -5.89
CA ILE M 202 -76.21 -52.05 -5.71
C ILE M 202 -77.19 -51.74 -4.59
N LEU M 203 -76.83 -50.81 -3.70
CA LEU M 203 -77.78 -50.26 -2.73
C LEU M 203 -78.56 -49.12 -3.39
N THR M 204 -79.88 -49.27 -3.52
CA THR M 204 -80.58 -48.19 -4.22
C THR M 204 -81.27 -47.24 -3.26
N HIS M 205 -82.40 -47.64 -2.67
CA HIS M 205 -82.96 -46.88 -1.55
C HIS M 205 -83.20 -47.81 -0.38
N ARG M 206 -83.15 -47.24 0.83
CA ARG M 206 -83.56 -48.02 1.99
C ARG M 206 -85.02 -48.36 1.84
N ASN M 207 -85.31 -49.65 1.84
CA ASN M 207 -86.65 -50.22 1.88
C ASN M 207 -87.69 -49.33 2.60
N VAL N 17 -66.20 -20.51 15.88
CA VAL N 17 -66.35 -21.85 16.42
C VAL N 17 -67.32 -21.88 17.64
N PRO N 18 -68.30 -20.90 17.71
CA PRO N 18 -68.94 -20.61 19.00
C PRO N 18 -69.63 -21.79 19.64
N MET N 19 -69.02 -22.32 20.70
CA MET N 19 -69.47 -23.53 21.37
C MET N 19 -70.33 -23.20 22.59
N PHE N 31 -70.18 -28.26 22.76
CA PHE N 31 -71.31 -28.45 21.85
C PHE N 31 -71.60 -27.23 20.94
N ASP N 32 -70.98 -27.24 19.75
CA ASP N 32 -70.89 -26.04 18.92
C ASP N 32 -72.24 -25.72 18.27
N ILE N 33 -72.20 -24.75 17.37
CA ILE N 33 -73.44 -24.25 16.78
C ILE N 33 -73.94 -25.19 15.70
N TYR N 34 -73.05 -25.77 14.90
CA TYR N 34 -73.50 -26.71 13.88
C TYR N 34 -74.12 -27.95 14.51
N SER N 35 -73.48 -28.50 15.54
CA SER N 35 -74.10 -29.59 16.29
C SER N 35 -75.49 -29.21 16.75
N ARG N 36 -75.67 -27.95 17.16
CA ARG N 36 -76.99 -27.48 17.58
C ARG N 36 -77.95 -27.43 16.39
N LEU N 37 -77.47 -26.96 15.24
CA LEU N 37 -78.31 -26.96 14.05
C LEU N 37 -78.56 -28.39 13.55
N LEU N 38 -77.60 -29.28 13.73
CA LEU N 38 -77.81 -30.68 13.38
C LEU N 38 -79.06 -31.23 14.06
N LYS N 39 -79.25 -30.90 15.35
CA LYS N 39 -80.42 -31.35 16.12
C LYS N 39 -81.72 -31.09 15.38
N GLU N 40 -81.81 -29.99 14.64
CA GLU N 40 -82.97 -29.67 13.85
C GLU N 40 -82.84 -30.13 12.41
N ARG N 41 -81.98 -31.13 12.16
CA ARG N 41 -81.87 -31.76 10.84
C ARG N 41 -81.43 -30.74 9.80
N VAL N 42 -80.48 -29.89 10.17
CA VAL N 42 -79.93 -28.90 9.26
C VAL N 42 -78.47 -29.24 9.03
N ILE N 43 -78.12 -29.61 7.80
CA ILE N 43 -76.73 -29.88 7.42
C ILE N 43 -76.25 -28.75 6.51
N PHE N 44 -74.96 -28.42 6.62
CA PHE N 44 -74.34 -27.37 5.80
C PHE N 44 -73.28 -27.97 4.88
N LEU N 45 -73.36 -27.60 3.60
CA LEU N 45 -72.36 -27.90 2.61
C LEU N 45 -71.73 -26.56 2.20
N THR N 46 -70.48 -26.34 2.58
CA THR N 46 -69.84 -25.04 2.46
C THR N 46 -68.52 -25.18 1.73
N GLY N 47 -68.29 -24.37 0.69
CA GLY N 47 -67.03 -24.41 -0.01
C GLY N 47 -66.85 -25.62 -0.92
N GLN N 48 -65.59 -25.89 -1.22
CA GLN N 48 -65.24 -26.94 -2.17
C GLN N 48 -65.71 -28.32 -1.72
N VAL N 49 -66.28 -29.05 -2.66
CA VAL N 49 -66.61 -30.45 -2.44
C VAL N 49 -65.34 -31.27 -2.53
N GLU N 50 -65.08 -32.07 -1.50
CA GLU N 50 -63.95 -32.99 -1.52
C GLU N 50 -64.24 -34.12 -0.54
N ASP N 51 -63.47 -35.20 -0.66
CA ASP N 51 -63.76 -36.44 0.07
C ASP N 51 -64.07 -36.23 1.54
N HIS N 52 -63.35 -35.32 2.22
CA HIS N 52 -63.51 -35.32 3.67
C HIS N 52 -64.71 -34.48 4.11
N MET N 53 -64.92 -33.30 3.52
CA MET N 53 -66.13 -32.58 3.88
C MET N 53 -67.36 -33.34 3.37
N ALA N 54 -67.21 -34.03 2.24
CA ALA N 54 -68.28 -34.86 1.71
C ALA N 54 -68.59 -36.03 2.63
N ASN N 55 -67.55 -36.69 3.15
CA ASN N 55 -67.78 -37.82 4.04
C ASN N 55 -68.55 -37.39 5.27
N LEU N 56 -68.25 -36.19 5.78
CA LEU N 56 -68.90 -35.71 6.98
C LEU N 56 -70.36 -35.35 6.74
N ILE N 57 -70.69 -34.94 5.52
CA ILE N 57 -72.09 -34.71 5.21
C ILE N 57 -72.86 -36.03 5.11
N VAL N 58 -72.24 -37.05 4.49
CA VAL N 58 -72.80 -38.40 4.45
C VAL N 58 -72.97 -38.97 5.86
N ALA N 59 -71.95 -38.86 6.71
CA ALA N 59 -72.11 -39.32 8.09
C ALA N 59 -73.23 -38.56 8.80
N GLN N 60 -73.35 -37.26 8.54
CA GLN N 60 -74.44 -36.48 9.11
C GLN N 60 -75.79 -36.98 8.63
N MET N 61 -75.94 -37.10 7.30
CA MET N 61 -77.16 -37.61 6.69
C MET N 61 -77.56 -38.95 7.26
N LEU N 62 -76.60 -39.89 7.33
CA LEU N 62 -76.90 -41.21 7.89
C LEU N 62 -77.36 -41.09 9.34
N PHE N 63 -76.67 -40.26 10.14
CA PHE N 63 -77.03 -40.14 11.54
C PHE N 63 -78.46 -39.64 11.72
N LEU N 64 -78.88 -38.71 10.86
CA LEU N 64 -80.22 -38.15 10.97
C LEU N 64 -81.30 -39.15 10.57
N GLU N 65 -81.04 -39.94 9.52
CA GLU N 65 -81.93 -41.06 9.19
C GLU N 65 -82.12 -41.98 10.40
N ALA N 66 -81.03 -42.39 11.05
CA ALA N 66 -81.14 -43.29 12.18
C ALA N 66 -82.00 -42.69 13.28
N GLU N 67 -81.85 -41.38 13.51
CA GLU N 67 -82.69 -40.68 14.47
C GLU N 67 -84.17 -40.79 14.07
N ASN N 68 -84.52 -40.22 12.93
CA ASN N 68 -85.90 -40.24 12.46
C ASN N 68 -85.89 -40.44 10.95
N PRO N 69 -86.01 -41.70 10.49
CA PRO N 69 -85.95 -41.97 9.05
C PRO N 69 -87.12 -41.38 8.29
N GLU N 70 -88.01 -40.67 8.97
CA GLU N 70 -89.18 -40.06 8.34
C GLU N 70 -89.10 -38.54 8.26
N LYS N 71 -88.43 -37.88 9.20
CA LYS N 71 -88.39 -36.42 9.21
C LYS N 71 -87.43 -35.88 8.15
N ASP N 72 -87.83 -34.79 7.51
CA ASP N 72 -87.03 -34.20 6.44
C ASP N 72 -85.70 -33.70 6.96
N ILE N 73 -84.71 -33.67 6.06
CA ILE N 73 -83.38 -33.11 6.31
C ILE N 73 -83.18 -31.91 5.41
N TYR N 74 -82.48 -30.90 5.91
CA TYR N 74 -82.25 -29.68 5.14
C TYR N 74 -80.76 -29.49 4.93
N LEU N 75 -80.37 -29.45 3.66
CA LEU N 75 -79.01 -29.26 3.21
C LEU N 75 -78.87 -27.84 2.67
N TYR N 76 -78.15 -26.99 3.38
CA TYR N 76 -77.75 -25.71 2.83
C TYR N 76 -76.54 -25.90 1.94
N ILE N 77 -76.63 -25.38 0.71
CA ILE N 77 -75.52 -25.44 -0.21
C ILE N 77 -75.05 -24.03 -0.49
N ASN N 78 -73.78 -23.78 -0.14
CA ASN N 78 -73.02 -22.59 -0.52
C ASN N 78 -71.70 -23.16 -1.04
N SER N 79 -71.64 -23.51 -2.33
CA SER N 79 -70.46 -24.19 -2.85
C SER N 79 -70.14 -23.83 -4.30
N PRO N 80 -68.86 -23.71 -4.64
CA PRO N 80 -68.44 -23.54 -6.04
C PRO N 80 -68.11 -24.81 -6.79
N GLY N 81 -68.34 -25.98 -6.21
CA GLY N 81 -68.03 -27.24 -6.86
C GLY N 81 -66.94 -28.02 -6.17
N GLY N 82 -66.33 -28.91 -6.93
CA GLY N 82 -65.27 -29.74 -6.43
C GLY N 82 -65.21 -31.09 -7.14
N VAL N 83 -64.69 -32.06 -6.40
CA VAL N 83 -64.43 -33.37 -6.96
C VAL N 83 -65.74 -34.10 -7.21
N ILE N 84 -65.95 -34.56 -8.45
CA ILE N 84 -67.22 -35.20 -8.82
C ILE N 84 -67.49 -36.43 -7.94
N THR N 85 -66.53 -37.35 -7.85
CA THR N 85 -66.81 -38.56 -7.07
C THR N 85 -67.16 -38.22 -5.61
N ALA N 86 -66.60 -37.13 -5.08
CA ALA N 86 -66.96 -36.77 -3.72
C ALA N 86 -68.40 -36.28 -3.64
N GLY N 87 -68.84 -35.57 -4.68
CA GLY N 87 -70.24 -35.14 -4.74
C GLY N 87 -71.18 -36.31 -4.95
N MET N 88 -70.80 -37.24 -5.82
CA MET N 88 -71.62 -38.44 -6.00
C MET N 88 -71.73 -39.24 -4.71
N SER N 89 -70.72 -39.19 -3.85
CA SER N 89 -70.87 -39.87 -2.55
C SER N 89 -72.02 -39.24 -1.76
N ILE N 90 -72.15 -37.90 -1.83
CA ILE N 90 -73.26 -37.19 -1.18
C ILE N 90 -74.56 -37.42 -1.94
N TYR N 91 -74.50 -37.38 -3.27
CA TYR N 91 -75.70 -37.55 -4.08
C TYR N 91 -76.37 -38.90 -3.81
N ASP N 92 -75.60 -39.99 -3.91
CA ASP N 92 -76.18 -41.32 -3.70
C ASP N 92 -76.68 -41.49 -2.26
N THR N 93 -76.04 -40.83 -1.29
CA THR N 93 -76.52 -40.88 0.09
C THR N 93 -77.88 -40.18 0.22
N MET N 94 -78.07 -39.05 -0.48
CA MET N 94 -79.36 -38.37 -0.40
C MET N 94 -80.48 -39.27 -0.92
N GLN N 95 -80.26 -39.92 -2.06
CA GLN N 95 -81.29 -40.76 -2.66
C GLN N 95 -81.51 -42.04 -1.86
N PHE N 96 -80.44 -42.62 -1.34
CA PHE N 96 -80.58 -43.89 -0.63
C PHE N 96 -81.36 -43.74 0.66
N ILE N 97 -81.01 -42.74 1.50
CA ILE N 97 -81.60 -42.65 2.82
C ILE N 97 -83.10 -42.41 2.73
N LYS N 98 -83.83 -42.98 3.69
CA LYS N 98 -85.29 -42.87 3.71
C LYS N 98 -85.79 -41.43 3.71
N PRO N 99 -85.24 -40.50 4.51
CA PRO N 99 -85.81 -39.16 4.55
C PRO N 99 -85.64 -38.39 3.26
N ASP N 100 -86.57 -37.45 3.07
CA ASP N 100 -86.39 -36.44 2.05
C ASP N 100 -85.26 -35.51 2.48
N VAL N 101 -84.42 -35.13 1.51
CA VAL N 101 -83.41 -34.09 1.74
C VAL N 101 -83.82 -32.86 0.99
N SER N 102 -84.11 -31.79 1.72
CA SER N 102 -84.42 -30.49 1.15
C SER N 102 -83.14 -29.70 0.95
N THR N 103 -82.97 -29.13 -0.23
CA THR N 103 -81.78 -28.37 -0.58
C THR N 103 -82.14 -26.89 -0.70
N ILE N 104 -81.38 -26.06 0.02
CA ILE N 104 -81.49 -24.60 0.01
C ILE N 104 -80.14 -24.07 -0.43
N CYS N 105 -80.13 -23.28 -1.50
CA CYS N 105 -78.91 -22.66 -1.98
C CYS N 105 -78.84 -21.23 -1.47
N MET N 106 -77.72 -20.88 -0.81
CA MET N 106 -77.41 -19.50 -0.45
C MET N 106 -76.00 -19.15 -0.92
N GLY N 107 -75.82 -17.89 -1.33
CA GLY N 107 -74.57 -17.54 -1.96
C GLY N 107 -74.49 -18.05 -3.39
N GLN N 108 -74.06 -19.29 -3.57
CA GLN N 108 -73.92 -19.86 -4.91
C GLN N 108 -73.97 -21.37 -4.84
N ALA N 109 -74.40 -21.97 -5.94
CA ALA N 109 -74.32 -23.41 -6.16
C ALA N 109 -73.69 -23.52 -7.55
N ALA N 110 -72.36 -23.65 -7.59
CA ALA N 110 -71.67 -23.78 -8.87
C ALA N 110 -71.25 -25.22 -9.09
N SER N 111 -71.41 -25.68 -10.35
CA SER N 111 -70.86 -26.95 -10.84
C SER N 111 -71.41 -28.10 -9.99
N MET N 112 -70.56 -28.93 -9.35
CA MET N 112 -71.07 -29.99 -8.48
C MET N 112 -72.07 -29.45 -7.46
N GLY N 113 -71.92 -28.17 -7.08
CA GLY N 113 -72.85 -27.57 -6.15
C GLY N 113 -74.26 -27.43 -6.73
N ALA N 114 -74.36 -27.09 -8.01
CA ALA N 114 -75.65 -27.10 -8.66
C ALA N 114 -76.23 -28.50 -8.73
N PHE N 115 -75.37 -29.48 -9.03
CA PHE N 115 -75.84 -30.85 -9.11
C PHE N 115 -76.46 -31.31 -7.80
N LEU N 116 -75.79 -31.05 -6.67
CA LEU N 116 -76.34 -31.51 -5.40
C LEU N 116 -77.60 -30.74 -5.02
N LEU N 117 -77.72 -29.49 -5.51
CA LEU N 117 -78.92 -28.69 -5.24
C LEU N 117 -80.13 -29.23 -5.99
N THR N 118 -80.00 -29.41 -7.31
CA THR N 118 -81.11 -29.93 -8.08
C THR N 118 -81.51 -31.35 -7.68
N ALA N 119 -80.73 -31.99 -6.81
CA ALA N 119 -80.91 -33.40 -6.47
C ALA N 119 -81.66 -33.62 -5.15
N GLY N 120 -82.10 -32.56 -4.49
CA GLY N 120 -83.01 -32.72 -3.38
C GLY N 120 -84.39 -33.16 -3.87
N ALA N 121 -85.27 -33.39 -2.90
CA ALA N 121 -86.60 -33.91 -3.18
C ALA N 121 -87.38 -32.94 -4.07
N LYS N 122 -88.08 -33.49 -5.05
CA LYS N 122 -88.92 -32.64 -5.90
C LYS N 122 -89.88 -31.90 -4.98
N GLY N 123 -90.00 -30.58 -5.20
CA GLY N 123 -90.83 -29.76 -4.35
C GLY N 123 -90.12 -29.13 -3.17
N LYS N 124 -88.91 -29.60 -2.83
CA LYS N 124 -88.22 -29.17 -1.62
C LYS N 124 -86.83 -28.64 -1.93
N ARG N 125 -86.67 -28.03 -3.12
CA ARG N 125 -85.41 -27.48 -3.61
C ARG N 125 -85.56 -25.98 -3.80
N PHE N 126 -84.75 -25.20 -3.08
CA PHE N 126 -84.97 -23.77 -2.94
C PHE N 126 -83.75 -22.97 -3.34
N CYS N 127 -84.02 -21.73 -3.72
CA CYS N 127 -83.01 -20.70 -3.88
C CYS N 127 -83.39 -19.52 -3.01
N LEU N 128 -82.37 -18.86 -2.46
CA LEU N 128 -82.58 -17.57 -1.84
C LEU N 128 -82.53 -16.50 -2.93
N PRO N 129 -83.09 -15.32 -2.69
CA PRO N 129 -83.30 -14.35 -3.80
C PRO N 129 -82.08 -14.03 -4.62
N ASN N 130 -80.98 -13.65 -3.99
CA ASN N 130 -79.83 -13.21 -4.77
C ASN N 130 -78.72 -14.24 -4.84
N SER N 131 -78.99 -15.47 -4.43
CA SER N 131 -78.08 -16.57 -4.75
C SER N 131 -78.15 -16.87 -6.25
N ARG N 132 -77.03 -17.37 -6.78
CA ARG N 132 -76.93 -17.70 -8.19
C ARG N 132 -76.47 -19.15 -8.36
N VAL N 133 -76.68 -19.69 -9.55
CA VAL N 133 -76.35 -21.06 -9.87
C VAL N 133 -75.51 -21.06 -11.14
N MET N 134 -74.52 -21.94 -11.20
CA MET N 134 -73.73 -22.08 -12.42
C MET N 134 -73.55 -23.55 -12.75
N ILE N 135 -73.76 -23.89 -14.03
CA ILE N 135 -73.68 -25.25 -14.50
C ILE N 135 -72.72 -25.26 -15.67
N HIS N 136 -72.00 -26.37 -15.81
CA HIS N 136 -71.12 -26.65 -16.94
C HIS N 136 -70.82 -28.14 -16.95
N GLN N 137 -69.82 -28.54 -17.72
CA GLN N 137 -69.49 -29.94 -17.93
C GLN N 137 -68.30 -30.33 -17.09
N PRO N 138 -68.05 -31.63 -16.92
CA PRO N 138 -66.89 -32.08 -16.15
C PRO N 138 -65.59 -31.49 -16.65
N LEU N 139 -64.73 -31.13 -15.71
CA LEU N 139 -63.36 -30.70 -15.97
C LEU N 139 -62.41 -31.80 -15.50
N GLY N 140 -61.29 -31.94 -16.20
CA GLY N 140 -60.44 -33.09 -15.93
C GLY N 140 -59.06 -32.90 -16.49
N GLY N 141 -58.17 -33.79 -16.07
CA GLY N 141 -56.84 -33.76 -16.62
C GLY N 141 -56.02 -34.99 -16.29
N TYR N 142 -55.60 -35.71 -17.32
CA TYR N 142 -54.69 -36.83 -17.15
C TYR N 142 -53.42 -36.60 -17.96
N GLN N 143 -52.36 -37.30 -17.58
CA GLN N 143 -51.11 -37.34 -18.34
C GLN N 143 -50.49 -38.73 -18.29
N GLY N 144 -49.88 -39.11 -19.38
CA GLY N 144 -49.15 -40.37 -19.44
C GLY N 144 -49.16 -40.90 -20.86
N GLN N 145 -49.10 -42.22 -20.97
CA GLN N 145 -49.03 -42.90 -22.25
C GLN N 145 -50.31 -42.71 -23.05
N ALA N 146 -50.17 -42.63 -24.38
CA ALA N 146 -51.32 -42.38 -25.25
C ALA N 146 -52.47 -43.34 -24.94
N THR N 147 -52.16 -44.63 -24.81
CA THR N 147 -53.17 -45.65 -24.48
C THR N 147 -53.94 -45.32 -23.21
N ASP N 148 -53.22 -44.92 -22.16
CA ASP N 148 -53.86 -44.52 -20.90
C ASP N 148 -54.62 -43.22 -21.05
N ILE N 149 -54.07 -42.25 -21.79
CA ILE N 149 -54.86 -41.05 -22.10
C ILE N 149 -56.23 -41.43 -22.66
N GLU N 150 -56.28 -42.40 -23.58
CA GLU N 150 -57.55 -42.85 -24.15
C GLU N 150 -58.49 -43.38 -23.06
N ILE N 151 -58.00 -44.27 -22.19
CA ILE N 151 -58.83 -44.86 -21.15
C ILE N 151 -59.47 -43.78 -20.28
N HIS N 152 -58.66 -42.84 -19.78
CA HIS N 152 -59.18 -41.78 -18.92
C HIS N 152 -59.99 -40.73 -19.69
N ALA N 153 -59.66 -40.49 -20.96
CA ALA N 153 -60.54 -39.64 -21.75
C ALA N 153 -61.90 -40.29 -21.90
N ARG N 154 -61.92 -41.60 -22.11
CA ARG N 154 -63.17 -42.31 -22.29
C ARG N 154 -63.95 -42.34 -20.99
N GLU N 155 -63.27 -42.42 -19.84
CA GLU N 155 -64.02 -42.44 -18.60
C GLU N 155 -64.67 -41.10 -18.32
N ILE N 156 -63.95 -39.98 -18.52
CA ILE N 156 -64.53 -38.66 -18.21
C ILE N 156 -65.71 -38.35 -19.13
N LEU N 157 -65.72 -38.90 -20.34
CA LEU N 157 -66.87 -38.73 -21.25
C LEU N 157 -68.08 -39.50 -20.74
N LYS N 158 -67.89 -40.77 -20.35
CA LYS N 158 -68.90 -41.48 -19.58
C LYS N 158 -69.40 -40.67 -18.40
N VAL N 159 -68.48 -40.03 -17.67
CA VAL N 159 -68.90 -39.22 -16.53
C VAL N 159 -69.75 -38.04 -16.98
N LYS N 160 -69.34 -37.39 -18.07
CA LYS N 160 -70.11 -36.25 -18.58
C LYS N 160 -71.53 -36.69 -18.97
N GLY N 161 -71.65 -37.87 -19.59
CA GLY N 161 -72.95 -38.34 -20.07
C GLY N 161 -73.89 -38.70 -18.93
N ARG N 162 -73.38 -39.43 -17.95
CA ARG N 162 -74.17 -39.76 -16.77
C ARG N 162 -74.52 -38.54 -15.93
N MET N 163 -73.65 -37.54 -15.90
CA MET N 163 -74.01 -36.32 -15.20
C MET N 163 -75.18 -35.63 -15.88
N ASN N 164 -75.14 -35.55 -17.21
CA ASN N 164 -76.20 -34.88 -17.99
C ASN N 164 -77.53 -35.62 -17.87
N GLU N 165 -77.50 -36.96 -17.90
CA GLU N 165 -78.71 -37.75 -17.71
C GLU N 165 -79.40 -37.40 -16.41
N LEU N 166 -78.65 -37.44 -15.30
CA LEU N 166 -79.24 -37.12 -13.99
C LEU N 166 -79.61 -35.65 -13.89
N MET N 167 -78.84 -34.77 -14.51
CA MET N 167 -79.24 -33.37 -14.67
C MET N 167 -80.56 -33.27 -15.41
N ALA N 168 -80.71 -34.00 -16.51
CA ALA N 168 -81.97 -33.97 -17.24
C ALA N 168 -83.09 -34.61 -16.44
N LEU N 169 -82.77 -35.64 -15.66
CA LEU N 169 -83.80 -36.33 -14.90
C LEU N 169 -84.33 -35.45 -13.77
N HIS N 170 -83.45 -34.70 -13.09
CA HIS N 170 -83.84 -33.88 -11.94
C HIS N 170 -84.44 -32.54 -12.35
N THR N 171 -84.04 -31.97 -13.47
CA THR N 171 -84.62 -30.68 -13.87
C THR N 171 -85.89 -30.83 -14.69
N GLY N 172 -86.11 -32.00 -15.29
CA GLY N 172 -87.21 -32.14 -16.19
C GLY N 172 -86.94 -31.70 -17.61
N GLN N 173 -85.74 -31.21 -17.91
CA GLN N 173 -85.36 -30.90 -19.28
C GLN N 173 -84.91 -32.15 -20.02
N SER N 174 -84.67 -31.98 -21.31
CA SER N 174 -84.26 -33.11 -22.13
C SER N 174 -82.75 -33.30 -22.06
N LEU N 175 -82.31 -34.52 -22.41
CA LEU N 175 -80.89 -34.82 -22.38
C LEU N 175 -80.11 -33.85 -23.23
N GLU N 176 -80.68 -33.46 -24.36
CA GLU N 176 -79.93 -32.58 -25.25
C GLU N 176 -80.07 -31.11 -24.88
N GLN N 177 -81.12 -30.73 -24.15
CA GLN N 177 -81.16 -29.37 -23.62
C GLN N 177 -80.08 -29.18 -22.55
N ILE N 178 -79.95 -30.15 -21.64
CA ILE N 178 -78.88 -30.09 -20.66
C ILE N 178 -77.52 -30.10 -21.35
N GLU N 179 -77.41 -30.84 -22.45
CA GLU N 179 -76.13 -30.98 -23.13
C GLU N 179 -75.66 -29.66 -23.73
N ARG N 180 -76.56 -28.95 -24.44
CA ARG N 180 -76.17 -27.66 -24.99
C ARG N 180 -75.92 -26.63 -23.90
N ASP N 181 -76.76 -26.62 -22.86
CA ASP N 181 -76.64 -25.62 -21.82
C ASP N 181 -75.43 -25.84 -20.93
N THR N 182 -74.73 -26.95 -21.07
CA THR N 182 -73.60 -27.21 -20.19
C THR N 182 -72.26 -27.32 -20.90
N GLU N 183 -72.21 -27.24 -22.24
CA GLU N 183 -70.93 -27.16 -22.93
C GLU N 183 -70.05 -26.06 -22.33
N ARG N 184 -70.65 -24.90 -22.04
CA ARG N 184 -69.92 -23.80 -21.46
C ARG N 184 -70.57 -23.34 -20.17
N ASP N 185 -69.82 -22.58 -19.40
CA ASP N 185 -70.34 -22.02 -18.16
C ASP N 185 -71.64 -21.27 -18.44
N ARG N 186 -72.63 -21.51 -17.61
CA ARG N 186 -73.96 -20.98 -17.81
C ARG N 186 -74.46 -20.60 -16.43
N PHE N 187 -74.69 -19.30 -16.24
CA PHE N 187 -75.15 -18.78 -14.95
C PHE N 187 -76.67 -18.68 -14.91
N LEU N 188 -77.23 -18.96 -13.74
CA LEU N 188 -78.65 -18.87 -13.50
C LEU N 188 -78.89 -18.00 -12.28
N SER N 189 -79.66 -16.93 -12.46
CA SER N 189 -80.27 -16.26 -11.34
C SER N 189 -81.25 -17.20 -10.64
N ALA N 190 -81.57 -16.89 -9.38
CA ALA N 190 -82.55 -17.68 -8.64
C ALA N 190 -83.91 -17.80 -9.36
N PRO N 191 -84.49 -16.74 -9.93
CA PRO N 191 -85.67 -16.94 -10.81
C PRO N 191 -85.42 -17.92 -11.94
N GLU N 192 -84.33 -17.75 -12.70
CA GLU N 192 -84.11 -18.65 -13.84
C GLU N 192 -83.84 -20.07 -13.40
N ALA N 193 -83.34 -20.26 -12.17
CA ALA N 193 -83.17 -21.61 -11.63
C ALA N 193 -84.53 -22.28 -11.46
N VAL N 194 -85.51 -21.52 -10.96
CA VAL N 194 -86.86 -22.04 -10.81
C VAL N 194 -87.44 -22.38 -12.16
N GLU N 195 -87.30 -21.46 -13.12
CA GLU N 195 -87.89 -21.63 -14.43
C GLU N 195 -87.31 -22.85 -15.15
N TYR N 196 -86.06 -23.18 -14.84
CA TYR N 196 -85.31 -24.25 -15.49
C TYR N 196 -85.52 -25.59 -14.80
N GLY N 197 -86.17 -25.61 -13.65
CA GLY N 197 -86.35 -26.83 -12.89
C GLY N 197 -85.16 -27.22 -12.05
N LEU N 198 -84.12 -26.40 -11.98
CA LEU N 198 -83.00 -26.70 -11.10
C LEU N 198 -83.47 -26.69 -9.65
N VAL N 199 -84.24 -25.67 -9.28
CA VAL N 199 -84.90 -25.60 -7.99
C VAL N 199 -86.40 -25.43 -8.22
N ASP N 200 -87.16 -25.66 -7.14
CA ASP N 200 -88.61 -25.58 -7.21
C ASP N 200 -89.14 -24.16 -7.01
N SER N 201 -88.69 -23.44 -5.98
CA SER N 201 -89.13 -22.07 -5.75
C SER N 201 -88.05 -21.29 -5.00
N ILE N 202 -88.38 -20.04 -4.67
CA ILE N 202 -87.49 -19.13 -3.97
C ILE N 202 -88.06 -18.84 -2.59
N LEU N 203 -87.24 -19.04 -1.56
CA LEU N 203 -87.55 -18.53 -0.22
C LEU N 203 -87.10 -17.09 -0.14
N THR N 204 -88.01 -16.18 0.23
CA THR N 204 -87.65 -14.78 0.44
C THR N 204 -87.82 -14.32 1.89
N HIS N 205 -88.97 -14.56 2.50
CA HIS N 205 -89.18 -14.27 3.92
C HIS N 205 -89.75 -15.48 4.63
N ARG N 206 -89.49 -15.54 5.93
CA ARG N 206 -90.03 -16.65 6.74
C ARG N 206 -91.52 -16.40 7.00
N ASN N 207 -92.33 -17.44 6.87
CA ASN N 207 -93.77 -17.37 7.11
C ASN N 207 -94.05 -17.13 8.58
N VAL O 17 34.69 7.29 -25.21
CA VAL O 17 33.28 7.11 -24.88
C VAL O 17 32.95 7.64 -23.48
N PRO O 18 32.06 8.64 -23.40
CA PRO O 18 31.77 9.26 -22.11
C PRO O 18 30.78 8.44 -21.29
N MET O 19 30.82 8.67 -19.97
CA MET O 19 30.01 7.98 -18.98
C MET O 19 28.86 8.87 -18.50
N VAL O 20 27.82 8.24 -17.95
CA VAL O 20 26.65 8.99 -17.47
C VAL O 20 26.23 8.61 -16.04
N PHE O 31 26.95 3.89 -16.33
CA PHE O 31 26.76 3.56 -17.74
C PHE O 31 27.65 4.40 -18.66
N ASP O 32 28.06 3.81 -19.77
CA ASP O 32 28.56 4.56 -20.91
C ASP O 32 27.38 5.08 -21.74
N ILE O 33 27.66 6.03 -22.63
CA ILE O 33 26.61 6.69 -23.40
C ILE O 33 25.78 5.66 -24.19
N TYR O 34 26.44 4.64 -24.73
CA TYR O 34 25.68 3.65 -25.49
C TYR O 34 24.87 2.73 -24.59
N SER O 35 25.35 2.47 -23.37
CA SER O 35 24.57 1.66 -22.44
C SER O 35 23.37 2.43 -21.90
N ARG O 36 23.57 3.70 -21.55
CA ARG O 36 22.43 4.51 -21.11
C ARG O 36 21.39 4.59 -22.22
N LEU O 37 21.83 4.75 -23.46
CA LEU O 37 20.88 4.77 -24.57
C LEU O 37 20.26 3.40 -24.81
N LEU O 38 20.96 2.31 -24.44
CA LEU O 38 20.33 1.00 -24.53
C LEU O 38 19.26 0.80 -23.46
N LYS O 39 19.33 1.52 -22.34
CA LYS O 39 18.20 1.52 -21.41
C LYS O 39 16.96 2.08 -22.09
N GLU O 40 17.13 3.10 -22.92
CA GLU O 40 16.02 3.66 -23.68
C GLU O 40 15.65 2.83 -24.91
N ARG O 41 16.25 1.64 -25.08
CA ARG O 41 15.93 0.69 -26.16
C ARG O 41 16.41 1.17 -27.53
N VAL O 42 17.54 1.88 -27.56
CA VAL O 42 18.11 2.42 -28.78
C VAL O 42 19.41 1.68 -29.05
N ILE O 43 19.52 1.07 -30.24
CA ILE O 43 20.70 0.38 -30.71
C ILE O 43 21.26 1.16 -31.90
N PHE O 44 22.58 1.16 -32.03
CA PHE O 44 23.24 1.82 -33.15
C PHE O 44 23.95 0.78 -34.01
N LEU O 45 23.66 0.84 -35.32
CA LEU O 45 24.30 0.04 -36.36
C LEU O 45 25.11 1.04 -37.19
N THR O 46 26.40 1.15 -36.88
CA THR O 46 27.27 2.18 -37.44
C THR O 46 28.45 1.53 -38.14
N GLY O 47 28.70 1.92 -39.38
CA GLY O 47 29.87 1.47 -40.06
C GLY O 47 29.66 0.18 -40.82
N GLN O 48 30.78 -0.41 -41.23
CA GLN O 48 30.77 -1.63 -42.02
C GLN O 48 30.06 -2.76 -41.27
N VAL O 49 29.22 -3.48 -41.99
CA VAL O 49 28.54 -4.63 -41.42
C VAL O 49 29.46 -5.83 -41.50
N GLU O 50 29.73 -6.44 -40.36
CA GLU O 50 30.48 -7.68 -40.35
C GLU O 50 30.07 -8.43 -39.09
N ASP O 51 30.60 -9.65 -38.98
CA ASP O 51 30.13 -10.61 -37.99
C ASP O 51 30.09 -10.04 -36.57
N HIS O 52 31.17 -9.43 -36.12
CA HIS O 52 31.28 -9.09 -34.70
C HIS O 52 30.41 -7.88 -34.34
N MET O 53 30.52 -6.79 -35.08
CA MET O 53 29.58 -5.69 -34.85
C MET O 53 28.14 -6.16 -34.98
N ALA O 54 27.86 -7.03 -35.97
CA ALA O 54 26.51 -7.56 -36.15
C ALA O 54 26.11 -8.46 -34.99
N ASN O 55 27.04 -9.26 -34.47
CA ASN O 55 26.74 -10.02 -33.27
C ASN O 55 26.36 -9.09 -32.10
N LEU O 56 27.04 -7.94 -31.99
CA LEU O 56 26.69 -7.00 -30.93
C LEU O 56 25.25 -6.50 -31.08
N ILE O 57 24.83 -6.19 -32.31
CA ILE O 57 23.43 -5.81 -32.56
C ILE O 57 22.49 -6.92 -32.12
N VAL O 58 22.79 -8.15 -32.54
CA VAL O 58 21.99 -9.31 -32.17
C VAL O 58 21.87 -9.41 -30.65
N ALA O 59 23.00 -9.42 -29.95
CA ALA O 59 22.96 -9.61 -28.50
C ALA O 59 22.13 -8.52 -27.82
N GLN O 60 22.28 -7.27 -28.28
CA GLN O 60 21.48 -6.18 -27.72
C GLN O 60 19.99 -6.39 -28.00
N MET O 61 19.67 -6.82 -29.23
CA MET O 61 18.29 -7.06 -29.58
C MET O 61 17.67 -8.13 -28.68
N LEU O 62 18.35 -9.26 -28.51
CA LEU O 62 17.82 -10.33 -27.67
C LEU O 62 17.74 -9.92 -26.21
N PHE O 63 18.68 -9.09 -25.76
CA PHE O 63 18.59 -8.55 -24.41
C PHE O 63 17.31 -7.75 -24.26
N LEU O 64 17.10 -6.77 -25.14
CA LEU O 64 15.98 -5.85 -25.04
C LEU O 64 14.63 -6.58 -25.10
N GLU O 65 14.57 -7.69 -25.82
CA GLU O 65 13.30 -8.41 -25.85
C GLU O 65 13.08 -9.21 -24.58
N ALA O 66 14.12 -9.86 -24.05
CA ALA O 66 13.97 -10.52 -22.75
C ALA O 66 13.60 -9.54 -21.66
N GLU O 67 14.08 -8.30 -21.77
CA GLU O 67 13.70 -7.25 -20.83
C GLU O 67 12.21 -6.95 -20.95
N ASN O 68 11.73 -6.77 -22.18
CA ASN O 68 10.35 -6.34 -22.41
C ASN O 68 9.98 -6.81 -23.80
N PRO O 69 9.37 -7.98 -23.91
CA PRO O 69 9.07 -8.54 -25.24
C PRO O 69 8.04 -7.75 -26.03
N GLU O 70 7.53 -6.68 -25.44
CA GLU O 70 6.45 -5.94 -26.07
C GLU O 70 6.85 -4.55 -26.56
N LYS O 71 7.88 -3.93 -25.98
CA LYS O 71 8.18 -2.53 -26.26
C LYS O 71 9.04 -2.37 -27.52
N ASP O 72 8.64 -1.42 -28.37
CA ASP O 72 9.36 -1.05 -29.58
C ASP O 72 10.88 -1.03 -29.37
N ILE O 73 11.63 -1.33 -30.42
CA ILE O 73 13.08 -1.20 -30.41
C ILE O 73 13.46 -0.25 -31.54
N TYR O 74 14.45 0.59 -31.27
CA TYR O 74 14.90 1.64 -32.19
C TYR O 74 16.32 1.32 -32.65
N LEU O 75 16.47 1.12 -33.96
CA LEU O 75 17.73 0.74 -34.58
C LEU O 75 18.15 1.86 -35.52
N TYR O 76 19.10 2.65 -35.08
CA TYR O 76 19.71 3.68 -35.90
C TYR O 76 20.71 3.06 -36.86
N ILE O 77 20.71 3.52 -38.10
CA ILE O 77 21.50 2.91 -39.15
C ILE O 77 22.28 4.01 -39.87
N ASN O 78 23.61 3.95 -39.76
CA ASN O 78 24.52 4.76 -40.57
C ASN O 78 25.61 3.79 -41.02
N SER O 79 25.44 3.24 -42.23
CA SER O 79 26.30 2.11 -42.63
C SER O 79 26.48 2.06 -44.14
N PRO O 80 27.70 1.87 -44.64
CA PRO O 80 27.91 1.65 -46.08
C PRO O 80 27.55 0.26 -46.55
N GLY O 81 27.17 -0.64 -45.64
CA GLY O 81 26.87 -2.01 -45.98
C GLY O 81 27.85 -2.97 -45.32
N GLY O 82 28.05 -4.10 -45.98
CA GLY O 82 29.02 -5.03 -45.43
C GLY O 82 28.72 -6.45 -45.88
N VAL O 83 29.05 -7.38 -44.99
CA VAL O 83 29.01 -8.81 -45.30
C VAL O 83 27.58 -9.30 -45.24
N ILE O 84 27.13 -9.96 -46.31
CA ILE O 84 25.72 -10.29 -46.43
C ILE O 84 25.26 -11.21 -45.30
N THR O 85 25.97 -12.34 -45.11
CA THR O 85 25.56 -13.29 -44.07
C THR O 85 25.58 -12.63 -42.70
N ALA O 86 26.53 -11.72 -42.47
CA ALA O 86 26.53 -10.97 -41.22
C ALA O 86 25.28 -10.10 -41.14
N GLY O 87 24.98 -9.39 -42.22
CA GLY O 87 23.74 -8.65 -42.28
C GLY O 87 22.52 -9.51 -42.03
N MET O 88 22.49 -10.71 -42.63
CA MET O 88 21.30 -11.52 -42.52
C MET O 88 21.08 -12.03 -41.10
N SER O 89 22.15 -12.13 -40.30
CA SER O 89 21.96 -12.47 -38.89
C SER O 89 21.21 -11.34 -38.16
N ILE O 90 21.45 -10.09 -38.52
CA ILE O 90 20.64 -9.01 -37.96
C ILE O 90 19.19 -9.10 -38.45
N TYR O 91 19.00 -9.24 -39.77
CA TYR O 91 17.65 -9.32 -40.34
C TYR O 91 16.80 -10.38 -39.64
N ASP O 92 17.30 -11.62 -39.58
CA ASP O 92 16.51 -12.71 -39.02
C ASP O 92 16.25 -12.50 -37.53
N THR O 93 17.20 -11.86 -36.80
CA THR O 93 16.95 -11.50 -35.40
C THR O 93 15.86 -10.46 -35.28
N MET O 94 15.87 -9.44 -36.15
CA MET O 94 14.78 -8.48 -36.22
C MET O 94 13.43 -9.17 -36.43
N GLN O 95 13.32 -10.00 -37.48
CA GLN O 95 12.05 -10.68 -37.71
C GLN O 95 11.71 -11.63 -36.55
N PHE O 96 12.73 -12.29 -35.99
CA PHE O 96 12.46 -13.34 -35.00
C PHE O 96 11.89 -12.78 -33.72
N ILE O 97 12.46 -11.69 -33.21
CA ILE O 97 12.11 -11.19 -31.88
C ILE O 97 10.69 -10.65 -31.88
N LYS O 98 10.03 -10.75 -30.72
CA LYS O 98 8.65 -10.28 -30.62
C LYS O 98 8.52 -8.78 -30.82
N PRO O 99 9.34 -7.92 -30.19
CA PRO O 99 9.13 -6.48 -30.37
C PRO O 99 9.38 -6.04 -31.81
N ASP O 100 8.66 -4.99 -32.21
CA ASP O 100 8.94 -4.33 -33.49
C ASP O 100 10.33 -3.69 -33.46
N VAL O 101 11.00 -3.72 -34.60
CA VAL O 101 12.23 -2.96 -34.76
C VAL O 101 12.00 -1.77 -35.67
N SER O 102 11.70 -0.63 -35.08
CA SER O 102 11.69 0.61 -35.85
C SER O 102 13.12 0.97 -36.25
N THR O 103 13.31 1.31 -37.52
CA THR O 103 14.63 1.65 -38.04
C THR O 103 14.68 3.08 -38.56
N ILE O 104 15.82 3.74 -38.28
CA ILE O 104 16.03 5.16 -38.56
C ILE O 104 17.39 5.34 -39.23
N CYS O 105 17.42 5.96 -40.39
CA CYS O 105 18.62 6.13 -41.16
C CYS O 105 19.18 7.53 -40.91
N MET O 106 20.32 7.61 -40.22
CA MET O 106 21.07 8.86 -40.10
C MET O 106 22.31 8.76 -40.98
N GLY O 107 22.52 9.77 -41.82
CA GLY O 107 23.68 9.73 -42.66
C GLY O 107 23.44 8.99 -43.96
N GLN O 108 23.53 7.66 -43.93
CA GLN O 108 23.42 6.87 -45.15
C GLN O 108 23.04 5.43 -44.80
N ALA O 109 22.28 4.79 -45.69
CA ALA O 109 21.98 3.37 -45.56
C ALA O 109 22.21 2.79 -46.95
N ALA O 110 23.39 2.22 -47.15
CA ALA O 110 23.82 1.74 -48.45
C ALA O 110 23.99 0.24 -48.42
N SER O 111 23.64 -0.39 -49.52
CA SER O 111 23.86 -1.82 -49.73
C SER O 111 23.13 -2.57 -48.61
N MET O 112 23.82 -3.38 -47.80
CA MET O 112 23.12 -4.09 -46.74
C MET O 112 22.48 -3.13 -45.73
N GLY O 113 23.05 -1.93 -45.57
CA GLY O 113 22.46 -0.96 -44.66
C GLY O 113 21.06 -0.52 -45.09
N ALA O 114 20.84 -0.43 -46.39
CA ALA O 114 19.51 -0.11 -46.89
C ALA O 114 18.55 -1.27 -46.66
N PHE O 115 19.02 -2.51 -46.87
CA PHE O 115 18.17 -3.68 -46.70
C PHE O 115 17.71 -3.82 -45.25
N LEU O 116 18.65 -3.71 -44.30
CA LEU O 116 18.27 -3.78 -42.88
C LEU O 116 17.36 -2.63 -42.49
N LEU O 117 17.57 -1.46 -43.07
CA LEU O 117 16.71 -0.32 -42.82
C LEU O 117 15.29 -0.60 -43.25
N THR O 118 15.12 -1.06 -44.50
CA THR O 118 13.80 -1.41 -44.98
C THR O 118 13.22 -2.64 -44.28
N ALA O 119 14.04 -3.41 -43.57
CA ALA O 119 13.49 -4.59 -42.89
C ALA O 119 12.85 -4.26 -41.55
N GLY O 120 12.77 -2.98 -41.17
CA GLY O 120 12.10 -2.61 -39.94
C GLY O 120 10.60 -2.82 -40.01
N ALA O 121 9.96 -2.69 -38.83
CA ALA O 121 8.51 -2.83 -38.72
C ALA O 121 7.82 -1.85 -39.65
N LYS O 122 6.86 -2.36 -40.43
CA LYS O 122 6.16 -1.46 -41.35
C LYS O 122 5.48 -0.34 -40.55
N GLY O 123 5.46 0.85 -41.14
CA GLY O 123 5.07 2.06 -40.43
C GLY O 123 6.16 2.71 -39.60
N LYS O 124 7.18 1.96 -39.20
CA LYS O 124 8.19 2.48 -38.27
C LYS O 124 9.59 2.48 -38.89
N ARG O 125 9.67 2.76 -40.20
CA ARG O 125 10.95 2.87 -40.90
C ARG O 125 11.11 4.30 -41.36
N PHE O 126 12.14 4.99 -40.84
CA PHE O 126 12.28 6.43 -41.00
C PHE O 126 13.61 6.82 -41.62
N CYS O 127 13.56 7.89 -42.40
CA CYS O 127 14.75 8.56 -42.90
C CYS O 127 14.81 9.95 -42.29
N LEU O 128 16.04 10.41 -41.99
CA LEU O 128 16.27 11.81 -41.66
C LEU O 128 16.36 12.61 -42.96
N PRO O 129 15.97 13.90 -42.94
CA PRO O 129 15.77 14.62 -44.21
C PRO O 129 16.95 14.57 -45.16
N ASN O 130 18.18 14.55 -44.65
CA ASN O 130 19.34 14.59 -45.51
C ASN O 130 20.13 13.28 -45.52
N SER O 131 19.58 12.23 -44.92
CA SER O 131 20.19 10.93 -45.17
C SER O 131 19.96 10.53 -46.62
N ARG O 132 20.70 9.52 -47.05
CA ARG O 132 20.57 9.00 -48.40
C ARG O 132 20.67 7.48 -48.38
N VAL O 133 19.95 6.86 -49.30
CA VAL O 133 19.91 5.41 -49.42
C VAL O 133 20.51 5.02 -50.75
N MET O 134 21.14 3.84 -50.78
CA MET O 134 21.67 3.28 -52.01
C MET O 134 21.45 1.78 -52.01
N ILE O 135 20.91 1.27 -53.10
CA ILE O 135 20.68 -0.16 -53.25
C ILE O 135 21.52 -0.64 -54.43
N HIS O 136 21.92 -1.91 -54.37
CA HIS O 136 22.55 -2.58 -55.50
C HIS O 136 22.49 -4.08 -55.26
N GLN O 137 23.10 -4.85 -56.18
CA GLN O 137 23.13 -6.31 -56.14
C GLN O 137 24.33 -6.80 -55.33
N PRO O 138 24.34 -8.09 -54.93
CA PRO O 138 25.46 -8.61 -54.12
C PRO O 138 26.79 -8.58 -54.85
N LEU O 139 27.82 -8.23 -54.11
CA LEU O 139 29.19 -8.39 -54.58
C LEU O 139 29.78 -9.66 -53.97
N GLY O 140 30.68 -10.31 -54.73
CA GLY O 140 31.34 -11.50 -54.23
C GLY O 140 32.70 -11.75 -54.85
N GLY O 141 33.24 -12.95 -54.65
CA GLY O 141 34.45 -13.33 -55.35
C GLY O 141 35.04 -14.64 -54.89
N TYR O 142 35.34 -15.56 -55.82
CA TYR O 142 36.03 -16.79 -55.48
C TYR O 142 37.25 -16.98 -56.36
N GLN O 143 38.18 -17.79 -55.87
CA GLN O 143 39.29 -18.28 -56.67
C GLN O 143 39.40 -19.77 -56.41
N GLY O 144 39.55 -20.55 -57.47
CA GLY O 144 39.77 -21.98 -57.33
C GLY O 144 39.51 -22.68 -58.64
N GLN O 145 39.24 -23.99 -58.51
CA GLN O 145 38.87 -24.83 -59.65
C GLN O 145 37.56 -24.36 -60.23
N ALA O 146 37.36 -24.63 -61.53
CA ALA O 146 36.12 -24.20 -62.17
C ALA O 146 34.91 -24.87 -61.53
N THR O 147 35.05 -26.13 -61.09
CA THR O 147 33.94 -26.80 -60.39
C THR O 147 33.52 -26.04 -59.14
N ASP O 148 34.50 -25.67 -58.31
CA ASP O 148 34.19 -24.88 -57.11
C ASP O 148 33.67 -23.51 -57.49
N ILE O 149 34.18 -22.96 -58.59
CA ILE O 149 33.76 -21.62 -59.00
C ILE O 149 32.29 -21.65 -59.35
N GLU O 150 31.84 -22.72 -59.99
CA GLU O 150 30.44 -22.82 -60.35
C GLU O 150 29.58 -22.93 -59.09
N ILE O 151 30.03 -23.70 -58.11
CA ILE O 151 29.29 -23.86 -56.87
C ILE O 151 29.07 -22.51 -56.19
N HIS O 152 30.15 -21.75 -56.01
CA HIS O 152 30.08 -20.45 -55.35
C HIS O 152 29.42 -19.39 -56.21
N ALA O 153 29.55 -19.50 -57.53
CA ALA O 153 28.75 -18.68 -58.43
C ALA O 153 27.27 -18.97 -58.25
N ARG O 154 26.92 -20.27 -58.15
CA ARG O 154 25.53 -20.66 -57.96
C ARG O 154 24.98 -20.04 -56.68
N GLU O 155 25.78 -20.03 -55.63
CA GLU O 155 25.29 -19.63 -54.32
C GLU O 155 25.03 -18.13 -54.28
N ILE O 156 25.96 -17.31 -54.80
CA ILE O 156 25.70 -15.87 -54.80
C ILE O 156 24.55 -15.49 -55.71
N LEU O 157 24.16 -16.33 -56.67
CA LEU O 157 22.96 -16.04 -57.45
C LEU O 157 21.69 -16.37 -56.67
N LYS O 158 21.72 -17.47 -55.93
CA LYS O 158 20.64 -17.76 -54.99
C LYS O 158 20.46 -16.61 -54.00
N VAL O 159 21.56 -16.19 -53.37
CA VAL O 159 21.48 -15.11 -52.40
C VAL O 159 20.87 -13.85 -53.03
N LYS O 160 21.31 -13.52 -54.25
CA LYS O 160 20.74 -12.37 -54.96
C LYS O 160 19.24 -12.53 -55.12
N GLY O 161 18.80 -13.69 -55.58
CA GLY O 161 17.37 -13.94 -55.66
C GLY O 161 16.64 -13.73 -54.36
N ARG O 162 17.17 -14.30 -53.27
CA ARG O 162 16.53 -14.12 -51.97
C ARG O 162 16.53 -12.67 -51.52
N MET O 163 17.64 -11.95 -51.74
CA MET O 163 17.70 -10.54 -51.36
C MET O 163 16.63 -9.72 -52.08
N ASN O 164 16.45 -9.99 -53.39
CA ASN O 164 15.46 -9.27 -54.18
C ASN O 164 14.04 -9.55 -53.68
N GLU O 165 13.68 -10.83 -53.51
CA GLU O 165 12.36 -11.20 -53.00
C GLU O 165 12.09 -10.50 -51.67
N LEU O 166 13.04 -10.60 -50.74
CA LEU O 166 12.91 -9.90 -49.47
C LEU O 166 12.75 -8.40 -49.68
N MET O 167 13.50 -7.84 -50.65
CA MET O 167 13.36 -6.42 -50.92
C MET O 167 11.98 -6.11 -51.48
N ALA O 168 11.47 -6.97 -52.36
CA ALA O 168 10.12 -6.79 -52.86
C ALA O 168 9.11 -6.80 -51.72
N LEU O 169 9.25 -7.78 -50.82
CA LEU O 169 8.37 -7.87 -49.66
C LEU O 169 8.27 -6.55 -48.90
N HIS O 170 9.41 -6.02 -48.45
CA HIS O 170 9.40 -4.89 -47.51
C HIS O 170 9.11 -3.54 -48.19
N THR O 171 9.41 -3.39 -49.48
CA THR O 171 9.11 -2.15 -50.18
C THR O 171 7.74 -2.12 -50.81
N GLY O 172 7.10 -3.27 -50.97
CA GLY O 172 5.87 -3.36 -51.73
C GLY O 172 6.04 -3.41 -53.24
N GLN O 173 7.25 -3.25 -53.75
CA GLN O 173 7.55 -3.32 -55.18
C GLN O 173 7.51 -4.76 -55.68
N SER O 174 7.44 -4.90 -57.02
CA SER O 174 7.49 -6.22 -57.63
C SER O 174 8.89 -6.81 -57.57
N LEU O 175 8.96 -8.14 -57.68
CA LEU O 175 10.26 -8.77 -57.82
C LEU O 175 11.01 -8.26 -59.04
N GLU O 176 10.28 -7.88 -60.11
CA GLU O 176 10.93 -7.38 -61.33
C GLU O 176 11.44 -5.95 -61.15
N GLN O 177 10.65 -5.10 -60.49
CA GLN O 177 11.09 -3.73 -60.23
C GLN O 177 12.36 -3.72 -59.38
N ILE O 178 12.42 -4.55 -58.34
CA ILE O 178 13.64 -4.71 -57.56
C ILE O 178 14.79 -5.14 -58.47
N GLU O 179 14.55 -6.15 -59.30
CA GLU O 179 15.60 -6.70 -60.16
C GLU O 179 16.16 -5.64 -61.09
N ARG O 180 15.29 -4.78 -61.64
CA ARG O 180 15.75 -3.73 -62.55
C ARG O 180 16.51 -2.65 -61.81
N ASP O 181 15.91 -2.13 -60.73
CA ASP O 181 16.50 -1.00 -60.01
C ASP O 181 17.85 -1.36 -59.40
N THR O 182 18.08 -2.62 -59.00
CA THR O 182 19.26 -2.97 -58.22
C THR O 182 20.40 -3.54 -59.06
N GLU O 183 20.23 -3.66 -60.38
CA GLU O 183 21.31 -4.18 -61.19
C GLU O 183 22.56 -3.31 -61.07
N ARG O 184 22.38 -2.01 -60.94
CA ARG O 184 23.48 -1.12 -60.69
C ARG O 184 23.16 -0.25 -59.49
N ASP O 185 24.20 0.36 -58.91
CA ASP O 185 24.00 1.32 -57.83
C ASP O 185 22.84 2.26 -58.15
N ARG O 186 22.01 2.51 -57.15
CA ARG O 186 20.87 3.39 -57.30
C ARG O 186 20.73 4.19 -56.01
N PHE O 187 20.96 5.50 -56.11
CA PHE O 187 20.83 6.42 -54.99
C PHE O 187 19.39 6.92 -54.86
N LEU O 188 18.89 6.92 -53.63
CA LEU O 188 17.62 7.52 -53.29
C LEU O 188 17.80 8.57 -52.19
N SER O 189 17.14 9.71 -52.37
CA SER O 189 17.01 10.66 -51.26
C SER O 189 15.97 10.17 -50.26
N ALA O 190 15.96 10.78 -49.07
CA ALA O 190 14.94 10.44 -48.08
C ALA O 190 13.55 10.45 -48.66
N PRO O 191 13.07 11.52 -49.31
CA PRO O 191 11.74 11.46 -49.92
C PRO O 191 11.63 10.34 -50.95
N GLU O 192 12.64 10.14 -51.80
CA GLU O 192 12.54 9.04 -52.76
C GLU O 192 12.51 7.71 -52.05
N ALA O 193 13.21 7.60 -50.91
CA ALA O 193 13.06 6.39 -50.10
C ALA O 193 11.61 6.21 -49.66
N VAL O 194 10.91 7.32 -49.40
CA VAL O 194 9.51 7.22 -49.02
C VAL O 194 8.66 6.80 -50.22
N GLU O 195 8.84 7.47 -51.36
CA GLU O 195 8.07 7.14 -52.56
C GLU O 195 8.30 5.68 -52.99
N TYR O 196 9.48 5.15 -52.74
CA TYR O 196 9.79 3.77 -53.12
C TYR O 196 9.27 2.76 -52.11
N GLY O 197 8.93 3.19 -50.91
CA GLY O 197 8.55 2.26 -49.89
C GLY O 197 9.70 1.62 -49.15
N LEU O 198 10.93 2.10 -49.34
CA LEU O 198 12.03 1.60 -48.52
C LEU O 198 11.84 1.98 -47.06
N VAL O 199 11.47 3.25 -46.80
CA VAL O 199 11.11 3.70 -45.48
C VAL O 199 9.73 4.34 -45.56
N ASP O 200 9.06 4.36 -44.41
CA ASP O 200 7.72 4.91 -44.33
C ASP O 200 7.70 6.43 -44.39
N SER O 201 8.33 7.11 -43.44
CA SER O 201 8.24 8.57 -43.42
C SER O 201 9.59 9.18 -43.12
N ILE O 202 9.62 10.49 -43.24
CA ILE O 202 10.79 11.29 -42.92
C ILE O 202 10.56 11.93 -41.55
N LEU O 203 11.57 11.84 -40.69
CA LEU O 203 11.58 12.57 -39.43
C LEU O 203 12.22 13.93 -39.68
N THR O 204 11.61 14.98 -39.19
CA THR O 204 12.38 16.22 -39.28
C THR O 204 12.53 16.94 -37.95
N HIS O 205 11.47 17.01 -37.14
CA HIS O 205 11.53 17.70 -35.85
C HIS O 205 10.77 16.89 -34.82
N ARG O 206 11.33 16.81 -33.61
CA ARG O 206 10.66 16.06 -32.56
C ARG O 206 9.35 16.72 -32.17
N ASN O 207 8.39 15.88 -31.81
CA ASN O 207 7.00 16.28 -31.75
C ASN O 207 6.47 16.34 -30.32
N ASP P 32 37.72 11.27 -15.89
CA ASP P 32 36.51 11.22 -16.72
C ASP P 32 36.10 12.61 -17.19
N ILE P 33 37.05 13.37 -17.76
CA ILE P 33 36.85 14.79 -17.98
C ILE P 33 35.67 15.04 -18.94
N TYR P 34 35.67 14.35 -20.07
CA TYR P 34 34.67 14.66 -21.09
C TYR P 34 33.28 14.28 -20.62
N SER P 35 33.16 13.16 -19.93
CA SER P 35 31.88 12.80 -19.31
C SER P 35 31.45 13.88 -18.32
N ARG P 36 32.40 14.51 -17.66
CA ARG P 36 32.08 15.51 -16.63
C ARG P 36 31.52 16.79 -17.26
N LEU P 37 32.11 17.26 -18.36
CA LEU P 37 31.51 18.36 -19.10
C LEU P 37 30.25 17.95 -19.84
N LEU P 38 29.97 16.65 -19.96
CA LEU P 38 28.73 16.22 -20.61
C LEU P 38 27.52 16.42 -19.70
N LYS P 39 27.72 16.44 -18.37
CA LYS P 39 26.65 16.74 -17.43
C LYS P 39 26.30 18.22 -17.46
N GLU P 40 27.23 19.06 -17.89
CA GLU P 40 27.00 20.47 -18.16
C GLU P 40 26.62 20.73 -19.61
N ARG P 41 26.22 19.70 -20.34
CA ARG P 41 25.64 19.85 -21.68
C ARG P 41 26.67 20.33 -22.69
N VAL P 42 27.92 19.88 -22.54
CA VAL P 42 28.98 20.22 -23.48
C VAL P 42 29.37 18.96 -24.24
N ILE P 43 29.34 19.05 -25.56
CA ILE P 43 29.79 17.99 -26.46
C ILE P 43 30.97 18.54 -27.24
N PHE P 44 31.98 17.71 -27.46
CA PHE P 44 33.11 18.13 -28.26
C PHE P 44 33.08 17.36 -29.57
N LEU P 45 33.34 18.09 -30.67
CA LEU P 45 33.55 17.52 -31.99
C LEU P 45 34.98 17.89 -32.41
N THR P 46 35.91 16.95 -32.31
CA THR P 46 37.32 17.22 -32.58
C THR P 46 37.82 16.33 -33.70
N GLY P 47 38.60 16.92 -34.60
CA GLY P 47 39.24 16.17 -35.65
C GLY P 47 38.28 15.82 -36.77
N GLN P 48 38.70 14.85 -37.58
CA GLN P 48 38.02 14.53 -38.82
C GLN P 48 36.67 13.87 -38.56
N VAL P 49 35.71 14.19 -39.41
CA VAL P 49 34.35 13.70 -39.24
C VAL P 49 34.24 12.34 -39.91
N GLU P 50 33.87 11.34 -39.13
CA GLU P 50 33.71 10.01 -39.67
C GLU P 50 32.61 9.33 -38.89
N ASP P 51 32.24 8.13 -39.33
CA ASP P 51 31.00 7.51 -38.88
C ASP P 51 30.99 7.30 -37.37
N HIS P 52 32.08 6.77 -36.81
CA HIS P 52 32.06 6.38 -35.41
C HIS P 52 32.15 7.58 -34.47
N MET P 53 32.94 8.61 -34.81
CA MET P 53 32.94 9.79 -33.96
C MET P 53 31.64 10.58 -34.12
N ALA P 54 31.08 10.60 -35.34
CA ALA P 54 29.75 11.18 -35.54
C ALA P 54 28.70 10.42 -34.75
N ASN P 55 28.78 9.08 -34.73
CA ASN P 55 27.85 8.30 -33.93
C ASN P 55 27.88 8.74 -32.47
N LEU P 56 29.08 8.77 -31.89
CA LEU P 56 29.23 9.19 -30.49
C LEU P 56 28.55 10.52 -30.21
N ILE P 57 28.69 11.48 -31.13
CA ILE P 57 28.10 12.79 -30.92
C ILE P 57 26.58 12.72 -31.05
N VAL P 58 26.08 11.95 -32.01
CA VAL P 58 24.63 11.74 -32.10
C VAL P 58 24.13 11.16 -30.79
N ALA P 59 24.84 10.17 -30.26
CA ALA P 59 24.40 9.53 -29.02
C ALA P 59 24.49 10.49 -27.84
N GLN P 60 25.39 11.46 -27.90
CA GLN P 60 25.45 12.41 -26.79
C GLN P 60 24.29 13.41 -26.86
N MET P 61 24.00 13.93 -28.06
CA MET P 61 22.85 14.81 -28.22
C MET P 61 21.55 14.13 -27.81
N LEU P 62 21.27 12.93 -28.34
CA LEU P 62 20.02 12.26 -28.01
C LEU P 62 19.90 12.03 -26.51
N PHE P 63 21.00 11.62 -25.88
CA PHE P 63 21.00 11.47 -24.45
C PHE P 63 20.75 12.79 -23.74
N LEU P 64 21.41 13.86 -24.19
CA LEU P 64 21.20 15.15 -23.57
C LEU P 64 19.74 15.59 -23.65
N GLU P 65 19.08 15.30 -24.78
CA GLU P 65 17.69 15.70 -24.96
C GLU P 65 16.77 14.97 -23.98
N ALA P 66 16.93 13.65 -23.86
CA ALA P 66 16.17 12.89 -22.87
C ALA P 66 16.38 13.45 -21.45
N GLU P 67 17.61 13.85 -21.12
CA GLU P 67 17.88 14.47 -19.82
C GLU P 67 17.07 15.76 -19.62
N ASN P 68 16.84 16.52 -20.70
CA ASN P 68 16.22 17.84 -20.61
C ASN P 68 16.00 18.36 -22.02
N PRO P 69 14.77 18.32 -22.53
CA PRO P 69 14.53 18.80 -23.90
C PRO P 69 14.54 20.31 -24.03
N GLU P 70 14.62 21.05 -22.92
CA GLU P 70 14.46 22.50 -22.98
C GLU P 70 15.74 23.27 -22.70
N LYS P 71 16.77 22.62 -22.19
CA LYS P 71 18.05 23.28 -21.99
C LYS P 71 18.90 23.17 -23.26
N ASP P 72 19.60 24.24 -23.58
CA ASP P 72 20.49 24.27 -24.72
C ASP P 72 21.59 23.23 -24.60
N ILE P 73 22.10 22.82 -25.77
CA ILE P 73 23.30 22.01 -25.88
C ILE P 73 24.41 22.86 -26.50
N TYR P 74 25.62 22.73 -25.98
CA TYR P 74 26.79 23.44 -26.50
C TYR P 74 27.73 22.43 -27.17
N LEU P 75 27.93 22.61 -28.49
CA LEU P 75 28.69 21.72 -29.36
C LEU P 75 29.94 22.48 -29.81
N TYR P 76 31.06 22.18 -29.16
CA TYR P 76 32.35 22.74 -29.55
C TYR P 76 32.85 22.01 -30.78
N ILE P 77 33.35 22.78 -31.74
CA ILE P 77 33.77 22.25 -33.03
C ILE P 77 35.20 22.72 -33.28
N ASN P 78 36.11 21.76 -33.40
CA ASN P 78 37.50 21.98 -33.82
C ASN P 78 37.75 20.86 -34.83
N SER P 79 37.58 21.15 -36.11
CA SER P 79 37.57 20.04 -37.03
C SER P 79 38.04 20.46 -38.42
N PRO P 80 38.76 19.60 -39.13
CA PRO P 80 39.17 19.93 -40.49
C PRO P 80 38.17 19.49 -41.54
N GLY P 81 37.09 18.85 -41.13
CA GLY P 81 36.09 18.30 -42.02
C GLY P 81 36.07 16.79 -41.94
N GLY P 82 35.52 16.19 -43.00
CA GLY P 82 35.48 14.73 -43.07
C GLY P 82 34.40 14.23 -44.03
N VAL P 83 33.95 13.00 -43.75
CA VAL P 83 32.97 12.32 -44.60
C VAL P 83 31.62 12.98 -44.45
N ILE P 84 30.96 13.24 -45.59
CA ILE P 84 29.76 14.06 -45.56
C ILE P 84 28.58 13.31 -44.94
N THR P 85 28.33 12.08 -45.36
CA THR P 85 27.26 11.32 -44.74
C THR P 85 27.43 11.25 -43.23
N ALA P 86 28.68 11.16 -42.76
CA ALA P 86 28.95 11.23 -41.32
C ALA P 86 28.49 12.57 -40.75
N GLY P 87 28.94 13.65 -41.40
CA GLY P 87 28.50 14.98 -41.00
C GLY P 87 26.99 15.15 -40.98
N MET P 88 26.30 14.63 -42.01
CA MET P 88 24.85 14.82 -42.03
C MET P 88 24.12 14.00 -40.97
N SER P 89 24.62 12.83 -40.60
CA SER P 89 24.02 12.17 -39.44
C SER P 89 24.01 13.11 -38.23
N ILE P 90 25.09 13.88 -38.03
CA ILE P 90 25.09 14.88 -36.96
C ILE P 90 24.12 16.01 -37.27
N TYR P 91 24.21 16.57 -38.47
CA TYR P 91 23.43 17.75 -38.82
C TYR P 91 21.94 17.52 -38.61
N ASP P 92 21.39 16.44 -39.22
CA ASP P 92 19.98 16.14 -39.02
C ASP P 92 19.67 15.96 -37.54
N THR P 93 20.59 15.38 -36.78
CA THR P 93 20.30 15.16 -35.37
C THR P 93 20.20 16.47 -34.63
N MET P 94 21.03 17.44 -35.02
CA MET P 94 20.94 18.79 -34.46
C MET P 94 19.55 19.38 -34.69
N GLN P 95 19.08 19.33 -35.94
CA GLN P 95 17.80 19.95 -36.27
C GLN P 95 16.61 19.18 -35.71
N PHE P 96 16.76 17.86 -35.48
CA PHE P 96 15.63 17.03 -35.09
C PHE P 96 15.34 17.13 -33.60
N ILE P 97 16.38 17.20 -32.76
CA ILE P 97 16.15 17.14 -31.32
C ILE P 97 15.54 18.46 -30.85
N LYS P 98 14.71 18.38 -29.80
CA LYS P 98 14.07 19.56 -29.25
C LYS P 98 15.08 20.66 -28.91
N PRO P 99 16.12 20.40 -28.10
CA PRO P 99 17.00 21.50 -27.68
C PRO P 99 17.59 22.28 -28.85
N ASP P 100 17.86 23.55 -28.59
CA ASP P 100 18.77 24.30 -29.43
C ASP P 100 20.19 23.77 -29.24
N VAL P 101 20.95 23.75 -30.33
CA VAL P 101 22.36 23.37 -30.30
C VAL P 101 23.15 24.63 -30.61
N SER P 102 23.87 25.12 -29.60
CA SER P 102 24.80 26.22 -29.75
C SER P 102 26.12 25.64 -30.23
N THR P 103 26.68 26.24 -31.27
CA THR P 103 27.95 25.77 -31.81
C THR P 103 29.03 26.80 -31.53
N ILE P 104 30.16 26.34 -30.98
CA ILE P 104 31.30 27.21 -30.67
C ILE P 104 32.52 26.67 -31.40
N CYS P 105 33.04 27.45 -32.33
CA CYS P 105 34.22 27.05 -33.09
C CYS P 105 35.48 27.53 -32.37
N MET P 106 36.30 26.60 -31.91
CA MET P 106 37.60 26.92 -31.34
C MET P 106 38.70 26.35 -32.23
N GLY P 107 39.74 27.13 -32.49
CA GLY P 107 40.77 26.67 -33.39
C GLY P 107 40.36 26.73 -34.85
N GLN P 108 39.69 25.71 -35.37
CA GLN P 108 39.37 25.73 -36.79
C GLN P 108 38.07 24.97 -37.02
N ALA P 109 37.39 25.33 -38.11
CA ALA P 109 36.26 24.55 -38.60
C ALA P 109 36.26 24.71 -40.11
N ALA P 110 36.69 23.66 -40.80
CA ALA P 110 36.76 23.65 -42.26
C ALA P 110 35.77 22.63 -42.82
N SER P 111 35.36 22.88 -44.06
CA SER P 111 34.50 21.97 -44.81
C SER P 111 33.34 21.51 -43.93
N MET P 112 33.17 20.20 -43.75
CA MET P 112 31.98 19.77 -43.03
C MET P 112 31.98 20.27 -41.59
N GLY P 113 33.15 20.68 -41.08
CA GLY P 113 33.19 21.31 -39.76
C GLY P 113 32.58 22.68 -39.81
N ALA P 114 32.97 23.49 -40.79
CA ALA P 114 32.31 24.78 -41.02
C ALA P 114 30.81 24.59 -41.28
N PHE P 115 30.42 23.45 -41.85
CA PHE P 115 29.01 23.22 -42.12
C PHE P 115 28.22 22.97 -40.85
N LEU P 116 28.74 22.13 -39.95
CA LEU P 116 28.05 21.87 -38.69
C LEU P 116 28.11 23.07 -37.76
N LEU P 117 29.08 23.97 -37.96
CA LEU P 117 29.14 25.18 -37.16
C LEU P 117 28.02 26.15 -37.54
N THR P 118 27.89 26.42 -38.84
CA THR P 118 26.81 27.27 -39.34
C THR P 118 25.43 26.66 -39.12
N ALA P 119 25.36 25.41 -38.70
CA ALA P 119 24.13 24.64 -38.64
C ALA P 119 23.36 24.79 -37.35
N GLY P 120 23.94 25.37 -36.31
CA GLY P 120 23.26 25.45 -35.03
C GLY P 120 22.13 26.48 -34.99
N ALA P 121 21.42 26.49 -33.87
CA ALA P 121 20.34 27.44 -33.63
C ALA P 121 20.79 28.86 -33.92
N LYS P 122 20.00 29.57 -34.73
CA LYS P 122 20.36 30.96 -35.03
C LYS P 122 20.48 31.76 -33.74
N GLY P 123 21.45 32.68 -33.72
CA GLY P 123 21.78 33.44 -32.53
C GLY P 123 22.71 32.75 -31.56
N LYS P 124 22.86 31.41 -31.66
CA LYS P 124 23.73 30.63 -30.78
C LYS P 124 24.90 29.99 -31.54
N ARG P 125 25.44 30.71 -32.54
CA ARG P 125 26.62 30.26 -33.29
C ARG P 125 27.75 31.27 -33.08
N PHE P 126 28.88 30.80 -32.54
CA PHE P 126 29.97 31.69 -32.17
C PHE P 126 31.30 31.18 -32.69
N CYS P 127 32.18 32.12 -32.99
CA CYS P 127 33.61 31.86 -33.15
C CYS P 127 34.35 32.42 -31.97
N LEU P 128 35.42 31.75 -31.55
CA LEU P 128 36.36 32.40 -30.65
C LEU P 128 37.24 33.33 -31.46
N PRO P 129 37.87 34.33 -30.83
CA PRO P 129 38.43 35.43 -31.62
C PRO P 129 39.44 35.01 -32.68
N ASN P 130 40.24 33.97 -32.44
CA ASN P 130 41.30 33.61 -33.39
C ASN P 130 41.05 32.31 -34.12
N SER P 131 39.92 31.66 -33.88
CA SER P 131 39.55 30.53 -34.72
C SER P 131 39.42 30.97 -36.19
N ARG P 132 39.44 29.99 -37.07
CA ARG P 132 39.32 30.26 -38.49
C ARG P 132 38.36 29.25 -39.12
N VAL P 133 37.72 29.70 -40.19
CA VAL P 133 36.72 28.92 -40.90
C VAL P 133 37.13 28.84 -42.36
N MET P 134 36.85 27.69 -42.96
CA MET P 134 37.13 27.46 -44.37
C MET P 134 35.95 26.71 -44.96
N ILE P 135 35.42 27.22 -46.07
CA ILE P 135 34.38 26.50 -46.80
C ILE P 135 34.89 26.15 -48.18
N HIS P 136 34.39 25.03 -48.71
CA HIS P 136 34.57 24.69 -50.10
C HIS P 136 33.44 23.76 -50.52
N GLN P 137 33.60 23.16 -51.68
CA GLN P 137 32.65 22.25 -52.29
C GLN P 137 33.03 20.81 -51.97
N PRO P 138 32.10 19.86 -52.15
CA PRO P 138 32.40 18.47 -51.79
C PRO P 138 33.52 17.90 -52.64
N LEU P 139 34.28 17.00 -52.01
CA LEU P 139 35.28 16.19 -52.67
C LEU P 139 34.78 14.75 -52.70
N GLY P 140 35.10 14.04 -53.78
CA GLY P 140 34.74 12.65 -53.91
C GLY P 140 35.61 11.95 -54.94
N GLY P 141 35.31 10.68 -55.15
CA GLY P 141 36.02 9.89 -56.13
C GLY P 141 35.45 8.51 -56.36
N TYR P 142 35.37 8.09 -57.63
CA TYR P 142 34.94 6.74 -57.97
C TYR P 142 35.89 6.11 -58.97
N GLN P 143 35.92 4.77 -58.97
CA GLN P 143 36.45 3.93 -60.05
C GLN P 143 35.36 2.96 -60.50
N GLY P 144 35.33 2.67 -61.78
CA GLY P 144 34.39 1.69 -62.31
C GLY P 144 34.08 1.97 -63.76
N GLN P 145 33.03 1.30 -64.24
CA GLN P 145 32.61 1.50 -65.62
C GLN P 145 31.95 2.87 -65.79
N ALA P 146 31.89 3.31 -67.05
CA ALA P 146 31.33 4.63 -67.34
C ALA P 146 29.92 4.77 -66.82
N THR P 147 29.06 3.76 -67.06
CA THR P 147 27.71 3.79 -66.50
C THR P 147 27.74 4.05 -65.00
N ASP P 148 28.63 3.37 -64.26
CA ASP P 148 28.72 3.58 -62.82
C ASP P 148 29.30 4.95 -62.49
N ILE P 149 30.41 5.31 -63.13
CA ILE P 149 30.97 6.64 -62.98
C ILE P 149 29.88 7.69 -63.10
N GLU P 150 29.07 7.59 -64.15
CA GLU P 150 27.99 8.55 -64.36
C GLU P 150 27.01 8.53 -63.20
N ILE P 151 26.73 7.35 -62.65
CA ILE P 151 25.78 7.25 -61.53
C ILE P 151 26.32 7.97 -60.31
N HIS P 152 27.61 7.82 -60.05
CA HIS P 152 28.19 8.44 -58.87
C HIS P 152 28.59 9.89 -59.10
N ALA P 153 28.83 10.29 -60.35
CA ALA P 153 28.99 11.69 -60.65
C ALA P 153 27.71 12.47 -60.35
N ARG P 154 26.58 12.04 -60.93
CA ARG P 154 25.28 12.66 -60.67
C ARG P 154 25.07 12.85 -59.18
N GLU P 155 25.38 11.82 -58.40
CA GLU P 155 25.05 11.85 -56.99
C GLU P 155 25.87 12.89 -56.26
N ILE P 156 27.18 13.00 -56.55
CA ILE P 156 27.94 14.02 -55.83
C ILE P 156 27.48 15.41 -56.24
N LEU P 157 27.00 15.56 -57.48
CA LEU P 157 26.47 16.87 -57.88
C LEU P 157 25.20 17.22 -57.12
N LYS P 158 24.34 16.22 -56.89
CA LYS P 158 23.13 16.47 -56.11
C LYS P 158 23.48 16.81 -54.67
N VAL P 159 24.47 16.11 -54.12
CA VAL P 159 24.95 16.40 -52.77
C VAL P 159 25.48 17.82 -52.70
N LYS P 160 26.30 18.20 -53.68
CA LYS P 160 26.82 19.57 -53.71
C LYS P 160 25.69 20.59 -53.79
N GLY P 161 24.58 20.23 -54.43
CA GLY P 161 23.46 21.15 -54.51
C GLY P 161 22.69 21.25 -53.20
N ARG P 162 22.46 20.10 -52.55
CA ARG P 162 21.82 20.12 -51.25
C ARG P 162 22.69 20.81 -50.21
N MET P 163 24.00 20.53 -50.22
CA MET P 163 24.93 21.25 -49.36
C MET P 163 24.79 22.76 -49.57
N ASN P 164 24.90 23.21 -50.83
CA ASN P 164 24.87 24.65 -51.11
C ASN P 164 23.57 25.27 -50.61
N GLU P 165 22.45 24.59 -50.86
CA GLU P 165 21.14 25.08 -50.42
C GLU P 165 21.08 25.22 -48.90
N LEU P 166 21.50 24.18 -48.17
CA LEU P 166 21.50 24.27 -46.72
C LEU P 166 22.44 25.38 -46.24
N MET P 167 23.58 25.53 -46.91
CA MET P 167 24.53 26.59 -46.58
C MET P 167 23.87 27.96 -46.72
N ALA P 168 23.14 28.16 -47.82
CA ALA P 168 22.51 29.43 -48.09
C ALA P 168 21.36 29.69 -47.14
N LEU P 169 20.62 28.63 -46.78
CA LEU P 169 19.57 28.76 -45.78
C LEU P 169 20.13 29.33 -44.47
N HIS P 170 21.28 28.79 -44.01
CA HIS P 170 21.74 29.10 -42.65
C HIS P 170 22.51 30.41 -42.54
N THR P 171 23.13 30.88 -43.62
CA THR P 171 23.82 32.15 -43.59
C THR P 171 22.95 33.32 -44.05
N GLY P 172 21.82 33.04 -44.70
CA GLY P 172 21.05 34.06 -45.37
C GLY P 172 21.61 34.51 -46.70
N GLN P 173 22.73 33.95 -47.15
CA GLN P 173 23.22 34.27 -48.48
C GLN P 173 22.33 33.64 -49.55
N SER P 174 22.46 34.17 -50.76
CA SER P 174 21.81 33.54 -51.89
C SER P 174 22.50 32.24 -52.27
N LEU P 175 21.72 31.32 -52.85
CA LEU P 175 22.31 30.13 -53.43
C LEU P 175 23.37 30.45 -54.46
N GLU P 176 23.23 31.59 -55.16
CA GLU P 176 24.23 31.93 -56.17
C GLU P 176 25.53 32.42 -55.53
N GLN P 177 25.42 33.12 -54.39
CA GLN P 177 26.60 33.53 -53.65
C GLN P 177 27.34 32.33 -53.07
N ILE P 178 26.60 31.36 -52.51
CA ILE P 178 27.22 30.16 -51.95
C ILE P 178 27.94 29.37 -53.04
N GLU P 179 27.41 29.39 -54.26
CA GLU P 179 28.06 28.66 -55.34
C GLU P 179 29.38 29.31 -55.72
N ARG P 180 29.45 30.64 -55.71
CA ARG P 180 30.68 31.32 -56.10
C ARG P 180 31.77 31.18 -55.04
N ASP P 181 31.40 31.28 -53.76
CA ASP P 181 32.39 31.30 -52.69
C ASP P 181 32.87 29.92 -52.29
N THR P 182 32.17 28.86 -52.70
CA THR P 182 32.56 27.48 -52.37
C THR P 182 33.17 26.74 -53.54
N GLU P 183 33.29 27.39 -54.71
CA GLU P 183 33.91 26.70 -55.84
C GLU P 183 35.34 26.31 -55.48
N ARG P 184 36.12 27.26 -54.96
CA ARG P 184 37.45 27.01 -54.45
C ARG P 184 37.50 27.25 -52.94
N ASP P 185 38.54 26.68 -52.31
CA ASP P 185 38.78 26.87 -50.88
C ASP P 185 38.71 28.35 -50.55
N ARG P 186 37.94 28.69 -49.51
CA ARG P 186 37.79 30.07 -49.07
C ARG P 186 37.89 30.15 -47.55
N PHE P 187 38.87 30.92 -47.08
CA PHE P 187 39.10 31.11 -45.65
C PHE P 187 38.36 32.34 -45.15
N LEU P 188 37.68 32.20 -44.01
CA LEU P 188 37.05 33.34 -43.36
C LEU P 188 37.55 33.45 -41.93
N SER P 189 38.04 34.63 -41.57
CA SER P 189 38.38 34.87 -40.17
C SER P 189 37.11 34.87 -39.32
N ALA P 190 37.29 34.96 -38.00
CA ALA P 190 36.13 34.94 -37.11
C ALA P 190 35.20 36.14 -37.33
N PRO P 191 35.70 37.39 -37.45
CA PRO P 191 34.78 38.47 -37.87
C PRO P 191 34.26 38.30 -39.29
N GLU P 192 34.99 37.61 -40.18
CA GLU P 192 34.48 37.37 -41.53
C GLU P 192 33.37 36.35 -41.53
N ALA P 193 33.44 35.36 -40.64
CA ALA P 193 32.35 34.39 -40.54
C ALA P 193 31.09 35.03 -39.95
N VAL P 194 31.25 36.01 -39.07
CA VAL P 194 30.09 36.79 -38.63
C VAL P 194 29.52 37.60 -39.80
N GLU P 195 30.39 38.34 -40.49
CA GLU P 195 29.97 39.13 -41.65
C GLU P 195 29.19 38.29 -42.66
N TYR P 196 29.54 37.01 -42.74
CA TYR P 196 29.03 36.13 -43.77
C TYR P 196 27.72 35.47 -43.38
N GLY P 197 27.40 35.42 -42.09
CA GLY P 197 26.28 34.65 -41.61
C GLY P 197 26.63 33.24 -41.24
N LEU P 198 27.91 32.88 -41.31
CA LEU P 198 28.32 31.55 -40.88
C LEU P 198 28.06 31.34 -39.40
N VAL P 199 28.32 32.37 -38.59
CA VAL P 199 28.01 32.38 -37.16
C VAL P 199 27.41 33.74 -36.81
N ASP P 200 26.82 33.81 -35.62
CA ASP P 200 26.16 35.04 -35.18
C ASP P 200 27.14 36.03 -34.55
N SER P 201 27.90 35.63 -33.53
CA SER P 201 28.86 36.54 -32.91
C SER P 201 30.16 35.84 -32.54
N ILE P 202 31.14 36.64 -32.18
CA ILE P 202 32.39 36.17 -31.61
C ILE P 202 32.23 36.16 -30.09
N LEU P 203 32.60 35.04 -29.46
CA LEU P 203 32.84 35.00 -28.02
C LEU P 203 34.19 35.63 -27.71
N THR P 204 34.27 36.44 -26.66
CA THR P 204 35.60 36.93 -26.32
C THR P 204 35.91 36.72 -24.83
N HIS P 205 35.12 37.32 -23.96
CA HIS P 205 35.32 37.10 -22.54
C HIS P 205 34.04 36.57 -21.93
N ARG P 206 34.18 36.06 -20.71
CA ARG P 206 33.04 35.57 -19.94
C ARG P 206 32.75 36.56 -18.82
N ASN P 207 31.52 37.08 -18.80
CA ASN P 207 31.08 38.01 -17.78
C ASN P 207 30.76 37.29 -16.46
N VAL Q 17 48.46 5.26 -14.03
CA VAL Q 17 49.85 5.62 -14.27
C VAL Q 17 50.26 6.93 -13.58
N PRO Q 18 50.58 6.88 -12.26
CA PRO Q 18 50.37 5.80 -11.32
C PRO Q 18 48.99 5.96 -10.68
N MET Q 19 47.98 5.25 -11.21
CA MET Q 19 46.59 5.49 -10.84
C MET Q 19 46.40 5.24 -9.34
N VAL Q 20 45.90 6.26 -8.66
CA VAL Q 20 45.68 6.21 -7.22
C VAL Q 20 44.44 5.35 -6.92
N ASP Q 32 45.09 8.64 -10.07
CA ASP Q 32 45.96 9.06 -11.16
C ASP Q 32 46.61 10.44 -10.88
N ILE Q 33 47.89 10.58 -11.22
CA ILE Q 33 48.70 11.71 -10.75
C ILE Q 33 48.26 13.04 -11.39
N TYR Q 34 47.88 13.01 -12.68
CA TYR Q 34 47.45 14.24 -13.32
C TYR Q 34 46.06 14.64 -12.84
N SER Q 35 45.18 13.67 -12.64
CA SER Q 35 43.94 13.93 -11.93
C SER Q 35 44.23 14.52 -10.55
N ARG Q 36 45.26 14.01 -9.88
CA ARG Q 36 45.64 14.54 -8.58
C ARG Q 36 46.02 16.01 -8.69
N LEU Q 37 46.90 16.34 -9.64
CA LEU Q 37 47.34 17.71 -9.77
C LEU Q 37 46.26 18.59 -10.39
N LEU Q 38 45.24 18.01 -11.03
CA LEU Q 38 44.16 18.83 -11.57
C LEU Q 38 43.31 19.44 -10.46
N LYS Q 39 43.19 18.75 -9.33
CA LYS Q 39 42.48 19.33 -8.19
C LYS Q 39 43.18 20.58 -7.69
N GLU Q 40 44.50 20.68 -7.92
CA GLU Q 40 45.29 21.87 -7.61
C GLU Q 40 45.20 22.93 -8.69
N ARG Q 41 44.30 22.78 -9.66
CA ARG Q 41 44.19 23.71 -10.80
C ARG Q 41 45.51 23.82 -11.56
N VAL Q 42 46.20 22.70 -11.73
CA VAL Q 42 47.43 22.61 -12.53
C VAL Q 42 47.16 21.74 -13.75
N ILE Q 43 47.40 22.29 -14.93
CA ILE Q 43 47.28 21.59 -16.21
C ILE Q 43 48.65 21.50 -16.85
N PHE Q 44 48.97 20.34 -17.42
CA PHE Q 44 50.23 20.13 -18.13
C PHE Q 44 50.01 20.12 -19.64
N LEU Q 45 50.83 20.89 -20.34
CA LEU Q 45 50.90 20.94 -21.80
C LEU Q 45 52.26 20.37 -22.19
N THR Q 46 52.28 19.09 -22.54
CA THR Q 46 53.53 18.39 -22.81
C THR Q 46 53.58 17.87 -24.25
N GLY Q 47 54.72 18.06 -24.89
CA GLY Q 47 54.91 17.49 -26.21
C GLY Q 47 54.17 18.26 -27.29
N GLN Q 48 54.18 17.66 -28.49
CA GLN Q 48 53.65 18.32 -29.69
C GLN Q 48 52.21 18.77 -29.50
N VAL Q 49 51.92 19.96 -30.02
CA VAL Q 49 50.58 20.51 -29.99
C VAL Q 49 49.79 19.97 -31.18
N GLU Q 50 48.66 19.33 -30.89
CA GLU Q 50 47.68 18.97 -31.93
C GLU Q 50 46.29 18.85 -31.31
N ASP Q 51 45.27 18.76 -32.20
CA ASP Q 51 43.87 18.96 -31.81
C ASP Q 51 43.47 18.17 -30.58
N HIS Q 52 43.89 16.91 -30.50
CA HIS Q 52 43.36 16.02 -29.47
C HIS Q 52 43.93 16.33 -28.10
N MET Q 53 45.26 16.48 -28.01
CA MET Q 53 45.86 17.00 -26.77
C MET Q 53 45.42 18.44 -26.49
N ALA Q 54 45.11 19.21 -27.54
CA ALA Q 54 44.61 20.57 -27.35
C ALA Q 54 43.22 20.54 -26.73
N ASN Q 55 42.34 19.71 -27.28
CA ASN Q 55 41.01 19.56 -26.72
C ASN Q 55 41.07 19.18 -25.24
N LEU Q 56 42.02 18.33 -24.88
CA LEU Q 56 42.10 17.89 -23.50
C LEU Q 56 42.50 19.03 -22.58
N ILE Q 57 43.39 19.91 -23.05
CA ILE Q 57 43.75 21.08 -22.27
C ILE Q 57 42.56 22.03 -22.16
N VAL Q 58 41.84 22.24 -23.27
CA VAL Q 58 40.65 23.09 -23.26
C VAL Q 58 39.64 22.57 -22.24
N ALA Q 59 39.39 21.26 -22.26
CA ALA Q 59 38.36 20.70 -21.39
C ALA Q 59 38.72 20.87 -19.93
N GLN Q 60 40.00 20.79 -19.59
CA GLN Q 60 40.39 21.03 -18.20
C GLN Q 60 40.24 22.50 -17.83
N MET Q 61 40.54 23.41 -18.75
CA MET Q 61 40.36 24.82 -18.47
C MET Q 61 38.89 25.16 -18.25
N LEU Q 62 37.98 24.65 -19.10
CA LEU Q 62 36.56 24.90 -18.89
C LEU Q 62 36.01 24.16 -17.69
N PHE Q 63 36.67 23.08 -17.27
CA PHE Q 63 36.28 22.42 -16.04
C PHE Q 63 36.74 23.22 -14.81
N LEU Q 64 37.96 23.79 -14.87
CA LEU Q 64 38.44 24.52 -13.70
C LEU Q 64 37.76 25.86 -13.56
N GLU Q 65 37.33 26.46 -14.68
CA GLU Q 65 36.49 27.66 -14.58
C GLU Q 65 35.14 27.33 -13.95
N ALA Q 66 34.54 26.20 -14.32
CA ALA Q 66 33.29 25.79 -13.67
C ALA Q 66 33.56 25.67 -12.18
N GLU Q 67 34.19 24.57 -11.79
CA GLU Q 67 34.78 24.33 -10.47
C GLU Q 67 34.89 25.58 -9.59
N ASN Q 68 35.50 26.63 -10.12
CA ASN Q 68 35.73 27.86 -9.39
C ASN Q 68 36.21 28.93 -10.36
N PRO Q 69 35.33 29.84 -10.79
CA PRO Q 69 35.72 30.84 -11.80
C PRO Q 69 36.66 31.92 -11.30
N GLU Q 70 37.12 31.86 -10.05
CA GLU Q 70 37.85 32.99 -9.46
C GLU Q 70 39.31 32.69 -9.11
N LYS Q 71 39.66 31.44 -8.80
CA LYS Q 71 41.03 31.05 -8.54
C LYS Q 71 41.81 30.91 -9.83
N ASP Q 72 43.11 31.21 -9.77
CA ASP Q 72 43.98 31.10 -10.92
C ASP Q 72 44.09 29.65 -11.43
N ILE Q 73 44.57 29.52 -12.67
CA ILE Q 73 44.90 28.24 -13.28
C ILE Q 73 46.38 28.25 -13.66
N TYR Q 74 47.08 27.17 -13.35
CA TYR Q 74 48.50 27.08 -13.68
C TYR Q 74 48.71 26.11 -14.84
N LEU Q 75 49.22 26.64 -15.98
CA LEU Q 75 49.55 25.84 -17.16
C LEU Q 75 51.07 25.67 -17.28
N TYR Q 76 51.55 24.48 -16.92
CA TYR Q 76 52.94 24.14 -17.21
C TYR Q 76 53.08 23.82 -18.70
N ILE Q 77 54.15 24.31 -19.30
CA ILE Q 77 54.36 24.11 -20.72
C ILE Q 77 55.74 23.52 -20.91
N ASN Q 78 55.79 22.42 -21.67
CA ASN Q 78 57.02 21.73 -22.08
C ASN Q 78 56.67 21.12 -23.45
N SER Q 79 56.91 21.89 -24.50
CA SER Q 79 56.44 21.51 -25.80
C SER Q 79 57.37 22.06 -26.86
N PRO Q 80 57.51 21.38 -27.99
CA PRO Q 80 58.27 21.91 -29.14
C PRO Q 80 57.41 22.65 -30.16
N GLY Q 81 56.12 22.77 -29.93
CA GLY Q 81 55.26 23.38 -30.93
C GLY Q 81 54.22 22.42 -31.44
N GLY Q 82 53.65 22.73 -32.60
CA GLY Q 82 52.61 21.87 -33.13
C GLY Q 82 51.70 22.64 -34.06
N VAL Q 83 50.49 22.09 -34.23
CA VAL Q 83 49.55 22.66 -35.19
C VAL Q 83 49.06 24.00 -34.68
N ILE Q 84 49.12 25.02 -35.55
CA ILE Q 84 48.70 26.36 -35.17
C ILE Q 84 47.25 26.38 -34.67
N THR Q 85 46.31 25.86 -35.48
CA THR Q 85 44.91 25.94 -35.11
C THR Q 85 44.64 25.23 -33.80
N ALA Q 86 45.36 24.13 -33.53
CA ALA Q 86 45.20 23.45 -32.26
C ALA Q 86 45.70 24.34 -31.11
N GLY Q 87 46.79 25.06 -31.32
CA GLY Q 87 47.27 25.97 -30.29
C GLY Q 87 46.32 27.14 -30.06
N MET Q 88 45.74 27.69 -31.13
CA MET Q 88 44.81 28.79 -30.96
C MET Q 88 43.54 28.43 -30.21
N SER Q 89 43.14 27.16 -30.19
CA SER Q 89 41.99 26.83 -29.37
C SER Q 89 42.36 26.85 -27.89
N ILE Q 90 43.59 26.47 -27.57
CA ILE Q 90 44.12 26.69 -26.24
C ILE Q 90 44.21 28.18 -25.96
N TYR Q 91 44.79 28.94 -26.89
CA TYR Q 91 44.94 30.37 -26.70
C TYR Q 91 43.61 31.06 -26.45
N ASP Q 92 42.61 30.78 -27.29
CA ASP Q 92 41.35 31.49 -27.10
C ASP Q 92 40.66 31.06 -25.81
N THR Q 93 40.83 29.81 -25.41
CA THR Q 93 40.23 29.39 -24.14
C THR Q 93 40.88 30.12 -22.96
N MET Q 94 42.22 30.24 -22.96
CA MET Q 94 42.90 30.94 -21.88
C MET Q 94 42.33 32.35 -21.71
N GLN Q 95 42.21 33.06 -22.82
CA GLN Q 95 41.65 34.40 -22.77
C GLN Q 95 40.16 34.36 -22.47
N PHE Q 96 39.47 33.27 -22.82
CA PHE Q 96 38.03 33.33 -22.71
C PHE Q 96 37.57 33.07 -21.28
N ILE Q 97 38.21 32.16 -20.58
CA ILE Q 97 37.76 31.82 -19.24
C ILE Q 97 38.06 32.95 -18.25
N LYS Q 98 37.20 33.06 -17.23
CA LYS Q 98 37.38 34.07 -16.19
C LYS Q 98 38.70 33.94 -15.46
N PRO Q 99 39.09 32.77 -14.92
CA PRO Q 99 40.36 32.70 -14.20
C PRO Q 99 41.52 33.12 -15.08
N ASP Q 100 42.47 33.81 -14.45
CA ASP Q 100 43.79 34.00 -15.03
C ASP Q 100 44.48 32.66 -15.21
N VAL Q 101 45.07 32.47 -16.38
CA VAL Q 101 45.93 31.31 -16.63
C VAL Q 101 47.37 31.80 -16.48
N SER Q 102 48.02 31.38 -15.40
CA SER Q 102 49.45 31.60 -15.20
C SER Q 102 50.22 30.49 -15.89
N THR Q 103 51.21 30.86 -16.68
CA THR Q 103 52.00 29.91 -17.45
C THR Q 103 53.39 29.74 -16.86
N ILE Q 104 53.88 28.49 -16.85
CA ILE Q 104 55.22 28.14 -16.39
C ILE Q 104 55.92 27.29 -17.45
N CYS Q 105 57.01 27.81 -18.02
CA CYS Q 105 57.82 27.07 -18.97
C CYS Q 105 58.85 26.20 -18.25
N MET Q 106 58.98 24.98 -18.75
CA MET Q 106 59.73 23.94 -18.08
C MET Q 106 60.32 23.08 -19.17
N GLY Q 107 61.64 22.92 -19.15
CA GLY Q 107 62.31 22.22 -20.21
C GLY Q 107 62.41 23.07 -21.44
N GLN Q 108 61.30 23.22 -22.17
CA GLN Q 108 61.31 24.03 -23.38
C GLN Q 108 59.89 24.46 -23.74
N ALA Q 109 59.81 25.64 -24.37
CA ALA Q 109 58.61 26.13 -25.01
C ALA Q 109 59.07 26.69 -26.35
N ALA Q 110 58.86 25.93 -27.41
CA ALA Q 110 59.24 26.39 -28.74
C ALA Q 110 57.99 26.53 -29.60
N SER Q 111 58.05 27.48 -30.52
CA SER Q 111 56.98 27.79 -31.48
C SER Q 111 55.66 27.94 -30.72
N MET Q 112 54.58 27.29 -31.15
CA MET Q 112 53.28 27.45 -30.51
C MET Q 112 53.37 27.26 -29.00
N GLY Q 113 54.36 26.48 -28.55
CA GLY Q 113 54.57 26.36 -27.12
C GLY Q 113 55.04 27.67 -26.49
N ALA Q 114 55.96 28.35 -27.17
CA ALA Q 114 56.41 29.65 -26.68
C ALA Q 114 55.27 30.66 -26.69
N PHE Q 115 54.44 30.62 -27.74
CA PHE Q 115 53.33 31.57 -27.88
C PHE Q 115 52.29 31.37 -26.77
N LEU Q 116 52.00 30.12 -26.41
CA LEU Q 116 51.07 29.89 -25.31
C LEU Q 116 51.68 30.23 -23.96
N LEU Q 117 53.02 30.23 -23.86
CA LEU Q 117 53.69 30.71 -22.64
C LEU Q 117 53.50 32.22 -22.48
N THR Q 118 53.78 32.97 -23.54
CA THR Q 118 53.64 34.42 -23.48
C THR Q 118 52.18 34.86 -23.36
N ALA Q 119 51.23 33.97 -23.67
CA ALA Q 119 49.80 34.28 -23.65
C ALA Q 119 49.20 34.28 -22.25
N GLY Q 120 49.95 33.87 -21.23
CA GLY Q 120 49.39 33.82 -19.90
C GLY Q 120 49.10 35.20 -19.33
N ALA Q 121 48.29 35.20 -18.27
CA ALA Q 121 48.02 36.39 -17.47
C ALA Q 121 49.30 37.18 -17.22
N LYS Q 122 49.33 38.46 -17.63
CA LYS Q 122 50.52 39.25 -17.41
C LYS Q 122 50.85 39.32 -15.92
N GLY Q 123 52.16 39.36 -15.62
CA GLY Q 123 52.65 39.19 -14.26
C GLY Q 123 52.68 37.76 -13.77
N LYS Q 124 52.03 36.82 -14.49
CA LYS Q 124 51.97 35.44 -14.04
C LYS Q 124 52.58 34.48 -15.08
N ARG Q 125 53.52 34.98 -15.88
CA ARG Q 125 54.23 34.18 -16.87
C ARG Q 125 55.66 33.97 -16.40
N PHE Q 126 56.04 32.71 -16.21
CA PHE Q 126 57.33 32.36 -15.63
C PHE Q 126 58.09 31.38 -16.51
N CYS Q 127 59.42 31.47 -16.44
CA CYS Q 127 60.32 30.42 -16.86
C CYS Q 127 60.97 29.79 -15.62
N LEU Q 128 61.23 28.48 -15.69
CA LEU Q 128 62.16 27.89 -14.74
C LEU Q 128 63.59 28.24 -15.16
N PRO Q 129 64.54 28.27 -14.21
CA PRO Q 129 65.85 28.89 -14.51
C PRO Q 129 66.55 28.35 -15.73
N ASN Q 130 66.48 27.03 -15.98
CA ASN Q 130 67.20 26.46 -17.11
C ASN Q 130 66.28 26.01 -18.24
N SER Q 131 65.02 26.47 -18.26
CA SER Q 131 64.18 26.21 -19.43
C SER Q 131 64.62 27.13 -20.57
N ARG Q 132 64.28 26.73 -21.79
CA ARG Q 132 64.63 27.51 -22.96
C ARG Q 132 63.39 27.73 -23.82
N VAL Q 133 63.38 28.86 -24.51
CA VAL Q 133 62.29 29.34 -25.33
C VAL Q 133 62.81 29.49 -26.74
N MET Q 134 61.94 29.25 -27.73
CA MET Q 134 62.31 29.40 -29.12
C MET Q 134 61.13 29.96 -29.92
N ILE Q 135 61.39 31.01 -30.71
CA ILE Q 135 60.35 31.66 -31.49
C ILE Q 135 60.74 31.67 -32.96
N HIS Q 136 59.74 31.52 -33.83
CA HIS Q 136 59.94 31.56 -35.27
C HIS Q 136 58.61 31.87 -35.95
N GLN Q 137 58.53 31.58 -37.24
CA GLN Q 137 57.39 31.90 -38.06
C GLN Q 137 56.64 30.63 -38.47
N PRO Q 138 55.36 30.75 -38.90
CA PRO Q 138 54.56 29.55 -39.17
C PRO Q 138 55.13 28.70 -40.29
N LEU Q 139 54.94 27.39 -40.18
CA LEU Q 139 55.31 26.45 -41.21
C LEU Q 139 54.06 25.80 -41.79
N GLY Q 140 54.02 25.73 -43.11
CA GLY Q 140 52.93 25.05 -43.77
C GLY Q 140 53.37 24.39 -45.05
N GLY Q 141 52.39 23.84 -45.76
CA GLY Q 141 52.64 23.23 -47.05
C GLY Q 141 51.36 22.86 -47.75
N TYR Q 142 51.22 23.32 -48.98
CA TYR Q 142 50.09 22.94 -49.83
C TYR Q 142 50.61 22.42 -51.16
N GLN Q 143 49.80 21.58 -51.80
CA GLN Q 143 50.03 21.21 -53.18
C GLN Q 143 48.69 21.20 -53.91
N GLY Q 144 48.70 21.60 -55.17
CA GLY Q 144 47.46 21.70 -55.90
C GLY Q 144 47.63 22.67 -57.06
N GLN Q 145 46.51 23.18 -57.53
CA GLN Q 145 46.53 24.13 -58.63
C GLN Q 145 47.13 25.47 -58.17
N ALA Q 146 47.64 26.23 -59.14
CA ALA Q 146 48.26 27.52 -58.82
C ALA Q 146 47.27 28.46 -58.11
N THR Q 147 46.03 28.52 -58.59
CA THR Q 147 45.00 29.31 -57.92
C THR Q 147 44.86 28.91 -56.46
N ASP Q 148 44.76 27.60 -56.19
CA ASP Q 148 44.64 27.15 -54.80
C ASP Q 148 45.92 27.38 -54.00
N ILE Q 149 47.08 27.32 -54.64
CA ILE Q 149 48.31 27.66 -53.93
C ILE Q 149 48.26 29.10 -53.45
N GLU Q 150 47.89 30.02 -54.35
CA GLU Q 150 47.72 31.41 -53.97
C GLU Q 150 46.82 31.55 -52.74
N ILE Q 151 45.64 30.92 -52.78
CA ILE Q 151 44.71 31.06 -51.67
C ILE Q 151 45.34 30.58 -50.39
N HIS Q 152 45.99 29.41 -50.44
CA HIS Q 152 46.54 28.84 -49.21
C HIS Q 152 47.80 29.60 -48.79
N ALA Q 153 48.62 30.00 -49.75
CA ALA Q 153 49.75 30.89 -49.44
C ALA Q 153 49.26 32.15 -48.74
N ARG Q 154 48.20 32.78 -49.27
CA ARG Q 154 47.63 33.96 -48.61
C ARG Q 154 47.29 33.65 -47.16
N GLU Q 155 46.60 32.53 -46.94
CA GLU Q 155 46.10 32.20 -45.62
C GLU Q 155 47.24 32.07 -44.61
N ILE Q 156 48.29 31.32 -44.95
CA ILE Q 156 49.38 31.17 -43.99
C ILE Q 156 50.06 32.52 -43.74
N LEU Q 157 50.10 33.38 -44.76
CA LEU Q 157 50.66 34.72 -44.58
C LEU Q 157 49.74 35.57 -43.71
N LYS Q 158 48.43 35.51 -43.95
CA LYS Q 158 47.50 36.16 -43.04
C LYS Q 158 47.69 35.63 -41.62
N VAL Q 159 47.82 34.31 -41.48
CA VAL Q 159 48.00 33.71 -40.14
C VAL Q 159 49.29 34.20 -39.50
N LYS Q 160 50.35 34.35 -40.29
CA LYS Q 160 51.64 34.79 -39.75
C LYS Q 160 51.55 36.22 -39.21
N GLY Q 161 50.91 37.12 -39.96
CA GLY Q 161 50.69 38.46 -39.46
C GLY Q 161 49.92 38.49 -38.15
N ARG Q 162 48.94 37.61 -38.00
CA ARG Q 162 48.15 37.64 -36.77
C ARG Q 162 49.00 37.18 -35.58
N MET Q 163 49.76 36.09 -35.77
CA MET Q 163 50.66 35.60 -34.71
C MET Q 163 51.64 36.70 -34.28
N ASN Q 164 52.22 37.41 -35.26
CA ASN Q 164 53.17 38.48 -34.98
C ASN Q 164 52.54 39.58 -34.10
N GLU Q 165 51.34 40.06 -34.47
CA GLU Q 165 50.71 41.10 -33.66
C GLU Q 165 50.38 40.59 -32.27
N LEU Q 166 49.91 39.34 -32.17
CA LEU Q 166 49.66 38.76 -30.85
C LEU Q 166 50.97 38.63 -30.04
N MET Q 167 52.08 38.31 -30.72
CA MET Q 167 53.37 38.26 -30.06
C MET Q 167 53.78 39.64 -29.56
N ALA Q 168 53.75 40.64 -30.45
CA ALA Q 168 54.05 42.02 -30.07
C ALA Q 168 53.19 42.47 -28.90
N LEU Q 169 51.88 42.31 -29.04
CA LEU Q 169 50.92 42.60 -27.98
C LEU Q 169 51.36 42.00 -26.66
N HIS Q 170 51.56 40.69 -26.63
CA HIS Q 170 51.77 40.00 -25.36
C HIS Q 170 53.15 40.29 -24.76
N THR Q 171 54.17 40.49 -25.59
CA THR Q 171 55.52 40.74 -25.10
C THR Q 171 55.85 42.23 -24.93
N GLY Q 172 55.03 43.14 -25.46
CA GLY Q 172 55.36 44.56 -25.40
C GLY Q 172 56.31 45.05 -26.45
N GLN Q 173 56.95 44.17 -27.21
CA GLN Q 173 57.78 44.59 -28.33
C GLN Q 173 56.92 45.14 -29.47
N SER Q 174 57.52 45.97 -30.30
CA SER Q 174 56.84 46.50 -31.48
C SER Q 174 56.61 45.39 -32.50
N LEU Q 175 55.72 45.66 -33.47
CA LEU Q 175 55.48 44.67 -34.50
C LEU Q 175 56.72 44.47 -35.37
N GLU Q 176 57.49 45.53 -35.60
CA GLU Q 176 58.71 45.40 -36.40
C GLU Q 176 59.75 44.53 -35.69
N GLN Q 177 59.78 44.61 -34.36
CA GLN Q 177 60.71 43.77 -33.60
C GLN Q 177 60.31 42.31 -33.70
N ILE Q 178 59.03 41.99 -33.50
CA ILE Q 178 58.56 40.61 -33.59
C ILE Q 178 58.81 40.04 -34.99
N GLU Q 179 58.56 40.84 -36.04
CA GLU Q 179 58.74 40.35 -37.40
C GLU Q 179 60.21 40.10 -37.75
N ARG Q 180 61.12 40.94 -37.24
CA ARG Q 180 62.54 40.76 -37.53
C ARG Q 180 63.10 39.55 -36.80
N ASP Q 181 62.60 39.27 -35.61
CA ASP Q 181 63.18 38.25 -34.77
C ASP Q 181 62.52 36.88 -34.94
N THR Q 182 61.45 36.79 -35.74
CA THR Q 182 60.79 35.52 -35.97
C THR Q 182 61.04 34.97 -37.37
N GLU Q 183 61.85 35.65 -38.18
CA GLU Q 183 62.08 35.18 -39.55
C GLU Q 183 62.80 33.84 -39.56
N ARG Q 184 63.73 33.65 -38.64
CA ARG Q 184 64.38 32.37 -38.47
C ARG Q 184 64.27 32.02 -37.00
N ASP Q 185 64.57 30.76 -36.70
CA ASP Q 185 64.50 30.30 -35.34
C ASP Q 185 65.36 31.19 -34.44
N ARG Q 186 64.83 31.52 -33.28
CA ARG Q 186 65.59 32.33 -32.33
C ARG Q 186 65.35 31.74 -30.95
N PHE Q 187 66.43 31.32 -30.30
CA PHE Q 187 66.37 30.77 -28.96
C PHE Q 187 66.53 31.89 -27.96
N LEU Q 188 65.87 31.74 -26.82
CA LEU Q 188 65.99 32.68 -25.73
C LEU Q 188 66.13 31.88 -24.47
N SER Q 189 67.20 32.14 -23.71
CA SER Q 189 67.30 31.60 -22.37
C SER Q 189 66.20 32.17 -21.48
N ALA Q 190 66.03 31.54 -20.32
CA ALA Q 190 65.06 32.06 -19.35
C ALA Q 190 65.30 33.53 -18.98
N PRO Q 191 66.54 34.00 -18.70
CA PRO Q 191 66.72 35.44 -18.48
C PRO Q 191 66.42 36.27 -19.71
N GLU Q 192 66.75 35.75 -20.90
CA GLU Q 192 66.50 36.49 -22.14
C GLU Q 192 65.01 36.59 -22.43
N ALA Q 193 64.25 35.57 -22.02
CA ALA Q 193 62.81 35.59 -22.20
C ALA Q 193 62.14 36.61 -21.29
N VAL Q 194 62.77 36.94 -20.16
CA VAL Q 194 62.24 37.99 -19.29
C VAL Q 194 62.50 39.35 -19.90
N GLU Q 195 63.73 39.55 -20.36
CA GLU Q 195 64.10 40.80 -21.02
C GLU Q 195 63.25 41.04 -22.27
N TYR Q 196 63.00 39.99 -23.03
CA TYR Q 196 62.22 40.15 -24.25
C TYR Q 196 60.78 40.52 -23.96
N GLY Q 197 60.28 40.17 -22.77
CA GLY Q 197 58.87 40.30 -22.47
C GLY Q 197 58.06 39.05 -22.69
N LEU Q 198 58.70 37.92 -23.06
CA LEU Q 198 57.96 36.68 -23.22
C LEU Q 198 57.38 36.21 -21.90
N VAL Q 199 58.18 36.21 -20.84
CA VAL Q 199 57.69 35.88 -19.50
C VAL Q 199 57.93 37.08 -18.59
N ASP Q 200 57.33 37.02 -17.40
CA ASP Q 200 57.46 38.13 -16.47
C ASP Q 200 58.69 38.00 -15.60
N SER Q 201 59.04 36.78 -15.20
CA SER Q 201 60.19 36.58 -14.33
C SER Q 201 60.63 35.12 -14.42
N ILE Q 202 61.75 34.83 -13.76
CA ILE Q 202 62.24 33.46 -13.61
C ILE Q 202 61.81 32.95 -12.24
N LEU Q 203 61.12 31.80 -12.24
CA LEU Q 203 60.74 31.15 -11.00
C LEU Q 203 61.98 30.64 -10.29
N THR Q 204 62.13 30.99 -9.00
CA THR Q 204 63.24 30.57 -8.16
C THR Q 204 62.73 29.55 -7.13
N HIS Q 205 63.61 29.20 -6.18
CA HIS Q 205 63.31 28.21 -5.14
C HIS Q 205 61.98 28.52 -4.45
N ARG Q 206 61.17 27.47 -4.23
CA ARG Q 206 59.99 27.66 -3.39
C ARG Q 206 60.45 28.06 -1.99
N ASN Q 207 59.99 29.22 -1.54
CA ASN Q 207 60.48 29.87 -0.32
C ASN Q 207 59.84 29.26 0.93
N LEU R 16 50.06 -5.73 -15.70
CA LEU R 16 51.46 -5.39 -15.89
C LEU R 16 52.05 -4.80 -14.62
N VAL R 17 51.20 -4.30 -13.73
CA VAL R 17 51.63 -3.61 -12.53
C VAL R 17 50.76 -4.10 -11.37
N PRO R 18 51.35 -4.64 -10.30
CA PRO R 18 50.52 -5.16 -9.20
C PRO R 18 49.95 -4.04 -8.34
N MET R 19 48.76 -4.28 -7.81
CA MET R 19 48.06 -3.34 -6.92
C MET R 19 48.07 -3.86 -5.49
N VAL R 20 47.85 -2.94 -4.55
CA VAL R 20 47.76 -3.30 -3.14
C VAL R 20 46.66 -2.48 -2.48
N ASP R 32 48.35 0.49 -6.84
CA ASP R 32 49.43 0.05 -7.73
C ASP R 32 50.81 0.29 -7.09
N ILE R 33 51.80 -0.49 -7.50
CA ILE R 33 53.03 -0.64 -6.71
C ILE R 33 53.80 0.68 -6.64
N TYR R 34 53.92 1.40 -7.76
CA TYR R 34 54.68 2.64 -7.74
C TYR R 34 53.98 3.71 -6.92
N SER R 35 52.65 3.80 -7.04
CA SER R 35 51.92 4.74 -6.21
C SER R 35 52.01 4.40 -4.73
N ARG R 36 51.95 3.10 -4.40
CA ARG R 36 52.16 2.69 -3.02
C ARG R 36 53.53 3.15 -2.52
N LEU R 37 54.56 2.95 -3.34
CA LEU R 37 55.87 3.48 -3.01
C LEU R 37 55.90 5.00 -3.00
N LEU R 38 54.97 5.65 -3.70
CA LEU R 38 54.95 7.11 -3.68
C LEU R 38 54.51 7.63 -2.32
N LYS R 39 53.66 6.86 -1.62
CA LYS R 39 53.27 7.21 -0.26
C LYS R 39 54.48 7.35 0.66
N GLU R 40 55.60 6.71 0.32
CA GLU R 40 56.83 6.84 1.07
C GLU R 40 57.82 7.77 0.37
N ARG R 41 57.34 8.55 -0.58
CA ARG R 41 58.06 9.68 -1.16
C ARG R 41 59.19 9.22 -2.06
N VAL R 42 59.04 8.03 -2.62
CA VAL R 42 59.99 7.47 -3.58
C VAL R 42 59.44 7.56 -4.98
N ILE R 43 60.29 7.97 -5.91
CA ILE R 43 59.96 8.16 -7.32
C ILE R 43 61.00 7.44 -8.15
N PHE R 44 60.58 6.86 -9.27
CA PHE R 44 61.49 6.13 -10.16
C PHE R 44 61.66 6.84 -11.49
N LEU R 45 62.92 7.03 -11.90
CA LEU R 45 63.29 7.49 -13.24
C LEU R 45 63.95 6.30 -13.94
N THR R 46 63.20 5.61 -14.78
CA THR R 46 63.58 4.35 -15.39
C THR R 46 63.58 4.50 -16.90
N GLY R 47 64.69 4.10 -17.56
CA GLY R 47 64.77 4.11 -19.01
C GLY R 47 65.10 5.47 -19.61
N GLN R 48 64.91 5.57 -20.93
CA GLN R 48 65.23 6.80 -21.64
C GLN R 48 64.49 8.00 -21.07
N VAL R 49 65.11 9.17 -21.16
CA VAL R 49 64.51 10.42 -20.75
C VAL R 49 63.79 11.05 -21.93
N GLU R 50 62.48 11.23 -21.81
CA GLU R 50 61.70 11.95 -22.81
C GLU R 50 60.57 12.69 -22.11
N ASP R 51 59.91 13.57 -22.87
CA ASP R 51 58.98 14.54 -22.29
C ASP R 51 57.94 13.90 -21.39
N HIS R 52 57.31 12.83 -21.83
CA HIS R 52 56.15 12.38 -21.06
C HIS R 52 56.56 11.63 -19.80
N MET R 53 57.61 10.81 -19.86
CA MET R 53 58.13 10.23 -18.62
C MET R 53 58.65 11.33 -17.69
N ALA R 54 59.27 12.37 -18.25
CA ALA R 54 59.80 13.49 -17.46
C ALA R 54 58.68 14.24 -16.77
N ASN R 55 57.61 14.53 -17.52
CA ASN R 55 56.45 15.18 -16.94
C ASN R 55 55.84 14.35 -15.81
N LEU R 56 55.83 13.03 -15.96
CA LEU R 56 55.29 12.19 -14.91
C LEU R 56 56.09 12.34 -13.63
N ILE R 57 57.40 12.52 -13.76
CA ILE R 57 58.22 12.68 -12.56
C ILE R 57 58.05 14.08 -11.99
N VAL R 58 57.97 15.10 -12.87
CA VAL R 58 57.67 16.45 -12.40
C VAL R 58 56.40 16.45 -11.55
N ALA R 59 55.36 15.76 -12.03
CA ALA R 59 54.09 15.79 -11.32
C ALA R 59 54.18 15.13 -9.97
N GLN R 60 54.93 14.04 -9.87
CA GLN R 60 55.13 13.36 -8.60
C GLN R 60 55.90 14.23 -7.60
N MET R 61 56.95 14.91 -8.06
CA MET R 61 57.68 15.81 -7.18
C MET R 61 56.79 16.97 -6.74
N LEU R 62 56.09 17.60 -7.68
CA LEU R 62 55.19 18.70 -7.33
C LEU R 62 54.14 18.25 -6.34
N PHE R 63 53.62 17.04 -6.52
CA PHE R 63 52.59 16.54 -5.62
C PHE R 63 53.18 16.17 -4.26
N LEU R 64 54.44 15.71 -4.24
CA LEU R 64 55.06 15.34 -2.97
C LEU R 64 55.40 16.58 -2.16
N GLU R 65 55.87 17.63 -2.84
CA GLU R 65 56.07 18.92 -2.19
C GLU R 65 54.80 19.37 -1.48
N ALA R 66 53.64 19.07 -2.06
CA ALA R 66 52.35 19.45 -1.48
C ALA R 66 51.98 18.56 -0.29
N GLU R 67 52.30 17.27 -0.35
CA GLU R 67 52.02 16.39 0.77
C GLU R 67 52.77 16.79 2.03
N ASN R 68 53.88 17.52 1.87
CA ASN R 68 54.81 17.84 2.93
C ASN R 68 56.02 18.52 2.31
N PRO R 69 56.09 19.86 2.34
CA PRO R 69 57.26 20.54 1.77
C PRO R 69 58.56 20.27 2.52
N GLU R 70 58.51 19.55 3.65
CA GLU R 70 59.67 19.38 4.53
C GLU R 70 60.34 18.01 4.40
N LYS R 71 59.56 16.96 4.25
CA LYS R 71 60.17 15.65 4.13
C LYS R 71 60.88 15.52 2.79
N ASP R 72 62.00 14.80 2.80
CA ASP R 72 62.79 14.60 1.60
C ASP R 72 62.06 13.72 0.59
N ILE R 73 62.50 13.84 -0.66
CA ILE R 73 61.99 13.03 -1.77
C ILE R 73 63.12 12.18 -2.30
N TYR R 74 62.86 10.87 -2.48
CA TYR R 74 63.88 9.91 -2.87
C TYR R 74 63.65 9.48 -4.31
N LEU R 75 64.61 9.78 -5.19
CA LEU R 75 64.47 9.57 -6.63
C LEU R 75 65.50 8.54 -7.11
N TYR R 76 65.03 7.32 -7.37
CA TYR R 76 65.85 6.27 -7.98
C TYR R 76 66.02 6.51 -9.47
N ILE R 77 67.25 6.37 -9.94
CA ILE R 77 67.61 6.65 -11.33
C ILE R 77 68.28 5.42 -11.92
N ASN R 78 67.74 4.95 -13.04
CA ASN R 78 68.28 3.86 -13.84
C ASN R 78 67.96 4.22 -15.30
N SER R 79 68.87 4.94 -15.94
CA SER R 79 68.51 5.56 -17.17
C SER R 79 69.76 5.62 -18.04
N PRO R 80 69.62 5.39 -19.35
CA PRO R 80 70.75 5.62 -20.26
C PRO R 80 70.90 7.07 -20.65
N GLY R 81 70.01 7.93 -20.16
CA GLY R 81 69.94 9.32 -20.60
C GLY R 81 68.74 9.59 -21.50
N GLY R 82 68.89 10.56 -22.39
CA GLY R 82 67.82 10.93 -23.27
C GLY R 82 67.81 12.42 -23.51
N VAL R 83 66.63 12.94 -23.83
CA VAL R 83 66.49 14.31 -24.30
C VAL R 83 66.92 15.31 -23.23
N ILE R 84 67.66 16.34 -23.65
CA ILE R 84 68.18 17.30 -22.69
C ILE R 84 67.05 18.15 -22.10
N THR R 85 66.14 18.66 -22.93
CA THR R 85 65.13 19.56 -22.38
C THR R 85 64.21 18.85 -21.40
N ALA R 86 63.89 17.58 -21.66
CA ALA R 86 63.01 16.86 -20.75
C ALA R 86 63.72 16.58 -19.43
N GLY R 87 64.99 16.19 -19.51
CA GLY R 87 65.79 16.08 -18.30
C GLY R 87 65.83 17.39 -17.53
N MET R 88 66.08 18.50 -18.26
CA MET R 88 66.13 19.81 -17.65
C MET R 88 64.80 20.19 -17.00
N SER R 89 63.68 19.74 -17.59
CA SER R 89 62.40 19.87 -16.90
C SER R 89 62.45 19.19 -15.54
N ILE R 90 63.16 18.07 -15.44
CA ILE R 90 63.21 17.36 -14.16
C ILE R 90 64.16 18.06 -13.19
N TYR R 91 65.28 18.61 -13.69
CA TYR R 91 66.25 19.26 -12.81
C TYR R 91 65.69 20.55 -12.20
N ASP R 92 65.08 21.41 -13.03
CA ASP R 92 64.59 22.68 -12.51
C ASP R 92 63.49 22.46 -11.49
N THR R 93 62.73 21.36 -11.61
CA THR R 93 61.73 21.01 -10.60
C THR R 93 62.40 20.64 -9.28
N MET R 94 63.44 19.80 -9.34
CA MET R 94 64.22 19.45 -8.15
C MET R 94 64.75 20.71 -7.45
N GLN R 95 65.33 21.62 -8.24
CA GLN R 95 65.78 22.91 -7.71
C GLN R 95 64.61 23.67 -7.11
N PHE R 96 63.51 23.75 -7.86
CA PHE R 96 62.42 24.64 -7.48
C PHE R 96 61.79 24.21 -6.16
N ILE R 97 61.45 22.92 -6.03
CA ILE R 97 60.66 22.48 -4.88
C ILE R 97 61.43 22.69 -3.56
N LYS R 98 60.69 23.00 -2.51
CA LYS R 98 61.28 23.09 -1.18
C LYS R 98 62.00 21.80 -0.76
N PRO R 99 61.42 20.60 -0.89
CA PRO R 99 62.08 19.41 -0.33
C PRO R 99 63.40 19.10 -0.99
N ASP R 100 64.33 18.59 -0.18
CA ASP R 100 65.54 18.02 -0.73
C ASP R 100 65.18 16.79 -1.54
N VAL R 101 65.82 16.65 -2.71
CA VAL R 101 65.63 15.50 -3.56
C VAL R 101 66.90 14.66 -3.47
N SER R 102 66.78 13.45 -2.90
CA SER R 102 67.90 12.52 -2.77
C SER R 102 67.86 11.52 -3.92
N THR R 103 68.96 11.45 -4.66
CA THR R 103 69.03 10.60 -5.83
C THR R 103 69.85 9.35 -5.51
N ILE R 104 69.37 8.20 -5.99
CA ILE R 104 69.96 6.88 -5.73
C ILE R 104 70.11 6.18 -7.07
N CYS R 105 71.35 6.01 -7.52
CA CYS R 105 71.63 5.34 -8.79
C CYS R 105 71.64 3.82 -8.60
N MET R 106 70.78 3.12 -9.34
CA MET R 106 70.82 1.66 -9.43
C MET R 106 70.82 1.28 -10.90
N GLY R 107 71.56 0.23 -11.24
CA GLY R 107 71.77 -0.08 -12.63
C GLY R 107 72.80 0.86 -13.23
N GLN R 108 72.32 1.96 -13.82
CA GLN R 108 73.23 2.93 -14.44
C GLN R 108 72.61 4.31 -14.38
N ALA R 109 73.43 5.29 -14.74
CA ALA R 109 73.05 6.70 -14.80
C ALA R 109 74.00 7.32 -15.84
N ALA R 110 73.55 7.35 -17.09
CA ALA R 110 74.37 7.80 -18.20
C ALA R 110 73.80 9.09 -18.80
N SER R 111 74.68 9.92 -19.36
CA SER R 111 74.31 11.18 -20.00
C SER R 111 73.44 12.00 -19.05
N MET R 112 72.22 12.34 -19.48
CA MET R 112 71.33 13.12 -18.63
C MET R 112 70.95 12.36 -17.36
N GLY R 113 71.05 11.03 -17.35
CA GLY R 113 70.88 10.29 -16.10
C GLY R 113 72.01 10.56 -15.12
N ALA R 114 73.24 10.72 -15.62
CA ALA R 114 74.31 11.17 -14.75
C ALA R 114 74.10 12.62 -14.30
N PHE R 115 73.59 13.48 -15.19
CA PHE R 115 73.37 14.86 -14.79
C PHE R 115 72.32 14.94 -13.70
N LEU R 116 71.25 14.16 -13.83
CA LEU R 116 70.18 14.25 -12.85
C LEU R 116 70.60 13.63 -11.52
N LEU R 117 71.35 12.52 -11.60
CA LEU R 117 71.94 11.90 -10.41
C LEU R 117 72.73 12.92 -9.59
N THR R 118 73.73 13.53 -10.21
CA THR R 118 74.61 14.44 -9.50
C THR R 118 73.89 15.70 -9.00
N ALA R 119 72.64 15.91 -9.40
CA ALA R 119 71.92 17.15 -9.13
C ALA R 119 71.03 17.07 -7.90
N GLY R 120 71.09 15.98 -7.16
CA GLY R 120 70.38 15.90 -5.89
C GLY R 120 71.06 16.73 -4.81
N ALA R 121 70.40 16.80 -3.66
CA ALA R 121 70.94 17.52 -2.51
C ALA R 121 72.33 16.99 -2.17
N LYS R 122 73.27 17.92 -1.89
CA LYS R 122 74.56 17.52 -1.36
C LYS R 122 74.37 16.62 -0.14
N GLY R 123 75.22 15.60 -0.04
CA GLY R 123 75.18 14.62 1.02
C GLY R 123 74.14 13.54 0.86
N LYS R 124 73.19 13.68 -0.07
CA LYS R 124 72.12 12.69 -0.25
C LYS R 124 72.14 12.08 -1.65
N ARG R 125 73.26 12.14 -2.35
CA ARG R 125 73.41 11.51 -3.64
C ARG R 125 74.16 10.19 -3.50
N PHE R 126 73.54 9.10 -3.95
CA PHE R 126 73.92 7.75 -3.59
C PHE R 126 74.11 6.86 -4.82
N CYS R 127 75.02 5.89 -4.69
CA CYS R 127 75.21 4.82 -5.64
C CYS R 127 75.09 3.49 -4.92
N LEU R 128 74.41 2.55 -5.55
CA LEU R 128 74.56 1.16 -5.17
C LEU R 128 75.92 0.64 -5.65
N PRO R 129 76.44 -0.42 -5.04
CA PRO R 129 77.86 -0.75 -5.25
C PRO R 129 78.21 -1.06 -6.69
N ASN R 130 77.27 -1.64 -7.43
CA ASN R 130 77.53 -2.16 -8.77
C ASN R 130 76.81 -1.38 -9.86
N SER R 131 76.13 -0.30 -9.50
CA SER R 131 75.77 0.68 -10.49
C SER R 131 77.03 1.31 -11.07
N ARG R 132 76.89 1.84 -12.27
CA ARG R 132 77.93 2.61 -12.93
C ARG R 132 77.32 3.93 -13.39
N VAL R 133 78.17 4.83 -13.86
CA VAL R 133 77.75 6.13 -14.36
C VAL R 133 78.52 6.39 -15.66
N MET R 134 77.93 7.19 -16.54
CA MET R 134 78.64 7.58 -17.75
C MET R 134 78.35 9.05 -17.99
N ILE R 135 79.36 9.81 -18.36
CA ILE R 135 79.16 11.22 -18.64
C ILE R 135 79.71 11.48 -20.02
N HIS R 136 79.08 12.39 -20.75
CA HIS R 136 79.65 12.83 -22.03
C HIS R 136 79.07 14.19 -22.39
N GLN R 137 79.12 14.53 -23.66
CA GLN R 137 78.68 15.82 -24.16
C GLN R 137 77.38 15.67 -24.96
N PRO R 138 76.61 16.76 -25.11
CA PRO R 138 75.31 16.66 -25.78
C PRO R 138 75.42 16.12 -27.20
N LEU R 139 74.42 15.33 -27.58
CA LEU R 139 74.27 14.86 -28.94
C LEU R 139 73.08 15.57 -29.55
N GLY R 140 73.21 15.93 -30.83
CA GLY R 140 72.12 16.58 -31.51
C GLY R 140 72.37 16.56 -33.00
N GLY R 141 71.66 17.41 -33.71
CA GLY R 141 71.82 17.46 -35.15
C GLY R 141 70.69 18.14 -35.88
N TYR R 142 71.03 18.88 -36.94
CA TYR R 142 70.07 19.71 -37.65
C TYR R 142 70.27 19.54 -39.15
N GLN R 143 69.21 19.83 -39.91
CA GLN R 143 69.24 19.78 -41.37
C GLN R 143 68.61 21.04 -41.93
N GLY R 144 69.24 21.63 -42.94
CA GLY R 144 68.63 22.76 -43.61
C GLY R 144 69.67 23.71 -44.17
N GLN R 145 69.27 24.98 -44.24
CA GLN R 145 70.14 26.02 -44.78
C GLN R 145 71.27 26.34 -43.81
N ALA R 146 72.42 26.71 -44.38
CA ALA R 146 73.57 27.13 -43.60
C ALA R 146 73.18 28.04 -42.44
N THR R 147 72.33 29.05 -42.72
CA THR R 147 71.94 30.03 -41.71
C THR R 147 71.23 29.38 -40.53
N ASP R 148 70.32 28.45 -40.79
CA ASP R 148 69.68 27.75 -39.67
C ASP R 148 70.66 26.77 -39.01
N ILE R 149 71.55 26.14 -39.77
CA ILE R 149 72.59 25.32 -39.15
C ILE R 149 73.40 26.17 -38.16
N GLU R 150 73.76 27.40 -38.56
CA GLU R 150 74.48 28.31 -37.67
C GLU R 150 73.73 28.53 -36.37
N ILE R 151 72.41 28.80 -36.45
CA ILE R 151 71.66 29.10 -35.24
C ILE R 151 71.63 27.87 -34.33
N HIS R 152 71.35 26.70 -34.90
CA HIS R 152 71.17 25.52 -34.07
C HIS R 152 72.50 24.97 -33.53
N ALA R 153 73.60 25.13 -34.26
CA ALA R 153 74.90 24.77 -33.71
C ALA R 153 75.29 25.71 -32.59
N ARG R 154 74.95 26.99 -32.73
CA ARG R 154 75.18 27.92 -31.65
C ARG R 154 74.44 27.47 -30.40
N GLU R 155 73.23 26.94 -30.57
CA GLU R 155 72.37 26.66 -29.44
C GLU R 155 72.88 25.46 -28.65
N ILE R 156 73.18 24.36 -29.35
CA ILE R 156 73.64 23.17 -28.66
C ILE R 156 74.97 23.42 -27.97
N LEU R 157 75.78 24.36 -28.51
CA LEU R 157 77.03 24.74 -27.84
C LEU R 157 76.77 25.53 -26.55
N LYS R 158 75.82 26.48 -26.59
CA LYS R 158 75.41 27.13 -25.35
C LYS R 158 74.91 26.11 -24.35
N VAL R 159 74.04 25.20 -24.80
CA VAL R 159 73.56 24.14 -23.94
C VAL R 159 74.74 23.35 -23.36
N LYS R 160 75.72 23.02 -24.21
CA LYS R 160 76.85 22.24 -23.74
C LYS R 160 77.62 23.01 -22.68
N GLY R 161 77.78 24.32 -22.87
CA GLY R 161 78.41 25.13 -21.84
C GLY R 161 77.65 25.14 -20.51
N ARG R 162 76.32 25.25 -20.57
CA ARG R 162 75.54 25.28 -19.34
C ARG R 162 75.51 23.92 -18.66
N MET R 163 75.43 22.82 -19.44
CA MET R 163 75.53 21.51 -18.82
C MET R 163 76.90 21.31 -18.19
N ASN R 164 77.95 21.82 -18.84
CA ASN R 164 79.29 21.72 -18.25
C ASN R 164 79.38 22.52 -16.96
N GLU R 165 78.81 23.74 -16.97
CA GLU R 165 78.85 24.56 -15.76
C GLU R 165 78.16 23.86 -14.60
N LEU R 166 76.88 23.51 -14.77
CA LEU R 166 76.11 22.90 -13.68
C LEU R 166 76.79 21.66 -13.13
N MET R 167 77.44 20.89 -14.01
CA MET R 167 78.14 19.69 -13.58
C MET R 167 79.37 20.05 -12.74
N ALA R 168 80.21 20.96 -13.24
CA ALA R 168 81.31 21.47 -12.41
C ALA R 168 80.79 21.82 -11.03
N LEU R 169 79.61 22.44 -11.01
CA LEU R 169 79.00 22.86 -9.75
C LEU R 169 78.67 21.69 -8.83
N HIS R 170 77.89 20.73 -9.31
CA HIS R 170 77.40 19.72 -8.39
C HIS R 170 78.51 18.74 -8.01
N THR R 171 79.48 18.56 -8.91
CA THR R 171 80.65 17.74 -8.65
C THR R 171 81.76 18.47 -7.93
N GLY R 172 81.78 19.80 -7.98
CA GLY R 172 82.89 20.51 -7.37
C GLY R 172 84.17 20.43 -8.14
N GLN R 173 84.13 19.97 -9.39
CA GLN R 173 85.31 20.02 -10.23
C GLN R 173 85.36 21.34 -10.97
N SER R 174 86.55 21.69 -11.46
CA SER R 174 86.65 22.86 -12.31
C SER R 174 85.89 22.62 -13.62
N LEU R 175 85.41 23.72 -14.20
CA LEU R 175 84.86 23.68 -15.55
C LEU R 175 85.82 22.95 -16.48
N GLU R 176 87.09 23.37 -16.48
CA GLU R 176 88.09 22.78 -17.36
C GLU R 176 88.13 21.28 -17.19
N GLN R 177 88.18 20.82 -15.93
CA GLN R 177 88.15 19.40 -15.64
C GLN R 177 86.90 18.73 -16.24
N ILE R 178 85.74 19.39 -16.13
CA ILE R 178 84.51 18.80 -16.67
C ILE R 178 84.53 18.83 -18.19
N GLU R 179 84.99 19.93 -18.79
CA GLU R 179 85.10 19.98 -20.24
C GLU R 179 86.02 18.89 -20.78
N ARG R 180 87.16 18.66 -20.13
CA ARG R 180 88.08 17.63 -20.60
C ARG R 180 87.49 16.25 -20.43
N ASP R 181 86.85 15.99 -19.28
CA ASP R 181 86.41 14.65 -18.94
C ASP R 181 85.13 14.22 -19.68
N THR R 182 84.49 15.11 -20.45
CA THR R 182 83.23 14.77 -21.10
C THR R 182 83.28 14.93 -22.61
N GLU R 183 84.45 15.13 -23.20
CA GLU R 183 84.50 15.17 -24.65
C GLU R 183 84.14 13.82 -25.25
N ARG R 184 84.46 12.74 -24.54
CA ARG R 184 84.08 11.40 -24.96
C ARG R 184 83.46 10.67 -23.78
N ASP R 185 82.72 9.61 -24.11
CA ASP R 185 82.13 8.75 -23.08
C ASP R 185 83.15 8.46 -21.99
N ARG R 186 82.75 8.62 -20.73
CA ARG R 186 83.64 8.35 -19.61
C ARG R 186 82.86 7.61 -18.55
N PHE R 187 83.33 6.41 -18.21
CA PHE R 187 82.67 5.53 -17.28
C PHE R 187 83.29 5.69 -15.90
N LEU R 188 82.45 5.68 -14.86
CA LEU R 188 82.91 5.76 -13.48
C LEU R 188 82.16 4.71 -12.67
N SER R 189 82.90 3.90 -11.92
CA SER R 189 82.26 2.96 -11.02
C SER R 189 81.72 3.70 -9.80
N ALA R 190 80.93 3.01 -9.00
CA ALA R 190 80.40 3.61 -7.78
C ALA R 190 81.50 4.26 -6.93
N PRO R 191 82.61 3.60 -6.59
CA PRO R 191 83.69 4.34 -5.91
C PRO R 191 84.23 5.47 -6.74
N GLU R 192 84.44 5.27 -8.04
CA GLU R 192 84.96 6.33 -8.89
C GLU R 192 84.03 7.54 -8.90
N ALA R 193 82.72 7.31 -8.73
CA ALA R 193 81.78 8.41 -8.76
C ALA R 193 81.85 9.22 -7.46
N VAL R 194 81.98 8.53 -6.32
CA VAL R 194 82.18 9.22 -5.05
C VAL R 194 83.43 10.08 -5.09
N GLU R 195 84.51 9.57 -5.68
CA GLU R 195 85.76 10.35 -5.73
C GLU R 195 85.69 11.47 -6.76
N TYR R 196 84.86 11.30 -7.81
CA TYR R 196 84.71 12.38 -8.79
C TYR R 196 83.83 13.51 -8.27
N GLY R 197 82.98 13.22 -7.29
CA GLY R 197 82.02 14.18 -6.80
C GLY R 197 80.60 13.95 -7.25
N LEU R 198 80.38 13.12 -8.28
CA LEU R 198 79.04 12.88 -8.82
C LEU R 198 78.06 12.46 -7.72
N VAL R 199 78.45 11.54 -6.84
CA VAL R 199 77.63 11.13 -5.71
C VAL R 199 78.42 11.25 -4.43
N ASP R 200 77.68 11.31 -3.32
CA ASP R 200 78.25 11.58 -2.01
C ASP R 200 78.75 10.33 -1.31
N SER R 201 78.16 9.18 -1.57
CA SER R 201 78.63 7.95 -0.97
C SER R 201 78.02 6.77 -1.73
N ILE R 202 78.28 5.57 -1.22
CA ILE R 202 77.72 4.34 -1.71
C ILE R 202 76.82 3.78 -0.62
N LEU R 203 75.60 3.38 -1.00
CA LEU R 203 74.82 2.49 -0.15
C LEU R 203 75.27 1.07 -0.42
N THR R 204 75.36 0.26 0.64
CA THR R 204 75.66 -1.17 0.47
C THR R 204 74.61 -2.05 1.15
N HIS R 205 74.37 -1.88 2.45
CA HIS R 205 73.34 -2.64 3.13
C HIS R 205 72.45 -1.70 3.91
N ARG R 206 71.20 -2.11 4.11
CA ARG R 206 70.28 -1.31 4.91
C ARG R 206 70.86 -1.13 6.29
N ASN R 207 70.80 0.09 6.79
CA ASN R 207 71.18 0.36 8.16
C ASN R 207 70.05 -0.10 9.08
N VAL S 17 44.97 -11.18 -17.11
CA VAL S 17 45.47 -11.97 -15.99
C VAL S 17 44.30 -12.34 -15.09
N PRO S 18 44.34 -13.50 -14.42
CA PRO S 18 43.20 -13.94 -13.61
C PRO S 18 42.90 -12.97 -12.46
N MET S 19 41.69 -13.11 -11.91
CA MET S 19 41.19 -12.20 -10.86
C MET S 19 40.72 -12.99 -9.65
N VAL S 20 41.32 -12.75 -8.49
CA VAL S 20 40.80 -13.31 -7.25
C VAL S 20 40.52 -12.20 -6.24
N PHE S 31 41.83 -8.83 -5.49
CA PHE S 31 43.18 -8.80 -6.06
C PHE S 31 43.25 -9.57 -7.39
N ASP S 32 44.35 -9.40 -8.11
CA ASP S 32 44.70 -10.26 -9.23
C ASP S 32 45.74 -11.27 -8.77
N ILE S 33 46.09 -12.20 -9.67
CA ILE S 33 46.89 -13.36 -9.25
C ILE S 33 48.28 -12.91 -8.79
N TYR S 34 48.90 -11.97 -9.51
CA TYR S 34 50.26 -11.58 -9.16
C TYR S 34 50.30 -10.64 -7.97
N SER S 35 49.20 -9.98 -7.64
CA SER S 35 49.17 -9.14 -6.45
C SER S 35 48.86 -9.97 -5.21
N ARG S 36 48.00 -10.99 -5.33
CA ARG S 36 47.77 -11.93 -4.24
C ARG S 36 49.02 -12.76 -3.94
N LEU S 37 49.83 -13.04 -4.97
CA LEU S 37 51.12 -13.67 -4.71
C LEU S 37 52.11 -12.70 -4.09
N LEU S 38 52.12 -11.45 -4.56
CA LEU S 38 52.97 -10.42 -3.98
C LEU S 38 52.70 -10.27 -2.49
N LYS S 39 51.43 -10.27 -2.09
CA LYS S 39 51.12 -10.16 -0.68
C LYS S 39 51.56 -11.41 0.09
N GLU S 40 51.92 -12.49 -0.59
CA GLU S 40 52.52 -13.64 0.05
C GLU S 40 54.05 -13.61 -0.03
N ARG S 41 54.63 -12.46 -0.37
CA ARG S 41 56.09 -12.27 -0.51
C ARG S 41 56.70 -13.04 -1.68
N VAL S 42 55.94 -13.28 -2.74
CA VAL S 42 56.45 -13.90 -3.97
C VAL S 42 56.54 -12.84 -5.07
N ILE S 43 57.66 -12.84 -5.79
CA ILE S 43 57.90 -12.00 -6.95
C ILE S 43 58.39 -12.89 -8.09
N PHE S 44 57.92 -12.62 -9.30
CA PHE S 44 58.32 -13.38 -10.47
C PHE S 44 59.22 -12.55 -11.36
N LEU S 45 60.31 -13.14 -11.81
CA LEU S 45 61.21 -12.51 -12.77
C LEU S 45 61.15 -13.35 -14.04
N THR S 46 60.33 -12.96 -15.00
CA THR S 46 60.04 -13.80 -16.16
C THR S 46 60.54 -13.16 -17.44
N GLY S 47 61.35 -13.91 -18.19
CA GLY S 47 61.69 -13.50 -19.54
C GLY S 47 62.87 -12.54 -19.59
N GLN S 48 62.89 -11.73 -20.65
CA GLN S 48 63.97 -10.77 -20.89
C GLN S 48 64.16 -9.83 -19.70
N VAL S 49 65.40 -9.67 -19.27
CA VAL S 49 65.74 -8.69 -18.23
C VAL S 49 66.03 -7.36 -18.90
N GLU S 50 65.19 -6.37 -18.58
CA GLU S 50 65.34 -5.02 -19.10
C GLU S 50 64.84 -4.06 -18.03
N ASP S 51 65.09 -2.77 -18.26
CA ASP S 51 64.95 -1.77 -17.21
C ASP S 51 63.58 -1.81 -16.53
N HIS S 52 62.50 -1.78 -17.32
CA HIS S 52 61.17 -1.56 -16.77
C HIS S 52 60.68 -2.77 -15.98
N MET S 53 60.91 -3.98 -16.50
CA MET S 53 60.62 -5.15 -15.68
C MET S 53 61.60 -5.25 -14.51
N ALA S 54 62.85 -4.84 -14.73
CA ALA S 54 63.81 -4.85 -13.64
C ALA S 54 63.42 -3.84 -12.58
N ASN S 55 63.07 -2.62 -12.99
CA ASN S 55 62.56 -1.67 -12.02
C ASN S 55 61.33 -2.22 -11.30
N LEU S 56 60.47 -2.92 -12.04
CA LEU S 56 59.24 -3.42 -11.45
C LEU S 56 59.54 -4.41 -10.33
N ILE S 57 60.58 -5.21 -10.51
CA ILE S 57 60.93 -6.18 -9.48
C ILE S 57 61.58 -5.47 -8.30
N VAL S 58 62.46 -4.50 -8.58
CA VAL S 58 62.99 -3.60 -7.55
C VAL S 58 61.87 -2.97 -6.73
N ALA S 59 60.77 -2.56 -7.38
CA ALA S 59 59.71 -1.89 -6.65
C ALA S 59 59.00 -2.83 -5.68
N GLN S 60 58.63 -4.02 -6.15
CA GLN S 60 57.99 -4.96 -5.22
C GLN S 60 58.96 -5.34 -4.12
N MET S 61 60.24 -5.25 -4.40
CA MET S 61 61.25 -5.65 -3.43
C MET S 61 61.34 -4.65 -2.28
N LEU S 62 61.51 -3.37 -2.60
CA LEU S 62 61.45 -2.32 -1.61
C LEU S 62 60.12 -2.33 -0.86
N PHE S 63 59.01 -2.44 -1.59
CA PHE S 63 57.68 -2.51 -0.97
C PHE S 63 57.61 -3.65 0.05
N LEU S 64 57.97 -4.86 -0.37
CA LEU S 64 57.96 -5.98 0.55
C LEU S 64 58.89 -5.72 1.74
N GLU S 65 60.02 -5.04 1.50
CA GLU S 65 60.89 -4.71 2.63
C GLU S 65 60.16 -3.86 3.66
N ALA S 66 59.25 -2.99 3.20
CA ALA S 66 58.49 -2.15 4.11
C ALA S 66 57.29 -2.88 4.70
N GLU S 67 56.72 -3.86 4.00
CA GLU S 67 55.66 -4.66 4.61
C GLU S 67 56.16 -5.28 5.91
N ASN S 68 57.41 -5.70 5.91
CA ASN S 68 58.06 -6.39 7.01
C ASN S 68 59.54 -6.47 6.71
N PRO S 69 60.39 -5.79 7.48
CA PRO S 69 61.82 -5.73 7.15
C PRO S 69 62.57 -7.05 7.31
N GLU S 70 61.99 -8.07 7.95
CA GLU S 70 62.78 -9.26 8.26
C GLU S 70 62.06 -10.57 7.96
N LYS S 71 60.90 -10.55 7.30
CA LYS S 71 60.33 -11.74 6.67
C LYS S 71 60.93 -11.92 5.28
N ASP S 72 61.06 -13.18 4.85
CA ASP S 72 61.84 -13.52 3.65
C ASP S 72 61.06 -13.23 2.36
N ILE S 73 61.78 -12.77 1.34
CA ILE S 73 61.24 -12.53 0.00
C ILE S 73 61.66 -13.68 -0.92
N TYR S 74 60.71 -14.17 -1.72
CA TYR S 74 60.94 -15.28 -2.65
C TYR S 74 60.85 -14.79 -4.10
N LEU S 75 61.97 -14.89 -4.82
CA LEU S 75 62.09 -14.44 -6.20
C LEU S 75 62.24 -15.66 -7.11
N TYR S 76 61.21 -15.94 -7.91
CA TYR S 76 61.30 -16.98 -8.93
C TYR S 76 62.01 -16.43 -10.16
N ILE S 77 62.95 -17.19 -10.71
CA ILE S 77 63.64 -16.78 -11.93
C ILE S 77 63.32 -17.77 -13.04
N ASN S 78 62.80 -17.25 -14.17
CA ASN S 78 62.64 -17.99 -15.43
C ASN S 78 62.96 -16.98 -16.54
N SER S 79 64.23 -16.95 -16.97
CA SER S 79 64.70 -15.85 -17.84
C SER S 79 65.82 -16.35 -18.75
N PRO S 80 65.88 -15.88 -19.99
CA PRO S 80 67.08 -16.15 -20.82
C PRO S 80 68.27 -15.28 -20.46
N GLY S 81 68.09 -14.32 -19.56
CA GLY S 81 69.08 -13.29 -19.37
C GLY S 81 68.61 -11.94 -19.86
N GLY S 82 69.55 -11.12 -20.33
CA GLY S 82 69.23 -9.76 -20.71
C GLY S 82 70.23 -8.70 -20.30
N VAL S 83 69.76 -7.48 -20.06
CA VAL S 83 70.64 -6.31 -20.02
C VAL S 83 71.36 -6.27 -18.69
N ILE S 84 72.68 -6.12 -18.73
CA ILE S 84 73.50 -6.29 -17.53
C ILE S 84 73.16 -5.23 -16.48
N THR S 85 73.18 -3.94 -16.86
CA THR S 85 72.95 -2.91 -15.86
C THR S 85 71.56 -3.05 -15.24
N ALA S 86 70.56 -3.48 -16.01
CA ALA S 86 69.23 -3.69 -15.44
C ALA S 86 69.23 -4.83 -14.45
N GLY S 87 70.05 -5.86 -14.70
CA GLY S 87 70.23 -6.92 -13.71
C GLY S 87 70.93 -6.42 -12.45
N MET S 88 71.99 -5.64 -12.62
CA MET S 88 72.75 -5.16 -11.47
C MET S 88 71.86 -4.36 -10.51
N SER S 89 70.89 -3.61 -11.05
CA SER S 89 69.96 -2.89 -10.17
C SER S 89 69.07 -3.86 -9.37
N ILE S 90 68.73 -5.02 -9.95
CA ILE S 90 68.03 -6.02 -9.14
C ILE S 90 69.00 -6.68 -8.16
N TYR S 91 70.25 -6.87 -8.60
CA TYR S 91 71.25 -7.45 -7.71
C TYR S 91 71.49 -6.58 -6.49
N ASP S 92 71.86 -5.31 -6.72
CA ASP S 92 72.22 -4.44 -5.61
C ASP S 92 71.02 -4.20 -4.69
N THR S 93 69.82 -4.10 -5.26
CA THR S 93 68.64 -4.04 -4.41
C THR S 93 68.55 -5.27 -3.51
N MET S 94 68.69 -6.48 -4.09
CA MET S 94 68.64 -7.70 -3.28
C MET S 94 69.62 -7.67 -2.10
N GLN S 95 70.84 -7.15 -2.32
CA GLN S 95 71.82 -7.09 -1.23
C GLN S 95 71.50 -5.97 -0.25
N PHE S 96 71.00 -4.84 -0.74
CA PHE S 96 70.75 -3.68 0.11
C PHE S 96 69.58 -3.92 1.07
N ILE S 97 68.45 -4.36 0.54
CA ILE S 97 67.26 -4.49 1.38
C ILE S 97 67.53 -5.49 2.49
N LYS S 98 66.95 -5.24 3.65
CA LYS S 98 67.21 -6.10 4.80
C LYS S 98 66.75 -7.54 4.60
N PRO S 99 65.53 -7.82 4.12
CA PRO S 99 65.11 -9.23 4.00
C PRO S 99 66.08 -10.05 3.16
N ASP S 100 66.16 -11.34 3.51
CA ASP S 100 66.75 -12.32 2.61
C ASP S 100 65.91 -12.44 1.35
N VAL S 101 66.55 -12.50 0.19
CA VAL S 101 65.90 -12.87 -1.05
C VAL S 101 66.31 -14.30 -1.38
N SER S 102 65.39 -15.22 -1.20
CA SER S 102 65.59 -16.60 -1.65
C SER S 102 65.19 -16.71 -3.11
N THR S 103 66.05 -17.32 -3.92
CA THR S 103 65.81 -17.49 -5.34
C THR S 103 65.33 -18.91 -5.62
N ILE S 104 64.49 -19.04 -6.65
CA ILE S 104 63.94 -20.31 -7.10
C ILE S 104 63.97 -20.33 -8.63
N CYS S 105 64.82 -21.18 -9.20
CA CYS S 105 64.82 -21.38 -10.64
C CYS S 105 63.70 -22.31 -11.04
N MET S 106 62.96 -21.92 -12.06
CA MET S 106 62.05 -22.80 -12.76
C MET S 106 62.30 -22.63 -14.24
N GLY S 107 62.32 -23.73 -14.97
CA GLY S 107 62.48 -23.60 -16.41
C GLY S 107 63.92 -23.36 -16.78
N GLN S 108 64.37 -22.12 -16.71
CA GLN S 108 65.77 -21.83 -16.93
C GLN S 108 66.18 -20.52 -16.25
N ALA S 109 67.47 -20.37 -16.07
CA ALA S 109 68.06 -19.14 -15.57
C ALA S 109 69.38 -19.00 -16.30
N ALA S 110 69.41 -18.19 -17.35
CA ALA S 110 70.57 -18.12 -18.21
C ALA S 110 71.22 -16.75 -18.11
N SER S 111 72.55 -16.73 -18.23
CA SER S 111 73.28 -15.47 -18.25
C SER S 111 72.92 -14.62 -17.03
N MET S 112 72.44 -13.40 -17.22
CA MET S 112 72.13 -12.57 -16.05
C MET S 112 71.10 -13.25 -15.16
N GLY S 113 70.23 -14.09 -15.72
CA GLY S 113 69.32 -14.86 -14.89
C GLY S 113 70.03 -15.90 -14.03
N ALA S 114 71.14 -16.46 -14.52
CA ALA S 114 71.97 -17.28 -13.65
C ALA S 114 72.57 -16.43 -12.55
N PHE S 115 73.15 -15.28 -12.92
CA PHE S 115 73.74 -14.37 -11.95
C PHE S 115 72.75 -14.01 -10.85
N LEU S 116 71.54 -13.61 -11.21
CA LEU S 116 70.55 -13.31 -10.19
C LEU S 116 70.11 -14.54 -9.41
N LEU S 117 70.16 -15.72 -10.04
CA LEU S 117 69.90 -16.96 -9.30
C LEU S 117 70.92 -17.15 -8.18
N THR S 118 72.20 -16.96 -8.50
CA THR S 118 73.28 -17.24 -7.57
C THR S 118 73.41 -16.17 -6.49
N ALA S 119 72.80 -15.01 -6.69
CA ALA S 119 72.87 -13.90 -5.75
C ALA S 119 71.92 -14.04 -4.57
N GLY S 120 71.01 -15.02 -4.60
CA GLY S 120 70.11 -15.23 -3.49
C GLY S 120 70.86 -15.55 -2.20
N ALA S 121 70.12 -15.46 -1.09
CA ALA S 121 70.73 -15.63 0.22
C ALA S 121 71.39 -16.99 0.34
N LYS S 122 72.66 -16.99 0.76
CA LYS S 122 73.42 -18.23 0.92
C LYS S 122 72.58 -19.24 1.68
N GLY S 123 72.46 -20.45 1.13
CA GLY S 123 71.60 -21.46 1.70
C GLY S 123 70.13 -21.36 1.32
N LYS S 124 69.72 -20.28 0.64
CA LYS S 124 68.32 -20.07 0.27
C LYS S 124 68.11 -20.08 -1.24
N ARG S 125 69.00 -20.72 -2.00
CA ARG S 125 68.97 -20.74 -3.46
C ARG S 125 68.61 -22.14 -3.94
N PHE S 126 67.47 -22.26 -4.64
CA PHE S 126 66.93 -23.55 -5.07
C PHE S 126 66.69 -23.59 -6.58
N CYS S 127 67.01 -24.74 -7.17
CA CYS S 127 66.60 -25.13 -8.50
C CYS S 127 65.40 -26.07 -8.40
N LEU S 128 64.57 -26.08 -9.42
CA LEU S 128 63.69 -27.22 -9.55
C LEU S 128 64.39 -28.31 -10.34
N PRO S 129 63.97 -29.57 -10.15
CA PRO S 129 64.75 -30.69 -10.73
C PRO S 129 65.07 -30.55 -12.20
N ASN S 130 64.12 -30.09 -13.03
CA ASN S 130 64.33 -30.08 -14.46
C ASN S 130 64.62 -28.69 -15.02
N SER S 131 64.75 -27.68 -14.16
CA SER S 131 65.30 -26.42 -14.60
C SER S 131 66.74 -26.62 -15.02
N ARG S 132 67.26 -25.67 -15.79
CA ARG S 132 68.67 -25.68 -16.13
C ARG S 132 69.22 -24.27 -16.07
N VAL S 133 70.53 -24.18 -16.12
CA VAL S 133 71.24 -22.93 -15.93
C VAL S 133 72.28 -22.82 -17.04
N MET S 134 72.47 -21.61 -17.56
CA MET S 134 73.56 -21.31 -18.48
C MET S 134 74.32 -20.09 -18.00
N ILE S 135 75.65 -20.14 -18.12
CA ILE S 135 76.52 -19.06 -17.71
C ILE S 135 77.45 -18.73 -18.85
N HIS S 136 77.74 -17.45 -19.05
CA HIS S 136 78.76 -17.04 -20.01
C HIS S 136 79.16 -15.59 -19.71
N GLN S 137 80.15 -15.14 -20.47
CA GLN S 137 80.73 -13.82 -20.36
C GLN S 137 79.84 -12.77 -21.04
N PRO S 138 80.06 -11.48 -20.75
CA PRO S 138 79.15 -10.45 -21.26
C PRO S 138 79.14 -10.41 -22.79
N LEU S 139 77.97 -10.11 -23.33
CA LEU S 139 77.80 -9.82 -24.75
C LEU S 139 77.60 -8.31 -24.92
N GLY S 140 78.24 -7.76 -25.94
CA GLY S 140 78.09 -6.34 -26.15
C GLY S 140 78.34 -5.96 -27.59
N GLY S 141 78.20 -4.68 -27.87
CA GLY S 141 78.46 -4.17 -29.20
C GLY S 141 78.52 -2.67 -29.21
N TYR S 142 79.31 -2.12 -30.13
CA TYR S 142 79.43 -0.68 -30.25
C TYR S 142 79.89 -0.37 -31.66
N GLN S 143 79.53 0.82 -32.12
CA GLN S 143 80.01 1.29 -33.42
C GLN S 143 80.42 2.75 -33.27
N GLY S 144 81.63 3.05 -33.71
CA GLY S 144 82.03 4.45 -33.76
C GLY S 144 83.50 4.61 -34.09
N GLN S 145 84.08 5.69 -33.57
CA GLN S 145 85.47 5.99 -33.80
C GLN S 145 86.33 5.05 -32.96
N ALA S 146 87.55 4.81 -33.44
CA ALA S 146 88.47 3.94 -32.70
C ALA S 146 88.61 4.40 -31.26
N THR S 147 88.75 5.71 -31.02
CA THR S 147 88.91 6.17 -29.66
C THR S 147 87.70 5.79 -28.80
N ASP S 148 86.50 5.92 -29.36
CA ASP S 148 85.32 5.53 -28.61
C ASP S 148 85.24 4.03 -28.49
N ILE S 149 85.67 3.31 -29.53
CA ILE S 149 85.68 1.84 -29.48
C ILE S 149 86.58 1.36 -28.37
N GLU S 150 87.79 1.92 -28.31
CA GLU S 150 88.70 1.64 -27.20
C GLU S 150 88.03 1.88 -25.86
N ILE S 151 87.34 3.02 -25.71
CA ILE S 151 86.69 3.35 -24.44
C ILE S 151 85.69 2.26 -24.06
N HIS S 152 84.86 1.83 -25.01
CA HIS S 152 83.74 0.94 -24.68
C HIS S 152 84.19 -0.51 -24.57
N ALA S 153 85.24 -0.87 -25.31
CA ALA S 153 85.91 -2.14 -25.07
C ALA S 153 86.52 -2.17 -23.66
N ARG S 154 87.17 -1.08 -23.24
CA ARG S 154 87.64 -1.03 -21.85
C ARG S 154 86.51 -1.34 -20.89
N GLU S 155 85.36 -0.72 -21.11
CA GLU S 155 84.34 -0.78 -20.07
C GLU S 155 83.73 -2.17 -20.01
N ILE S 156 83.44 -2.79 -21.18
CA ILE S 156 82.87 -4.15 -21.20
C ILE S 156 83.83 -5.13 -20.52
N LEU S 157 85.13 -4.95 -20.72
CA LEU S 157 86.10 -5.81 -20.05
C LEU S 157 86.05 -5.63 -18.54
N LYS S 158 85.98 -4.38 -18.07
CA LYS S 158 85.77 -4.13 -16.64
C LYS S 158 84.52 -4.85 -16.14
N VAL S 159 83.42 -4.74 -16.89
CA VAL S 159 82.17 -5.39 -16.48
C VAL S 159 82.38 -6.89 -16.37
N LYS S 160 83.01 -7.50 -17.39
CA LYS S 160 83.33 -8.91 -17.32
C LYS S 160 84.07 -9.25 -16.04
N GLY S 161 85.04 -8.41 -15.67
CA GLY S 161 85.75 -8.54 -14.42
C GLY S 161 84.82 -8.63 -13.24
N ARG S 162 83.98 -7.61 -13.03
CA ARG S 162 83.14 -7.58 -11.84
C ARG S 162 82.19 -8.78 -11.80
N MET S 163 81.64 -9.19 -12.95
CA MET S 163 80.73 -10.33 -12.97
C MET S 163 81.47 -11.62 -12.63
N ASN S 164 82.64 -11.81 -13.24
CA ASN S 164 83.48 -12.93 -12.87
C ASN S 164 83.86 -12.86 -11.39
N GLU S 165 84.10 -11.65 -10.88
CA GLU S 165 84.38 -11.47 -9.45
C GLU S 165 83.20 -11.90 -8.60
N LEU S 166 82.00 -11.37 -8.90
CA LEU S 166 80.83 -11.65 -8.07
C LEU S 166 80.33 -13.09 -8.26
N MET S 167 80.55 -13.68 -9.44
CA MET S 167 80.15 -15.07 -9.63
C MET S 167 81.01 -15.99 -8.76
N ALA S 168 82.33 -15.78 -8.78
CA ALA S 168 83.23 -16.52 -7.89
C ALA S 168 82.79 -16.39 -6.44
N LEU S 169 82.19 -15.25 -6.09
CA LEU S 169 81.89 -14.95 -4.70
C LEU S 169 80.71 -15.75 -4.19
N HIS S 170 79.65 -15.87 -4.99
CA HIS S 170 78.42 -16.51 -4.56
C HIS S 170 78.45 -18.02 -4.74
N THR S 171 79.26 -18.52 -5.67
CA THR S 171 79.36 -19.96 -5.86
C THR S 171 80.48 -20.59 -5.05
N GLY S 172 81.48 -19.80 -4.66
CA GLY S 172 82.65 -20.32 -4.00
C GLY S 172 83.75 -20.73 -4.95
N GLN S 173 83.43 -20.96 -6.21
CA GLN S 173 84.45 -21.28 -7.21
C GLN S 173 85.57 -20.24 -7.20
N SER S 174 86.73 -20.62 -7.73
CA SER S 174 87.81 -19.66 -7.86
C SER S 174 87.51 -18.69 -8.99
N LEU S 175 88.25 -17.58 -9.00
CA LEU S 175 88.17 -16.63 -10.10
C LEU S 175 88.53 -17.29 -11.42
N GLU S 176 89.60 -18.09 -11.42
CA GLU S 176 90.08 -18.68 -12.67
C GLU S 176 89.13 -19.75 -13.19
N GLN S 177 88.49 -20.49 -12.28
CA GLN S 177 87.47 -21.45 -12.67
C GLN S 177 86.32 -20.74 -13.36
N ILE S 178 85.79 -19.69 -12.71
CA ILE S 178 84.65 -18.96 -13.24
C ILE S 178 85.00 -18.38 -14.61
N GLU S 179 86.15 -17.68 -14.69
CA GLU S 179 86.67 -17.26 -15.99
C GLU S 179 86.61 -18.38 -17.01
N ARG S 180 87.09 -19.57 -16.61
CA ARG S 180 87.24 -20.68 -17.55
C ARG S 180 85.90 -21.24 -17.99
N ASP S 181 84.87 -21.20 -17.13
CA ASP S 181 83.57 -21.78 -17.47
C ASP S 181 82.60 -20.78 -18.08
N THR S 182 83.00 -19.50 -18.20
CA THR S 182 82.18 -18.49 -18.83
C THR S 182 82.75 -17.96 -20.12
N GLU S 183 83.97 -18.33 -20.50
CA GLU S 183 84.52 -17.90 -21.79
C GLU S 183 83.64 -18.34 -22.95
N ARG S 184 82.96 -19.47 -22.83
CA ARG S 184 81.94 -19.90 -23.77
C ARG S 184 80.73 -20.37 -22.98
N ASP S 185 79.63 -20.62 -23.68
CA ASP S 185 78.42 -21.04 -22.99
C ASP S 185 78.64 -22.34 -22.24
N ARG S 186 78.05 -22.43 -21.06
CA ARG S 186 78.15 -23.63 -20.22
C ARG S 186 76.78 -23.87 -19.61
N PHE S 187 76.20 -25.03 -19.86
CA PHE S 187 74.95 -25.37 -19.20
C PHE S 187 75.22 -26.18 -17.93
N LEU S 188 74.22 -26.17 -17.05
CA LEU S 188 74.28 -26.90 -15.79
C LEU S 188 72.89 -27.46 -15.53
N SER S 189 72.80 -28.77 -15.31
CA SER S 189 71.55 -29.31 -14.76
C SER S 189 71.40 -28.87 -13.31
N ALA S 190 70.22 -29.15 -12.73
CA ALA S 190 70.01 -28.82 -11.33
C ALA S 190 71.05 -29.48 -10.40
N PRO S 191 71.43 -30.76 -10.60
CA PRO S 191 72.51 -31.31 -9.76
C PRO S 191 73.85 -30.65 -9.98
N GLU S 192 74.26 -30.48 -11.25
CA GLU S 192 75.50 -29.75 -11.52
C GLU S 192 75.47 -28.35 -10.93
N ALA S 193 74.31 -27.70 -10.94
CA ALA S 193 74.21 -26.36 -10.37
C ALA S 193 74.44 -26.40 -8.86
N VAL S 194 73.87 -27.41 -8.19
CA VAL S 194 74.09 -27.56 -6.75
C VAL S 194 75.56 -27.80 -6.47
N GLU S 195 76.17 -28.74 -7.21
CA GLU S 195 77.57 -29.05 -7.02
C GLU S 195 78.49 -27.92 -7.47
N TYR S 196 78.01 -27.00 -8.31
CA TYR S 196 78.87 -25.92 -8.76
C TYR S 196 78.93 -24.77 -7.77
N GLY S 197 78.00 -24.72 -6.81
CA GLY S 197 77.89 -23.57 -5.93
C GLY S 197 76.86 -22.54 -6.36
N LEU S 198 76.23 -22.73 -7.52
CA LEU S 198 75.26 -21.76 -8.01
C LEU S 198 73.99 -21.77 -7.16
N VAL S 199 73.54 -22.95 -6.78
CA VAL S 199 72.36 -23.09 -5.94
C VAL S 199 72.68 -24.07 -4.82
N ASP S 200 71.92 -23.97 -3.74
CA ASP S 200 72.24 -24.74 -2.54
C ASP S 200 71.61 -26.14 -2.55
N SER S 201 70.35 -26.27 -2.95
CA SER S 201 69.76 -27.60 -3.07
C SER S 201 68.64 -27.55 -4.12
N ILE S 202 67.82 -28.58 -4.14
CA ILE S 202 66.85 -28.79 -5.20
C ILE S 202 65.51 -29.11 -4.54
N LEU S 203 64.57 -28.17 -4.63
CA LEU S 203 63.19 -28.49 -4.34
C LEU S 203 62.71 -29.58 -5.28
N THR S 204 61.92 -30.53 -4.78
CA THR S 204 61.31 -31.55 -5.63
C THR S 204 59.81 -31.70 -5.37
N HIS S 205 59.43 -31.93 -4.12
CA HIS S 205 58.03 -32.07 -3.72
C HIS S 205 57.82 -31.26 -2.46
N ARG S 206 56.74 -30.48 -2.41
CA ARG S 206 56.56 -29.61 -1.26
C ARG S 206 56.15 -30.43 -0.04
N ASN S 207 56.71 -30.04 1.11
CA ASN S 207 56.29 -30.56 2.39
C ASN S 207 54.78 -30.44 2.60
N VAL T 17 36.75 -11.51 -23.13
CA VAL T 17 36.41 -12.31 -21.95
C VAL T 17 35.14 -11.76 -21.31
N PRO T 18 34.22 -12.66 -20.87
CA PRO T 18 32.96 -12.19 -20.24
C PRO T 18 33.06 -12.11 -18.73
N MET T 19 31.97 -11.73 -18.07
CA MET T 19 31.94 -11.56 -16.61
C MET T 19 30.87 -12.42 -15.97
N PHE T 31 34.56 -10.44 -11.44
CA PHE T 31 34.94 -11.75 -11.93
C PHE T 31 34.88 -11.76 -13.46
N ASP T 32 35.75 -12.56 -14.06
CA ASP T 32 35.65 -12.92 -15.47
C ASP T 32 35.57 -14.44 -15.56
N ILE T 33 35.41 -14.96 -16.79
CA ILE T 33 35.03 -16.36 -16.95
C ILE T 33 36.15 -17.29 -16.47
N TYR T 34 37.41 -16.96 -16.77
CA TYR T 34 38.51 -17.81 -16.34
C TYR T 34 38.75 -17.70 -14.84
N SER T 35 38.69 -16.48 -14.30
CA SER T 35 38.80 -16.31 -12.86
C SER T 35 37.67 -17.03 -12.14
N ARG T 36 36.46 -16.97 -12.68
CA ARG T 36 35.34 -17.68 -12.07
C ARG T 36 35.53 -19.19 -12.11
N LEU T 37 36.39 -19.70 -12.99
CA LEU T 37 36.73 -21.11 -12.98
C LEU T 37 37.94 -21.45 -12.12
N LEU T 38 38.83 -20.47 -11.87
CA LEU T 38 39.84 -20.68 -10.85
C LEU T 38 39.19 -20.84 -9.49
N LYS T 39 38.02 -20.23 -9.30
CA LYS T 39 37.21 -20.50 -8.11
C LYS T 39 37.03 -21.99 -7.89
N GLU T 40 37.03 -22.77 -8.98
CA GLU T 40 36.78 -24.21 -8.92
C GLU T 40 38.04 -25.03 -9.14
N ARG T 41 39.21 -24.42 -9.02
CA ARG T 41 40.50 -25.12 -9.14
C ARG T 41 40.69 -25.68 -10.56
N VAL T 42 40.49 -24.81 -11.54
CA VAL T 42 40.55 -25.17 -12.94
C VAL T 42 41.43 -24.16 -13.67
N ILE T 43 42.51 -24.63 -14.26
CA ILE T 43 43.41 -23.79 -15.02
C ILE T 43 43.34 -24.20 -16.48
N PHE T 44 43.49 -23.22 -17.38
CA PHE T 44 43.48 -23.46 -18.80
C PHE T 44 44.87 -23.22 -19.36
N LEU T 45 45.43 -24.22 -20.03
CA LEU T 45 46.64 -24.06 -20.81
C LEU T 45 46.22 -24.07 -22.28
N THR T 46 46.53 -23.00 -22.99
CA THR T 46 45.95 -22.79 -24.31
C THR T 46 46.97 -22.12 -25.23
N GLY T 47 47.15 -22.69 -26.41
CA GLY T 47 48.04 -22.08 -27.38
C GLY T 47 49.49 -22.43 -27.09
N GLN T 48 50.36 -21.62 -27.67
CA GLN T 48 51.79 -21.88 -27.58
C GLN T 48 52.27 -21.76 -26.13
N VAL T 49 53.10 -22.71 -25.72
CA VAL T 49 53.77 -22.66 -24.41
C VAL T 49 54.94 -21.70 -24.52
N GLU T 50 54.95 -20.68 -23.66
CA GLU T 50 56.06 -19.73 -23.60
C GLU T 50 56.16 -19.16 -22.18
N ASP T 51 57.27 -18.45 -21.93
CA ASP T 51 57.62 -17.91 -20.61
C ASP T 51 56.43 -17.30 -19.86
N HIS T 52 55.75 -16.34 -20.48
CA HIS T 52 54.78 -15.57 -19.73
C HIS T 52 53.46 -16.31 -19.56
N MET T 53 52.98 -17.02 -20.57
CA MET T 53 51.78 -17.80 -20.27
C MET T 53 52.11 -18.93 -19.30
N ALA T 54 53.31 -19.49 -19.37
CA ALA T 54 53.68 -20.53 -18.42
C ALA T 54 53.80 -19.97 -17.02
N ASN T 55 54.37 -18.76 -16.88
CA ASN T 55 54.40 -18.09 -15.59
C ASN T 55 52.99 -17.92 -15.03
N LEU T 56 51.99 -17.79 -15.90
CA LEU T 56 50.63 -17.61 -15.42
C LEU T 56 50.01 -18.91 -14.92
N ILE T 57 50.22 -20.03 -15.64
CA ILE T 57 49.81 -21.33 -15.10
C ILE T 57 50.47 -21.57 -13.74
N VAL T 58 51.77 -21.28 -13.63
CA VAL T 58 52.51 -21.55 -12.38
C VAL T 58 51.94 -20.75 -11.22
N ALA T 59 51.83 -19.43 -11.40
CA ALA T 59 51.22 -18.57 -10.41
C ALA T 59 49.88 -19.12 -9.94
N GLN T 60 49.09 -19.65 -10.89
CA GLN T 60 47.76 -20.14 -10.57
C GLN T 60 47.81 -21.44 -9.77
N MET T 61 48.74 -22.34 -10.09
CA MET T 61 48.85 -23.55 -9.27
C MET T 61 49.37 -23.21 -7.87
N LEU T 62 50.38 -22.34 -7.79
CA LEU T 62 50.85 -21.89 -6.47
C LEU T 62 49.71 -21.32 -5.66
N PHE T 63 48.83 -20.56 -6.31
CA PHE T 63 47.70 -19.93 -5.63
C PHE T 63 46.72 -20.96 -5.06
N LEU T 64 46.20 -21.85 -5.91
CA LEU T 64 45.22 -22.83 -5.44
C LEU T 64 45.81 -23.76 -4.39
N GLU T 65 47.11 -24.03 -4.48
CA GLU T 65 47.78 -24.83 -3.45
C GLU T 65 47.65 -24.17 -2.09
N ALA T 66 48.04 -22.89 -2.00
CA ALA T 66 47.86 -22.14 -0.77
C ALA T 66 46.41 -22.22 -0.27
N GLU T 67 45.44 -22.05 -1.18
CA GLU T 67 44.04 -22.08 -0.80
C GLU T 67 43.56 -23.47 -0.38
N ASN T 68 44.37 -24.51 -0.61
CA ASN T 68 44.01 -25.89 -0.35
C ASN T 68 45.09 -26.81 -0.91
N PRO T 69 46.00 -27.34 -0.08
CA PRO T 69 47.01 -28.26 -0.60
C PRO T 69 46.51 -29.68 -0.75
N GLU T 70 45.22 -29.91 -0.50
CA GLU T 70 44.63 -31.24 -0.54
C GLU T 70 43.63 -31.42 -1.67
N LYS T 71 42.99 -30.35 -2.12
CA LYS T 71 41.98 -30.43 -3.17
C LYS T 71 42.63 -30.40 -4.55
N ASP T 72 41.99 -31.09 -5.50
CA ASP T 72 42.58 -31.32 -6.81
C ASP T 72 42.66 -30.05 -7.64
N ILE T 73 43.68 -29.98 -8.49
CA ILE T 73 43.81 -28.98 -9.53
C ILE T 73 43.52 -29.64 -10.87
N TYR T 74 42.78 -28.93 -11.74
CA TYR T 74 42.44 -29.45 -13.06
C TYR T 74 43.06 -28.56 -14.12
N LEU T 75 43.98 -29.13 -14.91
CA LEU T 75 44.68 -28.43 -15.97
C LEU T 75 44.10 -28.87 -17.31
N TYR T 76 43.35 -28.00 -17.95
CA TYR T 76 42.87 -28.25 -19.31
C TYR T 76 43.95 -27.86 -20.31
N ILE T 77 44.30 -28.80 -21.18
CA ILE T 77 45.39 -28.59 -22.13
C ILE T 77 44.85 -28.66 -23.55
N ASN T 78 44.94 -27.55 -24.27
CA ASN T 78 44.74 -27.49 -25.71
C ASN T 78 45.87 -26.61 -26.25
N SER T 79 46.96 -27.24 -26.70
CA SER T 79 48.15 -26.49 -27.06
C SER T 79 48.94 -27.23 -28.11
N PRO T 80 49.55 -26.54 -29.07
CA PRO T 80 50.46 -27.19 -30.01
C PRO T 80 51.87 -27.39 -29.46
N GLY T 81 52.14 -27.01 -28.22
CA GLY T 81 53.47 -27.13 -27.68
C GLY T 81 54.17 -25.78 -27.61
N GLY T 82 55.49 -25.84 -27.55
CA GLY T 82 56.26 -24.61 -27.56
C GLY T 82 57.61 -24.78 -26.87
N VAL T 83 57.96 -23.76 -26.09
CA VAL T 83 59.32 -23.68 -25.54
C VAL T 83 59.45 -24.69 -24.41
N ILE T 84 60.51 -25.53 -24.48
CA ILE T 84 60.68 -26.60 -23.50
C ILE T 84 60.87 -26.04 -22.09
N THR T 85 61.85 -25.14 -21.91
CA THR T 85 62.09 -24.55 -20.59
C THR T 85 60.80 -23.97 -20.01
N ALA T 86 59.96 -23.38 -20.85
CA ALA T 86 58.69 -22.87 -20.34
C ALA T 86 57.77 -24.02 -19.95
N GLY T 87 57.79 -25.11 -20.73
CA GLY T 87 57.03 -26.27 -20.36
C GLY T 87 57.58 -26.90 -19.09
N MET T 88 58.90 -27.07 -19.03
CA MET T 88 59.50 -27.65 -17.83
C MET T 88 59.11 -26.86 -16.58
N SER T 89 58.99 -25.54 -16.71
CA SER T 89 58.63 -24.72 -15.56
C SER T 89 57.23 -25.05 -15.06
N ILE T 90 56.30 -25.35 -15.97
CA ILE T 90 55.00 -25.84 -15.52
C ILE T 90 55.17 -27.22 -14.91
N TYR T 91 55.99 -28.06 -15.53
CA TYR T 91 56.12 -29.45 -15.10
C TYR T 91 56.63 -29.53 -13.67
N ASP T 92 57.77 -28.89 -13.39
CA ASP T 92 58.32 -28.96 -12.05
C ASP T 92 57.35 -28.41 -11.03
N THR T 93 56.46 -27.50 -11.46
CA THR T 93 55.50 -26.96 -10.53
C THR T 93 54.41 -27.98 -10.20
N MET T 94 53.96 -28.75 -11.20
CA MET T 94 52.92 -29.74 -10.94
C MET T 94 53.40 -30.80 -9.95
N GLN T 95 54.61 -31.32 -10.17
CA GLN T 95 55.18 -32.30 -9.24
C GLN T 95 55.37 -31.70 -7.85
N PHE T 96 55.91 -30.48 -7.80
CA PHE T 96 56.31 -29.87 -6.53
C PHE T 96 55.13 -29.66 -5.59
N ILE T 97 54.07 -29.01 -6.08
CA ILE T 97 52.95 -28.66 -5.21
C ILE T 97 52.27 -29.91 -4.69
N LYS T 98 51.74 -29.80 -3.47
CA LYS T 98 51.09 -30.94 -2.81
C LYS T 98 49.95 -31.53 -3.63
N PRO T 99 48.89 -30.79 -3.99
CA PRO T 99 47.71 -31.44 -4.55
C PRO T 99 47.96 -32.02 -5.93
N ASP T 100 47.25 -33.10 -6.22
CA ASP T 100 47.28 -33.71 -7.54
C ASP T 100 46.87 -32.69 -8.60
N VAL T 101 47.62 -32.69 -9.71
CA VAL T 101 47.27 -31.91 -10.88
C VAL T 101 46.75 -32.90 -11.92
N SER T 102 45.42 -32.94 -12.03
CA SER T 102 44.76 -33.75 -13.04
C SER T 102 44.70 -32.96 -14.35
N THR T 103 45.00 -33.65 -15.46
CA THR T 103 45.14 -33.01 -16.76
C THR T 103 44.07 -33.52 -17.72
N ILE T 104 43.42 -32.61 -18.43
CA ILE T 104 42.38 -32.94 -19.37
C ILE T 104 42.73 -32.32 -20.71
N CYS T 105 42.98 -33.16 -21.71
CA CYS T 105 43.31 -32.70 -23.04
C CYS T 105 42.03 -32.54 -23.85
N MET T 106 41.79 -31.34 -24.34
CA MET T 106 40.71 -31.08 -25.29
C MET T 106 41.33 -30.53 -26.56
N GLY T 107 40.70 -30.83 -27.69
CA GLY T 107 41.22 -30.42 -28.96
C GLY T 107 42.51 -31.12 -29.34
N GLN T 108 43.65 -30.62 -28.86
CA GLN T 108 44.93 -31.22 -29.18
C GLN T 108 45.90 -31.03 -28.02
N ALA T 109 46.86 -31.95 -27.91
CA ALA T 109 48.03 -31.76 -27.05
C ALA T 109 49.24 -32.34 -27.79
N ALA T 110 50.11 -31.46 -28.27
CA ALA T 110 51.24 -31.88 -29.07
C ALA T 110 52.56 -31.40 -28.47
N SER T 111 53.59 -32.22 -28.63
CA SER T 111 54.92 -31.96 -28.11
C SER T 111 54.83 -31.63 -26.63
N MET T 112 55.34 -30.45 -26.22
CA MET T 112 55.24 -30.06 -24.82
C MET T 112 53.80 -30.05 -24.30
N GLY T 113 52.80 -29.90 -25.18
CA GLY T 113 51.43 -30.08 -24.74
C GLY T 113 51.15 -31.50 -24.32
N ALA T 114 51.59 -32.46 -25.11
CA ALA T 114 51.40 -33.87 -24.76
C ALA T 114 52.27 -34.26 -23.58
N PHE T 115 53.42 -33.60 -23.43
CA PHE T 115 54.26 -33.83 -22.27
C PHE T 115 53.54 -33.40 -20.99
N LEU T 116 53.14 -32.13 -20.92
CA LEU T 116 52.46 -31.65 -19.71
C LEU T 116 51.16 -32.42 -19.46
N LEU T 117 50.48 -32.88 -20.51
CA LEU T 117 49.28 -33.66 -20.33
C LEU T 117 49.58 -34.94 -19.57
N THR T 118 50.69 -35.61 -19.91
CA THR T 118 50.97 -36.89 -19.33
C THR T 118 51.73 -36.79 -18.00
N ALA T 119 52.10 -35.57 -17.62
CA ALA T 119 52.71 -35.33 -16.32
C ALA T 119 51.70 -35.24 -15.21
N GLY T 120 50.41 -35.15 -15.53
CA GLY T 120 49.40 -35.09 -14.49
C GLY T 120 49.44 -36.30 -13.58
N ALA T 121 48.79 -36.16 -12.43
CA ALA T 121 48.79 -37.22 -11.42
C ALA T 121 48.27 -38.53 -12.00
N LYS T 122 48.95 -39.62 -11.64
CA LYS T 122 48.59 -40.95 -12.13
C LYS T 122 47.13 -41.23 -11.83
N GLY T 123 46.43 -41.79 -12.82
CA GLY T 123 45.01 -42.02 -12.69
C GLY T 123 44.15 -40.83 -12.99
N LYS T 124 44.74 -39.65 -13.18
CA LYS T 124 44.00 -38.41 -13.28
C LYS T 124 44.30 -37.66 -14.58
N ARG T 125 44.85 -38.36 -15.58
CA ARG T 125 45.12 -37.83 -16.91
C ARG T 125 44.03 -38.28 -17.87
N PHE T 126 43.54 -37.35 -18.70
CA PHE T 126 42.24 -37.52 -19.36
C PHE T 126 42.23 -36.96 -20.78
N CYS T 127 41.52 -37.65 -21.67
CA CYS T 127 41.34 -37.26 -23.06
C CYS T 127 39.85 -37.17 -23.37
N LEU T 128 39.41 -36.05 -23.91
CA LEU T 128 38.12 -36.06 -24.57
C LEU T 128 38.21 -36.97 -25.80
N PRO T 129 37.08 -37.60 -26.19
CA PRO T 129 37.14 -38.62 -27.26
C PRO T 129 37.83 -38.18 -28.56
N ASN T 130 37.46 -37.03 -29.09
CA ASN T 130 38.02 -36.57 -30.35
C ASN T 130 39.23 -35.67 -30.18
N SER T 131 39.75 -35.57 -28.96
CA SER T 131 41.01 -34.86 -28.79
C SER T 131 42.12 -35.69 -29.43
N ARG T 132 43.21 -35.01 -29.78
CA ARG T 132 44.31 -35.68 -30.45
C ARG T 132 45.64 -35.27 -29.82
N VAL T 133 46.56 -36.21 -29.82
CA VAL T 133 47.83 -36.02 -29.15
C VAL T 133 48.92 -36.22 -30.19
N MET T 134 50.02 -35.50 -30.04
CA MET T 134 51.16 -35.72 -30.93
C MET T 134 52.44 -35.62 -30.11
N ILE T 135 53.44 -36.44 -30.45
CA ILE T 135 54.72 -36.42 -29.77
C ILE T 135 55.84 -36.46 -30.80
N HIS T 136 56.96 -35.85 -30.47
CA HIS T 136 58.14 -35.96 -31.32
C HIS T 136 59.35 -35.47 -30.55
N GLN T 137 60.40 -35.11 -31.22
CA GLN T 137 61.59 -34.78 -30.47
C GLN T 137 61.79 -33.28 -30.39
N PRO T 138 62.67 -32.81 -29.47
CA PRO T 138 62.98 -31.38 -29.38
C PRO T 138 63.43 -30.77 -30.71
N LEU T 139 62.65 -29.80 -31.16
CA LEU T 139 63.05 -28.92 -32.24
C LEU T 139 63.98 -27.84 -31.70
N GLY T 140 65.00 -27.50 -32.49
CA GLY T 140 65.95 -26.53 -32.01
C GLY T 140 66.73 -25.89 -33.13
N GLY T 141 67.78 -25.17 -32.74
CA GLY T 141 68.71 -24.60 -33.69
C GLY T 141 69.62 -23.53 -33.13
N TYR T 142 70.87 -23.52 -33.58
CA TYR T 142 71.82 -22.50 -33.17
C TYR T 142 72.59 -22.04 -34.40
N GLN T 143 73.41 -21.01 -34.22
CA GLN T 143 74.16 -20.43 -35.33
C GLN T 143 75.40 -19.73 -34.77
N GLY T 144 76.57 -20.16 -35.19
CA GLY T 144 77.77 -19.53 -34.68
C GLY T 144 79.03 -20.26 -35.09
N GLN T 145 80.06 -20.12 -34.25
CA GLN T 145 81.32 -20.85 -34.38
C GLN T 145 81.12 -22.32 -34.05
N ALA T 146 81.89 -23.18 -34.72
CA ALA T 146 81.71 -24.62 -34.55
C ALA T 146 81.78 -25.03 -33.07
N THR T 147 82.73 -24.47 -32.30
CA THR T 147 82.87 -24.85 -30.89
C THR T 147 81.58 -24.62 -30.12
N ASP T 148 80.86 -23.55 -30.43
CA ASP T 148 79.60 -23.24 -29.75
C ASP T 148 78.45 -24.06 -30.28
N ILE T 149 78.40 -24.27 -31.60
CA ILE T 149 77.42 -25.19 -32.18
C ILE T 149 77.52 -26.54 -31.48
N GLU T 150 78.75 -27.02 -31.32
CA GLU T 150 79.02 -28.20 -30.51
C GLU T 150 78.36 -28.09 -29.14
N ILE T 151 78.62 -27.00 -28.42
CA ILE T 151 78.13 -26.85 -27.06
C ILE T 151 76.62 -26.97 -27.04
N HIS T 152 75.96 -26.24 -27.95
CA HIS T 152 74.51 -26.16 -27.89
C HIS T 152 73.85 -27.43 -28.42
N ALA T 153 74.54 -28.15 -29.28
CA ALA T 153 73.99 -29.40 -29.80
C ALA T 153 74.03 -30.48 -28.75
N ARG T 154 75.13 -30.58 -27.99
CA ARG T 154 75.17 -31.51 -26.86
C ARG T 154 74.03 -31.22 -25.91
N GLU T 155 73.75 -29.94 -25.66
CA GLU T 155 72.72 -29.62 -24.70
C GLU T 155 71.33 -30.02 -25.21
N ILE T 156 71.03 -29.81 -26.50
CA ILE T 156 69.70 -30.25 -26.95
C ILE T 156 69.63 -31.78 -26.90
N LEU T 157 70.76 -32.46 -27.10
CA LEU T 157 70.79 -33.91 -26.92
C LEU T 157 70.56 -34.30 -25.47
N LYS T 158 71.14 -33.55 -24.52
CA LYS T 158 70.82 -33.78 -23.11
C LYS T 158 69.35 -33.54 -22.84
N VAL T 159 68.80 -32.46 -23.39
CA VAL T 159 67.38 -32.16 -23.17
C VAL T 159 66.52 -33.30 -23.67
N LYS T 160 66.77 -33.75 -24.91
CA LYS T 160 65.97 -34.82 -25.50
C LYS T 160 66.05 -36.11 -24.69
N GLY T 161 67.27 -36.51 -24.30
CA GLY T 161 67.41 -37.67 -23.43
C GLY T 161 66.57 -37.54 -22.17
N ARG T 162 66.58 -36.35 -21.56
CA ARG T 162 65.81 -36.15 -20.34
C ARG T 162 64.31 -36.17 -20.59
N MET T 163 63.86 -35.46 -21.65
CA MET T 163 62.46 -35.50 -22.01
C MET T 163 62.00 -36.93 -22.24
N ASN T 164 62.87 -37.74 -22.86
CA ASN T 164 62.56 -39.14 -23.14
C ASN T 164 62.41 -39.95 -21.86
N GLU T 165 63.38 -39.82 -20.94
CA GLU T 165 63.29 -40.47 -19.63
C GLU T 165 62.03 -40.03 -18.88
N LEU T 166 61.85 -38.72 -18.73
CA LEU T 166 60.64 -38.20 -18.09
C LEU T 166 59.39 -38.75 -18.76
N MET T 167 59.43 -38.91 -20.08
CA MET T 167 58.27 -39.38 -20.83
C MET T 167 58.03 -40.87 -20.61
N ALA T 168 59.10 -41.67 -20.66
CA ALA T 168 59.02 -43.08 -20.31
C ALA T 168 58.53 -43.27 -18.89
N LEU T 169 59.06 -42.47 -17.96
CA LEU T 169 58.63 -42.55 -16.57
C LEU T 169 57.11 -42.38 -16.45
N HIS T 170 56.56 -41.31 -17.02
CA HIS T 170 55.15 -40.99 -16.83
C HIS T 170 54.20 -41.90 -17.61
N THR T 171 54.66 -42.52 -18.71
CA THR T 171 53.77 -43.31 -19.56
C THR T 171 53.85 -44.81 -19.32
N GLY T 172 54.92 -45.29 -18.70
CA GLY T 172 55.12 -46.70 -18.54
C GLY T 172 55.73 -47.37 -19.74
N GLN T 173 56.07 -46.61 -20.77
CA GLN T 173 56.77 -47.18 -21.90
C GLN T 173 58.24 -47.25 -21.60
N SER T 174 58.90 -48.24 -22.19
CA SER T 174 60.34 -48.31 -22.10
C SER T 174 60.96 -47.13 -22.85
N LEU T 175 62.15 -46.74 -22.39
CA LEU T 175 62.84 -45.59 -22.97
C LEU T 175 63.16 -45.81 -24.45
N GLU T 176 63.65 -47.00 -24.81
CA GLU T 176 63.91 -47.34 -26.22
C GLU T 176 62.69 -47.06 -27.10
N GLN T 177 61.49 -47.32 -26.58
CA GLN T 177 60.27 -47.08 -27.33
C GLN T 177 59.96 -45.59 -27.47
N ILE T 178 60.33 -44.81 -26.47
CA ILE T 178 60.10 -43.37 -26.53
C ILE T 178 61.01 -42.71 -27.57
N GLU T 179 62.31 -43.05 -27.56
CA GLU T 179 63.21 -42.54 -28.59
C GLU T 179 62.75 -42.98 -29.97
N ARG T 180 62.24 -44.20 -30.09
CA ARG T 180 61.82 -44.68 -31.41
C ARG T 180 60.54 -43.98 -31.86
N ASP T 181 59.57 -43.84 -30.96
CA ASP T 181 58.26 -43.35 -31.37
C ASP T 181 58.21 -41.83 -31.50
N THR T 182 59.25 -41.11 -31.09
CA THR T 182 59.26 -39.66 -31.19
C THR T 182 60.33 -39.14 -32.15
N GLU T 183 61.14 -40.03 -32.73
CA GLU T 183 62.13 -39.61 -33.70
C GLU T 183 61.48 -38.78 -34.82
N ARG T 184 60.25 -39.13 -35.19
CA ARG T 184 59.44 -38.29 -36.06
C ARG T 184 58.08 -38.07 -35.38
N ASP T 185 57.29 -37.17 -35.97
CA ASP T 185 55.95 -36.91 -35.46
C ASP T 185 55.16 -38.20 -35.33
N ARG T 186 54.53 -38.40 -34.19
CA ARG T 186 53.62 -39.51 -33.96
C ARG T 186 52.31 -38.95 -33.42
N PHE T 187 51.20 -39.30 -34.09
CA PHE T 187 49.87 -38.90 -33.66
C PHE T 187 49.21 -40.02 -32.89
N LEU T 188 48.52 -39.66 -31.81
CA LEU T 188 47.77 -40.61 -30.99
C LEU T 188 46.33 -40.18 -30.92
N SER T 189 45.42 -41.05 -31.36
CA SER T 189 44.01 -40.85 -31.04
C SER T 189 43.81 -40.97 -29.54
N ALA T 190 42.66 -40.51 -29.06
CA ALA T 190 42.39 -40.64 -27.64
C ALA T 190 42.52 -42.08 -27.15
N PRO T 191 41.84 -43.08 -27.73
CA PRO T 191 42.01 -44.45 -27.22
C PRO T 191 43.43 -44.94 -27.34
N GLU T 192 44.11 -44.58 -28.43
CA GLU T 192 45.52 -44.91 -28.54
C GLU T 192 46.34 -44.26 -27.43
N ALA T 193 46.00 -43.02 -27.08
CA ALA T 193 46.66 -42.35 -25.95
C ALA T 193 46.35 -43.01 -24.61
N VAL T 194 45.27 -43.78 -24.52
CA VAL T 194 45.09 -44.63 -23.35
C VAL T 194 46.00 -45.85 -23.45
N GLU T 195 45.96 -46.54 -24.60
CA GLU T 195 46.83 -47.70 -24.79
C GLU T 195 48.30 -47.34 -24.59
N TYR T 196 48.73 -46.17 -25.10
CA TYR T 196 50.12 -45.76 -24.94
C TYR T 196 50.49 -45.46 -23.49
N GLY T 197 49.51 -45.24 -22.63
CA GLY T 197 49.82 -44.77 -21.30
C GLY T 197 50.02 -43.27 -21.20
N LEU T 198 49.73 -42.52 -22.28
CA LEU T 198 49.85 -41.07 -22.19
C LEU T 198 48.81 -40.50 -21.24
N VAL T 199 47.57 -40.96 -21.39
CA VAL T 199 46.49 -40.68 -20.44
C VAL T 199 45.92 -41.99 -19.91
N ASP T 200 45.13 -41.87 -18.85
CA ASP T 200 44.55 -42.99 -18.12
C ASP T 200 43.19 -43.42 -18.68
N SER T 201 42.34 -42.47 -19.07
CA SER T 201 41.05 -42.84 -19.67
C SER T 201 40.49 -41.65 -20.43
N ILE T 202 39.25 -41.80 -20.90
CA ILE T 202 38.62 -40.93 -21.88
C ILE T 202 37.30 -40.42 -21.29
N LEU T 203 37.23 -39.13 -20.99
CA LEU T 203 35.96 -38.54 -20.55
C LEU T 203 35.00 -38.51 -21.72
N THR T 204 33.85 -39.17 -21.58
CA THR T 204 32.84 -39.20 -22.63
C THR T 204 31.62 -38.36 -22.27
N HIS T 205 30.89 -38.73 -21.21
CA HIS T 205 29.76 -37.96 -20.71
C HIS T 205 29.91 -37.81 -19.20
N ARG T 206 29.33 -36.75 -18.65
CA ARG T 206 29.57 -36.47 -17.24
C ARG T 206 28.65 -37.26 -16.35
N ASN T 207 29.16 -37.56 -15.16
CA ASN T 207 28.50 -38.35 -14.14
C ASN T 207 27.91 -37.47 -13.03
N VAL U 17 31.64 -2.32 -26.72
CA VAL U 17 31.68 -3.18 -25.54
C VAL U 17 30.64 -2.77 -24.45
N PRO U 18 29.36 -2.70 -24.85
CA PRO U 18 28.38 -2.00 -24.02
C PRO U 18 28.01 -2.78 -22.76
N PHE U 31 29.81 -5.25 -16.43
CA PHE U 31 28.83 -6.28 -16.78
C PHE U 31 28.22 -6.09 -18.18
N ASP U 32 28.90 -6.64 -19.19
CA ASP U 32 28.61 -6.35 -20.59
C ASP U 32 27.42 -7.15 -21.10
N ILE U 33 27.10 -6.92 -22.37
CA ILE U 33 25.94 -7.54 -23.00
C ILE U 33 26.07 -9.06 -23.04
N TYR U 34 27.29 -9.56 -23.26
CA TYR U 34 27.48 -11.01 -23.37
C TYR U 34 27.41 -11.67 -22.00
N SER U 35 28.03 -11.08 -20.98
CA SER U 35 27.89 -11.59 -19.61
C SER U 35 26.42 -11.55 -19.17
N ARG U 36 25.70 -10.52 -19.58
CA ARG U 36 24.26 -10.45 -19.30
C ARG U 36 23.52 -11.58 -19.99
N LEU U 37 23.76 -11.77 -21.29
CA LEU U 37 23.13 -12.86 -22.01
C LEU U 37 23.61 -14.22 -21.49
N LEU U 38 24.86 -14.32 -21.06
CA LEU U 38 25.35 -15.55 -20.43
C LEU U 38 24.56 -15.91 -19.17
N LYS U 39 23.85 -14.94 -18.57
CA LYS U 39 23.00 -15.25 -17.43
C LYS U 39 21.66 -15.85 -17.85
N GLU U 40 21.27 -15.69 -19.11
CA GLU U 40 20.22 -16.49 -19.72
C GLU U 40 20.75 -17.78 -20.34
N ARG U 41 21.99 -18.16 -19.99
CA ARG U 41 22.63 -19.37 -20.52
C ARG U 41 22.74 -19.33 -22.05
N VAL U 42 23.09 -18.17 -22.60
CA VAL U 42 23.33 -18.00 -24.02
C VAL U 42 24.83 -17.80 -24.25
N ILE U 43 25.40 -18.61 -25.14
CA ILE U 43 26.77 -18.47 -25.61
C ILE U 43 26.76 -18.09 -27.07
N PHE U 44 27.78 -17.34 -27.50
CA PHE U 44 27.90 -16.90 -28.89
C PHE U 44 29.19 -17.43 -29.49
N LEU U 45 29.05 -18.27 -30.53
CA LEU U 45 30.15 -18.68 -31.39
C LEU U 45 30.08 -17.85 -32.67
N THR U 46 31.04 -16.93 -32.83
CA THR U 46 30.99 -15.84 -33.79
C THR U 46 32.32 -15.77 -34.52
N GLY U 47 32.30 -15.95 -35.83
CA GLY U 47 33.50 -15.78 -36.61
C GLY U 47 34.42 -17.00 -36.57
N GLN U 48 35.63 -16.77 -37.04
CA GLN U 48 36.66 -17.80 -37.19
C GLN U 48 36.81 -18.64 -35.92
N VAL U 49 36.70 -19.96 -36.08
CA VAL U 49 37.03 -20.88 -34.99
C VAL U 49 38.55 -20.94 -34.85
N GLU U 50 39.05 -20.75 -33.62
CA GLU U 50 40.46 -20.89 -33.31
C GLU U 50 40.58 -21.12 -31.80
N ASP U 51 41.80 -21.44 -31.36
CA ASP U 51 42.01 -21.89 -29.98
C ASP U 51 41.41 -20.94 -28.95
N HIS U 52 41.62 -19.63 -29.13
CA HIS U 52 41.38 -18.73 -28.01
C HIS U 52 39.90 -18.44 -27.84
N MET U 53 39.20 -18.08 -28.92
CA MET U 53 37.75 -17.97 -28.84
C MET U 53 37.10 -19.30 -28.47
N ALA U 54 37.66 -20.42 -28.94
CA ALA U 54 37.13 -21.74 -28.58
C ALA U 54 37.28 -22.03 -27.09
N ASN U 55 38.42 -21.66 -26.51
CA ASN U 55 38.56 -21.83 -25.06
C ASN U 55 37.51 -21.01 -24.32
N LEU U 56 37.30 -19.77 -24.74
CA LEU U 56 36.21 -18.96 -24.20
C LEU U 56 34.87 -19.72 -24.21
N ILE U 57 34.54 -20.39 -25.32
CA ILE U 57 33.27 -21.12 -25.38
C ILE U 57 33.28 -22.32 -24.43
N VAL U 58 34.43 -22.98 -24.28
CA VAL U 58 34.47 -24.15 -23.40
C VAL U 58 34.33 -23.72 -21.95
N ALA U 59 34.95 -22.58 -21.60
CA ALA U 59 34.86 -22.06 -20.23
C ALA U 59 33.45 -21.61 -19.90
N GLN U 60 32.78 -20.94 -20.84
CA GLN U 60 31.40 -20.55 -20.61
C GLN U 60 30.51 -21.77 -20.41
N MET U 61 30.77 -22.82 -21.19
CA MET U 61 30.02 -24.08 -21.08
C MET U 61 30.29 -24.77 -19.73
N LEU U 62 31.54 -24.86 -19.30
CA LEU U 62 31.79 -25.48 -18.01
C LEU U 62 31.21 -24.66 -16.87
N PHE U 63 31.23 -23.32 -16.98
CA PHE U 63 30.61 -22.50 -15.96
C PHE U 63 29.09 -22.69 -15.94
N LEU U 64 28.46 -22.73 -17.11
CA LEU U 64 27.01 -22.88 -17.16
C LEU U 64 26.59 -24.25 -16.66
N GLU U 65 27.37 -25.29 -16.98
CA GLU U 65 27.13 -26.60 -16.38
C GLU U 65 27.25 -26.54 -14.87
N ALA U 66 28.34 -25.92 -14.37
CA ALA U 66 28.50 -25.76 -12.93
C ALA U 66 27.30 -25.05 -12.31
N GLU U 67 26.84 -23.97 -12.96
CA GLU U 67 25.74 -23.19 -12.44
C GLU U 67 24.48 -24.02 -12.28
N ASN U 68 24.14 -24.78 -13.30
CA ASN U 68 23.01 -25.69 -13.22
C ASN U 68 23.21 -26.75 -14.30
N PRO U 69 23.46 -28.00 -13.90
CA PRO U 69 23.77 -29.05 -14.89
C PRO U 69 22.58 -29.53 -15.70
N GLU U 70 21.34 -29.10 -15.40
CA GLU U 70 20.14 -29.63 -16.03
C GLU U 70 19.44 -28.67 -16.99
N LYS U 71 19.83 -27.40 -17.02
CA LYS U 71 19.21 -26.47 -17.94
C LYS U 71 19.98 -26.43 -19.25
N ASP U 72 19.24 -26.34 -20.35
CA ASP U 72 19.87 -26.27 -21.66
C ASP U 72 20.79 -25.06 -21.78
N ILE U 73 21.78 -25.19 -22.68
CA ILE U 73 22.66 -24.11 -23.06
C ILE U 73 22.40 -23.77 -24.52
N TYR U 74 22.31 -22.48 -24.83
CA TYR U 74 22.01 -22.02 -26.18
C TYR U 74 23.30 -21.49 -26.80
N LEU U 75 23.78 -22.20 -27.81
CA LEU U 75 24.94 -21.82 -28.59
C LEU U 75 24.44 -21.25 -29.92
N TYR U 76 24.60 -19.94 -30.11
CA TYR U 76 24.33 -19.29 -31.39
C TYR U 76 25.60 -19.35 -32.23
N ILE U 77 25.46 -19.68 -33.50
CA ILE U 77 26.62 -19.87 -34.35
C ILE U 77 26.49 -18.95 -35.54
N ASN U 78 27.53 -18.14 -35.77
CA ASN U 78 27.73 -17.37 -36.99
C ASN U 78 29.23 -17.42 -37.27
N SER U 79 29.65 -18.38 -38.12
CA SER U 79 31.06 -18.67 -38.27
C SER U 79 31.33 -19.19 -39.67
N PRO U 80 32.44 -18.78 -40.29
CA PRO U 80 32.85 -19.34 -41.57
C PRO U 80 33.62 -20.65 -41.46
N GLY U 81 33.83 -21.17 -40.25
CA GLY U 81 34.67 -22.32 -40.02
C GLY U 81 35.93 -21.95 -39.25
N GLY U 82 36.92 -22.82 -39.32
CA GLY U 82 38.16 -22.53 -38.61
C GLY U 82 38.97 -23.78 -38.33
N VAL U 83 39.87 -23.65 -37.35
CA VAL U 83 40.84 -24.69 -37.06
C VAL U 83 40.13 -25.91 -36.49
N ILE U 84 40.43 -27.09 -37.03
CA ILE U 84 39.66 -28.29 -36.74
C ILE U 84 39.82 -28.70 -35.28
N THR U 85 41.07 -28.75 -34.78
CA THR U 85 41.26 -29.16 -33.38
C THR U 85 40.62 -28.19 -32.41
N ALA U 86 40.63 -26.89 -32.72
CA ALA U 86 39.91 -25.92 -31.88
C ALA U 86 38.41 -26.16 -31.93
N GLY U 87 37.87 -26.50 -33.11
CA GLY U 87 36.47 -26.88 -33.19
C GLY U 87 36.16 -28.12 -32.37
N MET U 88 37.08 -29.09 -32.35
CA MET U 88 36.81 -30.34 -31.65
C MET U 88 36.81 -30.14 -30.13
N SER U 89 37.64 -29.24 -29.60
CA SER U 89 37.57 -28.91 -28.18
C SER U 89 36.16 -28.42 -27.80
N ILE U 90 35.54 -27.57 -28.62
CA ILE U 90 34.16 -27.19 -28.38
C ILE U 90 33.22 -28.37 -28.52
N TYR U 91 33.42 -29.20 -29.57
CA TYR U 91 32.56 -30.35 -29.82
C TYR U 91 32.54 -31.31 -28.63
N ASP U 92 33.72 -31.74 -28.20
CA ASP U 92 33.79 -32.71 -27.09
C ASP U 92 33.26 -32.13 -25.80
N THR U 93 33.31 -30.79 -25.64
CA THR U 93 32.71 -30.18 -24.45
C THR U 93 31.20 -30.26 -24.53
N MET U 94 30.64 -30.02 -25.70
CA MET U 94 29.19 -30.02 -25.85
C MET U 94 28.62 -31.37 -25.44
N GLN U 95 29.29 -32.45 -25.82
CA GLN U 95 28.82 -33.81 -25.56
C GLN U 95 29.09 -34.23 -24.12
N PHE U 96 30.27 -33.88 -23.60
CA PHE U 96 30.67 -34.29 -22.25
C PHE U 96 29.78 -33.68 -21.17
N ILE U 97 29.45 -32.39 -21.28
CA ILE U 97 28.70 -31.74 -20.21
C ILE U 97 27.26 -32.25 -20.19
N LYS U 98 26.66 -32.20 -19.00
CA LYS U 98 25.32 -32.73 -18.77
C LYS U 98 24.23 -31.96 -19.52
N PRO U 99 24.22 -30.62 -19.54
CA PRO U 99 23.15 -29.92 -20.25
C PRO U 99 23.13 -30.28 -21.74
N ASP U 100 21.92 -30.36 -22.28
CA ASP U 100 21.73 -30.29 -23.73
C ASP U 100 22.24 -28.95 -24.23
N VAL U 101 22.93 -28.96 -25.36
CA VAL U 101 23.34 -27.72 -26.01
C VAL U 101 22.47 -27.53 -27.25
N SER U 102 21.53 -26.60 -27.16
CA SER U 102 20.77 -26.21 -28.32
C SER U 102 21.66 -25.32 -29.19
N THR U 103 21.58 -25.50 -30.49
CA THR U 103 22.37 -24.72 -31.44
C THR U 103 21.43 -23.99 -32.37
N ILE U 104 21.73 -22.71 -32.60
CA ILE U 104 20.95 -21.79 -33.42
C ILE U 104 21.88 -21.18 -34.44
N CYS U 105 21.66 -21.45 -35.71
CA CYS U 105 22.47 -20.85 -36.75
C CYS U 105 21.86 -19.51 -37.18
N MET U 106 22.71 -18.50 -37.29
CA MET U 106 22.27 -17.17 -37.70
C MET U 106 23.32 -16.64 -38.67
N GLY U 107 22.88 -15.97 -39.71
CA GLY U 107 23.82 -15.58 -40.74
C GLY U 107 24.38 -16.76 -41.51
N GLN U 108 25.46 -17.37 -41.02
CA GLN U 108 26.02 -18.51 -41.71
C GLN U 108 26.66 -19.48 -40.73
N ALA U 109 26.80 -20.73 -41.18
CA ALA U 109 27.52 -21.79 -40.48
C ALA U 109 28.17 -22.64 -41.57
N ALA U 110 29.46 -22.40 -41.79
CA ALA U 110 30.20 -23.09 -42.85
C ALA U 110 31.30 -23.92 -42.21
N SER U 111 31.59 -25.06 -42.82
CA SER U 111 32.73 -25.92 -42.43
C SER U 111 32.56 -26.26 -40.94
N MET U 112 33.62 -26.18 -40.15
CA MET U 112 33.52 -26.52 -38.73
C MET U 112 32.31 -25.85 -38.09
N GLY U 113 31.92 -24.67 -38.59
CA GLY U 113 30.78 -23.98 -38.02
C GLY U 113 29.51 -24.79 -38.18
N ALA U 114 29.39 -25.48 -39.31
CA ALA U 114 28.26 -26.35 -39.57
C ALA U 114 28.39 -27.65 -38.77
N PHE U 115 29.61 -28.15 -38.65
CA PHE U 115 29.85 -29.34 -37.85
C PHE U 115 29.35 -29.14 -36.43
N LEU U 116 29.76 -28.03 -35.80
CA LEU U 116 29.32 -27.73 -34.43
C LEU U 116 27.82 -27.43 -34.38
N LEU U 117 27.23 -26.95 -35.46
CA LEU U 117 25.80 -26.67 -35.45
C LEU U 117 24.98 -27.96 -35.44
N THR U 118 25.35 -28.94 -36.26
CA THR U 118 24.64 -30.21 -36.26
C THR U 118 24.99 -31.07 -35.05
N ALA U 119 26.11 -30.75 -34.38
CA ALA U 119 26.48 -31.40 -33.13
C ALA U 119 25.53 -31.07 -31.98
N GLY U 120 24.73 -30.01 -32.08
CA GLY U 120 23.75 -29.71 -31.05
C GLY U 120 22.88 -30.88 -30.63
N ALA U 121 22.26 -30.79 -29.46
CA ALA U 121 21.42 -31.86 -28.97
C ALA U 121 20.21 -32.03 -29.87
N LYS U 122 19.89 -33.28 -30.19
CA LYS U 122 18.87 -33.61 -31.17
C LYS U 122 17.53 -32.97 -30.81
N GLY U 123 16.78 -32.56 -31.83
CA GLY U 123 15.56 -31.82 -31.63
C GLY U 123 15.75 -30.38 -31.21
N LYS U 124 16.99 -29.95 -30.94
CA LYS U 124 17.25 -28.61 -30.44
C LYS U 124 18.30 -27.90 -31.29
N ARG U 125 18.36 -28.25 -32.57
CA ARG U 125 19.23 -27.58 -33.53
C ARG U 125 18.38 -26.78 -34.50
N PHE U 126 18.75 -25.52 -34.73
CA PHE U 126 17.88 -24.58 -35.44
C PHE U 126 18.65 -23.73 -36.43
N CYS U 127 18.01 -23.46 -37.58
CA CYS U 127 18.40 -22.38 -38.48
C CYS U 127 17.35 -21.28 -38.42
N LEU U 128 17.79 -20.04 -38.51
CA LEU U 128 16.91 -18.93 -38.79
C LEU U 128 16.56 -18.95 -40.28
N PRO U 129 15.48 -18.28 -40.70
CA PRO U 129 14.96 -18.54 -42.05
C PRO U 129 15.95 -18.27 -43.16
N ASN U 130 16.78 -17.22 -43.07
CA ASN U 130 17.73 -16.89 -44.13
C ASN U 130 19.17 -17.14 -43.73
N SER U 131 19.41 -17.93 -42.70
CA SER U 131 20.76 -18.38 -42.47
C SER U 131 21.10 -19.44 -43.50
N ARG U 132 22.40 -19.70 -43.64
CA ARG U 132 22.86 -20.68 -44.62
C ARG U 132 23.93 -21.57 -44.00
N VAL U 133 24.05 -22.77 -44.53
CA VAL U 133 24.99 -23.77 -44.05
C VAL U 133 25.88 -24.20 -45.21
N MET U 134 27.16 -24.37 -44.94
CA MET U 134 28.06 -24.91 -45.94
C MET U 134 28.87 -26.00 -45.28
N ILE U 135 29.07 -27.10 -46.00
CA ILE U 135 29.87 -28.21 -45.53
C ILE U 135 30.90 -28.53 -46.59
N HIS U 136 31.99 -29.15 -46.15
CA HIS U 136 33.03 -29.64 -47.06
C HIS U 136 33.93 -30.61 -46.28
N GLN U 137 35.22 -30.68 -46.66
CA GLN U 137 36.14 -31.62 -46.04
C GLN U 137 37.32 -30.89 -45.36
N PRO U 138 38.13 -31.60 -44.58
CA PRO U 138 39.27 -30.95 -43.90
C PRO U 138 40.25 -30.35 -44.89
N LEU U 139 40.65 -29.12 -44.62
CA LEU U 139 41.76 -28.47 -45.30
C LEU U 139 42.99 -28.52 -44.40
N GLY U 140 44.16 -28.58 -45.02
CA GLY U 140 45.38 -28.64 -44.25
C GLY U 140 46.59 -28.46 -45.13
N GLY U 141 47.72 -28.88 -44.61
CA GLY U 141 48.92 -28.75 -45.40
C GLY U 141 50.23 -28.80 -44.66
N TYR U 142 51.08 -29.72 -45.04
CA TYR U 142 52.37 -29.89 -44.40
C TYR U 142 53.49 -29.62 -45.42
N GLN U 143 54.63 -29.15 -44.91
CA GLN U 143 55.84 -29.06 -45.71
C GLN U 143 56.97 -29.74 -44.95
N GLY U 144 57.78 -30.52 -45.66
CA GLY U 144 58.80 -31.28 -44.98
C GLY U 144 59.30 -32.42 -45.87
N GLN U 145 59.97 -33.36 -45.22
CA GLN U 145 60.48 -34.54 -45.92
C GLN U 145 59.32 -35.45 -46.28
N ALA U 146 59.54 -36.30 -47.30
CA ALA U 146 58.49 -37.21 -47.76
C ALA U 146 57.98 -38.11 -46.64
N THR U 147 58.86 -38.53 -45.72
CA THR U 147 58.41 -39.39 -44.62
C THR U 147 57.42 -38.66 -43.71
N ASP U 148 57.72 -37.42 -43.33
CA ASP U 148 56.80 -36.63 -42.51
C ASP U 148 55.53 -36.29 -43.28
N ILE U 149 55.65 -36.00 -44.58
CA ILE U 149 54.49 -35.72 -45.41
C ILE U 149 53.51 -36.89 -45.38
N GLU U 150 54.02 -38.12 -45.40
CA GLU U 150 53.12 -39.25 -45.32
C GLU U 150 52.52 -39.38 -43.93
N ILE U 151 53.30 -39.11 -42.89
CA ILE U 151 52.75 -39.14 -41.54
C ILE U 151 51.63 -38.13 -41.39
N HIS U 152 51.77 -36.96 -42.02
CA HIS U 152 50.77 -35.92 -41.84
C HIS U 152 49.59 -36.03 -42.79
N ALA U 153 49.81 -36.54 -44.00
CA ALA U 153 48.66 -36.85 -44.87
C ALA U 153 47.84 -38.00 -44.31
N ARG U 154 48.50 -39.06 -43.81
CA ARG U 154 47.76 -40.14 -43.16
C ARG U 154 46.92 -39.62 -42.01
N GLU U 155 47.45 -38.66 -41.25
CA GLU U 155 46.73 -38.16 -40.10
C GLU U 155 45.49 -37.38 -40.52
N ILE U 156 45.63 -36.48 -41.50
CA ILE U 156 44.49 -35.68 -41.92
C ILE U 156 43.45 -36.54 -42.63
N LEU U 157 43.85 -37.69 -43.19
CA LEU U 157 42.84 -38.60 -43.74
C LEU U 157 42.11 -39.34 -42.63
N LYS U 158 42.81 -39.74 -41.56
CA LYS U 158 42.12 -40.28 -40.39
C LYS U 158 41.16 -39.25 -39.83
N VAL U 159 41.63 -38.01 -39.64
CA VAL U 159 40.79 -36.92 -39.14
C VAL U 159 39.56 -36.76 -40.04
N LYS U 160 39.75 -36.90 -41.35
CA LYS U 160 38.63 -36.79 -42.27
C LYS U 160 37.64 -37.94 -42.09
N GLY U 161 38.14 -39.15 -41.81
CA GLY U 161 37.24 -40.26 -41.52
C GLY U 161 36.37 -39.97 -40.31
N ARG U 162 37.01 -39.60 -39.20
CA ARG U 162 36.26 -39.31 -37.99
C ARG U 162 35.26 -38.20 -38.23
N MET U 163 35.68 -37.14 -38.94
CA MET U 163 34.77 -36.03 -39.19
C MET U 163 33.51 -36.52 -39.87
N ASN U 164 33.69 -37.34 -40.91
CA ASN U 164 32.54 -37.82 -41.67
C ASN U 164 31.70 -38.78 -40.82
N GLU U 165 32.35 -39.62 -40.02
CA GLU U 165 31.64 -40.52 -39.11
C GLU U 165 30.71 -39.75 -38.17
N LEU U 166 31.27 -38.75 -37.48
CA LEU U 166 30.47 -37.97 -36.55
C LEU U 166 29.37 -37.25 -37.28
N MET U 167 29.67 -36.71 -38.46
CA MET U 167 28.68 -35.96 -39.21
C MET U 167 27.54 -36.87 -39.63
N ALA U 168 27.85 -38.10 -40.05
CA ALA U 168 26.80 -39.07 -40.37
C ALA U 168 25.97 -39.40 -39.14
N LEU U 169 26.65 -39.67 -38.03
CA LEU U 169 25.95 -39.91 -36.78
C LEU U 169 24.92 -38.83 -36.48
N HIS U 170 25.33 -37.55 -36.54
CA HIS U 170 24.46 -36.45 -36.12
C HIS U 170 23.39 -36.09 -37.14
N THR U 171 23.56 -36.47 -38.41
CA THR U 171 22.56 -36.15 -39.43
C THR U 171 21.65 -37.32 -39.74
N GLY U 172 22.06 -38.54 -39.44
CA GLY U 172 21.31 -39.68 -39.86
C GLY U 172 21.51 -40.05 -41.30
N GLN U 173 22.43 -39.40 -42.00
CA GLN U 173 22.85 -39.86 -43.32
C GLN U 173 23.87 -40.99 -43.16
N SER U 174 24.04 -41.77 -44.22
CA SER U 174 25.09 -42.78 -44.16
C SER U 174 26.48 -42.14 -44.26
N LEU U 175 27.47 -42.85 -43.71
CA LEU U 175 28.86 -42.52 -43.94
C LEU U 175 29.12 -42.30 -45.42
N GLU U 176 28.55 -43.15 -46.27
CA GLU U 176 28.85 -43.04 -47.69
C GLU U 176 28.22 -41.79 -48.30
N GLN U 177 27.03 -41.41 -47.82
CA GLN U 177 26.39 -40.20 -48.35
C GLN U 177 27.18 -38.96 -47.92
N ILE U 178 27.59 -38.89 -46.65
CA ILE U 178 28.39 -37.77 -46.13
C ILE U 178 29.69 -37.63 -46.91
N GLU U 179 30.47 -38.71 -46.99
CA GLU U 179 31.71 -38.69 -47.77
C GLU U 179 31.50 -38.13 -49.16
N ARG U 180 30.42 -38.52 -49.82
CA ARG U 180 30.10 -37.96 -51.13
C ARG U 180 29.92 -36.45 -51.07
N ASP U 181 29.07 -35.98 -50.16
CA ASP U 181 28.60 -34.60 -50.12
C ASP U 181 29.61 -33.61 -49.57
N THR U 182 30.68 -34.09 -48.93
CA THR U 182 31.69 -33.22 -48.36
C THR U 182 32.96 -33.17 -49.17
N GLU U 183 32.99 -33.81 -50.34
CA GLU U 183 34.18 -33.74 -51.16
C GLU U 183 34.41 -32.33 -51.67
N ARG U 184 33.33 -31.67 -52.08
CA ARG U 184 33.38 -30.28 -52.51
C ARG U 184 32.43 -29.43 -51.67
N ASP U 185 32.61 -28.11 -51.76
CA ASP U 185 31.77 -27.21 -51.00
C ASP U 185 30.30 -27.45 -51.36
N ARG U 186 29.47 -27.47 -50.35
CA ARG U 186 28.04 -27.72 -50.53
C ARG U 186 27.28 -26.74 -49.64
N PHE U 187 26.51 -25.86 -50.25
CA PHE U 187 25.65 -24.94 -49.54
C PHE U 187 24.28 -25.57 -49.30
N LEU U 188 23.72 -25.31 -48.11
CA LEU U 188 22.38 -25.73 -47.76
C LEU U 188 21.61 -24.53 -47.23
N SER U 189 20.40 -24.34 -47.74
CA SER U 189 19.52 -23.34 -47.18
C SER U 189 18.98 -23.83 -45.82
N ALA U 190 18.33 -22.92 -45.08
CA ALA U 190 17.63 -23.32 -43.86
C ALA U 190 16.73 -24.54 -44.12
N PRO U 191 15.79 -24.51 -45.09
CA PRO U 191 14.99 -25.72 -45.37
C PRO U 191 15.83 -26.93 -45.76
N GLU U 192 16.78 -26.74 -46.67
CA GLU U 192 17.61 -27.85 -47.10
C GLU U 192 18.38 -28.44 -45.92
N ALA U 193 18.70 -27.63 -44.91
CA ALA U 193 19.44 -28.13 -43.75
C ALA U 193 18.55 -28.96 -42.84
N VAL U 194 17.35 -28.48 -42.55
CA VAL U 194 16.38 -29.34 -41.86
C VAL U 194 16.25 -30.67 -42.61
N GLU U 195 15.92 -30.59 -43.89
CA GLU U 195 15.76 -31.78 -44.72
C GLU U 195 17.03 -32.64 -44.78
N TYR U 196 18.21 -32.03 -44.69
CA TYR U 196 19.41 -32.87 -44.69
C TYR U 196 19.62 -33.59 -43.37
N GLY U 197 18.98 -33.11 -42.30
CA GLY U 197 19.25 -33.57 -40.95
C GLY U 197 20.27 -32.78 -40.19
N LEU U 198 20.75 -31.65 -40.73
CA LEU U 198 21.72 -30.85 -40.01
C LEU U 198 21.08 -30.13 -38.84
N VAL U 199 19.95 -29.46 -39.06
CA VAL U 199 19.16 -28.88 -38.00
C VAL U 199 17.83 -29.62 -37.91
N ASP U 200 17.08 -29.31 -36.86
CA ASP U 200 15.80 -29.99 -36.61
C ASP U 200 14.60 -29.18 -37.05
N SER U 201 14.66 -27.86 -37.02
CA SER U 201 13.54 -27.03 -37.43
C SER U 201 14.09 -25.65 -37.76
N ILE U 202 13.27 -24.83 -38.39
CA ILE U 202 13.58 -23.44 -38.63
C ILE U 202 12.85 -22.59 -37.60
N LEU U 203 13.59 -21.69 -36.94
CA LEU U 203 12.98 -20.63 -36.14
C LEU U 203 12.56 -19.50 -37.06
N THR U 204 11.32 -19.03 -36.91
CA THR U 204 10.87 -17.84 -37.61
C THR U 204 10.63 -16.70 -36.62
N HIS U 205 9.53 -16.73 -35.86
CA HIS U 205 9.17 -15.71 -34.87
C HIS U 205 9.13 -16.30 -33.47
N ARG U 206 9.28 -15.43 -32.47
CA ARG U 206 9.39 -15.92 -31.10
C ARG U 206 8.04 -16.38 -30.59
N ASN U 207 8.04 -17.54 -29.93
CA ASN U 207 6.86 -18.28 -29.48
C ASN U 207 5.86 -17.51 -28.64
N VAL V 17 44.48 43.62 32.39
CA VAL V 17 45.75 42.99 32.05
C VAL V 17 46.57 43.97 31.23
N PRO V 18 47.76 44.34 31.71
CA PRO V 18 48.49 45.47 31.11
C PRO V 18 49.17 45.09 29.80
N MET V 19 49.21 46.06 28.88
CA MET V 19 49.80 45.88 27.56
C MET V 19 51.32 46.05 27.59
N VAL V 20 52.02 45.29 26.73
CA VAL V 20 53.43 45.56 26.45
C VAL V 20 53.79 45.01 25.07
N PHE V 31 50.45 43.81 22.61
CA PHE V 31 50.78 42.59 23.34
C PHE V 31 50.46 42.75 24.83
N ASP V 32 49.56 41.92 25.36
CA ASP V 32 49.31 41.93 26.79
C ASP V 32 50.43 41.18 27.53
N ILE V 33 50.40 41.26 28.86
CA ILE V 33 51.51 40.74 29.65
C ILE V 33 51.69 39.23 29.43
N TYR V 34 50.58 38.49 29.33
CA TYR V 34 50.69 37.04 29.31
C TYR V 34 51.20 36.54 27.98
N SER V 35 50.70 37.08 26.87
CA SER V 35 51.20 36.67 25.56
C SER V 35 52.67 37.02 25.41
N ARG V 36 53.09 38.15 25.98
CA ARG V 36 54.50 38.52 25.86
C ARG V 36 55.37 37.53 26.61
N LEU V 37 54.90 37.04 27.76
CA LEU V 37 55.57 35.95 28.45
C LEU V 37 55.34 34.61 27.76
N LEU V 38 54.30 34.51 26.92
CA LEU V 38 54.14 33.32 26.08
C LEU V 38 55.27 33.21 25.08
N LYS V 39 55.88 34.33 24.72
CA LYS V 39 57.02 34.31 23.79
C LYS V 39 58.22 33.62 24.42
N GLU V 40 58.45 33.85 25.73
CA GLU V 40 59.42 33.12 26.55
C GLU V 40 58.96 31.66 26.86
N ARG V 41 57.89 31.18 26.23
CA ARG V 41 57.38 29.81 26.39
C ARG V 41 56.91 29.52 27.80
N VAL V 42 56.23 30.50 28.41
CA VAL V 42 55.77 30.42 29.80
C VAL V 42 54.25 30.48 29.78
N ILE V 43 53.62 29.44 30.31
CA ILE V 43 52.17 29.37 30.47
C ILE V 43 51.84 29.34 31.95
N PHE V 44 50.77 30.04 32.33
CA PHE V 44 50.32 30.10 33.72
C PHE V 44 49.06 29.28 33.91
N LEU V 45 49.05 28.46 34.96
CA LEU V 45 47.86 27.74 35.40
C LEU V 45 47.50 28.31 36.78
N THR V 46 46.47 29.16 36.82
CA THR V 46 46.13 29.92 38.01
C THR V 46 44.66 29.67 38.36
N GLY V 47 44.40 29.44 39.64
CA GLY V 47 43.02 29.29 40.06
C GLY V 47 42.42 27.93 39.72
N GLN V 48 41.10 27.88 39.78
CA GLN V 48 40.39 26.61 39.69
C GLN V 48 40.51 26.02 38.29
N VAL V 49 40.84 24.72 38.24
CA VAL V 49 40.87 24.02 36.98
C VAL V 49 39.45 23.79 36.50
N GLU V 50 39.15 24.25 35.29
CA GLU V 50 37.87 23.98 34.68
C GLU V 50 38.09 24.00 33.17
N ASP V 51 37.04 23.59 32.45
CA ASP V 51 37.13 23.33 31.01
C ASP V 51 37.79 24.49 30.26
N HIS V 52 37.34 25.71 30.49
CA HIS V 52 37.75 26.81 29.63
C HIS V 52 39.18 27.28 29.92
N MET V 53 39.53 27.48 31.20
CA MET V 53 40.93 27.84 31.47
C MET V 53 41.86 26.72 31.07
N ALA V 54 41.45 25.47 31.32
CA ALA V 54 42.25 24.31 30.89
C ALA V 54 42.42 24.27 29.37
N ASN V 55 41.33 24.42 28.63
CA ASN V 55 41.40 24.56 27.18
C ASN V 55 42.39 25.64 26.75
N LEU V 56 42.31 26.82 27.39
CA LEU V 56 43.30 27.87 27.17
C LEU V 56 44.72 27.34 27.34
N ILE V 57 44.99 26.63 28.46
CA ILE V 57 46.31 26.03 28.68
C ILE V 57 46.68 25.11 27.52
N VAL V 58 45.74 24.26 27.13
CA VAL V 58 45.99 23.29 26.06
C VAL V 58 46.36 24.02 24.78
N ALA V 59 45.53 24.97 24.37
CA ALA V 59 45.80 25.81 23.21
C ALA V 59 47.23 26.35 23.23
N GLN V 60 47.67 26.82 24.40
CA GLN V 60 48.97 27.46 24.51
C GLN V 60 50.10 26.46 24.29
N MET V 61 49.96 25.24 24.81
CA MET V 61 51.02 24.25 24.61
C MET V 61 51.04 23.77 23.17
N LEU V 62 49.86 23.51 22.60
CA LEU V 62 49.79 23.17 21.19
C LEU V 62 50.53 24.21 20.35
N PHE V 63 50.14 25.48 20.51
CA PHE V 63 50.81 26.57 19.81
C PHE V 63 52.33 26.57 20.06
N LEU V 64 52.73 26.51 21.33
CA LEU V 64 54.16 26.57 21.64
C LEU V 64 54.91 25.36 21.11
N GLU V 65 54.24 24.22 20.93
CA GLU V 65 54.93 23.08 20.34
C GLU V 65 55.18 23.30 18.85
N ALA V 66 54.22 23.90 18.14
CA ALA V 66 54.40 24.17 16.72
C ALA V 66 55.47 25.23 16.49
N GLU V 67 55.60 26.20 17.41
CA GLU V 67 56.70 27.15 17.34
C GLU V 67 58.04 26.45 17.36
N ASN V 68 58.13 25.30 18.04
CA ASN V 68 59.40 24.62 18.28
C ASN V 68 59.14 23.32 19.02
N PRO V 69 59.09 22.18 18.33
CA PRO V 69 58.90 20.92 19.05
C PRO V 69 60.03 20.59 20.01
N GLU V 70 61.14 21.33 19.98
CA GLU V 70 62.32 20.97 20.74
C GLU V 70 62.51 21.76 22.02
N LYS V 71 62.03 23.01 22.09
CA LYS V 71 62.29 23.86 23.24
C LYS V 71 61.30 23.55 24.36
N ASP V 72 61.83 23.44 25.59
CA ASP V 72 61.02 23.25 26.79
C ASP V 72 59.90 24.28 26.92
N ILE V 73 58.83 23.89 27.60
CA ILE V 73 57.77 24.80 28.00
C ILE V 73 57.74 24.86 29.53
N TYR V 74 57.53 26.05 30.07
CA TYR V 74 57.45 26.24 31.51
C TYR V 74 56.02 26.55 31.88
N LEU V 75 55.47 25.75 32.78
CA LEU V 75 54.12 25.89 33.26
C LEU V 75 54.18 26.26 34.73
N TYR V 76 53.73 27.45 35.06
CA TYR V 76 53.62 27.86 36.44
C TYR V 76 52.26 27.44 36.97
N ILE V 77 52.23 27.03 38.24
CA ILE V 77 51.04 26.43 38.83
C ILE V 77 50.78 27.09 40.19
N ASN V 78 49.75 27.93 40.25
CA ASN V 78 49.13 28.36 41.50
C ASN V 78 47.65 28.01 41.36
N SER V 79 47.26 26.86 41.90
CA SER V 79 45.93 26.40 41.68
C SER V 79 45.53 25.61 42.89
N PRO V 80 44.26 25.69 43.30
CA PRO V 80 43.73 24.80 44.34
C PRO V 80 43.11 23.52 43.81
N GLY V 81 43.21 23.28 42.51
CA GLY V 81 42.60 22.10 41.93
C GLY V 81 41.34 22.39 41.13
N GLY V 82 40.43 21.43 41.12
CA GLY V 82 39.24 21.58 40.31
C GLY V 82 38.83 20.34 39.57
N VAL V 83 38.22 20.56 38.40
CA VAL V 83 37.54 19.47 37.70
C VAL V 83 38.57 18.49 37.17
N ILE V 84 38.36 17.21 37.48
CA ILE V 84 39.34 16.19 37.09
C ILE V 84 39.38 16.02 35.57
N THR V 85 38.21 15.95 34.90
CA THR V 85 38.28 15.77 33.45
C THR V 85 38.99 16.95 32.80
N ALA V 86 38.80 18.15 33.34
CA ALA V 86 39.46 19.35 32.80
C ALA V 86 40.97 19.31 33.01
N GLY V 87 41.42 18.89 34.20
CA GLY V 87 42.85 18.73 34.41
C GLY V 87 43.47 17.64 33.57
N MET V 88 42.71 16.55 33.29
CA MET V 88 43.31 15.47 32.51
C MET V 88 43.55 15.87 31.07
N SER V 89 42.65 16.67 30.49
CA SER V 89 42.96 17.26 29.19
C SER V 89 44.27 18.05 29.24
N ILE V 90 44.61 18.64 30.38
CA ILE V 90 45.92 19.29 30.46
C ILE V 90 47.04 18.27 30.62
N TYR V 91 46.80 17.21 31.41
CA TYR V 91 47.82 16.17 31.60
C TYR V 91 48.14 15.47 30.29
N ASP V 92 47.10 15.04 29.58
CA ASP V 92 47.34 14.31 28.33
C ASP V 92 47.97 15.19 27.26
N THR V 93 47.83 16.50 27.36
CA THR V 93 48.52 17.36 26.42
C THR V 93 50.00 17.48 26.78
N MET V 94 50.28 17.64 28.08
CA MET V 94 51.66 17.68 28.57
C MET V 94 52.47 16.51 28.04
N GLN V 95 51.93 15.30 28.10
CA GLN V 95 52.67 14.10 27.70
C GLN V 95 52.78 14.00 26.18
N PHE V 96 51.68 14.25 25.48
CA PHE V 96 51.58 13.99 24.04
C PHE V 96 52.43 14.93 23.19
N ILE V 97 52.64 16.16 23.63
CA ILE V 97 53.42 17.11 22.85
C ILE V 97 54.90 16.78 22.96
N LYS V 98 55.63 17.08 21.89
CA LYS V 98 57.06 16.79 21.84
C LYS V 98 57.86 17.49 22.94
N PRO V 99 57.77 18.81 23.13
CA PRO V 99 58.64 19.46 24.12
C PRO V 99 58.35 18.97 25.54
N ASP V 100 59.40 18.87 26.34
CA ASP V 100 59.27 18.66 27.77
C ASP V 100 58.54 19.85 28.41
N VAL V 101 57.55 19.55 29.26
CA VAL V 101 56.85 20.57 30.03
C VAL V 101 57.42 20.58 31.45
N SER V 102 58.21 21.61 31.75
CA SER V 102 58.66 21.86 33.11
C SER V 102 57.52 22.49 33.90
N THR V 103 57.38 22.10 35.15
CA THR V 103 56.34 22.66 35.99
C THR V 103 56.99 23.34 37.18
N ILE V 104 56.43 24.49 37.58
CA ILE V 104 56.92 25.27 38.70
C ILE V 104 55.75 25.62 39.59
N CYS V 105 55.80 25.17 40.85
CA CYS V 105 54.74 25.50 41.80
C CYS V 105 55.10 26.76 42.55
N MET V 106 54.18 27.71 42.55
CA MET V 106 54.30 28.93 43.33
C MET V 106 52.96 29.17 44.02
N GLY V 107 53.02 29.51 45.29
CA GLY V 107 51.83 29.63 46.08
C GLY V 107 51.40 28.26 46.55
N GLN V 108 50.64 27.56 45.72
CA GLN V 108 50.09 26.28 46.13
C GLN V 108 49.79 25.45 44.88
N ALA V 109 49.96 24.14 45.03
CA ALA V 109 49.54 23.15 44.05
C ALA V 109 48.70 22.12 44.80
N ALA V 110 47.37 22.23 44.73
CA ALA V 110 46.44 21.34 45.45
C ALA V 110 45.66 20.47 44.47
N SER V 111 45.59 19.16 44.77
CA SER V 111 44.70 18.21 44.10
C SER V 111 45.07 18.15 42.63
N MET V 112 44.17 18.47 41.69
CA MET V 112 44.58 18.50 40.30
C MET V 112 45.72 19.47 40.09
N GLY V 113 45.84 20.47 40.98
CA GLY V 113 46.99 21.35 40.93
C GLY V 113 48.29 20.63 41.22
N ALA V 114 48.31 19.81 42.26
CA ALA V 114 49.49 19.00 42.55
C ALA V 114 49.70 17.89 41.52
N PHE V 115 48.61 17.40 40.90
CA PHE V 115 48.75 16.31 39.96
C PHE V 115 49.45 16.76 38.68
N LEU V 116 49.06 17.93 38.17
CA LEU V 116 49.74 18.48 37.00
C LEU V 116 51.17 18.90 37.34
N LEU V 117 51.38 19.41 38.55
CA LEU V 117 52.73 19.68 39.03
C LEU V 117 53.64 18.47 38.80
N THR V 118 53.29 17.31 39.40
CA THR V 118 54.13 16.11 39.31
C THR V 118 54.17 15.51 37.90
N ALA V 119 53.23 15.91 37.05
CA ALA V 119 53.14 15.43 35.67
C ALA V 119 54.19 16.07 34.77
N GLY V 120 54.94 17.03 35.28
CA GLY V 120 56.00 17.64 34.49
C GLY V 120 57.03 16.61 34.07
N ALA V 121 57.87 17.02 33.13
CA ALA V 121 58.96 16.17 32.70
C ALA V 121 59.88 15.89 33.87
N LYS V 122 60.37 14.66 33.97
CA LYS V 122 61.27 14.33 35.05
C LYS V 122 62.49 15.23 34.99
N GLY V 123 63.06 15.52 36.17
CA GLY V 123 64.11 16.48 36.30
C GLY V 123 63.68 17.93 36.26
N LYS V 124 62.45 18.22 35.79
CA LYS V 124 62.04 19.59 35.48
C LYS V 124 60.79 20.02 36.25
N ARG V 125 60.54 19.41 37.41
CA ARG V 125 59.42 19.76 38.27
C ARG V 125 59.97 20.44 39.51
N PHE V 126 59.51 21.66 39.76
CA PHE V 126 60.09 22.52 40.77
C PHE V 126 59.02 23.05 41.70
N CYS V 127 59.45 23.34 42.93
CA CYS V 127 58.68 24.08 43.90
C CYS V 127 59.49 25.30 44.29
N LEU V 128 58.82 26.43 44.38
CA LEU V 128 59.43 27.58 45.04
C LEU V 128 59.39 27.41 46.56
N PRO V 129 60.33 28.04 47.29
CA PRO V 129 60.62 27.59 48.67
C PRO V 129 59.42 27.55 49.58
N ASN V 130 58.52 28.53 49.49
CA ASN V 130 57.36 28.61 50.38
C ASN V 130 56.04 28.31 49.67
N SER V 131 56.10 27.63 48.52
CA SER V 131 54.87 27.07 48.00
C SER V 131 54.50 25.86 48.83
N ARG V 132 53.23 25.46 48.76
CA ARG V 132 52.76 24.29 49.49
C ARG V 132 51.95 23.39 48.56
N VAL V 133 52.01 22.08 48.85
CA VAL V 133 51.39 21.05 48.01
C VAL V 133 50.42 20.23 48.85
N MET V 134 49.26 19.93 48.28
CA MET V 134 48.27 19.12 48.97
C MET V 134 47.79 18.06 48.00
N ILE V 135 47.68 16.82 48.47
CA ILE V 135 47.14 15.72 47.69
C ILE V 135 45.95 15.13 48.44
N HIS V 136 45.11 14.42 47.68
CA HIS V 136 43.98 13.63 48.21
C HIS V 136 43.28 12.88 47.09
N GLN V 137 42.12 12.33 47.39
CA GLN V 137 41.36 11.49 46.48
C GLN V 137 40.21 12.26 45.83
N PRO V 138 39.67 11.75 44.72
CA PRO V 138 38.62 12.47 44.00
C PRO V 138 37.42 12.81 44.87
N LEU V 139 36.83 13.97 44.59
CA LEU V 139 35.54 14.39 45.11
C LEU V 139 34.50 14.36 44.01
N GLY V 140 33.25 14.46 44.41
CA GLY V 140 32.18 14.52 43.44
C GLY V 140 30.88 14.10 44.09
N GLY V 141 30.05 13.48 43.28
CA GLY V 141 28.81 12.93 43.80
C GLY V 141 27.70 13.05 42.77
N TYR V 142 26.63 12.33 43.05
CA TYR V 142 25.56 12.19 42.09
C TYR V 142 24.21 12.32 42.81
N GLN V 143 23.18 12.55 42.01
CA GLN V 143 21.80 12.55 42.45
C GLN V 143 21.01 11.75 41.43
N GLY V 144 20.21 10.79 41.89
CA GLY V 144 19.38 10.06 40.94
C GLY V 144 18.96 8.70 41.48
N GLN V 145 18.73 7.79 40.56
CA GLN V 145 18.26 6.45 40.91
C GLN V 145 19.42 5.57 41.35
N ALA V 146 19.13 4.65 42.29
CA ALA V 146 20.14 3.75 42.83
C ALA V 146 20.98 3.11 41.74
N THR V 147 20.35 2.70 40.63
CA THR V 147 21.11 2.15 39.51
C THR V 147 22.10 3.17 38.97
N ASP V 148 21.65 4.40 38.76
CA ASP V 148 22.53 5.44 38.27
C ASP V 148 23.60 5.78 39.31
N ILE V 149 23.23 5.83 40.60
CA ILE V 149 24.22 6.05 41.63
C ILE V 149 25.30 4.98 41.58
N GLU V 150 24.91 3.70 41.40
CA GLU V 150 25.91 2.65 41.24
C GLU V 150 26.80 2.94 40.04
N ILE V 151 26.22 3.40 38.93
CA ILE V 151 26.99 3.68 37.73
C ILE V 151 28.05 4.74 38.00
N HIS V 152 27.67 5.81 38.68
CA HIS V 152 28.55 6.97 38.82
C HIS V 152 29.57 6.80 39.94
N ALA V 153 29.12 6.23 41.06
CA ALA V 153 30.04 5.83 42.11
C ALA V 153 31.13 4.92 41.56
N ARG V 154 30.73 3.90 40.79
CA ARG V 154 31.70 2.99 40.19
C ARG V 154 32.65 3.76 39.28
N GLU V 155 32.13 4.71 38.50
CA GLU V 155 32.99 5.53 37.66
C GLU V 155 33.99 6.33 38.50
N ILE V 156 33.53 6.97 39.58
CA ILE V 156 34.46 7.82 40.30
C ILE V 156 35.57 6.95 40.93
N LEU V 157 35.26 5.70 41.24
CA LEU V 157 36.28 4.82 41.81
C LEU V 157 37.28 4.35 40.77
N LYS V 158 36.87 4.20 39.51
CA LYS V 158 37.85 3.99 38.45
C LYS V 158 38.75 5.20 38.30
N VAL V 159 38.17 6.41 38.41
CA VAL V 159 38.96 7.64 38.32
C VAL V 159 39.97 7.70 39.46
N LYS V 160 39.53 7.39 40.69
CA LYS V 160 40.45 7.34 41.82
C LYS V 160 41.59 6.35 41.56
N GLY V 161 41.28 5.20 40.96
CA GLY V 161 42.33 4.25 40.66
C GLY V 161 43.34 4.80 39.67
N ARG V 162 42.84 5.39 38.58
CA ARG V 162 43.73 5.95 37.57
C ARG V 162 44.65 7.02 38.16
N MET V 163 44.06 7.98 38.89
CA MET V 163 44.90 9.04 39.45
C MET V 163 45.99 8.48 40.35
N ASN V 164 45.65 7.50 41.20
CA ASN V 164 46.66 6.91 42.07
C ASN V 164 47.74 6.18 41.26
N GLU V 165 47.36 5.53 40.16
CA GLU V 165 48.37 4.85 39.34
C GLU V 165 49.30 5.87 38.70
N LEU V 166 48.75 6.99 38.22
CA LEU V 166 49.56 8.01 37.57
C LEU V 166 50.43 8.73 38.59
N MET V 167 49.87 9.01 39.76
CA MET V 167 50.63 9.56 40.89
C MET V 167 51.86 8.72 41.18
N ALA V 168 51.66 7.39 41.33
CA ALA V 168 52.75 6.48 41.64
C ALA V 168 53.84 6.54 40.58
N LEU V 169 53.45 6.60 39.31
CA LEU V 169 54.43 6.57 38.23
C LEU V 169 55.29 7.84 38.23
N HIS V 170 54.68 9.01 38.47
CA HIS V 170 55.42 10.27 38.43
C HIS V 170 56.19 10.52 39.71
N THR V 171 55.75 9.98 40.85
CA THR V 171 56.49 10.14 42.10
C THR V 171 57.51 9.05 42.34
N GLY V 172 57.33 7.88 41.76
CA GLY V 172 58.15 6.75 42.13
C GLY V 172 57.74 6.09 43.43
N GLN V 173 56.61 6.46 44.01
CA GLN V 173 56.09 5.69 45.13
C GLN V 173 55.35 4.47 44.61
N SER V 174 55.16 3.50 45.50
CA SER V 174 54.33 2.35 45.18
C SER V 174 52.88 2.76 45.04
N LEU V 175 52.14 2.03 44.19
CA LEU V 175 50.68 2.16 44.18
C LEU V 175 50.13 2.16 45.60
N GLU V 176 50.65 1.26 46.45
CA GLU V 176 50.14 1.09 47.81
C GLU V 176 50.38 2.35 48.66
N GLN V 177 51.56 2.96 48.54
CA GLN V 177 51.85 4.14 49.36
C GLN V 177 50.94 5.30 48.98
N ILE V 178 50.79 5.56 47.68
CA ILE V 178 49.87 6.59 47.20
C ILE V 178 48.50 6.41 47.82
N GLU V 179 47.93 5.19 47.69
CA GLU V 179 46.61 4.91 48.23
C GLU V 179 46.54 5.18 49.73
N ARG V 180 47.54 4.74 50.49
CA ARG V 180 47.53 5.01 51.93
C ARG V 180 47.59 6.50 52.21
N ASP V 181 48.37 7.24 51.44
CA ASP V 181 48.68 8.62 51.77
C ASP V 181 47.64 9.62 51.28
N THR V 182 46.84 9.24 50.29
CA THR V 182 45.91 10.16 49.66
C THR V 182 44.46 9.98 50.10
N GLU V 183 44.20 9.08 51.06
CA GLU V 183 42.83 8.87 51.53
C GLU V 183 42.27 10.11 52.21
N ARG V 184 43.12 10.89 52.86
CA ARG V 184 42.71 12.19 53.38
C ARG V 184 43.69 13.24 52.90
N ASP V 185 43.31 14.50 53.08
CA ASP V 185 44.18 15.61 52.70
C ASP V 185 45.53 15.44 53.35
N ARG V 186 46.57 15.54 52.54
CA ARG V 186 47.94 15.53 53.02
C ARG V 186 48.61 16.77 52.48
N PHE V 187 49.13 17.60 53.37
CA PHE V 187 49.95 18.74 52.97
C PHE V 187 51.40 18.32 52.87
N LEU V 188 52.11 18.95 51.94
CA LEU V 188 53.54 18.76 51.73
C LEU V 188 54.17 20.11 51.43
N SER V 189 55.12 20.51 52.28
CA SER V 189 56.00 21.64 52.03
C SER V 189 56.93 21.34 50.87
N ALA V 190 57.57 22.40 50.37
CA ALA V 190 58.46 22.26 49.22
C ALA V 190 59.52 21.19 49.41
N PRO V 191 60.29 21.15 50.52
CA PRO V 191 61.24 20.03 50.69
C PRO V 191 60.53 18.68 50.78
N GLU V 192 59.38 18.59 51.44
CA GLU V 192 58.68 17.32 51.55
C GLU V 192 58.25 16.81 50.18
N ALA V 193 57.64 17.68 49.37
CA ALA V 193 57.33 17.33 47.99
C ALA V 193 58.56 16.82 47.24
N VAL V 194 59.75 17.33 47.59
CA VAL V 194 60.97 16.78 47.01
C VAL V 194 61.21 15.37 47.52
N GLU V 195 61.22 15.18 48.85
CA GLU V 195 61.43 13.85 49.41
C GLU V 195 60.37 12.86 48.92
N TYR V 196 59.13 13.32 48.71
CA TYR V 196 58.07 12.42 48.29
C TYR V 196 58.15 12.07 46.82
N GLY V 197 59.00 12.73 46.05
CA GLY V 197 59.06 12.49 44.63
C GLY V 197 58.08 13.26 43.79
N LEU V 198 57.34 14.22 44.38
CA LEU V 198 56.37 14.99 43.60
C LEU V 198 57.06 15.94 42.64
N VAL V 199 58.09 16.65 43.11
CA VAL V 199 58.92 17.54 42.30
C VAL V 199 60.37 17.10 42.45
N ASP V 200 61.19 17.62 41.55
CA ASP V 200 62.56 17.17 41.47
C ASP V 200 63.48 17.95 42.39
N SER V 201 63.21 19.23 42.62
CA SER V 201 64.02 20.05 43.49
C SER V 201 63.27 21.36 43.78
N ILE V 202 63.98 22.31 44.38
CA ILE V 202 63.43 23.57 44.85
C ILE V 202 64.18 24.68 44.14
N LEU V 203 63.44 25.56 43.46
CA LEU V 203 64.03 26.75 42.87
C LEU V 203 64.08 27.85 43.92
N THR V 204 65.27 28.37 44.21
CA THR V 204 65.39 29.42 45.21
C THR V 204 65.80 30.76 44.60
N HIS V 205 66.96 30.83 43.95
CA HIS V 205 67.40 32.07 43.31
C HIS V 205 67.85 31.75 41.90
N ARG V 206 67.45 32.58 40.95
CA ARG V 206 67.85 32.36 39.57
C ARG V 206 69.37 32.43 39.46
N ASN V 207 69.96 31.38 38.88
CA ASN V 207 71.40 31.25 38.78
C ASN V 207 71.95 32.32 37.85
N ASP W 32 46.28 51.71 30.15
CA ASP W 32 47.67 51.39 29.90
C ASP W 32 48.63 52.40 30.52
N ILE W 33 48.12 53.28 31.40
CA ILE W 33 49.05 54.05 32.24
C ILE W 33 49.88 53.09 33.08
N TYR W 34 49.30 51.95 33.45
CA TYR W 34 50.06 50.93 34.19
C TYR W 34 51.13 50.30 33.30
N SER W 35 50.77 50.00 32.04
CA SER W 35 51.75 49.54 31.07
C SER W 35 52.87 50.58 30.89
N ARG W 36 52.51 51.85 30.79
CA ARG W 36 53.50 52.92 30.67
C ARG W 36 54.46 52.91 31.85
N LEU W 37 53.93 52.83 33.06
CA LEU W 37 54.82 52.78 34.20
C LEU W 37 55.59 51.48 34.25
N LEU W 38 55.05 50.42 33.66
CA LEU W 38 55.78 49.16 33.60
C LEU W 38 57.10 49.35 32.88
N LYS W 39 57.07 50.10 31.76
CA LYS W 39 58.30 50.46 31.07
C LYS W 39 59.28 51.21 31.97
N GLU W 40 58.81 51.80 33.07
CA GLU W 40 59.70 52.34 34.08
C GLU W 40 59.95 51.36 35.21
N ARG W 41 59.61 50.08 35.03
CA ARG W 41 59.90 49.02 36.01
C ARG W 41 59.16 49.27 37.34
N VAL W 42 57.93 49.76 37.24
CA VAL W 42 57.05 50.05 38.36
C VAL W 42 55.86 49.09 38.32
N ILE W 43 55.60 48.40 39.43
CA ILE W 43 54.46 47.49 39.55
C ILE W 43 53.62 47.88 40.76
N PHE W 44 52.31 47.94 40.57
CA PHE W 44 51.41 48.35 41.65
C PHE W 44 50.68 47.13 42.24
N LEU W 45 50.84 46.94 43.56
CA LEU W 45 50.08 45.93 44.30
C LEU W 45 48.98 46.64 45.08
N THR W 46 47.75 46.55 44.57
CA THR W 46 46.61 47.29 45.11
C THR W 46 45.45 46.35 45.43
N GLY W 47 44.73 46.65 46.51
CA GLY W 47 43.58 45.85 46.83
C GLY W 47 43.97 44.57 47.54
N GLN W 48 42.97 43.72 47.74
CA GLN W 48 43.22 42.46 48.41
C GLN W 48 44.12 41.57 47.56
N VAL W 49 44.93 40.79 48.27
CA VAL W 49 45.78 39.77 47.66
C VAL W 49 44.93 38.52 47.40
N GLU W 50 44.85 38.11 46.14
CA GLU W 50 44.23 36.87 45.74
C GLU W 50 44.94 36.39 44.49
N ASP W 51 44.55 35.20 44.02
CA ASP W 51 45.38 34.47 43.07
C ASP W 51 45.65 35.30 41.83
N HIS W 52 44.59 35.80 41.19
CA HIS W 52 44.75 36.31 39.84
C HIS W 52 45.42 37.68 39.82
N MET W 53 45.19 38.52 40.83
CA MET W 53 45.96 39.75 40.96
C MET W 53 47.40 39.46 41.35
N ALA W 54 47.62 38.46 42.22
CA ALA W 54 48.98 38.03 42.55
C ALA W 54 49.69 37.47 41.33
N ASN W 55 48.98 36.66 40.53
CA ASN W 55 49.57 36.06 39.34
C ASN W 55 50.01 37.16 38.37
N LEU W 56 49.17 38.19 38.21
CA LEU W 56 49.52 39.37 37.43
C LEU W 56 50.76 40.08 37.99
N ILE W 57 50.88 40.20 39.32
CA ILE W 57 52.11 40.76 39.87
C ILE W 57 53.31 39.87 39.50
N VAL W 58 53.14 38.56 39.61
CA VAL W 58 54.20 37.62 39.25
C VAL W 58 54.60 37.81 37.78
N ALA W 59 53.62 37.87 36.87
CA ALA W 59 53.97 37.98 35.45
C ALA W 59 54.71 39.28 35.14
N GLN W 60 54.37 40.36 35.80
CA GLN W 60 55.07 41.61 35.56
C GLN W 60 56.51 41.54 36.07
N MET W 61 56.73 40.94 37.25
CA MET W 61 58.10 40.81 37.74
C MET W 61 58.91 39.90 36.82
N LEU W 62 58.35 38.74 36.46
CA LEU W 62 59.04 37.87 35.51
C LEU W 62 59.35 38.64 34.23
N PHE W 63 58.36 39.39 33.73
CA PHE W 63 58.57 40.21 32.53
C PHE W 63 59.70 41.20 32.74
N LEU W 64 59.68 41.93 33.86
CA LEU W 64 60.70 42.94 34.09
C LEU W 64 62.09 42.33 34.19
N GLU W 65 62.19 41.09 34.67
CA GLU W 65 63.49 40.44 34.67
C GLU W 65 63.91 40.07 33.24
N ALA W 66 62.95 39.64 32.41
CA ALA W 66 63.26 39.34 31.02
C ALA W 66 63.79 40.58 30.28
N GLU W 67 63.11 41.72 30.43
CA GLU W 67 63.54 42.96 29.78
C GLU W 67 64.96 43.36 30.20
N ASN W 68 65.25 43.32 31.50
CA ASN W 68 66.56 43.69 32.04
C ASN W 68 66.70 43.01 33.40
N PRO W 69 67.55 41.99 33.51
CA PRO W 69 67.68 41.25 34.78
C PRO W 69 68.49 41.97 35.85
N GLU W 70 69.04 43.16 35.56
CA GLU W 70 69.92 43.85 36.49
C GLU W 70 69.24 44.99 37.25
N LYS W 71 68.46 45.82 36.55
CA LYS W 71 67.87 47.02 37.16
C LYS W 71 66.86 46.65 38.25
N ASP W 72 66.76 47.51 39.27
CA ASP W 72 65.76 47.31 40.31
C ASP W 72 64.34 47.30 39.72
N ILE W 73 63.42 46.78 40.52
CA ILE W 73 61.98 46.79 40.24
C ILE W 73 61.32 47.51 41.42
N TYR W 74 60.32 48.32 41.11
CA TYR W 74 59.64 49.13 42.11
C TYR W 74 58.23 48.57 42.34
N LEU W 75 58.01 48.04 43.52
CA LEU W 75 56.72 47.47 43.89
C LEU W 75 56.06 48.42 44.90
N TYR W 76 55.09 49.20 44.40
CA TYR W 76 54.18 49.98 45.23
C TYR W 76 53.13 49.06 45.84
N ILE W 77 52.96 49.15 47.16
CA ILE W 77 52.03 48.30 47.89
C ILE W 77 51.02 49.19 48.62
N ASN W 78 49.73 49.01 48.28
CA ASN W 78 48.60 49.61 49.00
C ASN W 78 47.62 48.46 49.17
N SER W 79 47.63 47.81 50.33
CA SER W 79 46.92 46.55 50.41
C SER W 79 46.47 46.25 51.83
N PRO W 80 45.23 45.75 52.01
CA PRO W 80 44.81 45.28 53.33
C PRO W 80 45.26 43.86 53.65
N GLY W 81 45.82 43.14 52.70
CA GLY W 81 46.19 41.76 52.93
C GLY W 81 45.44 40.81 52.01
N GLY W 82 45.30 39.57 52.42
CA GLY W 82 44.49 38.64 51.63
C GLY W 82 45.01 37.22 51.76
N VAL W 83 44.87 36.48 50.66
CA VAL W 83 45.15 35.04 50.68
C VAL W 83 46.65 34.82 50.84
N ILE W 84 47.02 33.96 51.80
CA ILE W 84 48.45 33.75 52.07
C ILE W 84 49.13 33.08 50.88
N THR W 85 48.58 31.97 50.39
CA THR W 85 49.26 31.25 49.31
C THR W 85 49.44 32.15 48.08
N ALA W 86 48.45 32.98 47.76
CA ALA W 86 48.63 33.93 46.67
C ALA W 86 49.78 34.89 46.97
N GLY W 87 49.82 35.43 48.21
CA GLY W 87 50.89 36.34 48.60
C GLY W 87 52.28 35.71 48.55
N MET W 88 52.38 34.42 48.89
CA MET W 88 53.71 33.78 48.86
C MET W 88 54.18 33.48 47.46
N SER W 89 53.27 33.24 46.53
CA SER W 89 53.70 33.21 45.14
C SER W 89 54.41 34.51 44.78
N ILE W 90 53.91 35.64 45.30
CA ILE W 90 54.60 36.91 45.10
C ILE W 90 55.92 36.91 45.85
N TYR W 91 55.88 36.63 47.15
CA TYR W 91 57.11 36.62 47.95
C TYR W 91 58.22 35.76 47.31
N ASP W 92 57.87 34.55 46.88
CA ASP W 92 58.88 33.67 46.31
C ASP W 92 59.41 34.19 44.99
N THR W 93 58.56 34.84 44.18
CA THR W 93 59.05 35.41 42.93
C THR W 93 60.02 36.56 43.18
N MET W 94 59.75 37.43 44.17
CA MET W 94 60.68 38.53 44.44
C MET W 94 62.05 38.04 44.87
N GLN W 95 62.11 36.95 45.65
CA GLN W 95 63.41 36.39 46.02
C GLN W 95 64.07 35.72 44.83
N PHE W 96 63.29 35.06 43.98
CA PHE W 96 63.88 34.22 42.95
C PHE W 96 64.54 35.05 41.87
N ILE W 97 63.87 36.10 41.41
CA ILE W 97 64.37 36.82 40.26
C ILE W 97 65.66 37.54 40.63
N LYS W 98 66.49 37.77 39.60
CA LYS W 98 67.74 38.51 39.82
C LYS W 98 67.51 39.92 40.36
N PRO W 99 66.67 40.76 39.75
CA PRO W 99 66.62 42.16 40.17
C PRO W 99 66.23 42.29 41.64
N ASP W 100 66.90 43.20 42.33
CA ASP W 100 66.41 43.64 43.64
C ASP W 100 65.03 44.27 43.48
N VAL W 101 64.05 43.76 44.23
CA VAL W 101 62.71 44.32 44.23
C VAL W 101 62.65 45.32 45.39
N SER W 102 62.64 46.61 45.05
CA SER W 102 62.42 47.66 46.03
C SER W 102 60.92 47.79 46.27
N THR W 103 60.55 48.03 47.53
CA THR W 103 59.14 48.11 47.88
C THR W 103 58.83 49.48 48.46
N ILE W 104 57.67 50.03 48.08
CA ILE W 104 57.22 51.33 48.56
C ILE W 104 55.79 51.19 49.08
N CYS W 105 55.60 51.42 50.38
CA CYS W 105 54.28 51.45 50.98
C CYS W 105 53.61 52.80 50.74
N MET W 106 52.38 52.76 50.24
CA MET W 106 51.60 53.96 50.01
C MET W 106 50.18 53.67 50.45
N GLY W 107 49.62 54.58 51.24
CA GLY W 107 48.35 54.33 51.88
C GLY W 107 48.53 53.37 53.06
N GLN W 108 48.50 52.08 52.77
CA GLN W 108 48.67 51.11 53.85
C GLN W 108 49.22 49.82 53.30
N ALA W 109 49.74 49.01 54.20
CA ALA W 109 50.14 47.64 53.88
C ALA W 109 49.87 46.87 55.14
N ALA W 110 48.82 46.06 55.13
CA ALA W 110 48.40 45.26 56.26
C ALA W 110 48.54 43.78 55.96
N SER W 111 48.89 43.02 57.00
CA SER W 111 48.89 41.56 56.95
C SER W 111 49.76 41.11 55.79
N MET W 112 49.23 40.38 54.80
CA MET W 112 50.07 39.95 53.69
C MET W 112 50.66 41.13 52.95
N GLY W 113 49.94 42.27 52.91
CA GLY W 113 50.51 43.47 52.33
C GLY W 113 51.76 43.94 53.07
N ALA W 114 51.71 43.90 54.41
CA ALA W 114 52.89 44.28 55.17
C ALA W 114 54.01 43.27 54.98
N PHE W 115 53.67 41.98 55.01
CA PHE W 115 54.68 40.93 54.85
C PHE W 115 55.45 41.11 53.56
N LEU W 116 54.74 41.30 52.46
CA LEU W 116 55.39 41.58 51.19
C LEU W 116 56.16 42.89 51.20
N LEU W 117 55.79 43.83 52.09
CA LEU W 117 56.48 45.11 52.16
C LEU W 117 57.84 44.95 52.84
N THR W 118 57.91 44.18 53.92
CA THR W 118 59.20 43.97 54.57
C THR W 118 60.09 43.03 53.78
N ALA W 119 59.54 42.33 52.79
CA ALA W 119 60.24 41.33 52.01
C ALA W 119 61.08 41.90 50.89
N GLY W 120 60.92 43.19 50.58
CA GLY W 120 61.74 43.82 49.56
C GLY W 120 63.22 43.71 49.87
N ALA W 121 64.01 44.10 48.88
CA ALA W 121 65.46 44.10 49.00
C ALA W 121 65.91 44.96 50.18
N LYS W 122 66.66 44.36 51.10
CA LYS W 122 67.17 45.08 52.26
C LYS W 122 67.81 46.41 51.85
N GLY W 123 67.49 47.47 52.59
CA GLY W 123 67.96 48.81 52.23
C GLY W 123 67.18 49.51 51.12
N LYS W 124 66.23 48.84 50.48
CA LYS W 124 65.41 49.45 49.44
C LYS W 124 63.92 49.31 49.76
N ARG W 125 63.55 49.50 51.03
CA ARG W 125 62.19 49.34 51.53
C ARG W 125 61.76 50.64 52.20
N PHE W 126 60.65 51.22 51.73
CA PHE W 126 60.24 52.56 52.10
C PHE W 126 58.77 52.62 52.51
N CYS W 127 58.50 53.40 53.55
CA CYS W 127 57.16 53.94 53.77
C CYS W 127 57.10 55.36 53.24
N LEU W 128 55.98 55.69 52.59
CA LEU W 128 55.65 57.09 52.38
C LEU W 128 55.31 57.72 53.74
N PRO W 129 55.43 59.04 53.87
CA PRO W 129 55.40 59.64 55.22
C PRO W 129 54.15 59.29 56.01
N ASN W 130 53.01 59.18 55.32
CA ASN W 130 51.74 59.05 56.00
C ASN W 130 51.07 57.71 55.73
N SER W 131 51.81 56.72 55.24
CA SER W 131 51.19 55.41 55.20
C SER W 131 51.23 54.80 56.59
N ARG W 132 50.51 53.70 56.76
CA ARG W 132 50.63 52.93 57.97
C ARG W 132 50.79 51.46 57.62
N VAL W 133 51.27 50.69 58.59
CA VAL W 133 51.51 49.27 58.46
C VAL W 133 50.70 48.60 59.53
N MET W 134 50.24 47.38 59.26
CA MET W 134 49.57 46.66 60.34
C MET W 134 49.91 45.19 60.21
N ILE W 135 50.40 44.61 61.30
CA ILE W 135 50.80 43.23 61.32
C ILE W 135 49.82 42.46 62.17
N HIS W 136 49.76 41.15 61.93
CA HIS W 136 49.00 40.21 62.75
C HIS W 136 49.34 38.79 62.27
N GLN W 137 48.58 37.83 62.72
CA GLN W 137 48.83 36.42 62.46
C GLN W 137 47.82 35.86 61.46
N PRO W 138 48.09 34.70 60.87
CA PRO W 138 47.20 34.19 59.80
C PRO W 138 45.80 33.94 60.32
N LEU W 139 44.84 34.25 59.45
CA LEU W 139 43.44 33.89 59.64
C LEU W 139 43.14 32.68 58.80
N GLY W 140 42.15 31.91 59.25
CA GLY W 140 41.76 30.74 58.49
C GLY W 140 40.40 30.26 58.93
N GLY W 141 39.96 29.20 58.27
CA GLY W 141 38.73 28.54 58.64
C GLY W 141 38.70 27.17 58.00
N TYR W 142 37.89 26.29 58.58
CA TYR W 142 37.67 24.99 57.97
C TYR W 142 36.48 24.29 58.60
N GLN W 143 35.73 23.58 57.77
CA GLN W 143 34.61 22.77 58.21
C GLN W 143 34.84 21.36 57.71
N GLY W 144 34.68 20.38 58.59
CA GLY W 144 34.77 18.99 58.17
C GLY W 144 34.73 18.07 59.36
N GLN W 145 35.13 16.83 59.10
CA GLN W 145 35.32 15.86 60.17
C GLN W 145 36.51 16.26 61.03
N ALA W 146 36.48 15.83 62.30
CA ALA W 146 37.55 16.21 63.22
C ALA W 146 38.92 15.79 62.68
N THR W 147 39.00 14.61 62.08
CA THR W 147 40.30 14.19 61.53
C THR W 147 40.83 15.20 60.53
N ASP W 148 39.97 15.65 59.61
CA ASP W 148 40.38 16.66 58.64
C ASP W 148 40.57 18.02 59.30
N ILE W 149 39.81 18.31 60.35
CA ILE W 149 40.05 19.54 61.10
C ILE W 149 41.43 19.51 61.72
N GLU W 150 41.82 18.38 62.29
CA GLU W 150 43.16 18.26 62.84
C GLU W 150 44.21 18.48 61.75
N ILE W 151 44.04 17.85 60.59
CA ILE W 151 45.01 18.00 59.51
C ILE W 151 45.18 19.48 59.15
N HIS W 152 44.07 20.18 58.92
CA HIS W 152 44.16 21.55 58.38
C HIS W 152 44.61 22.56 59.44
N ALA W 153 44.18 22.41 60.69
CA ALA W 153 44.64 23.32 61.74
C ALA W 153 46.15 23.20 61.96
N ARG W 154 46.65 21.96 61.92
CA ARG W 154 48.09 21.74 62.00
C ARG W 154 48.81 22.47 60.87
N GLU W 155 48.25 22.44 59.67
CA GLU W 155 48.84 23.15 58.55
C GLU W 155 48.82 24.67 58.76
N ILE W 156 47.72 25.23 59.30
CA ILE W 156 47.75 26.68 59.47
C ILE W 156 48.76 27.07 60.57
N LEU W 157 49.05 26.16 61.50
CA LEU W 157 50.10 26.42 62.49
C LEU W 157 51.48 26.40 61.86
N LYS W 158 51.77 25.36 61.07
CA LYS W 158 53.01 25.33 60.29
C LYS W 158 53.17 26.63 59.48
N VAL W 159 52.08 27.11 58.88
CA VAL W 159 52.16 28.32 58.06
C VAL W 159 52.46 29.55 58.94
N LYS W 160 51.76 29.69 60.07
CA LYS W 160 52.05 30.79 60.98
C LYS W 160 53.51 30.80 61.43
N GLY W 161 54.06 29.63 61.73
CA GLY W 161 55.46 29.56 62.15
C GLY W 161 56.43 29.92 61.04
N ARG W 162 56.18 29.46 59.81
CA ARG W 162 57.02 29.85 58.68
C ARG W 162 56.92 31.34 58.40
N MET W 163 55.71 31.89 58.44
CA MET W 163 55.51 33.32 58.29
C MET W 163 56.22 34.11 59.37
N ASN W 164 56.09 33.68 60.63
CA ASN W 164 56.81 34.35 61.72
C ASN W 164 58.31 34.33 61.48
N GLU W 165 58.84 33.19 61.04
CA GLU W 165 60.27 33.10 60.76
C GLU W 165 60.67 34.04 59.64
N LEU W 166 59.91 34.02 58.55
CA LEU W 166 60.24 34.91 57.45
C LEU W 166 60.18 36.37 57.88
N MET W 167 59.27 36.69 58.79
CA MET W 167 59.14 38.07 59.25
C MET W 167 60.33 38.47 60.14
N ALA W 168 60.77 37.56 61.03
CA ALA W 168 61.95 37.83 61.84
C ALA W 168 63.20 38.03 60.98
N LEU W 169 63.34 37.24 59.93
CA LEU W 169 64.45 37.40 59.02
C LEU W 169 64.48 38.81 58.44
N HIS W 170 63.40 39.21 57.77
CA HIS W 170 63.40 40.46 57.02
C HIS W 170 63.44 41.68 57.92
N THR W 171 62.86 41.61 59.12
CA THR W 171 62.87 42.74 60.05
C THR W 171 64.11 42.77 60.92
N GLY W 172 64.75 41.63 61.14
CA GLY W 172 65.78 41.55 62.13
C GLY W 172 65.28 41.54 63.54
N GLN W 173 64.00 41.27 63.75
CA GLN W 173 63.50 41.01 65.09
C GLN W 173 63.76 39.53 65.44
N SER W 174 63.62 39.22 66.73
CA SER W 174 63.66 37.82 67.12
C SER W 174 62.32 37.16 66.80
N LEU W 175 62.34 35.83 66.69
CA LEU W 175 61.10 35.09 66.54
C LEU W 175 60.15 35.38 67.71
N GLU W 176 60.71 35.52 68.91
CA GLU W 176 59.87 35.75 70.09
C GLU W 176 59.17 37.09 70.01
N GLN W 177 59.89 38.13 69.59
CA GLN W 177 59.26 39.43 69.46
C GLN W 177 58.21 39.42 68.34
N ILE W 178 58.49 38.70 67.24
CA ILE W 178 57.52 38.61 66.15
C ILE W 178 56.26 37.89 66.65
N GLU W 179 56.44 36.89 67.51
CA GLU W 179 55.29 36.15 68.03
C GLU W 179 54.44 37.01 68.95
N ARG W 180 55.07 37.74 69.86
CA ARG W 180 54.33 38.69 70.70
C ARG W 180 53.62 39.73 69.85
N ASP W 181 54.35 40.35 68.93
CA ASP W 181 53.82 41.51 68.23
C ASP W 181 52.82 41.13 67.16
N THR W 182 52.72 39.85 66.78
CA THR W 182 51.78 39.45 65.74
C THR W 182 50.63 38.58 66.26
N GLU W 183 50.47 38.43 67.57
CA GLU W 183 49.30 37.70 68.03
C GLU W 183 48.02 38.52 67.86
N ARG W 184 48.10 39.82 68.10
CA ARG W 184 46.98 40.70 67.85
C ARG W 184 47.34 41.73 66.80
N ASP W 185 46.31 42.25 66.13
CA ASP W 185 46.50 43.35 65.21
C ASP W 185 47.36 44.43 65.87
N ARG W 186 48.35 44.89 65.12
CA ARG W 186 49.32 45.85 65.63
C ARG W 186 49.59 46.87 64.54
N PHE W 187 49.22 48.12 64.80
CA PHE W 187 49.43 49.20 63.84
C PHE W 187 50.78 49.87 64.03
N LEU W 188 51.29 50.43 62.94
CA LEU W 188 52.64 50.99 62.90
C LEU W 188 52.65 52.19 61.97
N SER W 189 53.04 53.35 62.50
CA SER W 189 53.24 54.48 61.61
C SER W 189 54.47 54.24 60.74
N ALA W 190 54.64 55.10 59.75
CA ALA W 190 55.85 55.06 58.93
C ALA W 190 57.12 55.14 59.77
N PRO W 191 57.29 56.09 60.69
CA PRO W 191 58.49 56.05 61.55
C PRO W 191 58.57 54.79 62.38
N GLU W 192 57.43 54.34 62.94
CA GLU W 192 57.43 53.09 63.69
C GLU W 192 57.85 51.92 62.83
N ALA W 193 57.46 51.93 61.55
CA ALA W 193 57.91 50.88 60.63
C ALA W 193 59.42 50.92 60.43
N VAL W 194 60.02 52.12 60.44
CA VAL W 194 61.48 52.20 60.28
C VAL W 194 62.17 51.63 61.51
N GLU W 195 61.69 52.00 62.71
CA GLU W 195 62.31 51.55 63.95
C GLU W 195 62.13 50.07 64.23
N TYR W 196 61.25 49.40 63.49
CA TYR W 196 60.97 48.00 63.73
C TYR W 196 61.72 47.09 62.78
N GLY W 197 62.36 47.65 61.76
CA GLY W 197 62.99 46.84 60.74
C GLY W 197 62.06 46.43 59.63
N LEU W 198 60.77 46.78 59.73
CA LEU W 198 59.83 46.42 58.69
C LEU W 198 60.20 47.07 57.36
N VAL W 199 60.57 48.36 57.38
CA VAL W 199 61.12 49.04 56.21
C VAL W 199 62.40 49.74 56.60
N ASP W 200 63.13 50.21 55.59
CA ASP W 200 64.40 50.85 55.87
C ASP W 200 64.24 52.35 56.15
N SER W 201 63.58 53.09 55.27
CA SER W 201 63.51 54.52 55.47
C SER W 201 62.17 55.06 54.97
N ILE W 202 62.01 56.36 55.14
CA ILE W 202 60.84 57.10 54.71
C ILE W 202 61.22 57.93 53.50
N LEU W 203 60.51 57.75 52.39
CA LEU W 203 60.54 58.75 51.32
C LEU W 203 59.76 59.98 51.74
N THR W 204 60.29 61.16 51.46
CA THR W 204 59.49 62.36 51.74
C THR W 204 59.39 63.23 50.50
N HIS W 205 60.47 63.91 50.15
CA HIS W 205 60.54 64.80 49.00
C HIS W 205 61.46 64.19 47.95
N ARG W 206 61.11 64.41 46.68
CA ARG W 206 61.97 63.98 45.59
C ARG W 206 63.03 65.04 45.35
N ASN W 207 64.30 64.63 45.41
CA ASN W 207 65.45 65.54 45.33
C ASN W 207 65.59 66.26 43.99
N VAL X 17 34.30 56.90 25.92
CA VAL X 17 33.45 58.11 26.03
C VAL X 17 34.36 59.34 26.23
N PRO X 18 34.29 60.36 25.35
CA PRO X 18 34.61 60.23 23.90
C PRO X 18 36.11 60.01 23.68
N MET X 19 36.51 59.79 22.43
CA MET X 19 37.95 59.50 22.13
C MET X 19 38.42 60.31 20.90
N VAL X 20 38.96 61.50 21.11
CA VAL X 20 39.56 62.28 19.97
C VAL X 20 40.53 63.33 20.55
N ASP X 32 40.76 60.55 23.11
CA ASP X 32 40.43 59.94 24.38
C ASP X 32 40.56 61.07 25.39
N ILE X 33 39.44 61.74 25.67
CA ILE X 33 39.50 63.08 26.24
C ILE X 33 40.40 63.12 27.47
N TYR X 34 40.24 62.16 28.40
CA TYR X 34 41.05 62.24 29.62
C TYR X 34 42.52 62.00 29.33
N SER X 35 42.88 61.19 28.33
CA SER X 35 44.29 61.06 27.98
C SER X 35 44.78 62.25 27.16
N ARG X 36 43.86 62.95 26.51
CA ARG X 36 44.19 64.22 25.89
C ARG X 36 44.43 65.29 26.95
N LEU X 37 43.52 65.43 27.91
CA LEU X 37 43.77 66.35 29.02
C LEU X 37 44.98 65.90 29.84
N LEU X 38 45.16 64.60 30.00
CA LEU X 38 46.34 64.13 30.72
C LEU X 38 47.62 64.61 30.05
N LYS X 39 47.64 64.61 28.72
CA LYS X 39 48.82 65.08 27.99
C LYS X 39 49.19 66.50 28.41
N GLU X 40 48.22 67.29 28.85
CA GLU X 40 48.47 68.64 29.34
C GLU X 40 48.47 68.71 30.86
N ARG X 41 48.80 67.61 31.53
CA ARG X 41 49.08 67.60 32.96
C ARG X 41 47.83 67.87 33.80
N VAL X 42 46.68 67.36 33.34
CA VAL X 42 45.41 67.54 34.03
C VAL X 42 44.87 66.17 34.42
N ILE X 43 44.70 65.95 35.72
CA ILE X 43 44.22 64.69 36.26
C ILE X 43 42.89 64.95 36.96
N PHE X 44 41.95 64.01 36.82
CA PHE X 44 40.63 64.13 37.40
C PHE X 44 40.45 63.11 38.52
N LEU X 45 40.15 63.62 39.71
CA LEU X 45 39.77 62.87 40.89
C LEU X 45 38.27 63.09 41.02
N THR X 46 37.49 62.10 40.62
CA THR X 46 36.05 62.24 40.54
C THR X 46 35.38 61.15 41.36
N GLY X 47 34.46 61.55 42.22
CA GLY X 47 33.67 60.59 42.95
C GLY X 47 34.39 60.00 44.14
N GLN X 48 33.84 58.88 44.60
CA GLN X 48 34.31 58.24 45.82
C GLN X 48 35.79 57.89 45.74
N VAL X 49 36.50 58.15 46.85
CA VAL X 49 37.94 57.88 46.95
C VAL X 49 38.12 56.48 47.51
N GLU X 50 38.84 55.64 46.76
CA GLU X 50 39.08 54.24 47.12
C GLU X 50 40.33 53.79 46.39
N ASP X 51 40.80 52.58 46.74
CA ASP X 51 42.17 52.19 46.38
C ASP X 51 42.38 52.22 44.88
N HIS X 52 41.45 51.70 44.10
CA HIS X 52 41.75 51.53 42.68
C HIS X 52 41.71 52.85 41.93
N MET X 53 40.71 53.72 42.19
CA MET X 53 40.71 55.02 41.56
C MET X 53 41.90 55.85 42.03
N ALA X 54 42.31 55.66 43.30
CA ALA X 54 43.44 56.42 43.84
C ALA X 54 44.73 56.04 43.15
N ASN X 55 44.97 54.73 43.00
CA ASN X 55 46.14 54.23 42.28
C ASN X 55 46.22 54.84 40.89
N LEU X 56 45.08 54.93 40.21
CA LEU X 56 45.02 55.55 38.88
C LEU X 56 45.57 56.97 38.93
N ILE X 57 45.13 57.75 39.92
CA ILE X 57 45.62 59.11 40.06
C ILE X 57 47.09 59.10 40.40
N VAL X 58 47.50 58.24 41.34
CA VAL X 58 48.92 58.12 41.66
C VAL X 58 49.73 57.86 40.40
N ALA X 59 49.37 56.82 39.64
CA ALA X 59 50.14 56.49 38.45
C ALA X 59 50.22 57.68 37.50
N GLN X 60 49.10 58.40 37.34
CA GLN X 60 49.12 59.59 36.51
C GLN X 60 50.12 60.62 37.04
N MET X 61 50.14 60.84 38.35
CA MET X 61 51.08 61.82 38.90
C MET X 61 52.52 61.37 38.71
N LEU X 62 52.80 60.09 38.97
CA LEU X 62 54.15 59.58 38.72
C LEU X 62 54.51 59.69 37.25
N PHE X 63 53.55 59.39 36.37
CA PHE X 63 53.81 59.56 34.94
C PHE X 63 54.10 61.02 34.60
N LEU X 64 53.30 61.95 35.11
CA LEU X 64 53.51 63.35 34.75
C LEU X 64 54.85 63.87 35.29
N GLU X 65 55.23 63.45 36.50
CA GLU X 65 56.54 63.82 37.02
C GLU X 65 57.65 63.28 36.12
N ALA X 66 57.47 62.06 35.61
CA ALA X 66 58.45 61.47 34.69
C ALA X 66 58.62 62.30 33.42
N GLU X 67 57.50 62.67 32.78
CA GLU X 67 57.57 63.54 31.60
C GLU X 67 58.27 64.85 31.89
N ASN X 68 57.97 65.46 33.02
CA ASN X 68 58.60 66.73 33.30
C ASN X 68 58.46 67.07 34.78
N PRO X 69 59.52 66.86 35.55
CA PRO X 69 59.45 67.12 36.99
C PRO X 69 59.43 68.60 37.31
N GLU X 70 59.26 69.43 36.28
CA GLU X 70 59.26 70.87 36.43
C GLU X 70 57.86 71.45 36.34
N LYS X 71 57.14 71.21 35.24
CA LYS X 71 55.86 71.87 35.04
C LYS X 71 54.89 71.49 36.15
N ASP X 72 53.95 72.39 36.43
CA ASP X 72 52.87 72.10 37.38
C ASP X 72 52.02 70.94 36.89
N ILE X 73 51.34 70.27 37.84
CA ILE X 73 50.28 69.32 37.57
C ILE X 73 48.99 69.94 38.11
N TYR X 74 47.87 69.67 37.42
CA TYR X 74 46.55 70.17 37.78
C TYR X 74 45.62 69.02 38.14
N LEU X 75 45.14 69.02 39.39
CA LEU X 75 44.23 68.01 39.91
C LEU X 75 42.85 68.64 40.13
N TYR X 76 41.88 68.23 39.29
CA TYR X 76 40.48 68.60 39.45
C TYR X 76 39.81 67.64 40.44
N ILE X 77 39.16 68.21 41.46
CA ILE X 77 38.54 67.42 42.50
C ILE X 77 37.03 67.65 42.49
N ASN X 78 36.28 66.57 42.35
CA ASN X 78 34.83 66.57 42.52
C ASN X 78 34.55 65.23 43.18
N SER X 79 34.48 65.24 44.51
CA SER X 79 34.49 64.01 45.24
C SER X 79 33.71 64.19 46.53
N PRO X 80 32.99 63.16 46.97
CA PRO X 80 32.38 63.19 48.30
C PRO X 80 33.29 62.71 49.40
N GLY X 81 34.47 62.19 49.05
CA GLY X 81 35.34 61.63 50.06
C GLY X 81 35.61 60.16 49.79
N GLY X 82 35.96 59.40 50.81
CA GLY X 82 36.23 57.99 50.61
C GLY X 82 37.19 57.46 51.66
N VAL X 83 37.89 56.40 51.26
CA VAL X 83 38.79 55.67 52.15
C VAL X 83 40.01 56.53 52.46
N ILE X 84 40.33 56.62 53.75
CA ILE X 84 41.39 57.52 54.22
C ILE X 84 42.76 57.04 53.71
N THR X 85 43.09 55.76 53.92
CA THR X 85 44.39 55.27 53.46
C THR X 85 44.55 55.50 51.97
N ALA X 86 43.45 55.34 51.20
CA ALA X 86 43.53 55.51 49.76
C ALA X 86 43.72 56.97 49.38
N GLY X 87 43.09 57.88 50.11
CA GLY X 87 43.39 59.29 49.93
C GLY X 87 44.82 59.64 50.32
N MET X 88 45.30 59.05 51.42
CA MET X 88 46.66 59.33 51.86
C MET X 88 47.68 58.90 50.81
N SER X 89 47.39 57.82 50.07
CA SER X 89 48.24 57.44 48.95
C SER X 89 48.32 58.56 47.92
N ILE X 90 47.19 59.17 47.58
CA ILE X 90 47.19 60.33 46.68
C ILE X 90 47.96 61.49 47.29
N TYR X 91 47.78 61.70 48.60
CA TYR X 91 48.40 62.83 49.30
C TYR X 91 49.92 62.72 49.35
N ASP X 92 50.44 61.53 49.68
CA ASP X 92 51.88 61.40 49.81
C ASP X 92 52.58 61.52 48.45
N THR X 93 51.99 60.92 47.41
CA THR X 93 52.55 61.11 46.07
C THR X 93 52.61 62.58 45.71
N MET X 94 51.50 63.29 45.97
CA MET X 94 51.43 64.73 45.74
C MET X 94 52.65 65.41 46.35
N GLN X 95 52.87 65.19 47.64
CA GLN X 95 53.99 65.80 48.35
C GLN X 95 55.34 65.33 47.81
N PHE X 96 55.46 64.05 47.49
CA PHE X 96 56.76 63.46 47.18
C PHE X 96 57.27 63.93 45.84
N ILE X 97 56.40 63.94 44.82
CA ILE X 97 56.85 64.27 43.46
C ILE X 97 57.34 65.71 43.42
N LYS X 98 58.34 65.95 42.56
CA LYS X 98 58.86 67.31 42.41
C LYS X 98 57.81 68.29 41.90
N PRO X 99 56.98 67.97 40.90
CA PRO X 99 55.96 68.93 40.46
C PRO X 99 55.09 69.45 41.60
N ASP X 100 54.78 70.74 41.53
CA ASP X 100 53.65 71.31 42.25
C ASP X 100 52.35 70.70 41.73
N VAL X 101 51.48 70.31 42.65
CA VAL X 101 50.16 69.82 42.32
C VAL X 101 49.18 70.93 42.66
N SER X 102 48.62 71.53 41.63
CA SER X 102 47.60 72.56 41.79
C SER X 102 46.22 71.87 41.78
N THR X 103 45.39 72.18 42.77
CA THR X 103 44.11 71.53 42.96
C THR X 103 42.98 72.49 42.63
N ILE X 104 41.96 71.98 41.94
CA ILE X 104 40.83 72.79 41.48
C ILE X 104 39.54 72.10 41.91
N CYS X 105 38.86 72.67 42.89
CA CYS X 105 37.60 72.10 43.35
C CYS X 105 36.47 72.53 42.41
N MET X 106 35.67 71.54 42.03
CA MET X 106 34.59 71.74 41.06
C MET X 106 33.44 70.87 41.52
N GLY X 107 32.25 71.44 41.57
CA GLY X 107 31.13 70.72 42.15
C GLY X 107 31.25 70.61 43.65
N GLN X 108 31.99 69.62 44.14
CA GLN X 108 32.13 69.46 45.58
C GLN X 108 33.45 68.77 45.90
N ALA X 109 34.00 69.09 47.08
CA ALA X 109 35.16 68.39 47.63
C ALA X 109 34.85 68.24 49.11
N ALA X 110 34.39 67.06 49.49
CA ALA X 110 33.97 66.78 50.86
C ALA X 110 34.92 65.79 51.49
N SER X 111 35.16 65.97 52.80
CA SER X 111 35.86 64.99 53.63
C SER X 111 37.24 64.80 53.01
N MET X 112 37.67 63.57 52.66
CA MET X 112 39.00 63.40 52.09
C MET X 112 39.16 64.19 50.80
N GLY X 113 38.07 64.37 50.05
CA GLY X 113 38.12 65.26 48.91
C GLY X 113 38.59 66.64 49.28
N ALA X 114 38.09 67.15 50.41
CA ALA X 114 38.45 68.48 50.88
C ALA X 114 39.90 68.55 51.34
N PHE X 115 40.37 67.47 51.98
CA PHE X 115 41.77 67.40 52.41
C PHE X 115 42.70 67.40 51.21
N LEU X 116 42.40 66.60 50.19
CA LEU X 116 43.27 66.57 49.02
C LEU X 116 43.23 67.89 48.27
N LEU X 117 42.08 68.56 48.30
CA LEU X 117 41.99 69.92 47.79
C LEU X 117 43.00 70.82 48.50
N THR X 118 42.90 70.90 49.83
CA THR X 118 43.78 71.81 50.57
C THR X 118 45.24 71.35 50.59
N ALA X 119 45.51 70.09 50.24
CA ALA X 119 46.87 69.57 50.19
C ALA X 119 47.65 70.05 48.96
N GLY X 120 46.99 70.75 48.03
CA GLY X 120 47.69 71.24 46.87
C GLY X 120 48.71 72.29 47.21
N ALA X 121 49.59 72.56 46.23
CA ALA X 121 50.69 73.51 46.40
C ALA X 121 50.16 74.88 46.78
N LYS X 122 50.61 75.40 47.93
CA LYS X 122 50.14 76.69 48.43
C LYS X 122 50.22 77.75 47.34
N GLY X 123 49.22 78.65 47.35
CA GLY X 123 49.00 79.56 46.25
C GLY X 123 48.40 78.96 44.99
N LYS X 124 48.25 77.64 44.90
CA LYS X 124 47.77 77.04 43.65
C LYS X 124 46.53 76.20 43.85
N ARG X 125 45.79 76.44 44.93
CA ARG X 125 44.57 75.71 45.27
C ARG X 125 43.38 76.62 45.00
N PHE X 126 42.37 76.08 44.29
CA PHE X 126 41.29 76.88 43.71
C PHE X 126 39.91 76.27 43.94
N CYS X 127 38.93 77.14 44.16
CA CYS X 127 37.52 76.78 44.06
C CYS X 127 36.91 77.47 42.85
N LEU X 128 36.01 76.76 42.18
CA LEU X 128 35.10 77.43 41.29
C LEU X 128 34.03 78.10 42.14
N PRO X 129 33.39 79.17 41.63
CA PRO X 129 32.56 80.01 42.50
C PRO X 129 31.44 79.29 43.22
N ASN X 130 30.92 78.21 42.66
CA ASN X 130 29.73 77.59 43.23
C ASN X 130 30.01 76.19 43.79
N SER X 131 31.27 75.84 43.99
CA SER X 131 31.51 74.53 44.56
C SER X 131 31.35 74.58 46.07
N ARG X 132 31.33 73.41 46.72
CA ARG X 132 31.26 73.44 48.17
C ARG X 132 32.21 72.41 48.78
N VAL X 133 32.69 72.79 49.96
CA VAL X 133 33.66 72.01 50.72
C VAL X 133 32.93 71.53 51.96
N MET X 134 33.18 70.28 52.33
CA MET X 134 32.70 69.78 53.60
C MET X 134 33.86 69.17 54.34
N ILE X 135 34.03 69.54 55.61
CA ILE X 135 35.04 68.93 56.43
C ILE X 135 34.36 68.28 57.64
N HIS X 136 34.92 67.18 58.12
CA HIS X 136 34.46 66.53 59.34
C HIS X 136 35.58 65.62 59.85
N GLN X 137 35.21 64.60 60.60
CA GLN X 137 36.19 63.73 61.25
C GLN X 137 36.11 62.32 60.68
N PRO X 138 37.14 61.49 60.88
CA PRO X 138 37.13 60.13 60.31
C PRO X 138 35.93 59.30 60.77
N LEU X 139 35.39 58.52 59.85
CA LEU X 139 34.33 57.57 60.15
C LEU X 139 34.91 56.16 60.11
N GLY X 140 34.55 55.35 61.09
CA GLY X 140 35.07 54.01 61.08
C GLY X 140 34.08 53.02 61.66
N GLY X 141 34.56 51.79 61.80
CA GLY X 141 33.75 50.76 62.37
C GLY X 141 34.49 49.45 62.47
N TYR X 142 34.47 48.84 63.65
CA TYR X 142 35.10 47.54 63.86
C TYR X 142 34.13 46.59 64.55
N GLN X 143 34.45 45.30 64.45
CA GLN X 143 33.82 44.21 65.17
C GLN X 143 34.90 43.27 65.67
N GLY X 144 34.79 42.86 66.92
CA GLY X 144 35.74 41.89 67.45
C GLY X 144 35.64 41.83 68.95
N GLN X 145 36.62 41.13 69.53
CA GLN X 145 36.79 41.15 70.97
C GLN X 145 37.09 42.56 71.46
N ALA X 146 36.72 42.81 72.72
CA ALA X 146 37.03 44.08 73.37
C ALA X 146 38.50 44.46 73.21
N THR X 147 39.41 43.47 73.32
CA THR X 147 40.83 43.77 73.19
C THR X 147 41.16 44.34 71.81
N ASP X 148 40.60 43.74 70.77
CA ASP X 148 40.87 44.18 69.41
C ASP X 148 40.18 45.51 69.11
N ILE X 149 38.95 45.69 69.61
CA ILE X 149 38.23 46.95 69.43
C ILE X 149 39.07 48.11 69.96
N GLU X 150 39.76 47.89 71.08
CA GLU X 150 40.59 48.94 71.66
C GLU X 150 41.75 49.29 70.74
N ILE X 151 42.41 48.29 70.18
CA ILE X 151 43.47 48.55 69.21
C ILE X 151 42.94 49.35 68.04
N HIS X 152 41.74 49.00 67.54
CA HIS X 152 41.23 49.67 66.34
C HIS X 152 40.61 51.01 66.67
N ALA X 153 40.01 51.16 67.85
CA ALA X 153 39.54 52.48 68.25
C ALA X 153 40.73 53.42 68.42
N ARG X 154 41.72 52.98 69.21
CA ARG X 154 42.98 53.71 69.33
C ARG X 154 43.48 54.16 67.97
N GLU X 155 43.54 53.25 66.99
CA GLU X 155 44.16 53.61 65.73
C GLU X 155 43.35 54.70 65.02
N ILE X 156 42.01 54.66 65.11
CA ILE X 156 41.25 55.67 64.38
C ILE X 156 41.39 57.03 65.08
N LEU X 157 41.63 57.05 66.39
CA LEU X 157 41.88 58.32 67.07
C LEU X 157 43.20 58.96 66.62
N LYS X 158 44.27 58.15 66.49
CA LYS X 158 45.52 58.66 65.92
C LYS X 158 45.31 59.21 64.51
N VAL X 159 44.61 58.46 63.65
CA VAL X 159 44.34 58.93 62.29
C VAL X 159 43.62 60.27 62.34
N LYS X 160 42.58 60.34 63.18
CA LYS X 160 41.88 61.60 63.40
C LYS X 160 42.82 62.72 63.84
N GLY X 161 43.79 62.42 64.70
CA GLY X 161 44.72 63.43 65.18
C GLY X 161 45.74 63.81 64.12
N ARG X 162 46.21 62.77 63.44
CA ARG X 162 47.01 62.92 62.22
C ARG X 162 46.34 63.87 61.21
N MET X 163 45.10 63.54 60.80
CA MET X 163 44.42 64.39 59.82
C MET X 163 44.26 65.81 60.32
N ASN X 164 43.85 65.97 61.58
CA ASN X 164 43.73 67.31 62.15
C ASN X 164 45.06 68.06 62.06
N GLU X 165 46.16 67.40 62.45
CA GLU X 165 47.49 68.00 62.32
C GLU X 165 47.73 68.46 60.89
N LEU X 166 47.48 67.58 59.91
CA LEU X 166 47.76 67.92 58.51
C LEU X 166 46.84 69.03 58.02
N MET X 167 45.55 69.02 58.42
CA MET X 167 44.66 70.15 58.16
C MET X 167 45.23 71.46 58.73
N ALA X 168 45.61 71.47 60.02
CA ALA X 168 46.26 72.63 60.64
C ALA X 168 47.40 73.15 59.77
N LEU X 169 48.31 72.26 59.39
CA LEU X 169 49.46 72.62 58.58
C LEU X 169 49.06 73.31 57.28
N HIS X 170 48.13 72.71 56.53
CA HIS X 170 47.83 73.23 55.20
C HIS X 170 46.92 74.46 55.22
N THR X 171 45.98 74.53 56.18
CA THR X 171 45.10 75.68 56.26
C THR X 171 45.70 76.86 57.02
N GLY X 172 46.65 76.62 57.91
CA GLY X 172 47.11 77.67 58.79
C GLY X 172 46.25 77.93 60.02
N GLN X 173 45.21 77.12 60.26
CA GLN X 173 44.44 77.28 61.47
C GLN X 173 45.12 76.52 62.62
N SER X 174 44.72 76.87 63.84
CA SER X 174 45.27 76.20 65.00
C SER X 174 44.68 74.80 65.14
N LEU X 175 45.44 73.90 65.77
CA LEU X 175 44.95 72.55 66.03
C LEU X 175 43.54 72.56 66.62
N GLU X 176 43.29 73.43 67.61
CA GLU X 176 41.99 73.47 68.26
C GLU X 176 40.89 73.94 67.31
N GLN X 177 41.21 74.90 66.45
CA GLN X 177 40.26 75.34 65.44
C GLN X 177 39.83 74.17 64.56
N ILE X 178 40.80 73.44 64.00
CA ILE X 178 40.49 72.27 63.18
C ILE X 178 39.70 71.26 64.00
N GLU X 179 40.17 70.95 65.21
CA GLU X 179 39.49 69.96 66.05
C GLU X 179 38.04 70.35 66.28
N ARG X 180 37.81 71.60 66.69
CA ARG X 180 36.45 71.99 67.01
C ARG X 180 35.59 72.10 65.75
N ASP X 181 36.17 72.56 64.65
CA ASP X 181 35.42 72.75 63.42
C ASP X 181 35.02 71.46 62.72
N THR X 182 35.72 70.35 62.94
CA THR X 182 35.45 69.10 62.23
C THR X 182 34.82 68.01 63.10
N GLU X 183 34.48 68.32 64.35
CA GLU X 183 33.79 67.34 65.17
C GLU X 183 32.47 66.92 64.54
N ARG X 184 31.79 67.84 63.85
CA ARG X 184 30.61 67.52 63.04
C ARG X 184 30.79 68.09 61.64
N ASP X 185 29.90 67.66 60.75
CA ASP X 185 29.96 68.12 59.36
C ASP X 185 29.90 69.64 59.31
N ARG X 186 30.76 70.23 58.47
CA ARG X 186 30.87 71.68 58.40
C ARG X 186 31.06 72.07 56.95
N PHE X 187 30.18 72.94 56.43
CA PHE X 187 30.19 73.27 55.01
C PHE X 187 30.86 74.61 54.82
N LEU X 188 31.40 74.83 53.62
CA LEU X 188 32.04 76.10 53.28
C LEU X 188 31.80 76.38 51.81
N SER X 189 31.31 77.57 51.52
CA SER X 189 31.31 78.00 50.13
C SER X 189 32.75 78.36 49.72
N ALA X 190 32.94 78.58 48.42
CA ALA X 190 34.24 79.04 47.93
C ALA X 190 34.80 80.21 48.73
N PRO X 191 34.09 81.35 48.88
CA PRO X 191 34.67 82.45 49.68
C PRO X 191 35.13 82.02 51.07
N GLU X 192 34.28 81.30 51.80
CA GLU X 192 34.63 80.84 53.15
C GLU X 192 35.88 79.97 53.14
N ALA X 193 36.05 79.13 52.12
CA ALA X 193 37.23 78.27 52.06
C ALA X 193 38.49 79.09 51.85
N VAL X 194 38.38 80.15 51.04
CA VAL X 194 39.47 81.11 50.93
C VAL X 194 39.77 81.68 52.29
N GLU X 195 38.73 82.18 52.97
CA GLU X 195 38.93 82.82 54.26
C GLU X 195 39.49 81.85 55.29
N TYR X 196 39.14 80.57 55.19
CA TYR X 196 39.59 79.57 56.14
C TYR X 196 41.00 79.04 55.84
N GLY X 197 41.57 79.35 54.68
CA GLY X 197 42.82 78.76 54.29
C GLY X 197 42.70 77.38 53.68
N LEU X 198 41.51 76.97 53.25
CA LEU X 198 41.42 75.72 52.54
C LEU X 198 41.93 75.86 51.11
N VAL X 199 41.53 76.92 50.42
CA VAL X 199 42.04 77.23 49.09
C VAL X 199 42.52 78.67 49.07
N ASP X 200 43.24 79.03 48.02
CA ASP X 200 43.85 80.35 47.93
C ASP X 200 42.98 81.37 47.21
N SER X 201 42.25 80.98 46.16
CA SER X 201 41.41 81.97 45.49
C SER X 201 40.30 81.27 44.74
N ILE X 202 39.37 82.09 44.26
CA ILE X 202 38.21 81.60 43.51
C ILE X 202 38.46 81.92 42.06
N LEU X 203 38.59 80.88 41.25
CA LEU X 203 38.63 81.04 39.79
C LEU X 203 37.23 81.42 39.30
N THR X 204 37.14 82.52 38.55
CA THR X 204 35.83 82.89 38.02
C THR X 204 35.82 82.88 36.50
N HIS X 205 36.62 83.71 35.83
CA HIS X 205 36.65 83.76 34.39
C HIS X 205 38.09 83.61 33.92
N ARG X 206 38.27 82.98 32.77
CA ARG X 206 39.62 82.78 32.20
C ARG X 206 40.21 84.15 31.83
N ASN X 207 41.47 84.37 32.19
CA ASN X 207 42.16 85.66 32.00
C ASN X 207 41.81 86.42 30.72
N LEU Y 16 28.91 49.70 19.89
CA LEU Y 16 27.58 50.22 20.16
C LEU Y 16 27.35 51.55 19.42
N VAL Y 17 28.38 52.39 19.44
CA VAL Y 17 28.37 53.70 18.80
C VAL Y 17 28.77 53.54 17.34
N PRO Y 18 28.15 54.23 16.37
CA PRO Y 18 28.68 54.17 15.00
C PRO Y 18 29.96 54.98 14.87
N MET Y 19 30.85 54.51 13.97
CA MET Y 19 32.08 55.23 13.62
C MET Y 19 31.98 55.92 12.26
N VAL Y 20 33.08 56.54 11.85
CA VAL Y 20 33.18 57.17 10.54
C VAL Y 20 34.58 57.00 9.92
N ASP Y 32 34.04 57.12 15.90
CA ASP Y 32 33.08 57.31 16.99
C ASP Y 32 32.25 58.55 16.66
N ILE Y 33 30.92 58.43 16.77
CA ILE Y 33 30.04 59.48 16.27
C ILE Y 33 30.13 60.71 17.16
N TYR Y 34 30.31 60.52 18.47
CA TYR Y 34 30.31 61.63 19.39
C TYR Y 34 31.61 62.41 19.31
N SER Y 35 32.75 61.71 19.22
CA SER Y 35 34.02 62.38 18.99
C SER Y 35 33.98 63.19 17.70
N ARG Y 36 33.20 62.75 16.71
CA ARG Y 36 33.14 63.47 15.44
C ARG Y 36 32.38 64.77 15.59
N LEU Y 37 31.22 64.72 16.25
CA LEU Y 37 30.49 65.96 16.53
C LEU Y 37 31.21 66.84 17.53
N LEU Y 38 32.16 66.28 18.29
CA LEU Y 38 33.01 67.09 19.17
C LEU Y 38 33.98 67.93 18.37
N LYS Y 39 34.44 67.41 17.22
CA LYS Y 39 35.20 68.23 16.28
C LYS Y 39 34.41 69.42 15.78
N GLU Y 40 33.07 69.38 15.86
CA GLU Y 40 32.22 70.53 15.55
C GLU Y 40 31.82 71.33 16.79
N ARG Y 41 32.49 71.11 17.93
CA ARG Y 41 32.24 71.89 19.15
C ARG Y 41 30.83 71.67 19.70
N VAL Y 42 30.26 70.49 19.42
CA VAL Y 42 28.98 70.04 19.95
C VAL Y 42 29.24 69.03 21.07
N ILE Y 43 28.59 69.22 22.21
CA ILE Y 43 28.70 68.33 23.35
C ILE Y 43 27.29 67.93 23.74
N PHE Y 44 27.10 66.69 24.18
CA PHE Y 44 25.80 66.14 24.51
C PHE Y 44 25.69 65.87 26.01
N LEU Y 45 24.63 66.39 26.61
CA LEU Y 45 24.29 66.20 28.01
C LEU Y 45 22.94 65.48 27.99
N THR Y 46 22.97 64.17 28.25
CA THR Y 46 21.79 63.32 28.15
C THR Y 46 21.62 62.52 29.43
N GLY Y 47 20.36 62.28 29.79
CA GLY Y 47 20.05 61.48 30.96
C GLY Y 47 20.38 62.15 32.29
N GLN Y 48 20.53 61.29 33.30
CA GLN Y 48 20.70 61.74 34.67
C GLN Y 48 22.03 62.47 34.82
N VAL Y 49 21.97 63.63 35.47
CA VAL Y 49 23.16 64.43 35.73
C VAL Y 49 23.83 63.87 36.97
N GLU Y 50 25.04 63.33 36.82
CA GLU Y 50 25.76 62.72 37.92
C GLU Y 50 27.26 62.98 37.73
N ASP Y 51 28.00 62.79 38.83
CA ASP Y 51 29.43 63.13 38.88
C ASP Y 51 30.21 62.77 37.62
N HIS Y 52 30.06 61.53 37.14
CA HIS Y 52 30.95 61.05 36.09
C HIS Y 52 30.57 61.55 34.72
N MET Y 53 29.27 61.61 34.37
CA MET Y 53 28.94 62.23 33.10
C MET Y 53 29.17 63.74 33.17
N ALA Y 54 28.95 64.36 34.33
CA ALA Y 54 29.29 65.76 34.48
C ALA Y 54 30.76 65.98 34.19
N ASN Y 55 31.62 65.15 34.79
CA ASN Y 55 33.05 65.39 34.61
C ASN Y 55 33.45 65.24 33.15
N LEU Y 56 32.80 64.30 32.44
CA LEU Y 56 33.03 64.13 31.02
C LEU Y 56 32.67 65.39 30.26
N ILE Y 57 31.56 66.02 30.63
CA ILE Y 57 31.16 67.23 29.93
C ILE Y 57 32.15 68.35 30.22
N VAL Y 58 32.62 68.44 31.47
CA VAL Y 58 33.66 69.41 31.82
C VAL Y 58 34.91 69.16 30.99
N ALA Y 59 35.32 67.88 30.92
CA ALA Y 59 36.50 67.50 30.14
C ALA Y 59 36.36 67.94 28.69
N GLN Y 60 35.17 67.77 28.11
CA GLN Y 60 35.00 68.18 26.73
C GLN Y 60 35.02 69.70 26.57
N MET Y 61 34.51 70.45 27.56
CA MET Y 61 34.61 71.91 27.44
C MET Y 61 36.05 72.39 27.60
N LEU Y 62 36.78 71.83 28.58
CA LEU Y 62 38.17 72.19 28.77
C LEU Y 62 38.98 71.96 27.51
N PHE Y 63 38.61 70.94 26.73
CA PHE Y 63 39.34 70.60 25.51
C PHE Y 63 38.97 71.54 24.37
N LEU Y 64 37.69 71.86 24.20
CA LEU Y 64 37.28 72.73 23.10
C LEU Y 64 37.78 74.15 23.30
N GLU Y 65 37.82 74.63 24.54
CA GLU Y 65 38.52 75.88 24.83
C GLU Y 65 40.00 75.77 24.46
N ALA Y 66 40.64 74.67 24.88
CA ALA Y 66 42.04 74.44 24.50
C ALA Y 66 42.21 74.44 22.99
N GLU Y 67 41.32 73.78 22.25
CA GLU Y 67 41.44 73.73 20.80
C GLU Y 67 41.28 75.11 20.18
N ASN Y 68 40.51 75.99 20.82
CA ASN Y 68 40.13 77.30 20.30
C ASN Y 68 39.33 78.05 21.36
N PRO Y 69 39.92 79.07 22.00
CA PRO Y 69 39.23 79.76 23.11
C PRO Y 69 38.17 80.73 22.67
N GLU Y 70 38.09 81.06 21.37
CA GLU Y 70 37.16 82.04 20.83
C GLU Y 70 35.83 81.40 20.38
N LYS Y 71 35.91 80.35 19.56
CA LYS Y 71 34.71 79.82 18.90
C LYS Y 71 33.68 79.35 19.91
N ASP Y 72 32.41 79.46 19.52
CA ASP Y 72 31.31 79.04 20.39
C ASP Y 72 31.38 77.55 20.66
N ILE Y 73 30.82 77.15 21.80
CA ILE Y 73 30.62 75.75 22.13
C ILE Y 73 29.12 75.49 22.22
N TYR Y 74 28.69 74.32 21.77
CA TYR Y 74 27.27 73.99 21.67
C TYR Y 74 26.98 72.81 22.57
N LEU Y 75 26.16 73.02 23.60
CA LEU Y 75 25.79 71.99 24.55
C LEU Y 75 24.32 71.64 24.34
N TYR Y 76 24.06 70.42 23.90
CA TYR Y 76 22.72 69.89 23.75
C TYR Y 76 22.28 69.31 25.08
N ILE Y 77 21.05 69.60 25.47
CA ILE Y 77 20.61 69.21 26.79
C ILE Y 77 19.32 68.44 26.63
N ASN Y 78 19.36 67.17 26.97
CA ASN Y 78 18.17 66.32 27.05
C ASN Y 78 18.33 65.59 28.38
N SER Y 79 17.69 66.11 29.44
CA SER Y 79 18.02 65.60 30.76
C SER Y 79 16.89 65.93 31.72
N PRO Y 80 16.58 65.05 32.68
CA PRO Y 80 15.62 65.39 33.75
C PRO Y 80 16.26 65.88 35.05
N GLY Y 81 17.54 66.24 35.03
CA GLY Y 81 18.22 66.72 36.22
C GLY Y 81 19.12 65.67 36.85
N GLY Y 82 19.48 65.95 38.10
CA GLY Y 82 20.36 65.04 38.80
C GLY Y 82 21.03 65.73 39.96
N VAL Y 83 22.21 65.21 40.33
CA VAL Y 83 22.91 65.72 41.51
C VAL Y 83 23.24 67.19 41.32
N ILE Y 84 22.95 68.00 42.35
CA ILE Y 84 23.20 69.44 42.27
C ILE Y 84 24.70 69.73 42.11
N THR Y 85 25.53 69.22 43.03
CA THR Y 85 26.95 69.53 42.96
C THR Y 85 27.55 69.13 41.62
N ALA Y 86 27.09 68.00 41.06
CA ALA Y 86 27.56 67.60 39.74
C ALA Y 86 27.14 68.61 38.67
N GLY Y 87 25.90 69.09 38.75
CA GLY Y 87 25.46 70.09 37.77
C GLY Y 87 26.28 71.37 37.86
N MET Y 88 26.54 71.82 39.09
CA MET Y 88 27.30 73.05 39.33
C MET Y 88 28.71 72.95 38.78
N SER Y 89 29.27 71.73 38.77
CA SER Y 89 30.54 71.44 38.11
C SER Y 89 30.53 71.87 36.64
N ILE Y 90 29.47 71.50 35.90
CA ILE Y 90 29.31 71.96 34.52
C ILE Y 90 29.12 73.47 34.49
N TYR Y 91 28.16 73.95 35.28
CA TYR Y 91 27.81 75.37 35.35
C TYR Y 91 29.03 76.28 35.50
N ASP Y 92 29.87 76.02 36.51
CA ASP Y 92 31.04 76.87 36.73
C ASP Y 92 31.99 76.79 35.55
N THR Y 93 32.30 75.57 35.09
CA THR Y 93 33.04 75.37 33.85
C THR Y 93 32.49 76.21 32.71
N MET Y 94 31.17 76.13 32.50
CA MET Y 94 30.49 76.98 31.53
C MET Y 94 30.89 78.44 31.72
N GLN Y 95 30.65 78.99 32.91
CA GLN Y 95 30.99 80.40 33.12
C GLN Y 95 32.49 80.65 33.08
N PHE Y 96 33.31 79.66 33.50
CA PHE Y 96 34.74 79.91 33.56
C PHE Y 96 35.36 80.04 32.19
N ILE Y 97 35.09 79.08 31.28
CA ILE Y 97 35.90 78.99 30.08
C ILE Y 97 35.62 80.20 29.20
N LYS Y 98 36.64 80.62 28.46
CA LYS Y 98 36.52 81.77 27.56
C LYS Y 98 35.34 81.65 26.61
N PRO Y 99 35.17 80.55 25.85
CA PRO Y 99 34.12 80.53 24.83
C PRO Y 99 32.73 80.67 25.44
N ASP Y 100 31.85 81.28 24.67
CA ASP Y 100 30.41 81.20 24.95
C ASP Y 100 29.94 79.75 24.80
N VAL Y 101 29.18 79.29 25.79
CA VAL Y 101 28.52 77.99 25.75
C VAL Y 101 27.08 78.24 25.32
N SER Y 102 26.75 77.86 24.08
CA SER Y 102 25.37 77.87 23.63
C SER Y 102 24.68 76.60 24.10
N THR Y 103 23.42 76.70 24.50
CA THR Y 103 22.66 75.55 24.98
C THR Y 103 21.43 75.36 24.09
N ILE Y 104 21.18 74.10 23.73
CA ILE Y 104 20.03 73.73 22.91
C ILE Y 104 19.28 72.63 23.66
N CYS Y 105 18.07 72.93 24.09
CA CYS Y 105 17.23 71.94 24.74
C CYS Y 105 16.47 71.12 23.70
N MET Y 106 16.62 69.81 23.79
CA MET Y 106 15.90 68.87 22.95
C MET Y 106 15.38 67.77 23.87
N GLY Y 107 14.17 67.33 23.61
CA GLY Y 107 13.51 66.39 24.49
C GLY Y 107 12.98 67.12 25.70
N GLN Y 108 13.83 67.24 26.72
CA GLN Y 108 13.46 67.93 27.93
C GLN Y 108 14.71 68.48 28.61
N ALA Y 109 14.51 69.54 29.39
CA ALA Y 109 15.45 70.00 30.38
C ALA Y 109 14.60 70.25 31.60
N ALA Y 110 14.70 69.37 32.59
CA ALA Y 110 14.03 69.57 33.87
C ALA Y 110 15.06 69.76 34.96
N SER Y 111 14.72 70.61 35.92
CA SER Y 111 15.42 70.68 37.21
C SER Y 111 16.85 71.16 36.93
N MET Y 112 17.88 70.42 37.34
CA MET Y 112 19.23 70.90 37.06
C MET Y 112 19.51 70.96 35.56
N GLY Y 113 18.81 70.14 34.76
CA GLY Y 113 18.90 70.24 33.31
C GLY Y 113 18.37 71.57 32.77
N ALA Y 114 17.35 72.14 33.41
CA ALA Y 114 16.86 73.44 33.01
C ALA Y 114 17.76 74.59 33.48
N PHE Y 115 18.46 74.40 34.62
CA PHE Y 115 19.37 75.42 35.15
C PHE Y 115 20.55 75.63 34.21
N LEU Y 116 21.20 74.54 33.79
CA LEU Y 116 22.29 74.66 32.84
C LEU Y 116 21.83 75.15 31.47
N LEU Y 117 20.58 74.85 31.08
CA LEU Y 117 20.10 75.38 29.80
C LEU Y 117 20.02 76.91 29.83
N THR Y 118 19.49 77.47 30.92
CA THR Y 118 19.43 78.91 31.15
C THR Y 118 20.78 79.50 31.52
N ALA Y 119 21.74 78.65 31.88
CA ALA Y 119 23.09 79.13 32.16
C ALA Y 119 23.90 79.42 30.91
N GLY Y 120 23.36 79.10 29.72
CA GLY Y 120 24.09 79.40 28.49
C GLY Y 120 24.23 80.90 28.26
N ALA Y 121 25.14 81.25 27.36
CA ALA Y 121 25.31 82.65 26.96
C ALA Y 121 23.98 83.30 26.58
N LYS Y 122 23.73 84.49 27.12
CA LYS Y 122 22.53 85.20 26.70
C LYS Y 122 22.54 85.39 25.19
N GLY Y 123 21.39 85.13 24.57
CA GLY Y 123 21.29 85.23 23.13
C GLY Y 123 21.61 83.97 22.38
N LYS Y 124 22.03 82.92 23.08
CA LYS Y 124 22.39 81.68 22.41
C LYS Y 124 21.81 80.47 23.14
N ARG Y 125 20.78 80.69 23.96
CA ARG Y 125 20.03 79.62 24.59
C ARG Y 125 18.80 79.32 23.73
N PHE Y 126 18.67 78.07 23.31
CA PHE Y 126 17.65 77.67 22.36
C PHE Y 126 16.86 76.50 22.92
N CYS Y 127 15.55 76.53 22.67
CA CYS Y 127 14.67 75.39 22.83
C CYS Y 127 14.24 74.90 21.44
N LEU Y 128 14.19 73.58 21.26
CA LEU Y 128 13.56 73.07 20.06
C LEU Y 128 12.04 73.15 20.24
N PRO Y 129 11.26 73.15 19.15
CA PRO Y 129 9.85 73.55 19.26
C PRO Y 129 9.00 72.67 20.20
N ASN Y 130 9.36 71.40 20.39
CA ASN Y 130 8.54 70.53 21.20
C ASN Y 130 9.22 70.06 22.48
N SER Y 131 10.47 70.45 22.71
CA SER Y 131 11.06 70.30 24.03
C SER Y 131 10.16 70.93 25.08
N ARG Y 132 10.23 70.41 26.29
CA ARG Y 132 9.67 71.13 27.42
C ARG Y 132 10.72 71.31 28.52
N VAL Y 133 10.52 72.38 29.28
CA VAL Y 133 11.32 72.69 30.44
C VAL Y 133 10.48 72.41 31.68
N MET Y 134 11.16 72.13 32.81
CA MET Y 134 10.47 72.00 34.08
C MET Y 134 11.38 72.51 35.19
N ILE Y 135 10.84 73.34 36.07
CA ILE Y 135 11.59 73.88 37.20
C ILE Y 135 10.95 73.41 38.48
N HIS Y 136 11.78 73.28 39.51
CA HIS Y 136 11.32 73.09 40.89
C HIS Y 136 12.48 73.39 41.84
N GLN Y 137 12.23 73.20 43.12
CA GLN Y 137 13.22 73.43 44.16
C GLN Y 137 14.10 72.19 44.35
N PRO Y 138 15.21 72.32 45.10
CA PRO Y 138 16.13 71.19 45.26
C PRO Y 138 15.55 70.09 46.13
N LEU Y 139 15.97 68.88 45.82
CA LEU Y 139 15.57 67.69 46.54
C LEU Y 139 16.76 67.12 47.29
N GLY Y 140 16.48 66.52 48.45
CA GLY Y 140 17.51 65.87 49.21
C GLY Y 140 16.95 65.18 50.43
N GLY Y 141 17.84 64.91 51.38
CA GLY Y 141 17.47 64.35 52.65
C GLY Y 141 18.67 63.94 53.50
N TYR Y 142 18.49 63.83 54.80
CA TYR Y 142 19.54 63.33 55.70
C TYR Y 142 18.93 62.31 56.64
N GLN Y 143 19.81 61.54 57.27
CA GLN Y 143 19.49 60.70 58.43
C GLN Y 143 20.56 60.94 59.49
N GLY Y 144 20.16 61.04 60.73
CA GLY Y 144 21.16 61.08 61.79
C GLY Y 144 20.65 61.81 63.00
N GLN Y 145 21.59 62.39 63.75
CA GLN Y 145 21.25 63.10 64.98
C GLN Y 145 20.63 64.46 64.67
N ALA Y 146 19.86 64.98 65.63
CA ALA Y 146 19.15 66.23 65.40
C ALA Y 146 20.12 67.36 65.03
N THR Y 147 21.32 67.37 65.65
CA THR Y 147 22.32 68.40 65.36
C THR Y 147 22.83 68.33 63.91
N ASP Y 148 23.12 67.11 63.43
CA ASP Y 148 23.63 66.96 62.07
C ASP Y 148 22.54 67.21 61.06
N ILE Y 149 21.31 66.85 61.39
CA ILE Y 149 20.18 67.18 60.54
C ILE Y 149 20.08 68.69 60.37
N GLU Y 150 20.22 69.45 61.46
CA GLU Y 150 20.12 70.89 61.34
C GLU Y 150 21.25 71.46 60.48
N ILE Y 151 22.45 70.87 60.56
CA ILE Y 151 23.55 71.37 59.74
C ILE Y 151 23.27 71.16 58.26
N HIS Y 152 22.72 70.00 57.89
CA HIS Y 152 22.46 69.70 56.48
C HIS Y 152 21.19 70.37 55.95
N ALA Y 153 20.20 70.63 56.80
CA ALA Y 153 19.05 71.41 56.37
C ALA Y 153 19.45 72.85 56.09
N ARG Y 154 20.28 73.44 56.97
CA ARG Y 154 20.84 74.76 56.73
C ARG Y 154 21.58 74.80 55.39
N GLU Y 155 22.35 73.75 55.11
CA GLU Y 155 23.16 73.79 53.89
C GLU Y 155 22.30 73.71 52.64
N ILE Y 156 21.25 72.89 52.64
CA ILE Y 156 20.42 72.84 51.44
C ILE Y 156 19.67 74.15 51.26
N LEU Y 157 19.37 74.86 52.34
CA LEU Y 157 18.63 76.12 52.20
C LEU Y 157 19.51 77.24 51.65
N LYS Y 158 20.73 77.41 52.20
CA LYS Y 158 21.69 78.29 51.52
C LYS Y 158 21.79 77.91 50.06
N VAL Y 159 22.00 76.62 49.79
CA VAL Y 159 22.16 76.14 48.42
C VAL Y 159 20.93 76.49 47.59
N LYS Y 160 19.74 76.35 48.16
CA LYS Y 160 18.54 76.77 47.45
C LYS Y 160 18.55 78.28 47.20
N GLY Y 161 18.92 79.06 48.21
CA GLY Y 161 18.99 80.51 48.04
C GLY Y 161 19.89 80.91 46.88
N ARG Y 162 21.11 80.37 46.83
CA ARG Y 162 22.04 80.74 45.77
C ARG Y 162 21.51 80.33 44.39
N MET Y 163 20.73 79.25 44.34
CA MET Y 163 20.15 78.78 43.08
C MET Y 163 19.00 79.66 42.61
N ASN Y 164 18.13 80.07 43.54
CA ASN Y 164 17.09 81.03 43.22
C ASN Y 164 17.70 82.31 42.66
N GLU Y 165 18.79 82.79 43.30
CA GLU Y 165 19.45 84.01 42.86
C GLU Y 165 20.10 83.81 41.50
N LEU Y 166 20.80 82.70 41.31
CA LEU Y 166 21.43 82.42 40.02
C LEU Y 166 20.37 82.27 38.92
N MET Y 167 19.26 81.60 39.22
CA MET Y 167 18.19 81.47 38.23
C MET Y 167 17.58 82.84 37.91
N ALA Y 168 17.38 83.70 38.92
CA ALA Y 168 16.93 85.07 38.64
C ALA Y 168 17.91 85.81 37.75
N LEU Y 169 19.18 85.86 38.15
CA LEU Y 169 20.21 86.45 37.32
C LEU Y 169 20.11 86.04 35.85
N HIS Y 170 19.98 84.74 35.55
CA HIS Y 170 20.08 84.27 34.16
C HIS Y 170 18.79 84.50 33.36
N THR Y 171 17.62 84.37 33.98
CA THR Y 171 16.38 84.50 33.21
C THR Y 171 15.90 85.93 33.11
N GLY Y 172 16.28 86.78 34.08
CA GLY Y 172 15.78 88.13 34.16
C GLY Y 172 14.57 88.32 35.07
N GLN Y 173 14.01 87.22 35.60
CA GLN Y 173 12.91 87.31 36.54
C GLN Y 173 13.40 87.86 37.86
N SER Y 174 12.48 88.44 38.62
CA SER Y 174 12.80 88.85 39.97
C SER Y 174 13.06 87.64 40.83
N LEU Y 175 14.00 87.80 41.79
CA LEU Y 175 14.28 86.76 42.76
C LEU Y 175 13.03 86.31 43.48
N GLU Y 176 12.08 87.22 43.68
CA GLU Y 176 10.83 86.87 44.32
C GLU Y 176 9.94 86.07 43.37
N GLN Y 177 10.02 86.36 42.07
CA GLN Y 177 9.26 85.56 41.11
C GLN Y 177 9.82 84.15 41.02
N ILE Y 178 11.16 84.00 41.05
CA ILE Y 178 11.78 82.69 40.97
C ILE Y 178 11.41 81.86 42.20
N GLU Y 179 11.58 82.41 43.40
CA GLU Y 179 11.20 81.71 44.63
C GLU Y 179 9.75 81.25 44.56
N ARG Y 180 8.85 82.15 44.16
CA ARG Y 180 7.44 81.81 44.00
C ARG Y 180 7.27 80.64 43.03
N ASP Y 181 7.85 80.75 41.83
CA ASP Y 181 7.55 79.83 40.73
C ASP Y 181 8.20 78.46 40.87
N THR Y 182 8.99 78.23 41.93
CA THR Y 182 9.82 77.04 42.04
C THR Y 182 9.47 76.16 43.23
N GLU Y 183 8.54 76.60 44.08
CA GLU Y 183 8.17 75.80 45.25
C GLU Y 183 7.63 74.43 44.83
N ARG Y 184 6.91 74.36 43.71
CA ARG Y 184 6.49 73.10 43.13
C ARG Y 184 6.83 73.08 41.64
N ASP Y 185 6.71 71.89 41.06
CA ASP Y 185 7.05 71.71 39.66
C ASP Y 185 6.24 72.63 38.76
N ARG Y 186 6.88 73.10 37.70
CA ARG Y 186 6.27 74.01 36.74
C ARG Y 186 6.79 73.61 35.37
N PHE Y 187 5.87 73.26 34.47
CA PHE Y 187 6.26 73.04 33.09
C PHE Y 187 6.12 74.32 32.28
N LEU Y 188 6.98 74.42 31.26
CA LEU Y 188 6.92 75.49 30.29
C LEU Y 188 7.20 74.89 28.92
N SER Y 189 6.33 75.20 27.96
CA SER Y 189 6.60 74.84 26.57
C SER Y 189 7.78 75.65 26.05
N ALA Y 190 8.22 75.33 24.83
CA ALA Y 190 9.22 76.18 24.17
C ALA Y 190 8.82 77.65 24.14
N PRO Y 191 7.59 78.02 23.74
CA PRO Y 191 7.23 79.46 23.79
C PRO Y 191 7.13 80.01 25.19
N GLU Y 192 6.58 79.24 26.14
CA GLU Y 192 6.54 79.72 27.51
C GLU Y 192 7.93 79.87 28.08
N ALA Y 193 8.89 79.04 27.63
CA ALA Y 193 10.26 79.16 28.12
C ALA Y 193 10.93 80.38 27.52
N VAL Y 194 10.58 80.75 26.30
CA VAL Y 194 11.14 81.99 25.76
C VAL Y 194 10.57 83.18 26.49
N GLU Y 195 9.26 83.18 26.75
CA GLU Y 195 8.65 84.29 27.48
C GLU Y 195 9.20 84.39 28.90
N TYR Y 196 9.42 83.25 29.56
CA TYR Y 196 9.98 83.26 30.90
C TYR Y 196 11.43 83.76 30.94
N GLY Y 197 12.15 83.69 29.84
CA GLY Y 197 13.56 84.03 29.85
C GLY Y 197 14.50 82.91 30.21
N LEU Y 198 14.01 81.66 30.33
CA LEU Y 198 14.91 80.52 30.44
C LEU Y 198 15.79 80.38 29.20
N VAL Y 199 15.19 80.47 28.00
CA VAL Y 199 15.94 80.46 26.75
C VAL Y 199 15.61 81.72 25.94
N ASP Y 200 16.35 81.89 24.84
CA ASP Y 200 16.25 83.10 24.05
C ASP Y 200 15.29 82.96 22.86
N SER Y 201 15.31 81.83 22.17
CA SER Y 201 14.45 81.63 21.01
C SER Y 201 14.28 80.15 20.75
N ILE Y 202 13.41 79.86 19.78
CA ILE Y 202 13.09 78.50 19.36
C ILE Y 202 13.77 78.27 18.02
N LEU Y 203 14.30 77.07 17.82
CA LEU Y 203 14.91 76.66 16.57
C LEU Y 203 13.98 75.69 15.87
N THR Y 204 13.51 76.07 14.69
CA THR Y 204 12.55 75.25 13.96
C THR Y 204 13.15 74.59 12.72
N HIS Y 205 13.85 75.35 11.87
CA HIS Y 205 14.53 74.74 10.74
C HIS Y 205 15.91 75.37 10.57
N ARG Y 206 16.87 74.56 10.14
CA ARG Y 206 18.19 75.10 9.82
C ARG Y 206 18.06 76.09 8.68
N ASN Y 207 18.97 77.07 8.65
CA ASN Y 207 19.06 78.00 7.54
C ASN Y 207 19.65 77.33 6.30
N LEU Z 16 27.99 40.24 19.63
CA LEU Z 16 29.05 40.76 18.77
C LEU Z 16 28.52 41.21 17.40
N VAL Z 17 29.04 42.33 16.93
CA VAL Z 17 28.65 42.92 15.65
C VAL Z 17 29.67 42.54 14.58
N PRO Z 18 29.28 42.39 13.32
CA PRO Z 18 30.26 42.11 12.27
C PRO Z 18 30.92 43.38 11.75
N MET Z 19 32.17 43.22 11.30
CA MET Z 19 32.83 44.24 10.48
C MET Z 19 32.37 44.10 9.03
N VAL Z 20 33.15 44.64 8.09
CA VAL Z 20 32.85 44.48 6.66
C VAL Z 20 34.15 44.45 5.87
N PHE Z 31 35.79 49.25 9.16
CA PHE Z 31 34.41 49.65 9.33
C PHE Z 31 33.63 48.58 10.09
N ASP Z 32 32.39 48.88 10.45
CA ASP Z 32 31.46 47.90 10.98
C ASP Z 32 30.12 48.06 10.27
N ILE Z 33 29.24 47.06 10.44
CA ILE Z 33 28.11 46.88 9.52
C ILE Z 33 27.16 48.08 9.60
N TYR Z 34 26.97 48.65 10.79
CA TYR Z 34 26.07 49.79 10.89
C TYR Z 34 26.74 51.08 10.47
N SER Z 35 28.02 51.27 10.82
CA SER Z 35 28.72 52.47 10.34
C SER Z 35 28.82 52.45 8.82
N ARG Z 36 28.92 51.26 8.24
CA ARG Z 36 28.89 51.10 6.80
C ARG Z 36 27.58 51.60 6.19
N LEU Z 37 26.44 51.27 6.81
CA LEU Z 37 25.14 51.75 6.35
C LEU Z 37 24.91 53.23 6.67
N LEU Z 38 25.72 53.82 7.56
CA LEU Z 38 25.67 55.26 7.77
C LEU Z 38 26.33 56.00 6.62
N LYS Z 39 27.35 55.38 5.99
CA LYS Z 39 27.99 55.95 4.82
C LYS Z 39 26.99 56.37 3.74
N GLU Z 40 25.88 55.64 3.61
CA GLU Z 40 24.81 56.01 2.69
C GLU Z 40 23.55 56.45 3.42
N ARG Z 41 23.76 57.17 4.53
CA ARG Z 41 22.72 58.00 5.14
C ARG Z 41 21.49 57.19 5.58
N VAL Z 42 21.77 55.97 6.06
CA VAL Z 42 20.75 55.05 6.56
C VAL Z 42 20.92 54.92 8.07
N ILE Z 43 19.88 55.32 8.82
CA ILE Z 43 19.88 55.26 10.27
C ILE Z 43 18.84 54.23 10.70
N PHE Z 44 19.14 53.50 11.77
CA PHE Z 44 18.21 52.51 12.33
C PHE Z 44 17.68 52.98 13.69
N LEU Z 45 16.36 53.05 13.80
CA LEU Z 45 15.67 53.22 15.08
C LEU Z 45 15.07 51.87 15.45
N THR Z 46 15.60 51.23 16.48
CA THR Z 46 15.24 49.85 16.78
C THR Z 46 14.89 49.72 18.26
N GLY Z 47 13.79 49.00 18.54
CA GLY Z 47 13.37 48.79 19.92
C GLY Z 47 12.92 50.05 20.65
N GLN Z 48 13.05 49.99 21.98
CA GLN Z 48 12.54 51.02 22.90
C GLN Z 48 13.06 52.40 22.55
N VAL Z 49 12.20 53.40 22.69
CA VAL Z 49 12.59 54.79 22.58
C VAL Z 49 12.92 55.26 23.99
N GLU Z 50 14.20 55.52 24.25
CA GLU Z 50 14.66 56.09 25.51
C GLU Z 50 15.74 57.13 25.20
N ASP Z 51 16.27 57.78 26.24
CA ASP Z 51 17.10 58.97 26.07
C ASP Z 51 18.40 58.69 25.32
N HIS Z 52 19.06 57.57 25.62
CA HIS Z 52 20.39 57.39 25.04
C HIS Z 52 20.36 56.79 23.64
N MET Z 53 19.42 55.88 23.35
CA MET Z 53 19.20 55.47 21.97
C MET Z 53 18.71 56.62 21.11
N ALA Z 54 17.93 57.53 21.70
CA ALA Z 54 17.42 58.66 20.92
C ALA Z 54 18.50 59.70 20.67
N ASN Z 55 19.37 59.93 21.65
CA ASN Z 55 20.50 60.81 21.43
C ASN Z 55 21.36 60.32 20.28
N LEU Z 56 21.61 59.01 20.22
CA LEU Z 56 22.50 58.45 19.20
C LEU Z 56 21.94 58.65 17.82
N ILE Z 57 20.62 58.46 17.66
CA ILE Z 57 19.93 58.75 16.39
C ILE Z 57 20.05 60.24 16.03
N VAL Z 58 19.80 61.12 16.99
CA VAL Z 58 19.94 62.56 16.76
C VAL Z 58 21.35 62.89 16.30
N ALA Z 59 22.37 62.26 16.90
CA ALA Z 59 23.76 62.58 16.56
C ALA Z 59 24.11 62.14 15.13
N GLN Z 60 23.53 61.04 14.66
CA GLN Z 60 23.73 60.64 13.27
C GLN Z 60 23.00 61.58 12.33
N MET Z 61 21.80 62.02 12.71
CA MET Z 61 21.06 62.95 11.87
C MET Z 61 21.84 64.25 11.68
N LEU Z 62 22.43 64.79 12.77
CA LEU Z 62 23.20 66.03 12.64
C LEU Z 62 24.48 65.79 11.86
N PHE Z 63 25.19 64.70 12.18
CA PHE Z 63 26.34 64.31 11.38
C PHE Z 63 25.99 64.26 9.89
N LEU Z 64 24.89 63.58 9.54
CA LEU Z 64 24.53 63.40 8.14
C LEU Z 64 24.19 64.72 7.47
N GLU Z 65 23.52 65.63 8.20
CA GLU Z 65 23.30 66.97 7.68
C GLU Z 65 24.63 67.69 7.45
N ALA Z 66 25.52 67.65 8.44
CA ALA Z 66 26.87 68.18 8.27
C ALA Z 66 27.54 67.62 7.02
N GLU Z 67 27.51 66.31 6.83
CA GLU Z 67 28.26 65.70 5.72
C GLU Z 67 27.69 66.06 4.34
N ASN Z 68 26.42 66.44 4.27
CA ASN Z 68 25.79 66.91 3.04
C ASN Z 68 24.39 67.38 3.41
N PRO Z 69 24.16 68.68 3.44
CA PRO Z 69 22.84 69.18 3.86
C PRO Z 69 21.71 68.81 2.92
N GLU Z 70 22.01 68.42 1.68
CA GLU Z 70 20.99 68.29 0.65
C GLU Z 70 20.47 66.88 0.48
N LYS Z 71 21.32 65.88 0.70
CA LYS Z 71 20.98 64.49 0.41
C LYS Z 71 20.03 63.91 1.46
N ASP Z 72 19.07 63.13 0.98
CA ASP Z 72 18.04 62.54 1.83
C ASP Z 72 18.68 61.70 2.94
N ILE Z 73 17.98 61.60 4.06
CA ILE Z 73 18.36 60.73 5.17
C ILE Z 73 17.29 59.66 5.33
N TYR Z 74 17.72 58.40 5.52
CA TYR Z 74 16.79 57.27 5.61
C TYR Z 74 16.78 56.72 7.03
N LEU Z 75 15.60 56.66 7.61
CA LEU Z 75 15.41 56.22 8.99
C LEU Z 75 14.48 55.01 8.98
N TYR Z 76 15.05 53.83 9.22
CA TYR Z 76 14.23 52.62 9.37
C TYR Z 76 13.73 52.55 10.78
N ILE Z 77 12.47 52.17 10.94
CA ILE Z 77 11.82 52.17 12.24
C ILE Z 77 11.28 50.78 12.49
N ASN Z 78 11.82 50.12 13.51
CA ASN Z 78 11.28 48.90 14.10
C ASN Z 78 11.25 49.18 15.60
N SER Z 79 10.08 49.49 16.14
CA SER Z 79 10.06 49.99 17.50
C SER Z 79 8.66 49.88 18.08
N PRO Z 80 8.54 49.51 19.35
CA PRO Z 80 7.24 49.57 20.05
C PRO Z 80 6.95 50.89 20.74
N GLY Z 81 7.84 51.87 20.60
CA GLY Z 81 7.63 53.16 21.24
C GLY Z 81 8.57 53.41 22.39
N GLY Z 82 8.14 54.23 23.34
CA GLY Z 82 8.96 54.48 24.49
C GLY Z 82 8.68 55.87 25.04
N VAL Z 83 9.74 56.44 25.61
CA VAL Z 83 9.64 57.70 26.34
C VAL Z 83 9.33 58.84 25.36
N ILE Z 84 8.27 59.59 25.65
CA ILE Z 84 7.82 60.63 24.73
C ILE Z 84 8.90 61.70 24.52
N THR Z 85 9.39 62.29 25.62
CA THR Z 85 10.37 63.38 25.47
C THR Z 85 11.57 62.92 24.66
N ALA Z 86 12.01 61.67 24.83
CA ALA Z 86 13.12 61.19 24.02
C ALA Z 86 12.75 61.06 22.55
N GLY Z 87 11.49 60.69 22.24
CA GLY Z 87 11.08 60.64 20.85
C GLY Z 87 10.95 62.02 20.24
N MET Z 88 10.47 62.99 21.04
CA MET Z 88 10.37 64.37 20.57
C MET Z 88 11.72 64.97 20.25
N SER Z 89 12.77 64.50 20.92
CA SER Z 89 14.12 64.90 20.54
C SER Z 89 14.45 64.40 19.14
N ILE Z 90 13.97 63.21 18.79
CA ILE Z 90 14.17 62.72 17.43
C ILE Z 90 13.31 63.51 16.45
N TYR Z 91 12.03 63.73 16.79
CA TYR Z 91 11.12 64.48 15.93
C TYR Z 91 11.66 65.88 15.60
N ASP Z 92 11.96 66.69 16.63
CA ASP Z 92 12.38 68.07 16.41
C ASP Z 92 13.62 68.12 15.55
N THR Z 93 14.54 67.18 15.75
CA THR Z 93 15.70 67.10 14.89
C THR Z 93 15.29 66.80 13.46
N MET Z 94 14.34 65.88 13.28
CA MET Z 94 13.86 65.55 11.94
C MET Z 94 13.41 66.79 11.19
N GLN Z 95 12.45 67.52 11.77
CA GLN Z 95 11.99 68.77 11.17
C GLN Z 95 13.15 69.74 10.98
N PHE Z 96 13.98 69.90 12.01
CA PHE Z 96 14.98 70.97 12.01
C PHE Z 96 16.00 70.82 10.88
N ILE Z 97 16.50 69.60 10.64
CA ILE Z 97 17.65 69.46 9.74
C ILE Z 97 17.26 69.75 8.30
N LYS Z 98 18.27 70.13 7.52
CA LYS Z 98 18.02 70.43 6.11
C LYS Z 98 17.62 69.19 5.33
N PRO Z 99 18.38 68.08 5.35
CA PRO Z 99 17.97 66.91 4.57
C PRO Z 99 16.54 66.50 4.88
N ASP Z 100 15.88 65.93 3.88
CA ASP Z 100 14.62 65.25 4.13
C ASP Z 100 14.89 63.92 4.83
N VAL Z 101 14.01 63.56 5.76
CA VAL Z 101 14.12 62.30 6.47
C VAL Z 101 13.01 61.40 5.95
N SER Z 102 13.36 60.51 5.02
CA SER Z 102 12.50 59.39 4.66
C SER Z 102 12.48 58.35 5.78
N THR Z 103 11.27 57.99 6.21
CA THR Z 103 11.02 56.98 7.24
C THR Z 103 10.54 55.68 6.61
N ILE Z 104 11.12 54.56 7.04
CA ILE Z 104 10.87 53.24 6.45
C ILE Z 104 10.61 52.25 7.57
N CYS Z 105 9.35 51.97 7.85
CA CYS Z 105 8.97 51.05 8.92
C CYS Z 105 9.19 49.58 8.54
N MET Z 106 9.84 48.83 9.43
CA MET Z 106 9.91 47.37 9.31
C MET Z 106 9.48 46.75 10.64
N GLY Z 107 9.03 45.49 10.56
CA GLY Z 107 8.40 44.84 11.69
C GLY Z 107 7.19 45.59 12.21
N GLN Z 108 7.43 46.61 13.02
CA GLN Z 108 6.37 47.40 13.63
C GLN Z 108 6.85 48.81 13.92
N ALA Z 109 5.89 49.73 13.89
CA ALA Z 109 6.06 51.11 14.33
C ALA Z 109 4.88 51.40 15.24
N ALA Z 110 5.11 51.34 16.55
CA ALA Z 110 4.03 51.45 17.52
C ALA Z 110 4.25 52.67 18.40
N SER Z 111 3.13 53.30 18.80
CA SER Z 111 3.12 54.48 19.64
C SER Z 111 4.11 55.53 19.14
N MET Z 112 5.06 55.95 19.99
CA MET Z 112 6.09 56.87 19.52
C MET Z 112 6.74 56.38 18.23
N GLY Z 113 6.79 55.04 18.01
CA GLY Z 113 7.35 54.52 16.79
C GLY Z 113 6.52 54.82 15.56
N ALA Z 114 5.19 54.85 15.71
CA ALA Z 114 4.31 55.36 14.67
C ALA Z 114 4.50 56.86 14.48
N PHE Z 115 4.63 57.59 15.59
CA PHE Z 115 4.75 59.05 15.51
C PHE Z 115 5.93 59.47 14.65
N LEU Z 116 7.09 58.85 14.86
CA LEU Z 116 8.26 59.21 14.06
C LEU Z 116 8.18 58.65 12.65
N LEU Z 117 7.44 57.56 12.43
CA LEU Z 117 7.23 57.10 11.06
C LEU Z 117 6.39 58.11 10.29
N THR Z 118 5.25 58.52 10.86
CA THR Z 118 4.43 59.54 10.24
C THR Z 118 5.16 60.87 10.13
N ALA Z 119 6.17 61.10 10.98
CA ALA Z 119 6.87 62.37 10.99
C ALA Z 119 7.75 62.58 9.77
N GLY Z 120 7.92 61.56 8.91
CA GLY Z 120 8.84 61.66 7.79
C GLY Z 120 8.40 62.66 6.72
N ALA Z 121 9.33 62.94 5.81
CA ALA Z 121 9.09 63.90 4.73
C ALA Z 121 8.03 63.36 3.77
N LYS Z 122 6.93 64.11 3.60
CA LYS Z 122 5.80 63.70 2.77
C LYS Z 122 6.24 63.10 1.44
N GLY Z 123 5.61 61.98 1.08
CA GLY Z 123 6.01 61.25 -0.10
C GLY Z 123 7.22 60.36 0.07
N LYS Z 124 7.78 60.32 1.26
CA LYS Z 124 8.91 59.44 1.54
C LYS Z 124 8.64 58.51 2.71
N ARG Z 125 7.44 58.57 3.30
CA ARG Z 125 7.08 57.69 4.40
C ARG Z 125 6.57 56.37 3.86
N PHE Z 126 7.07 55.27 4.44
CA PHE Z 126 7.10 53.98 3.76
C PHE Z 126 6.90 52.84 4.73
N CYS Z 127 5.79 52.13 4.60
CA CYS Z 127 5.61 50.84 5.25
C CYS Z 127 6.12 49.70 4.37
N LEU Z 128 6.54 48.61 5.02
CA LEU Z 128 6.82 47.37 4.31
C LEU Z 128 5.58 46.48 4.27
N PRO Z 129 5.50 45.56 3.28
CA PRO Z 129 4.23 44.82 3.05
C PRO Z 129 3.59 44.24 4.30
N ASN Z 130 4.38 43.71 5.23
CA ASN Z 130 3.81 43.05 6.40
C ASN Z 130 4.11 43.73 7.72
N SER Z 131 4.66 44.94 7.69
CA SER Z 131 4.83 45.67 8.93
C SER Z 131 3.45 46.07 9.44
N ARG Z 132 3.42 46.57 10.67
CA ARG Z 132 2.19 47.00 11.31
C ARG Z 132 2.44 48.28 12.08
N VAL Z 133 1.36 49.00 12.35
CA VAL Z 133 1.43 50.28 13.00
C VAL Z 133 0.41 50.28 14.12
N MET Z 134 0.75 50.89 15.26
CA MET Z 134 -0.26 51.04 16.30
C MET Z 134 -0.12 52.39 16.97
N ILE Z 135 -1.26 53.06 17.18
CA ILE Z 135 -1.33 54.40 17.73
C ILE Z 135 -2.29 54.39 18.91
N HIS Z 136 -2.07 55.31 19.83
CA HIS Z 136 -2.91 55.48 21.01
C HIS Z 136 -2.52 56.79 21.66
N GLN Z 137 -3.00 57.01 22.87
CA GLN Z 137 -2.80 58.20 23.66
C GLN Z 137 -1.62 58.00 24.62
N PRO Z 138 -1.05 59.10 25.13
CA PRO Z 138 0.14 58.98 26.01
C PRO Z 138 -0.14 58.22 27.30
N LEU Z 139 0.91 57.54 27.75
CA LEU Z 139 0.89 56.77 28.99
C LEU Z 139 1.79 57.44 30.02
N GLY Z 140 1.31 57.55 31.25
CA GLY Z 140 2.14 58.12 32.29
C GLY Z 140 1.76 57.67 33.69
N GLY Z 141 2.29 58.36 34.69
CA GLY Z 141 2.07 57.97 36.06
C GLY Z 141 2.79 58.88 37.03
N TYR Z 142 2.23 59.03 38.22
CA TYR Z 142 2.87 59.89 39.21
C TYR Z 142 2.38 59.48 40.58
N GLN Z 143 3.18 59.84 41.59
CA GLN Z 143 2.93 59.59 43.00
C GLN Z 143 3.29 60.85 43.76
N GLY Z 144 2.40 61.32 44.61
CA GLY Z 144 2.70 62.52 45.35
C GLY Z 144 1.45 63.03 46.02
N GLN Z 145 1.55 64.28 46.47
CA GLN Z 145 0.39 64.97 47.01
C GLN Z 145 -0.55 65.38 45.90
N ALA Z 146 -1.85 65.45 46.23
CA ALA Z 146 -2.88 65.83 45.27
C ALA Z 146 -2.40 66.97 44.38
N THR Z 147 -1.84 68.01 44.98
CA THR Z 147 -1.44 69.20 44.23
C THR Z 147 -0.46 68.86 43.11
N ASP Z 148 0.52 68.01 43.37
CA ASP Z 148 1.49 67.70 42.34
C ASP Z 148 0.89 66.78 41.30
N ILE Z 149 0.02 65.87 41.73
CA ILE Z 149 -0.70 65.03 40.77
C ILE Z 149 -1.44 65.90 39.75
N GLU Z 150 -2.07 66.98 40.21
CA GLU Z 150 -2.77 67.87 39.29
C GLU Z 150 -1.80 68.53 38.29
N ILE Z 151 -0.67 69.05 38.79
CA ILE Z 151 0.32 69.63 37.88
C ILE Z 151 0.75 68.61 36.83
N HIS Z 152 1.02 67.38 37.26
CA HIS Z 152 1.52 66.43 36.29
C HIS Z 152 0.40 65.88 35.41
N ALA Z 153 -0.82 65.72 35.96
CA ALA Z 153 -1.96 65.34 35.13
C ALA Z 153 -2.20 66.35 34.03
N ARG Z 154 -2.40 67.63 34.44
CA ARG Z 154 -2.52 68.72 33.49
C ARG Z 154 -1.42 68.66 32.44
N GLU Z 155 -0.17 68.53 32.92
CA GLU Z 155 0.96 68.44 31.99
C GLU Z 155 0.78 67.33 30.95
N ILE Z 156 0.40 66.12 31.39
CA ILE Z 156 0.30 65.02 30.42
C ILE Z 156 -0.90 65.21 29.51
N LEU Z 157 -1.95 65.88 29.97
CA LEU Z 157 -3.04 66.24 29.08
C LEU Z 157 -2.57 67.17 27.97
N LYS Z 158 -1.74 68.17 28.30
CA LYS Z 158 -1.20 69.03 27.26
C LYS Z 158 -0.38 68.22 26.26
N VAL Z 159 0.39 67.26 26.75
CA VAL Z 159 1.17 66.43 25.85
C VAL Z 159 0.27 65.61 24.95
N LYS Z 160 -0.86 65.12 25.47
CA LYS Z 160 -1.82 64.40 24.64
C LYS Z 160 -2.30 65.28 23.49
N GLY Z 161 -2.82 66.47 23.82
CA GLY Z 161 -3.29 67.37 22.78
C GLY Z 161 -2.21 67.68 21.76
N ARG Z 162 -1.00 67.98 22.21
CA ARG Z 162 0.04 68.35 21.25
C ARG Z 162 0.41 67.20 20.33
N MET Z 163 0.41 65.97 20.85
CA MET Z 163 0.63 64.80 20.02
C MET Z 163 -0.51 64.64 19.02
N ASN Z 164 -1.75 64.79 19.48
CA ASN Z 164 -2.90 64.65 18.59
C ASN Z 164 -2.81 65.62 17.42
N GLU Z 165 -2.43 66.88 17.70
CA GLU Z 165 -2.34 67.90 16.66
C GLU Z 165 -1.23 67.59 15.65
N LEU Z 166 -0.07 67.19 16.16
CA LEU Z 166 1.01 66.87 15.24
C LEU Z 166 0.65 65.68 14.36
N MET Z 167 -0.04 64.68 14.94
CA MET Z 167 -0.51 63.55 14.15
C MET Z 167 -1.48 64.02 13.07
N ALA Z 168 -2.50 64.78 13.49
CA ALA Z 168 -3.39 65.47 12.57
C ALA Z 168 -2.62 66.12 11.42
N LEU Z 169 -1.58 66.87 11.78
CA LEU Z 169 -0.77 67.54 10.77
C LEU Z 169 -0.20 66.55 9.76
N HIS Z 170 0.52 65.53 10.23
CA HIS Z 170 1.30 64.72 9.32
C HIS Z 170 0.45 63.73 8.53
N THR Z 171 -0.65 63.25 9.11
CA THR Z 171 -1.47 62.25 8.41
C THR Z 171 -2.46 62.89 7.46
N GLY Z 172 -2.80 64.17 7.67
CA GLY Z 172 -3.92 64.78 6.99
C GLY Z 172 -5.26 64.58 7.64
N GLN Z 173 -5.39 63.69 8.63
CA GLN Z 173 -6.65 63.53 9.32
C GLN Z 173 -6.97 64.79 10.13
N SER Z 174 -8.25 64.93 10.47
CA SER Z 174 -8.65 66.01 11.37
C SER Z 174 -8.26 65.69 12.81
N LEU Z 175 -8.22 66.74 13.63
CA LEU Z 175 -7.87 66.58 15.03
C LEU Z 175 -8.83 65.64 15.74
N GLU Z 176 -10.13 65.82 15.52
CA GLU Z 176 -11.15 65.04 16.22
C GLU Z 176 -11.11 63.57 15.82
N GLN Z 177 -10.80 63.29 14.55
CA GLN Z 177 -10.59 61.92 14.10
C GLN Z 177 -9.45 61.28 14.87
N ILE Z 178 -8.27 61.88 14.77
CA ILE Z 178 -7.10 61.38 15.49
C ILE Z 178 -7.44 61.16 16.97
N GLU Z 179 -8.10 62.14 17.59
CA GLU Z 179 -8.53 61.97 18.98
C GLU Z 179 -9.42 60.75 19.15
N ARG Z 180 -10.53 60.69 18.38
CA ARG Z 180 -11.39 59.51 18.39
C ARG Z 180 -10.57 58.23 18.27
N ASP Z 181 -9.62 58.22 17.34
CA ASP Z 181 -8.94 57.01 16.91
C ASP Z 181 -7.73 56.64 17.74
N THR Z 182 -7.45 57.37 18.84
CA THR Z 182 -6.30 57.06 19.69
C THR Z 182 -6.65 57.00 21.17
N GLU Z 183 -7.93 57.09 21.53
CA GLU Z 183 -8.31 56.85 22.93
C GLU Z 183 -7.95 55.44 23.35
N ARG Z 184 -7.90 54.50 22.42
CA ARG Z 184 -7.45 53.15 22.72
C ARG Z 184 -6.54 52.65 21.60
N ASP Z 185 -5.77 51.62 21.93
CA ASP Z 185 -4.89 50.99 20.97
C ASP Z 185 -5.60 50.77 19.65
N ARG Z 186 -4.95 51.16 18.56
CA ARG Z 186 -5.51 51.04 17.22
C ARG Z 186 -4.44 50.48 16.30
N PHE Z 187 -4.68 49.28 15.78
CA PHE Z 187 -3.74 48.68 14.85
C PHE Z 187 -4.10 49.08 13.42
N LEU Z 188 -3.07 49.25 12.59
CA LEU Z 188 -3.22 49.47 11.16
C LEU Z 188 -2.22 48.58 10.45
N SER Z 189 -2.67 47.90 9.40
CA SER Z 189 -1.72 47.22 8.54
C SER Z 189 -1.13 48.22 7.56
N ALA Z 190 -0.19 47.77 6.75
CA ALA Z 190 0.48 48.67 5.82
C ALA Z 190 -0.51 49.31 4.85
N PRO Z 191 -1.39 48.56 4.16
CA PRO Z 191 -2.46 49.23 3.41
C PRO Z 191 -3.18 50.29 4.22
N GLU Z 192 -3.70 49.92 5.41
CA GLU Z 192 -4.51 50.88 6.13
C GLU Z 192 -3.66 52.05 6.61
N ALA Z 193 -2.35 51.82 6.80
CA ALA Z 193 -1.44 52.93 7.08
C ALA Z 193 -1.44 53.91 5.92
N VAL Z 194 -1.55 53.40 4.70
CA VAL Z 194 -1.62 54.31 3.54
C VAL Z 194 -2.96 55.04 3.50
N GLU Z 195 -4.07 54.30 3.58
CA GLU Z 195 -5.39 54.91 3.57
C GLU Z 195 -5.57 55.96 4.66
N TYR Z 196 -4.82 55.84 5.75
CA TYR Z 196 -4.92 56.75 6.88
C TYR Z 196 -4.02 57.96 6.74
N GLY Z 197 -2.95 57.85 5.97
CA GLY Z 197 -2.02 58.94 5.78
C GLY Z 197 -0.79 58.91 6.67
N LEU Z 198 -0.65 57.91 7.54
CA LEU Z 198 0.55 57.78 8.36
C LEU Z 198 1.80 57.62 7.49
N VAL Z 199 1.71 56.82 6.43
CA VAL Z 199 2.78 56.64 5.47
C VAL Z 199 2.27 56.98 4.07
N ASP Z 200 3.17 56.96 3.09
CA ASP Z 200 2.84 57.33 1.72
C ASP Z 200 2.63 56.12 0.82
N SER Z 201 3.55 55.17 0.82
CA SER Z 201 3.37 54.01 -0.02
C SER Z 201 4.01 52.80 0.64
N ILE Z 202 3.81 51.63 0.03
CA ILE Z 202 4.36 50.37 0.49
C ILE Z 202 5.56 50.00 -0.37
N LEU Z 203 6.68 49.69 0.25
CA LEU Z 203 7.84 49.23 -0.49
C LEU Z 203 7.72 47.74 -0.68
N THR Z 204 7.64 47.28 -1.92
CA THR Z 204 7.37 45.87 -2.21
C THR Z 204 8.60 45.13 -2.68
N HIS Z 205 9.19 45.56 -3.80
CA HIS Z 205 10.45 45.02 -4.26
C HIS Z 205 11.30 46.19 -4.73
N ARG Z 206 12.61 46.10 -4.52
CA ARG Z 206 13.52 47.14 -5.03
C ARG Z 206 13.28 47.24 -6.54
N ASN Z 207 12.67 48.35 -6.96
CA ASN Z 207 12.47 48.54 -8.38
C ASN Z 207 13.81 48.62 -9.11
N VAL AA 17 35.20 35.61 19.99
CA VAL AA 17 34.92 35.29 18.59
C VAL AA 17 36.23 35.39 17.79
N PRO AA 18 36.60 34.30 17.07
CA PRO AA 18 37.93 34.24 16.44
C PRO AA 18 38.12 35.29 15.36
N MET AA 19 39.37 35.75 15.23
CA MET AA 19 39.74 36.79 14.25
C MET AA 19 40.32 36.17 12.96
N PHE AA 31 38.97 41.37 11.27
CA PHE AA 31 37.89 40.54 10.76
C PHE AA 31 37.59 39.39 11.70
N ASP AA 32 36.37 39.33 12.21
CA ASP AA 32 35.92 38.15 12.92
C ASP AA 32 35.26 37.16 11.95
N ILE AA 33 35.13 35.90 12.41
CA ILE AA 33 34.80 34.81 11.49
C ILE AA 33 33.46 35.06 10.81
N TYR AA 34 32.49 35.61 11.54
CA TYR AA 34 31.22 35.94 10.93
C TYR AA 34 31.38 37.07 9.92
N SER AA 35 32.26 38.04 10.21
CA SER AA 35 32.58 39.08 9.24
C SER AA 35 33.24 38.47 8.03
N ARG AA 36 34.10 37.47 8.24
CA ARG AA 36 34.74 36.79 7.11
C ARG AA 36 33.71 36.13 6.20
N LEU AA 37 32.77 35.38 6.78
CA LEU AA 37 31.81 34.66 5.95
C LEU AA 37 30.75 35.57 5.35
N LEU AA 38 30.51 36.74 5.93
CA LEU AA 38 29.72 37.76 5.26
C LEU AA 38 30.30 38.12 3.88
N LYS AA 39 31.62 38.06 3.73
CA LYS AA 39 32.29 38.33 2.46
C LYS AA 39 32.12 37.21 1.46
N GLU AA 40 31.45 36.12 1.84
CA GLU AA 40 30.90 35.14 0.92
C GLU AA 40 29.39 35.27 0.83
N ARG AA 41 28.83 36.39 1.28
CA ARG AA 41 27.39 36.61 1.32
C ARG AA 41 26.68 35.51 2.12
N VAL AA 42 27.27 35.16 3.27
CA VAL AA 42 26.71 34.20 4.22
C VAL AA 42 26.30 34.95 5.49
N ILE AA 43 25.05 34.75 5.90
CA ILE AA 43 24.44 35.40 7.06
C ILE AA 43 23.91 34.32 7.98
N PHE AA 44 24.21 34.43 9.28
CA PHE AA 44 23.72 33.45 10.26
C PHE AA 44 22.60 34.06 11.08
N LEU AA 45 21.43 33.41 11.05
CA LEU AA 45 20.34 33.65 11.99
C LEU AA 45 20.42 32.55 13.05
N THR AA 46 20.75 32.93 14.28
CA THR AA 46 20.99 31.99 15.38
C THR AA 46 20.28 32.43 16.65
N GLY AA 47 19.66 31.47 17.33
CA GLY AA 47 19.00 31.74 18.58
C GLY AA 47 17.66 32.40 18.37
N GLN AA 48 17.19 33.05 19.43
CA GLN AA 48 15.86 33.63 19.43
C GLN AA 48 15.77 34.78 18.44
N VAL AA 49 14.59 34.95 17.84
CA VAL AA 49 14.35 36.11 16.99
C VAL AA 49 13.84 37.21 17.90
N GLU AA 50 14.59 38.30 17.98
CA GLU AA 50 14.21 39.49 18.70
C GLU AA 50 14.68 40.67 17.87
N ASP AA 51 14.26 41.89 18.26
CA ASP AA 51 14.44 43.07 17.40
C ASP AA 51 15.91 43.28 16.99
N HIS AA 52 16.81 43.30 17.96
CA HIS AA 52 18.17 43.74 17.65
C HIS AA 52 18.92 42.73 16.79
N MET AA 53 18.82 41.43 17.10
CA MET AA 53 19.42 40.44 16.21
C MET AA 53 18.75 40.48 14.83
N ALA AA 54 17.43 40.68 14.78
CA ALA AA 54 16.77 40.78 13.48
C ALA AA 54 17.30 41.97 12.70
N ASN AA 55 17.49 43.10 13.40
CA ASN AA 55 18.06 44.29 12.78
C ASN AA 55 19.46 44.03 12.23
N LEU AA 56 20.24 43.22 12.93
CA LEU AA 56 21.57 42.93 12.44
C LEU AA 56 21.52 42.04 11.21
N ILE AA 57 20.51 41.19 11.08
CA ILE AA 57 20.37 40.41 9.86
C ILE AA 57 19.86 41.29 8.73
N VAL AA 58 18.86 42.13 9.02
CA VAL AA 58 18.31 43.04 8.00
C VAL AA 58 19.41 43.94 7.44
N ALA AA 59 20.27 44.50 8.30
CA ALA AA 59 21.35 45.34 7.81
C ALA AA 59 22.36 44.56 6.97
N GLN AA 60 22.60 43.29 7.32
CA GLN AA 60 23.58 42.50 6.56
C GLN AA 60 23.10 42.19 5.15
N MET AA 61 21.80 41.90 5.00
CA MET AA 61 21.24 41.78 3.67
C MET AA 61 21.38 43.10 2.90
N LEU AA 62 21.02 44.21 3.55
CA LEU AA 62 21.11 45.51 2.87
C LEU AA 62 22.53 45.80 2.43
N PHE AA 63 23.51 45.46 3.27
CA PHE AA 63 24.89 45.65 2.86
C PHE AA 63 25.25 44.75 1.69
N LEU AA 64 24.83 43.48 1.75
CA LEU AA 64 25.18 42.54 0.69
C LEU AA 64 24.47 42.88 -0.62
N GLU AA 65 23.21 43.30 -0.55
CA GLU AA 65 22.54 43.76 -1.77
C GLU AA 65 23.33 44.90 -2.42
N ALA AA 66 23.62 45.94 -1.65
CA ALA AA 66 24.35 47.08 -2.19
C ALA AA 66 25.77 46.74 -2.64
N GLU AA 67 26.25 45.54 -2.36
CA GLU AA 67 27.53 45.08 -2.88
C GLU AA 67 27.37 44.24 -4.15
N ASN AA 68 26.21 43.65 -4.35
CA ASN AA 68 25.90 42.92 -5.59
C ASN AA 68 24.42 42.62 -5.62
N PRO AA 69 23.62 43.44 -6.29
CA PRO AA 69 22.16 43.21 -6.26
C PRO AA 69 21.72 41.91 -6.90
N GLU AA 70 22.58 41.24 -7.67
CA GLU AA 70 22.18 40.08 -8.45
C GLU AA 70 22.88 38.79 -8.08
N LYS AA 71 23.72 38.78 -7.05
CA LYS AA 71 24.34 37.57 -6.54
C LYS AA 71 23.54 37.04 -5.34
N ASP AA 72 23.50 35.71 -5.22
CA ASP AA 72 22.67 35.09 -4.19
C ASP AA 72 23.17 35.45 -2.79
N ILE AA 73 22.24 35.44 -1.83
CA ILE AA 73 22.54 35.58 -0.41
C ILE AA 73 22.12 34.29 0.31
N TYR AA 74 23.03 33.74 1.12
CA TYR AA 74 22.80 32.53 1.89
C TYR AA 74 22.54 32.86 3.36
N LEU AA 75 21.34 32.53 3.83
CA LEU AA 75 20.92 32.75 5.21
C LEU AA 75 20.77 31.39 5.89
N TYR AA 76 21.69 31.07 6.80
CA TYR AA 76 21.57 29.90 7.66
C TYR AA 76 20.61 30.17 8.81
N ILE AA 77 19.77 29.19 9.14
CA ILE AA 77 18.76 29.36 10.18
C ILE AA 77 18.90 28.21 11.17
N ASN AA 78 19.36 28.52 12.37
CA ASN AA 78 19.31 27.61 13.52
C ASN AA 78 18.67 28.43 14.64
N SER AA 79 17.36 28.31 14.79
CA SER AA 79 16.62 29.20 15.67
C SER AA 79 15.41 28.47 16.20
N PRO AA 80 14.98 28.76 17.43
CA PRO AA 80 13.71 28.23 17.95
C PRO AA 80 12.51 29.14 17.72
N GLY AA 81 12.70 30.29 17.07
CA GLY AA 81 11.63 31.22 16.84
C GLY AA 81 11.87 32.54 17.55
N GLY AA 82 10.80 33.21 17.89
CA GLY AA 82 10.90 34.49 18.53
C GLY AA 82 9.72 35.38 18.15
N VAL AA 83 9.96 36.68 18.22
CA VAL AA 83 8.92 37.67 18.08
C VAL AA 83 8.53 37.80 16.63
N ILE AA 84 7.22 37.92 16.40
CA ILE AA 84 6.70 37.91 15.04
C ILE AA 84 7.14 39.16 14.28
N THR AA 85 6.85 40.33 14.85
CA THR AA 85 7.24 41.59 14.19
C THR AA 85 8.73 41.63 13.91
N ALA AA 86 9.56 41.13 14.84
CA ALA AA 86 11.00 41.10 14.60
C ALA AA 86 11.36 40.21 13.40
N GLY AA 87 10.75 39.03 13.32
CA GLY AA 87 10.95 38.18 12.15
C GLY AA 87 10.41 38.81 10.88
N MET AA 88 9.21 39.41 10.96
CA MET AA 88 8.58 40.01 9.79
C MET AA 88 9.42 41.14 9.18
N SER AA 89 10.25 41.81 10.00
CA SER AA 89 11.20 42.76 9.44
C SER AA 89 12.21 42.06 8.54
N ILE AA 90 12.58 40.81 8.90
CA ILE AA 90 13.49 40.04 8.06
C ILE AA 90 12.78 39.53 6.81
N TYR AA 91 11.52 39.12 6.96
CA TYR AA 91 10.77 38.59 5.84
C TYR AA 91 10.65 39.62 4.73
N ASP AA 92 10.05 40.76 5.03
CA ASP AA 92 9.87 41.81 4.03
C ASP AA 92 11.19 42.24 3.41
N THR AA 93 12.27 42.29 4.19
CA THR AA 93 13.60 42.62 3.66
C THR AA 93 14.07 41.57 2.66
N MET AA 94 13.91 40.28 3.00
CA MET AA 94 14.31 39.21 2.10
C MET AA 94 13.63 39.35 0.74
N GLN AA 95 12.33 39.65 0.75
CA GLN AA 95 11.60 39.82 -0.50
C GLN AA 95 12.03 41.09 -1.22
N PHE AA 96 12.12 42.20 -0.48
CA PHE AA 96 12.30 43.50 -1.11
C PHE AA 96 13.65 43.62 -1.81
N ILE AA 97 14.69 43.00 -1.26
CA ILE AA 97 16.00 43.17 -1.87
C ILE AA 97 16.04 42.42 -3.20
N LYS AA 98 16.86 42.93 -4.12
CA LYS AA 98 17.00 42.29 -5.42
C LYS AA 98 17.54 40.86 -5.35
N PRO AA 99 18.53 40.51 -4.51
CA PRO AA 99 19.09 39.15 -4.57
C PRO AA 99 18.15 38.09 -4.03
N ASP AA 100 18.16 36.92 -4.66
CA ASP AA 100 17.53 35.76 -4.07
C ASP AA 100 18.19 35.44 -2.73
N VAL AA 101 17.38 35.34 -1.69
CA VAL AA 101 17.88 34.98 -0.37
C VAL AA 101 17.62 33.48 -0.23
N SER AA 102 18.68 32.69 -0.30
CA SER AA 102 18.59 31.25 -0.20
C SER AA 102 18.74 30.83 1.26
N THR AA 103 17.76 30.08 1.79
CA THR AA 103 17.77 29.72 3.20
C THR AA 103 18.35 28.33 3.38
N ILE AA 104 19.03 28.12 4.50
CA ILE AA 104 19.64 26.83 4.83
C ILE AA 104 19.38 26.49 6.30
N CYS AA 105 18.56 25.47 6.55
CA CYS AA 105 18.28 25.03 7.90
C CYS AA 105 19.39 24.10 8.39
N MET AA 106 19.93 24.38 9.57
CA MET AA 106 20.86 23.48 10.22
C MET AA 106 20.47 23.38 11.69
N GLY AA 107 20.44 22.16 12.22
CA GLY AA 107 20.02 21.98 13.59
C GLY AA 107 18.51 22.03 13.76
N GLN AA 108 17.94 23.24 13.89
CA GLN AA 108 16.49 23.34 13.94
C GLN AA 108 16.04 24.65 13.30
N ALA AA 109 14.75 24.71 12.99
CA ALA AA 109 14.10 25.91 12.43
C ALA AA 109 12.64 25.87 12.88
N ALA AA 110 12.35 26.52 14.00
CA ALA AA 110 11.05 26.37 14.63
C ALA AA 110 10.31 27.70 14.69
N SER AA 111 8.98 27.62 14.70
CA SER AA 111 8.10 28.78 14.73
C SER AA 111 8.56 29.81 13.69
N MET AA 112 9.02 30.99 14.12
CA MET AA 112 9.42 31.99 13.13
C MET AA 112 10.67 31.59 12.35
N GLY AA 113 11.56 30.81 12.97
CA GLY AA 113 12.67 30.26 12.19
C GLY AA 113 12.17 29.44 11.01
N ALA AA 114 11.08 28.69 11.21
CA ALA AA 114 10.51 27.90 10.12
C ALA AA 114 9.96 28.80 9.01
N PHE AA 115 9.21 29.84 9.42
CA PHE AA 115 8.68 30.83 8.48
C PHE AA 115 9.77 31.41 7.60
N LEU AA 116 10.78 32.03 8.20
CA LEU AA 116 11.85 32.63 7.43
C LEU AA 116 12.58 31.59 6.58
N LEU AA 117 12.62 30.33 7.04
CA LEU AA 117 13.23 29.27 6.22
C LEU AA 117 12.40 28.98 4.98
N THR AA 118 11.07 28.89 5.15
CA THR AA 118 10.19 28.69 4.01
C THR AA 118 10.10 29.92 3.12
N ALA AA 119 10.54 31.08 3.62
CA ALA AA 119 10.48 32.33 2.88
C ALA AA 119 11.61 32.51 1.88
N GLY AA 120 12.64 31.67 1.94
CA GLY AA 120 13.74 31.77 1.00
C GLY AA 120 13.28 31.70 -0.44
N ALA AA 121 14.23 31.96 -1.33
CA ALA AA 121 13.96 31.93 -2.77
C ALA AA 121 13.47 30.54 -3.21
N LYS AA 122 12.43 30.52 -4.05
CA LYS AA 122 11.95 29.23 -4.56
C LYS AA 122 13.08 28.47 -5.24
N GLY AA 123 13.14 27.17 -4.97
CA GLY AA 123 14.23 26.34 -5.45
C GLY AA 123 15.53 26.50 -4.68
N LYS AA 124 15.58 27.41 -3.71
CA LYS AA 124 16.79 27.74 -2.97
C LYS AA 124 16.67 27.53 -1.46
N ARG AA 125 15.63 26.84 -0.99
CA ARG AA 125 15.41 26.57 0.43
C ARG AA 125 15.85 25.15 0.77
N PHE AA 126 16.74 25.02 1.76
CA PHE AA 126 17.43 23.77 2.03
C PHE AA 126 17.34 23.38 3.50
N CYS AA 127 17.32 22.05 3.73
CA CYS AA 127 17.49 21.43 5.04
C CYS AA 127 18.71 20.53 5.02
N LEU AA 128 19.40 20.48 6.14
CA LEU AA 128 20.47 19.50 6.31
C LEU AA 128 19.86 18.16 6.77
N PRO AA 129 20.53 17.02 6.50
CA PRO AA 129 19.86 15.72 6.71
C PRO AA 129 19.14 15.61 8.04
N ASN AA 130 19.74 16.12 9.12
CA ASN AA 130 19.23 15.92 10.47
C ASN AA 130 18.81 17.23 11.13
N SER AA 131 18.61 18.28 10.34
CA SER AA 131 17.91 19.42 10.89
C SER AA 131 16.45 19.05 11.04
N ARG AA 132 15.76 19.69 11.97
CA ARG AA 132 14.33 19.47 12.08
C ARG AA 132 13.62 20.81 12.01
N VAL AA 133 12.31 20.76 11.84
CA VAL AA 133 11.52 21.97 11.70
C VAL AA 133 10.32 21.83 12.62
N MET AA 134 9.78 22.96 13.04
CA MET AA 134 8.58 22.98 13.85
C MET AA 134 7.74 24.18 13.46
N ILE AA 135 6.42 24.00 13.50
CA ILE AA 135 5.48 25.03 13.08
C ILE AA 135 4.31 25.01 14.05
N HIS AA 136 3.68 26.16 14.20
CA HIS AA 136 2.45 26.32 14.98
C HIS AA 136 1.89 27.71 14.72
N GLN AA 137 0.95 28.14 15.54
CA GLN AA 137 0.25 29.42 15.47
C GLN AA 137 0.91 30.43 16.39
N PRO AA 138 0.56 31.72 16.28
CA PRO AA 138 1.22 32.72 17.14
C PRO AA 138 0.89 32.51 18.61
N LEU AA 139 1.87 32.81 19.45
CA LEU AA 139 1.66 32.89 20.90
C LEU AA 139 1.56 34.34 21.31
N GLY AA 140 0.81 34.60 22.36
CA GLY AA 140 0.62 35.96 22.76
C GLY AA 140 0.01 36.04 24.13
N GLY AA 141 -0.44 37.24 24.47
CA GLY AA 141 -1.03 37.43 25.78
C GLY AA 141 -0.97 38.88 26.22
N TYR AA 142 -2.13 39.44 26.53
CA TYR AA 142 -2.21 40.82 26.99
C TYR AA 142 -3.22 40.86 28.13
N GLN AA 143 -3.00 41.80 29.06
CA GLN AA 143 -3.88 42.02 30.20
C GLN AA 143 -4.39 43.45 30.20
N GLY AA 144 -5.58 43.63 30.74
CA GLY AA 144 -6.21 44.94 30.76
C GLY AA 144 -7.71 44.83 30.89
N GLN AA 145 -8.39 45.88 30.46
CA GLN AA 145 -9.84 45.82 30.36
C GLN AA 145 -10.27 44.91 29.21
N ALA AA 146 -11.47 44.36 29.35
CA ALA AA 146 -12.10 43.61 28.27
C ALA AA 146 -11.95 44.31 26.91
N THR AA 147 -12.34 45.60 26.86
CA THR AA 147 -12.32 46.36 25.61
C THR AA 147 -10.96 46.31 24.94
N ASP AA 148 -9.88 46.46 25.71
CA ASP AA 148 -8.54 46.39 25.14
C ASP AA 148 -8.14 44.96 24.83
N ILE AA 149 -8.54 43.99 25.67
CA ILE AA 149 -8.28 42.59 25.33
C ILE AA 149 -8.87 42.26 23.97
N GLU AA 150 -10.08 42.75 23.71
CA GLU AA 150 -10.73 42.49 22.43
C GLU AA 150 -9.90 43.04 21.27
N ILE AA 151 -9.39 44.27 21.40
CA ILE AA 151 -8.57 44.90 20.37
C ILE AA 151 -7.34 44.04 20.08
N HIS AA 152 -6.68 43.58 21.14
CA HIS AA 152 -5.45 42.81 20.94
C HIS AA 152 -5.73 41.37 20.54
N ALA AA 153 -6.85 40.80 21.03
CA ALA AA 153 -7.29 39.51 20.53
C ALA AA 153 -7.56 39.58 19.04
N ARG AA 154 -8.32 40.60 18.60
CA ARG AA 154 -8.55 40.79 17.17
C ARG AA 154 -7.24 40.84 16.39
N GLU AA 155 -6.21 41.46 16.96
CA GLU AA 155 -5.01 41.65 16.17
C GLU AA 155 -4.17 40.38 16.09
N ILE AA 156 -4.06 39.61 17.18
CA ILE AA 156 -3.32 38.36 17.07
C ILE AA 156 -4.05 37.38 16.14
N LEU AA 157 -5.36 37.52 15.97
CA LEU AA 157 -6.07 36.72 14.96
C LEU AA 157 -5.65 37.08 13.54
N LYS AA 158 -5.67 38.37 13.17
CA LYS AA 158 -5.26 38.77 11.82
C LYS AA 158 -3.80 38.43 11.56
N VAL AA 159 -2.94 38.59 12.57
CA VAL AA 159 -1.55 38.11 12.44
C VAL AA 159 -1.56 36.63 12.07
N LYS AA 160 -2.32 35.83 12.82
CA LYS AA 160 -2.46 34.41 12.51
C LYS AA 160 -2.95 34.22 11.09
N GLY AA 161 -3.96 34.99 10.69
CA GLY AA 161 -4.49 34.87 9.33
C GLY AA 161 -3.42 35.08 8.27
N ARG AA 162 -2.69 36.20 8.34
CA ARG AA 162 -1.73 36.48 7.30
C ARG AA 162 -0.53 35.53 7.36
N MET AA 163 -0.15 35.12 8.56
CA MET AA 163 0.92 34.13 8.71
C MET AA 163 0.57 32.85 7.95
N ASN AA 164 -0.65 32.35 8.18
CA ASN AA 164 -1.11 31.16 7.45
C ASN AA 164 -1.16 31.43 5.95
N GLU AA 165 -1.66 32.60 5.53
CA GLU AA 165 -1.64 32.98 4.12
C GLU AA 165 -0.23 32.92 3.54
N LEU AA 166 0.73 33.54 4.23
CA LEU AA 166 2.10 33.52 3.73
C LEU AA 166 2.64 32.11 3.70
N MET AA 167 2.29 31.32 4.72
CA MET AA 167 2.75 29.94 4.77
C MET AA 167 2.13 29.13 3.63
N ALA AA 168 0.80 29.22 3.47
CA ALA AA 168 0.16 28.59 2.32
C ALA AA 168 0.84 29.02 1.02
N LEU AA 169 1.13 30.33 0.88
CA LEU AA 169 1.74 30.82 -0.36
C LEU AA 169 3.13 30.24 -0.60
N HIS AA 170 3.91 30.02 0.46
CA HIS AA 170 5.31 29.62 0.28
C HIS AA 170 5.49 28.11 0.22
N THR AA 171 4.52 27.35 0.75
CA THR AA 171 4.57 25.90 0.66
C THR AA 171 3.77 25.35 -0.50
N GLY AA 172 2.76 26.06 -0.96
CA GLY AA 172 1.84 25.52 -1.91
C GLY AA 172 0.68 24.78 -1.29
N GLN AA 173 0.76 24.44 0.00
CA GLN AA 173 -0.38 23.86 0.68
C GLN AA 173 -1.58 24.79 0.63
N SER AA 174 -2.77 24.21 0.67
CA SER AA 174 -3.96 25.04 0.74
C SER AA 174 -3.99 25.75 2.08
N LEU AA 175 -4.68 26.89 2.11
CA LEU AA 175 -4.89 27.59 3.37
C LEU AA 175 -5.47 26.66 4.43
N GLU AA 176 -6.40 25.79 4.06
CA GLU AA 176 -7.08 24.97 5.07
C GLU AA 176 -6.15 23.92 5.64
N GLN AA 177 -5.17 23.46 4.86
CA GLN AA 177 -4.15 22.58 5.41
C GLN AA 177 -3.29 23.32 6.46
N ILE AA 178 -2.70 24.47 6.08
CA ILE AA 178 -1.89 25.26 7.00
C ILE AA 178 -2.63 25.49 8.31
N GLU AA 179 -3.88 25.99 8.22
CA GLU AA 179 -4.67 26.27 9.42
C GLU AA 179 -4.89 25.01 10.25
N ARG AA 180 -5.08 23.87 9.61
CA ARG AA 180 -5.22 22.64 10.39
C ARG AA 180 -3.88 22.26 11.01
N ASP AA 181 -2.81 22.30 10.22
CA ASP AA 181 -1.51 21.78 10.64
C ASP AA 181 -0.77 22.65 11.64
N THR AA 182 -1.13 23.92 11.78
CA THR AA 182 -0.45 24.81 12.71
C THR AA 182 -1.28 25.10 13.94
N GLU AA 183 -2.42 24.44 14.12
CA GLU AA 183 -3.19 24.65 15.34
C GLU AA 183 -2.39 24.23 16.56
N ARG AA 184 -1.56 23.20 16.41
CA ARG AA 184 -0.68 22.71 17.44
C ARG AA 184 0.70 22.46 16.86
N ASP AA 185 1.68 22.36 17.75
CA ASP AA 185 3.07 22.15 17.37
C ASP AA 185 3.19 20.96 16.44
N ARG AA 186 3.79 21.18 15.27
CA ARG AA 186 3.94 20.15 14.27
C ARG AA 186 5.42 20.06 13.91
N PHE AA 187 6.03 18.91 14.19
CA PHE AA 187 7.42 18.69 13.80
C PHE AA 187 7.49 18.06 12.41
N LEU AA 188 8.53 18.44 11.67
CA LEU AA 188 8.78 17.89 10.34
C LEU AA 188 10.26 17.63 10.22
N SER AA 189 10.65 16.40 9.90
CA SER AA 189 12.04 16.12 9.61
C SER AA 189 12.44 16.74 8.27
N ALA AA 190 13.71 16.57 7.89
CA ALA AA 190 14.19 17.19 6.65
C ALA AA 190 13.45 16.67 5.43
N PRO AA 191 13.26 15.35 5.23
CA PRO AA 191 12.42 14.91 4.10
C PRO AA 191 10.95 15.26 4.26
N GLU AA 192 10.42 15.26 5.48
CA GLU AA 192 9.03 15.70 5.62
C GLU AA 192 8.91 17.19 5.30
N ALA AA 193 9.99 17.95 5.51
CA ALA AA 193 9.96 19.37 5.15
C ALA AA 193 9.90 19.54 3.64
N VAL AA 194 10.70 18.75 2.91
CA VAL AA 194 10.67 18.83 1.46
C VAL AA 194 9.28 18.45 0.96
N GLU AA 195 8.76 17.31 1.42
CA GLU AA 195 7.44 16.86 1.01
C GLU AA 195 6.35 17.87 1.34
N TYR AA 196 6.51 18.62 2.43
CA TYR AA 196 5.50 19.61 2.80
C TYR AA 196 5.54 20.85 1.92
N GLY AA 197 6.67 21.14 1.28
CA GLY AA 197 6.88 22.43 0.64
C GLY AA 197 7.52 23.51 1.50
N LEU AA 198 8.04 23.15 2.69
CA LEU AA 198 8.81 24.12 3.48
C LEU AA 198 10.14 24.44 2.81
N VAL AA 199 10.95 23.43 2.55
CA VAL AA 199 12.19 23.60 1.80
C VAL AA 199 12.09 22.91 0.46
N ASP AA 200 13.10 23.12 -0.38
CA ASP AA 200 13.10 22.59 -1.73
C ASP AA 200 13.80 21.24 -1.83
N SER AA 201 14.96 21.09 -1.16
CA SER AA 201 15.69 19.84 -1.19
C SER AA 201 16.53 19.73 0.09
N ILE AA 202 17.33 18.68 0.15
CA ILE AA 202 18.19 18.40 1.28
C ILE AA 202 19.63 18.48 0.80
N LEU AA 203 20.43 19.28 1.49
CA LEU AA 203 21.86 19.33 1.24
C LEU AA 203 22.53 18.21 2.04
N THR AA 204 23.44 17.47 1.40
CA THR AA 204 24.04 16.36 2.12
C THR AA 204 25.57 16.35 2.03
N HIS AA 205 26.12 16.44 0.83
CA HIS AA 205 27.55 16.63 0.69
C HIS AA 205 27.83 17.68 -0.36
N ARG AA 206 28.87 18.48 -0.13
CA ARG AA 206 29.25 19.49 -1.10
C ARG AA 206 29.69 18.82 -2.38
N ASN AA 207 29.20 19.33 -3.50
CA ASN AA 207 29.62 18.91 -4.82
C ASN AA 207 30.85 19.72 -5.24
N VAL BA 17 42.27 35.25 27.47
CA VAL BA 17 42.46 34.85 26.07
C VAL BA 17 43.73 35.53 25.47
N PRO BA 18 44.86 34.84 25.53
CA PRO BA 18 46.15 35.47 25.22
C PRO BA 18 46.36 35.64 23.70
N MET BA 19 47.40 36.41 23.37
CA MET BA 19 47.65 36.90 22.01
C MET BA 19 48.84 36.21 21.35
N PHE BA 31 45.08 39.60 18.40
CA PHE BA 31 45.03 38.34 17.67
C PHE BA 31 45.22 37.11 18.59
N ASP BA 32 44.12 36.47 18.94
CA ASP BA 32 44.10 35.53 20.05
C ASP BA 32 44.69 34.17 19.65
N ILE BA 33 44.82 33.31 20.66
CA ILE BA 33 45.51 32.04 20.53
C ILE BA 33 44.71 31.05 19.69
N TYR BA 34 43.37 31.13 19.74
CA TYR BA 34 42.56 30.25 18.92
C TYR BA 34 42.63 30.61 17.45
N SER BA 35 42.93 31.88 17.14
CA SER BA 35 43.03 32.29 15.74
C SER BA 35 44.31 31.77 15.10
N ARG BA 36 45.44 31.83 15.81
CA ARG BA 36 46.66 31.24 15.26
C ARG BA 36 46.53 29.72 15.18
N LEU BA 37 45.76 29.10 16.08
CA LEU BA 37 45.50 27.68 15.95
C LEU BA 37 44.52 27.38 14.82
N LEU BA 38 43.57 28.27 14.55
CA LEU BA 38 42.67 28.07 13.43
C LEU BA 38 43.43 28.06 12.11
N LYS BA 39 44.52 28.83 12.03
CA LYS BA 39 45.41 28.77 10.87
C LYS BA 39 45.96 27.36 10.70
N GLU BA 40 46.33 26.71 11.79
CA GLU BA 40 46.64 25.29 11.77
C GLU BA 40 45.43 24.44 11.49
N ARG BA 41 44.26 24.98 11.14
CA ARG BA 41 43.07 24.18 10.84
C ARG BA 41 42.63 23.37 12.04
N VAL BA 42 42.67 23.98 13.22
CA VAL BA 42 42.30 23.35 14.49
C VAL BA 42 41.18 24.15 15.14
N ILE BA 43 40.15 23.45 15.61
CA ILE BA 43 38.98 24.05 16.25
C ILE BA 43 38.74 23.30 17.54
N PHE BA 44 38.11 23.96 18.50
CA PHE BA 44 37.85 23.37 19.79
C PHE BA 44 36.36 23.37 20.07
N LEU BA 45 35.86 22.26 20.59
CA LEU BA 45 34.50 22.16 21.09
C LEU BA 45 34.63 21.96 22.59
N THR BA 46 34.31 22.99 23.37
CA THR BA 46 34.58 23.01 24.79
C THR BA 46 33.33 23.43 25.56
N GLY BA 47 32.94 22.63 26.56
CA GLY BA 47 31.80 22.97 27.38
C GLY BA 47 30.46 22.64 26.74
N GLN BA 48 29.40 23.18 27.36
CA GLN BA 48 28.02 22.87 26.97
C GLN BA 48 27.78 23.18 25.49
N VAL BA 49 27.41 22.16 24.74
CA VAL BA 49 26.95 22.37 23.37
C VAL BA 49 25.66 23.20 23.44
N GLU BA 50 25.67 24.36 22.78
CA GLU BA 50 24.46 25.13 22.55
C GLU BA 50 24.63 25.96 21.28
N ASP BA 51 23.55 26.65 20.86
CA ASP BA 51 23.46 27.18 19.50
C ASP BA 51 24.62 28.11 19.15
N HIS BA 52 25.03 28.98 20.06
CA HIS BA 52 25.99 30.00 19.65
C HIS BA 52 27.41 29.46 19.61
N MET BA 53 27.80 28.68 20.62
CA MET BA 53 29.07 27.94 20.53
C MET BA 53 29.07 27.01 19.32
N ALA BA 54 27.93 26.39 19.04
CA ALA BA 54 27.83 25.50 17.88
C ALA BA 54 27.91 26.30 16.59
N ASN BA 55 27.21 27.44 16.55
CA ASN BA 55 27.26 28.31 15.39
C ASN BA 55 28.70 28.73 15.10
N LEU BA 56 29.46 29.02 16.16
CA LEU BA 56 30.85 29.42 15.96
C LEU BA 56 31.68 28.29 15.37
N ILE BA 57 31.43 27.06 15.81
CA ILE BA 57 32.19 25.92 15.29
C ILE BA 57 31.81 25.64 13.84
N VAL BA 58 30.52 25.75 13.52
CA VAL BA 58 30.05 25.60 12.13
C VAL BA 58 30.72 26.62 11.21
N ALA BA 59 30.89 27.86 11.69
CA ALA BA 59 31.51 28.89 10.87
C ALA BA 59 33.00 28.64 10.67
N GLN BA 60 33.70 28.18 11.70
CA GLN BA 60 35.12 27.87 11.53
C GLN BA 60 35.33 26.73 10.54
N MET BA 61 34.46 25.71 10.59
CA MET BA 61 34.54 24.61 9.64
C MET BA 61 34.30 25.10 8.22
N LEU BA 62 33.24 25.89 8.01
CA LEU BA 62 32.92 26.38 6.67
C LEU BA 62 34.00 27.30 6.16
N PHE BA 63 34.57 28.13 7.05
CA PHE BA 63 35.69 28.97 6.67
C PHE BA 63 36.89 28.13 6.26
N LEU BA 64 37.19 27.06 7.01
CA LEU BA 64 38.33 26.21 6.67
C LEU BA 64 38.08 25.36 5.43
N GLU BA 65 36.82 25.04 5.12
CA GLU BA 65 36.54 24.42 3.83
C GLU BA 65 36.93 25.36 2.70
N ALA BA 66 36.39 26.59 2.72
CA ALA BA 66 36.68 27.58 1.69
C ALA BA 66 38.16 27.93 1.59
N GLU BA 67 38.95 27.68 2.63
CA GLU BA 67 40.38 27.90 2.54
C GLU BA 67 41.09 26.75 1.84
N ASN BA 68 40.48 25.58 1.80
CA ASN BA 68 41.13 24.35 1.39
C ASN BA 68 40.14 23.21 1.54
N PRO BA 69 39.34 22.91 0.52
CA PRO BA 69 38.35 21.83 0.67
C PRO BA 69 38.98 20.44 0.69
N GLU BA 70 40.31 20.36 0.68
CA GLU BA 70 40.99 19.07 0.70
C GLU BA 70 41.78 18.80 1.97
N LYS BA 71 42.13 19.83 2.72
CA LYS BA 71 42.96 19.62 3.91
C LYS BA 71 42.10 19.21 5.09
N ASP BA 72 42.62 18.29 5.90
CA ASP BA 72 41.91 17.81 7.08
C ASP BA 72 41.72 18.91 8.12
N ILE BA 73 40.60 18.81 8.86
CA ILE BA 73 40.30 19.70 9.98
C ILE BA 73 40.31 18.90 11.26
N TYR BA 74 40.89 19.47 12.31
CA TYR BA 74 41.05 18.79 13.60
C TYR BA 74 40.10 19.40 14.63
N LEU BA 75 39.05 18.65 14.99
CA LEU BA 75 38.06 19.05 15.98
C LEU BA 75 38.46 18.48 17.33
N TYR BA 76 38.95 19.34 18.22
CA TYR BA 76 39.22 18.94 19.60
C TYR BA 76 37.93 19.06 20.39
N ILE BA 77 37.60 18.01 21.16
CA ILE BA 77 36.34 17.92 21.89
C ILE BA 77 36.65 17.66 23.35
N ASN BA 78 36.21 18.57 24.21
CA ASN BA 78 36.23 18.36 25.65
C ASN BA 78 34.91 18.95 26.14
N SER BA 79 33.90 18.10 26.35
CA SER BA 79 32.56 18.64 26.46
C SER BA 79 31.64 17.71 27.23
N PRO BA 80 30.74 18.25 28.06
CA PRO BA 80 29.79 17.41 28.80
C PRO BA 80 28.57 16.99 28.01
N GLY BA 81 28.32 17.59 26.83
CA GLY BA 81 27.11 17.34 26.10
C GLY BA 81 26.40 18.66 25.78
N GLY BA 82 25.10 18.59 25.57
CA GLY BA 82 24.35 19.82 25.39
C GLY BA 82 23.09 19.60 24.56
N VAL BA 83 22.67 20.69 23.92
CA VAL BA 83 21.43 20.71 23.16
C VAL BA 83 21.61 19.89 21.88
N ILE BA 84 20.64 19.00 21.61
CA ILE BA 84 20.79 18.03 20.54
C ILE BA 84 20.64 18.72 19.17
N THR BA 85 19.68 19.63 19.02
CA THR BA 85 19.58 20.36 17.75
C THR BA 85 20.85 21.15 17.48
N ALA BA 86 21.48 21.68 18.54
CA ALA BA 86 22.72 22.44 18.38
C ALA BA 86 23.88 21.51 18.02
N GLY BA 87 23.96 20.35 18.67
CA GLY BA 87 24.93 19.35 18.24
C GLY BA 87 24.73 18.93 16.78
N MET BA 88 23.47 18.79 16.37
CA MET BA 88 23.18 18.26 15.04
C MET BA 88 23.56 19.25 13.94
N SER BA 89 23.49 20.56 14.22
CA SER BA 89 23.98 21.54 13.26
C SER BA 89 25.47 21.33 12.98
N ILE BA 90 26.23 20.89 14.00
CA ILE BA 90 27.66 20.63 13.85
C ILE BA 90 27.89 19.30 13.16
N TYR BA 91 27.13 18.26 13.56
CA TYR BA 91 27.23 16.96 12.90
C TYR BA 91 26.98 17.09 11.40
N ASP BA 92 25.88 17.72 11.02
CA ASP BA 92 25.58 17.82 9.59
C ASP BA 92 26.61 18.67 8.85
N THR BA 93 27.21 19.66 9.52
CA THR BA 93 28.24 20.43 8.85
C THR BA 93 29.52 19.59 8.65
N MET BA 94 29.85 18.70 9.60
CA MET BA 94 31.02 17.86 9.40
C MET BA 94 30.84 16.91 8.22
N GLN BA 95 29.65 16.33 8.09
CA GLN BA 95 29.36 15.46 6.95
C GLN BA 95 29.39 16.24 5.65
N PHE BA 96 28.66 17.37 5.62
CA PHE BA 96 28.49 18.12 4.39
C PHE BA 96 29.84 18.52 3.79
N ILE BA 97 30.69 19.16 4.57
CA ILE BA 97 31.86 19.81 4.01
C ILE BA 97 32.77 18.78 3.37
N LYS BA 98 33.50 19.22 2.36
CA LYS BA 98 34.46 18.35 1.67
C LYS BA 98 35.56 17.85 2.60
N PRO BA 99 36.23 18.68 3.42
CA PRO BA 99 37.35 18.17 4.22
C PRO BA 99 36.93 17.05 5.15
N ASP BA 100 37.87 16.12 5.38
CA ASP BA 100 37.75 15.24 6.52
C ASP BA 100 37.75 16.07 7.82
N VAL BA 101 37.12 15.53 8.86
CA VAL BA 101 37.09 16.14 10.18
C VAL BA 101 37.63 15.12 11.19
N SER BA 102 38.90 15.22 11.54
CA SER BA 102 39.48 14.42 12.61
C SER BA 102 39.03 14.97 13.96
N THR BA 103 38.54 14.08 14.84
CA THR BA 103 38.02 14.46 16.14
C THR BA 103 38.93 13.90 17.23
N ILE BA 104 39.30 14.74 18.19
CA ILE BA 104 40.21 14.37 19.26
C ILE BA 104 39.53 14.64 20.60
N CYS BA 105 39.38 13.59 21.39
CA CYS BA 105 38.82 13.72 22.73
C CYS BA 105 39.92 13.90 23.77
N MET BA 106 39.85 15.01 24.50
CA MET BA 106 40.70 15.30 25.64
C MET BA 106 39.80 15.61 26.84
N GLY BA 107 40.26 15.27 28.04
CA GLY BA 107 39.37 15.33 29.19
C GLY BA 107 38.19 14.36 29.14
N GLN BA 108 37.11 14.76 28.47
CA GLN BA 108 35.92 13.93 28.37
C GLN BA 108 35.14 14.33 27.12
N ALA BA 109 34.33 13.39 26.63
CA ALA BA 109 33.37 13.65 25.56
C ALA BA 109 32.08 12.97 26.02
N ALA BA 110 31.16 13.75 26.56
CA ALA BA 110 29.93 13.19 27.09
C ALA BA 110 28.73 13.56 26.20
N SER BA 111 27.77 12.63 26.16
CA SER BA 111 26.49 12.80 25.47
C SER BA 111 26.71 13.30 24.05
N MET BA 112 26.12 14.44 23.68
CA MET BA 112 26.32 14.91 22.32
C MET BA 112 27.79 15.11 22.01
N GLY BA 113 28.62 15.28 23.04
CA GLY BA 113 30.05 15.38 22.80
C GLY BA 113 30.61 14.06 22.33
N ALA BA 114 30.18 12.96 22.96
CA ALA BA 114 30.51 11.62 22.45
C ALA BA 114 29.97 11.41 21.04
N PHE BA 115 28.78 11.95 20.75
CA PHE BA 115 28.20 11.81 19.42
C PHE BA 115 29.09 12.44 18.38
N LEU BA 116 29.53 13.69 18.61
CA LEU BA 116 30.36 14.38 17.63
C LEU BA 116 31.77 13.77 17.56
N LEU BA 117 32.30 13.30 18.69
CA LEU BA 117 33.55 12.54 18.67
C LEU BA 117 33.48 11.39 17.67
N THR BA 118 32.41 10.60 17.75
CA THR BA 118 32.33 9.38 16.95
C THR BA 118 31.85 9.67 15.53
N ALA BA 119 31.27 10.84 15.31
CA ALA BA 119 30.97 11.39 13.99
C ALA BA 119 32.21 11.89 13.26
N GLY BA 120 33.40 11.72 13.82
CA GLY BA 120 34.60 12.08 13.09
C GLY BA 120 34.88 11.15 11.91
N ALA BA 121 35.77 11.60 11.04
CA ALA BA 121 36.09 10.85 9.84
C ALA BA 121 36.79 9.54 10.19
N LYS BA 122 36.35 8.46 9.54
CA LYS BA 122 36.72 7.11 9.94
C LYS BA 122 38.23 6.94 9.92
N GLY BA 123 38.76 6.26 10.93
CA GLY BA 123 40.20 6.16 11.04
C GLY BA 123 40.88 7.46 11.41
N LYS BA 124 40.13 8.48 11.77
CA LYS BA 124 40.71 9.75 12.21
C LYS BA 124 40.06 10.24 13.51
N ARG BA 125 39.55 9.32 14.33
CA ARG BA 125 38.87 9.63 15.58
C ARG BA 125 39.73 9.12 16.72
N PHE BA 126 40.27 10.04 17.52
CA PHE BA 126 41.24 9.67 18.55
C PHE BA 126 40.74 10.04 19.94
N CYS BA 127 41.19 9.27 20.92
CA CYS BA 127 41.09 9.64 22.32
C CYS BA 127 42.51 9.90 22.82
N LEU BA 128 42.62 10.78 23.79
CA LEU BA 128 43.85 10.87 24.53
C LEU BA 128 43.88 9.74 25.55
N PRO BA 129 45.07 9.35 26.02
CA PRO BA 129 45.17 8.15 26.89
C PRO BA 129 44.24 8.13 28.09
N ASN BA 130 43.91 9.29 28.68
CA ASN BA 130 43.11 9.30 29.89
C ASN BA 130 41.83 10.11 29.72
N SER BA 131 41.39 10.33 28.48
CA SER BA 131 40.08 10.92 28.25
C SER BA 131 39.01 9.91 28.63
N ARG BA 132 37.75 10.34 28.59
CA ARG BA 132 36.68 9.43 28.90
C ARG BA 132 35.45 9.77 28.09
N VAL BA 133 34.74 8.74 27.64
CA VAL BA 133 33.52 8.88 26.87
C VAL BA 133 32.34 8.43 27.71
N MET BA 134 31.19 9.09 27.49
CA MET BA 134 29.96 8.68 28.14
C MET BA 134 28.83 8.84 27.14
N ILE BA 135 28.01 7.80 27.05
CA ILE BA 135 26.86 7.77 26.16
C ILE BA 135 25.64 7.51 27.02
N HIS BA 136 24.48 7.98 26.56
CA HIS BA 136 23.19 7.68 27.17
C HIS BA 136 22.11 8.11 26.19
N GLN BA 137 20.86 8.12 26.62
CA GLN BA 137 19.77 8.51 25.76
C GLN BA 137 19.50 10.00 25.88
N PRO BA 138 18.78 10.60 24.90
CA PRO BA 138 18.35 11.99 25.04
C PRO BA 138 17.70 12.30 26.37
N LEU BA 139 17.79 13.57 26.76
CA LEU BA 139 17.04 14.11 27.89
C LEU BA 139 16.14 15.23 27.41
N GLY BA 140 15.02 15.39 28.11
CA GLY BA 140 14.08 16.40 27.73
C GLY BA 140 13.11 16.68 28.83
N GLY BA 141 12.15 17.54 28.54
CA GLY BA 141 11.15 17.91 29.51
C GLY BA 141 10.18 18.92 28.96
N TYR BA 142 8.89 18.59 29.00
CA TYR BA 142 7.86 19.47 28.51
C TYR BA 142 6.76 19.60 29.56
N GLN BA 143 6.04 20.72 29.52
CA GLN BA 143 4.84 20.91 30.31
C GLN BA 143 3.77 21.53 29.43
N GLY BA 144 2.53 21.13 29.65
CA GLY BA 144 1.40 21.63 28.90
C GLY BA 144 0.29 20.60 28.86
N GLN BA 145 -0.66 20.85 27.98
CA GLN BA 145 -1.75 19.91 27.76
C GLN BA 145 -1.21 18.55 27.32
N ALA BA 146 -1.97 17.50 27.65
CA ALA BA 146 -1.61 16.13 27.29
C ALA BA 146 -1.37 15.97 25.78
N THR BA 147 -2.20 16.62 24.96
CA THR BA 147 -2.02 16.50 23.52
C THR BA 147 -0.67 17.03 23.07
N ASP BA 148 -0.28 18.20 23.56
CA ASP BA 148 1.06 18.71 23.29
C ASP BA 148 2.13 17.85 23.96
N ILE BA 149 1.89 17.41 25.20
CA ILE BA 149 2.82 16.48 25.84
C ILE BA 149 3.07 15.28 24.93
N GLU BA 150 1.99 14.73 24.36
CA GLU BA 150 2.12 13.63 23.40
C GLU BA 150 3.02 14.00 22.24
N ILE BA 151 2.77 15.19 21.65
CA ILE BA 151 3.53 15.61 20.48
C ILE BA 151 5.00 15.67 20.79
N HIS BA 152 5.35 16.23 21.95
CA HIS BA 152 6.76 16.41 22.26
C HIS BA 152 7.37 15.11 22.75
N ALA BA 153 6.62 14.34 23.55
CA ALA BA 153 7.06 12.98 23.88
C ALA BA 153 7.36 12.17 22.62
N ARG BA 154 6.43 12.16 21.65
CA ARG BA 154 6.65 11.42 20.42
C ARG BA 154 7.87 11.95 19.66
N GLU BA 155 8.16 13.24 19.78
CA GLU BA 155 9.27 13.80 19.03
C GLU BA 155 10.61 13.49 19.68
N ILE BA 156 10.66 13.34 21.00
CA ILE BA 156 11.95 13.01 21.61
C ILE BA 156 12.32 11.56 21.31
N LEU BA 157 11.32 10.66 21.24
CA LEU BA 157 11.61 9.27 20.90
C LEU BA 157 12.05 9.12 19.45
N LYS BA 158 11.50 9.95 18.56
CA LYS BA 158 12.02 10.01 17.19
C LYS BA 158 13.49 10.43 17.20
N VAL BA 159 13.82 11.51 17.91
CA VAL BA 159 15.21 11.93 18.00
C VAL BA 159 16.05 10.83 18.60
N LYS BA 160 15.51 10.13 19.61
CA LYS BA 160 16.21 9.01 20.23
C LYS BA 160 16.50 7.90 19.22
N GLY BA 161 15.49 7.53 18.41
CA GLY BA 161 15.71 6.54 17.38
C GLY BA 161 16.75 6.99 16.37
N ARG BA 162 16.63 8.23 15.88
CA ARG BA 162 17.61 8.75 14.94
C ARG BA 162 19.01 8.76 15.55
N MET BA 163 19.15 9.26 16.78
CA MET BA 163 20.47 9.30 17.40
C MET BA 163 21.04 7.91 17.58
N ASN BA 164 20.17 6.93 17.88
CA ASN BA 164 20.62 5.55 18.01
C ASN BA 164 21.20 5.04 16.69
N GLU BA 165 20.49 5.27 15.58
CA GLU BA 165 20.96 4.79 14.28
C GLU BA 165 22.28 5.41 13.90
N LEU BA 166 22.43 6.73 14.10
CA LEU BA 166 23.68 7.39 13.75
C LEU BA 166 24.84 6.83 14.59
N MET BA 167 24.56 6.53 15.87
CA MET BA 167 25.58 5.90 16.71
C MET BA 167 25.99 4.54 16.16
N ALA BA 168 24.99 3.71 15.81
CA ALA BA 168 25.29 2.37 15.29
C ALA BA 168 26.10 2.46 14.00
N LEU BA 169 25.69 3.34 13.08
CA LEU BA 169 26.49 3.63 11.89
C LEU BA 169 27.96 3.94 12.23
N HIS BA 170 28.21 4.98 13.02
CA HIS BA 170 29.58 5.46 13.18
C HIS BA 170 30.46 4.52 14.01
N THR BA 171 29.87 3.72 14.90
CA THR BA 171 30.65 2.80 15.73
C THR BA 171 30.79 1.40 15.14
N GLY BA 172 29.89 1.02 14.23
CA GLY BA 172 29.82 -0.36 13.79
C GLY BA 172 29.07 -1.28 14.73
N GLN BA 173 28.35 -0.75 15.71
CA GLN BA 173 27.53 -1.60 16.55
C GLN BA 173 26.20 -1.91 15.86
N SER BA 174 25.55 -2.96 16.32
CA SER BA 174 24.17 -3.18 15.94
C SER BA 174 23.29 -2.11 16.58
N LEU BA 175 22.14 -1.84 15.96
CA LEU BA 175 21.21 -0.86 16.53
C LEU BA 175 20.71 -1.33 17.90
N GLU BA 176 20.51 -2.64 18.04
CA GLU BA 176 20.05 -3.19 19.32
C GLU BA 176 21.11 -3.02 20.40
N GLN BA 177 22.39 -3.12 20.03
CA GLN BA 177 23.46 -2.99 21.00
C GLN BA 177 23.55 -1.57 21.55
N ILE BA 178 23.44 -0.57 20.67
CA ILE BA 178 23.42 0.83 21.08
C ILE BA 178 22.21 1.11 21.98
N GLU BA 179 21.05 0.56 21.64
CA GLU BA 179 19.85 0.79 22.43
C GLU BA 179 20.02 0.27 23.86
N ARG BA 180 20.56 -0.94 24.00
CA ARG BA 180 20.88 -1.45 25.33
C ARG BA 180 21.91 -0.57 26.02
N ASP BA 181 22.96 -0.17 25.31
CA ASP BA 181 24.05 0.51 25.96
C ASP BA 181 23.78 1.98 26.24
N THR BA 182 22.67 2.54 25.75
CA THR BA 182 22.38 3.95 26.01
C THR BA 182 21.15 4.19 26.85
N GLU BA 183 20.38 3.16 27.23
CA GLU BA 183 19.24 3.39 28.11
C GLU BA 183 19.69 4.11 29.37
N ARG BA 184 20.85 3.74 29.89
CA ARG BA 184 21.44 4.37 31.06
C ARG BA 184 22.84 4.85 30.76
N ASP BA 185 23.37 5.67 31.67
CA ASP BA 185 24.69 6.24 31.47
C ASP BA 185 25.72 5.12 31.38
N ARG BA 186 26.51 5.14 30.32
CA ARG BA 186 27.62 4.21 30.21
C ARG BA 186 28.90 5.02 30.01
N PHE BA 187 29.85 4.83 30.92
CA PHE BA 187 31.19 5.36 30.76
C PHE BA 187 32.04 4.38 29.99
N LEU BA 188 32.92 4.91 29.15
CA LEU BA 188 33.86 4.11 28.36
C LEU BA 188 35.24 4.72 28.47
N SER BA 189 36.19 3.96 28.99
CA SER BA 189 37.56 4.44 29.00
C SER BA 189 38.05 4.58 27.54
N ALA BA 190 39.27 5.12 27.40
CA ALA BA 190 39.75 5.38 26.06
C ALA BA 190 40.05 4.08 25.32
N PRO BA 191 40.68 3.07 25.97
CA PRO BA 191 40.71 1.74 25.33
C PRO BA 191 39.33 1.17 25.10
N GLU BA 192 38.43 1.35 26.06
CA GLU BA 192 37.08 0.85 25.90
C GLU BA 192 36.40 1.44 24.67
N ALA BA 193 36.68 2.72 24.38
CA ALA BA 193 36.04 3.37 23.23
C ALA BA 193 36.66 2.92 21.92
N VAL BA 194 37.96 2.58 21.91
CA VAL BA 194 38.52 1.90 20.75
C VAL BA 194 37.82 0.57 20.53
N GLU BA 195 37.67 -0.24 21.61
CA GLU BA 195 36.95 -1.51 21.48
C GLU BA 195 35.52 -1.31 20.98
N TYR BA 196 34.87 -0.22 21.38
CA TYR BA 196 33.50 -0.02 20.97
C TYR BA 196 33.42 0.48 19.53
N GLY BA 197 34.45 1.16 19.04
CA GLY BA 197 34.38 1.82 17.76
C GLY BA 197 33.91 3.26 17.80
N LEU BA 198 33.73 3.83 19.00
CA LEU BA 198 33.50 5.27 19.10
C LEU BA 198 34.65 6.04 18.47
N VAL BA 199 35.87 5.77 18.92
CA VAL BA 199 37.07 6.30 18.29
C VAL BA 199 37.81 5.15 17.61
N ASP BA 200 38.84 5.50 16.84
CA ASP BA 200 39.65 4.56 16.07
C ASP BA 200 40.95 4.18 16.75
N SER BA 201 41.61 5.14 17.39
CA SER BA 201 42.89 4.87 18.06
C SER BA 201 43.03 5.84 19.21
N ILE BA 202 44.14 5.68 19.94
CA ILE BA 202 44.51 6.55 21.05
C ILE BA 202 45.82 7.25 20.68
N LEU BA 203 45.80 8.58 20.69
CA LEU BA 203 47.01 9.36 20.49
C LEU BA 203 47.76 9.46 21.81
N THR BA 204 49.06 9.19 21.79
CA THR BA 204 49.78 9.14 23.05
C THR BA 204 51.02 10.03 23.07
N HIS BA 205 51.83 9.97 22.01
CA HIS BA 205 53.02 10.82 21.88
C HIS BA 205 53.15 11.27 20.44
N ARG BA 206 53.36 12.56 20.22
CA ARG BA 206 53.57 13.03 18.87
C ARG BA 206 54.87 12.48 18.32
N ASN BA 207 54.87 12.17 17.02
CA ASN BA 207 56.07 11.74 16.31
C ASN BA 207 57.20 12.78 16.42
#